data_2MQW
#
_entry.id   2MQW
#
_entity_poly.entity_id   1
_entity_poly.type   'polypeptide(L)'
_entity_poly.pdbx_seq_one_letter_code
;GSHMFNNHEIDTILSTLRMEADPSLHPLFEQFEKFYEEKLWFQLSESLTKFFDDAKSTPLRLRLYDNFVSKFYDKINQLS
VVKYLLASLKDSKDFDESLKYLDDLKAQFQELDSKKQRNNGSKDHGDGILLIDSEIARTYLLKNDLVKARDLLDDLEKTL
DKK
;
_entity_poly.pdbx_strand_id   A
#
# COMPACT_ATOMS: atom_id res chain seq x y z
N MET A 4 -8.45 6.90 -25.21
CA MET A 4 -8.34 7.24 -23.77
C MET A 4 -8.62 6.02 -22.90
N PHE A 5 -7.97 5.90 -21.73
CA PHE A 5 -8.15 4.74 -20.85
C PHE A 5 -9.38 4.88 -19.94
N ASN A 6 -9.88 6.10 -19.72
CA ASN A 6 -11.06 6.36 -18.89
C ASN A 6 -12.26 5.57 -19.44
N ASN A 7 -13.05 4.99 -18.55
CA ASN A 7 -14.10 4.02 -18.84
C ASN A 7 -15.14 4.05 -17.72
N HIS A 8 -16.25 3.34 -17.90
CA HIS A 8 -17.42 3.43 -17.03
C HIS A 8 -17.12 3.05 -15.58
N GLU A 9 -16.24 2.08 -15.33
CA GLU A 9 -15.92 1.68 -13.96
C GLU A 9 -15.16 2.82 -13.28
N ILE A 10 -14.17 3.36 -13.98
CA ILE A 10 -13.33 4.44 -13.47
C ILE A 10 -14.15 5.71 -13.28
N ASP A 11 -15.13 6.01 -14.14
CA ASP A 11 -16.02 7.15 -13.95
C ASP A 11 -16.85 7.01 -12.67
N THR A 12 -17.29 5.77 -12.37
CA THR A 12 -17.95 5.43 -11.12
C THR A 12 -17.00 5.69 -9.95
N ILE A 13 -15.75 5.23 -10.05
CA ILE A 13 -14.77 5.39 -8.98
C ILE A 13 -14.50 6.88 -8.76
N LEU A 14 -14.18 7.64 -9.81
CA LEU A 14 -13.82 9.05 -9.67
C LEU A 14 -14.96 9.85 -9.05
N SER A 15 -16.20 9.57 -9.46
CA SER A 15 -17.36 10.19 -8.84
C SER A 15 -17.43 9.83 -7.37
N THR A 16 -17.38 8.54 -7.01
CA THR A 16 -17.51 8.16 -5.61
C THR A 16 -16.39 8.77 -4.77
N LEU A 17 -15.15 8.72 -5.24
CA LEU A 17 -14.01 9.34 -4.59
C LEU A 17 -14.30 10.82 -4.38
N ARG A 18 -14.64 11.55 -5.43
CA ARG A 18 -14.88 12.99 -5.35
C ARG A 18 -16.05 13.29 -4.40
N MET A 19 -17.10 12.47 -4.36
CA MET A 19 -18.17 12.63 -3.36
C MET A 19 -17.68 12.43 -1.92
N GLU A 20 -16.93 11.36 -1.67
CA GLU A 20 -16.49 10.97 -0.33
C GLU A 20 -15.37 11.89 0.19
N ALA A 21 -14.59 12.44 -0.73
CA ALA A 21 -13.40 13.22 -0.50
C ALA A 21 -13.69 14.58 0.12
N ASP A 22 -12.72 15.06 0.88
CA ASP A 22 -12.69 16.43 1.39
C ASP A 22 -12.42 17.37 0.19
N PRO A 23 -13.12 18.51 0.04
CA PRO A 23 -12.94 19.43 -1.08
C PRO A 23 -11.49 19.84 -1.38
N SER A 24 -10.62 19.88 -0.38
CA SER A 24 -9.21 20.27 -0.55
C SER A 24 -8.47 19.32 -1.50
N LEU A 25 -8.96 18.10 -1.68
CA LEU A 25 -8.35 17.09 -2.55
C LEU A 25 -8.74 17.30 -4.02
N HIS A 26 -9.79 18.07 -4.31
CA HIS A 26 -10.34 18.13 -5.67
C HIS A 26 -9.34 18.63 -6.72
N PRO A 27 -8.55 19.71 -6.52
CA PRO A 27 -7.58 20.16 -7.51
C PRO A 27 -6.58 19.06 -7.88
N LEU A 28 -6.09 18.32 -6.88
CA LEU A 28 -5.19 17.20 -7.09
C LEU A 28 -5.90 16.06 -7.83
N PHE A 29 -7.15 15.78 -7.50
CA PHE A 29 -7.86 14.70 -8.17
C PHE A 29 -8.22 15.04 -9.62
N GLU A 30 -8.38 16.31 -9.98
CA GLU A 30 -8.61 16.69 -11.38
C GLU A 30 -7.42 16.25 -12.25
N GLN A 31 -6.19 16.47 -11.81
CA GLN A 31 -5.02 16.05 -12.59
C GLN A 31 -4.88 14.52 -12.57
N PHE A 32 -5.11 13.86 -11.43
CA PHE A 32 -5.07 12.40 -11.32
C PHE A 32 -6.05 11.77 -12.30
N GLU A 33 -7.28 12.29 -12.38
CA GLU A 33 -8.31 11.85 -13.30
C GLU A 33 -7.81 11.94 -14.75
N LYS A 34 -7.35 13.12 -15.14
CA LYS A 34 -6.85 13.35 -16.49
C LYS A 34 -5.62 12.49 -16.79
N PHE A 35 -4.77 12.20 -15.81
CA PHE A 35 -3.58 11.40 -16.05
C PHE A 35 -3.97 9.96 -16.34
N TYR A 36 -4.90 9.34 -15.60
CA TYR A 36 -5.35 8.00 -15.94
C TYR A 36 -6.04 8.00 -17.31
N GLU A 37 -6.82 9.05 -17.63
CA GLU A 37 -7.47 9.17 -18.94
C GLU A 37 -6.43 9.13 -20.07
N GLU A 38 -5.27 9.77 -19.87
CA GLU A 38 -4.14 9.81 -20.79
C GLU A 38 -3.18 8.63 -20.59
N LYS A 39 -3.57 7.62 -19.79
CA LYS A 39 -2.76 6.47 -19.33
C LYS A 39 -1.38 6.86 -18.79
N LEU A 40 -1.23 8.07 -18.28
CA LEU A 40 0.02 8.61 -17.75
C LEU A 40 0.28 8.08 -16.34
N TRP A 41 0.54 6.79 -16.27
CA TRP A 41 0.70 6.02 -15.02
C TRP A 41 1.72 6.66 -14.07
N PHE A 42 2.79 7.24 -14.61
CA PHE A 42 3.84 7.81 -13.77
C PHE A 42 3.38 9.12 -13.13
N GLN A 43 2.69 10.00 -13.88
CA GLN A 43 2.20 11.28 -13.33
C GLN A 43 1.00 11.05 -12.42
N LEU A 44 0.21 10.05 -12.77
CA LEU A 44 -0.85 9.51 -11.93
C LEU A 44 -0.29 9.05 -10.58
N SER A 45 0.85 8.36 -10.59
CA SER A 45 1.53 7.94 -9.38
C SER A 45 2.05 9.14 -8.60
N GLU A 46 2.60 10.18 -9.25
CA GLU A 46 3.05 11.35 -8.49
C GLU A 46 1.86 12.06 -7.85
N SER A 47 0.71 12.08 -8.53
CA SER A 47 -0.52 12.66 -7.97
C SER A 47 -0.96 11.85 -6.73
N LEU A 48 -0.93 10.53 -6.81
CA LEU A 48 -1.20 9.67 -5.65
C LEU A 48 -0.14 9.87 -4.56
N THR A 49 1.11 10.18 -4.90
CA THR A 49 2.15 10.44 -3.92
C THR A 49 1.86 11.78 -3.20
N LYS A 50 1.41 12.81 -3.91
CA LYS A 50 0.99 14.07 -3.28
C LYS A 50 -0.20 13.82 -2.35
N PHE A 51 -1.14 12.95 -2.73
CA PHE A 51 -2.26 12.59 -1.87
C PHE A 51 -1.75 11.83 -0.64
N PHE A 52 -0.82 10.88 -0.84
CA PHE A 52 -0.23 10.08 0.23
C PHE A 52 0.55 10.94 1.24
N ASP A 53 1.14 12.05 0.78
CA ASP A 53 1.82 13.03 1.64
C ASP A 53 0.83 13.84 2.50
N ASP A 54 -0.48 13.59 2.38
CA ASP A 54 -1.56 14.26 3.08
C ASP A 54 -2.50 13.20 3.68
N ALA A 55 -3.47 13.60 4.51
CA ALA A 55 -4.34 12.72 5.28
C ALA A 55 -5.79 13.19 5.29
N LYS A 56 -6.19 14.07 4.36
CA LYS A 56 -7.57 14.60 4.25
C LYS A 56 -8.61 13.48 4.26
N SER A 57 -8.35 12.38 3.56
CA SER A 57 -9.32 11.32 3.30
C SER A 57 -8.61 9.96 3.13
N THR A 58 -7.64 9.64 3.99
CA THR A 58 -6.77 8.47 3.88
C THR A 58 -7.49 7.15 3.48
N PRO A 59 -8.61 6.74 4.10
CA PRO A 59 -9.38 5.56 3.68
C PRO A 59 -9.73 5.45 2.19
N LEU A 60 -9.80 6.56 1.44
CA LEU A 60 -10.01 6.49 0.00
C LEU A 60 -8.91 5.67 -0.68
N ARG A 61 -7.68 5.69 -0.14
CA ARG A 61 -6.56 4.93 -0.70
C ARG A 61 -6.83 3.42 -0.70
N LEU A 62 -7.71 2.91 0.17
CA LEU A 62 -8.10 1.50 0.16
C LEU A 62 -8.93 1.19 -1.09
N ARG A 63 -9.90 2.05 -1.42
CA ARG A 63 -10.67 1.93 -2.66
C ARG A 63 -9.73 2.02 -3.85
N LEU A 64 -8.82 3.00 -3.78
CA LEU A 64 -7.87 3.33 -4.82
C LEU A 64 -7.02 2.11 -5.15
N TYR A 65 -6.43 1.46 -4.15
CA TYR A 65 -5.66 0.24 -4.38
C TYR A 65 -6.56 -0.86 -4.96
N ASP A 66 -7.67 -1.16 -4.30
CA ASP A 66 -8.47 -2.34 -4.60
C ASP A 66 -9.19 -2.32 -5.95
N ASN A 67 -9.48 -1.14 -6.52
CA ASN A 67 -10.35 -1.03 -7.70
C ASN A 67 -9.74 -0.22 -8.85
N PHE A 68 -8.67 0.53 -8.61
CA PHE A 68 -8.17 1.50 -9.57
C PHE A 68 -6.70 1.23 -9.85
N VAL A 69 -5.82 1.25 -8.85
CA VAL A 69 -4.40 0.94 -9.04
C VAL A 69 -4.24 -0.50 -9.49
N SER A 70 -5.13 -1.41 -9.10
CA SER A 70 -5.19 -2.79 -9.59
C SER A 70 -5.20 -2.90 -11.12
N LYS A 71 -5.63 -1.86 -11.85
CA LYS A 71 -5.63 -1.85 -13.32
C LYS A 71 -4.22 -1.72 -13.90
N PHE A 72 -3.24 -1.17 -13.16
CA PHE A 72 -1.92 -0.79 -13.69
C PHE A 72 -0.78 -0.96 -12.67
N TYR A 73 -1.01 -1.65 -11.54
CA TYR A 73 -0.05 -1.74 -10.43
C TYR A 73 1.32 -2.28 -10.86
N ASP A 74 1.37 -3.14 -11.88
CA ASP A 74 2.60 -3.69 -12.44
C ASP A 74 3.39 -2.69 -13.29
N LYS A 75 2.76 -1.60 -13.75
CA LYS A 75 3.38 -0.58 -14.59
C LYS A 75 4.19 0.43 -13.77
N ILE A 76 4.05 0.45 -12.45
CA ILE A 76 4.58 1.49 -11.59
C ILE A 76 5.29 0.89 -10.37
N ASN A 77 5.94 1.76 -9.58
CA ASN A 77 6.79 1.36 -8.46
C ASN A 77 5.99 0.60 -7.40
N GLN A 78 6.54 -0.54 -6.98
CA GLN A 78 5.90 -1.45 -6.04
C GLN A 78 5.60 -0.73 -4.74
N LEU A 79 6.63 -0.18 -4.07
CA LEU A 79 6.43 0.54 -2.82
C LEU A 79 5.40 1.65 -2.94
N SER A 80 5.24 2.33 -4.09
CA SER A 80 4.17 3.30 -4.25
C SER A 80 2.81 2.65 -4.05
N VAL A 81 2.49 1.57 -4.78
CA VAL A 81 1.16 0.97 -4.66
C VAL A 81 0.96 0.38 -3.26
N VAL A 82 1.99 -0.29 -2.71
CA VAL A 82 1.87 -0.92 -1.40
C VAL A 82 1.73 0.18 -0.35
N LYS A 83 2.43 1.32 -0.44
CA LYS A 83 2.30 2.42 0.53
C LYS A 83 0.89 2.99 0.57
N TYR A 84 0.18 3.07 -0.57
CA TYR A 84 -1.20 3.55 -0.56
C TYR A 84 -2.06 2.60 0.28
N LEU A 85 -1.86 1.30 0.08
CA LEU A 85 -2.54 0.28 0.88
C LEU A 85 -2.06 0.31 2.34
N LEU A 86 -0.78 0.61 2.64
CA LEU A 86 -0.29 0.77 4.01
C LEU A 86 -1.14 1.83 4.69
N ALA A 87 -1.15 3.07 4.18
CA ALA A 87 -1.77 4.16 4.93
C ALA A 87 -3.24 3.89 5.23
N SER A 88 -3.98 3.39 4.24
CA SER A 88 -5.40 3.14 4.42
C SER A 88 -5.64 1.96 5.37
N LEU A 89 -4.90 0.86 5.23
CA LEU A 89 -5.16 -0.36 5.97
C LEU A 89 -4.47 -0.38 7.34
N LYS A 90 -3.51 0.52 7.58
CA LYS A 90 -2.93 0.75 8.91
C LYS A 90 -3.86 1.64 9.73
N ASP A 91 -4.49 2.64 9.08
CA ASP A 91 -5.45 3.53 9.75
C ASP A 91 -6.75 2.81 10.07
N SER A 92 -7.13 1.85 9.21
CA SER A 92 -8.23 0.93 9.47
C SER A 92 -7.98 0.18 10.79
N LYS A 93 -9.05 -0.10 11.55
CA LYS A 93 -8.97 -0.62 12.91
C LYS A 93 -8.83 -2.14 12.91
N ASP A 94 -7.78 -2.63 12.27
CA ASP A 94 -7.34 -4.03 12.27
C ASP A 94 -5.80 -4.04 12.21
N PHE A 95 -5.20 -5.23 12.18
CA PHE A 95 -3.76 -5.42 11.99
C PHE A 95 -3.47 -6.80 11.38
N ASP A 96 -4.30 -7.81 11.65
CA ASP A 96 -4.15 -9.14 11.06
C ASP A 96 -4.57 -9.11 9.59
N GLU A 97 -5.63 -8.36 9.27
CA GLU A 97 -6.01 -8.11 7.88
C GLU A 97 -4.89 -7.34 7.17
N SER A 98 -4.29 -6.36 7.85
CA SER A 98 -3.19 -5.57 7.31
C SER A 98 -1.98 -6.46 7.00
N LEU A 99 -1.58 -7.33 7.94
CA LEU A 99 -0.52 -8.30 7.78
C LEU A 99 -0.77 -9.16 6.53
N LYS A 100 -1.96 -9.75 6.42
CA LYS A 100 -2.29 -10.63 5.30
C LYS A 100 -2.29 -9.88 3.98
N TYR A 101 -2.94 -8.71 3.91
CA TYR A 101 -3.10 -7.95 2.68
C TYR A 101 -1.76 -7.47 2.16
N LEU A 102 -0.88 -6.97 3.02
CA LEU A 102 0.38 -6.39 2.55
C LEU A 102 1.32 -7.52 2.11
N ASP A 103 1.30 -8.66 2.82
CA ASP A 103 2.06 -9.84 2.38
C ASP A 103 1.52 -10.38 1.05
N ASP A 104 0.20 -10.40 0.85
CA ASP A 104 -0.41 -10.87 -0.39
C ASP A 104 -0.08 -9.95 -1.56
N LEU A 105 -0.09 -8.63 -1.34
CA LEU A 105 0.33 -7.68 -2.36
C LEU A 105 1.82 -7.83 -2.66
N LYS A 106 2.66 -8.09 -1.65
CA LYS A 106 4.05 -8.48 -1.87
C LYS A 106 4.09 -9.75 -2.75
N ALA A 107 3.23 -10.74 -2.48
CA ALA A 107 3.24 -11.99 -3.21
C ALA A 107 2.89 -11.79 -4.68
N GLN A 108 1.98 -10.85 -5.01
CA GLN A 108 1.72 -10.49 -6.40
C GLN A 108 3.00 -10.01 -7.08
N PHE A 109 3.77 -9.15 -6.42
CA PHE A 109 5.05 -8.69 -6.97
C PHE A 109 6.10 -9.81 -7.01
N GLN A 110 6.06 -10.73 -6.05
CA GLN A 110 6.93 -11.91 -6.05
C GLN A 110 6.66 -12.77 -7.29
N GLU A 111 5.41 -12.83 -7.78
CA GLU A 111 5.05 -13.55 -9.00
C GLU A 111 5.40 -12.73 -10.25
N LEU A 112 5.27 -11.39 -10.20
CA LEU A 112 5.60 -10.51 -11.31
C LEU A 112 7.11 -10.38 -11.52
N ASP A 113 7.92 -10.68 -10.51
CA ASP A 113 9.36 -10.41 -10.48
C ASP A 113 10.08 -10.91 -11.74
N SER A 114 9.82 -12.16 -12.14
CA SER A 114 10.42 -12.76 -13.32
C SER A 114 9.96 -12.08 -14.62
N LYS A 115 8.77 -11.48 -14.66
CA LYS A 115 8.21 -10.82 -15.84
C LYS A 115 8.79 -9.41 -15.94
N LYS A 116 9.05 -8.73 -14.81
CA LYS A 116 9.74 -7.43 -14.78
C LYS A 116 11.11 -7.56 -15.40
N GLN A 117 11.74 -8.70 -15.10
CA GLN A 117 12.94 -9.33 -15.66
C GLN A 117 13.96 -9.58 -14.55
N ARG A 118 14.75 -10.64 -14.70
CA ARG A 118 15.63 -11.18 -13.65
C ARG A 118 16.83 -11.88 -14.24
N ASN A 119 17.85 -12.00 -13.40
CA ASN A 119 19.07 -12.80 -13.55
C ASN A 119 19.43 -13.21 -12.13
N ASN A 120 20.40 -14.12 -11.95
CA ASN A 120 20.88 -14.45 -10.62
C ASN A 120 21.48 -13.20 -9.98
N GLY A 121 20.86 -12.74 -8.89
CA GLY A 121 21.18 -11.47 -8.23
C GLY A 121 21.31 -10.31 -9.21
N SER A 122 20.32 -10.13 -10.08
CA SER A 122 20.18 -8.95 -10.93
C SER A 122 20.17 -7.66 -10.09
N LYS A 123 20.30 -6.50 -10.75
CA LYS A 123 20.32 -5.17 -10.11
C LYS A 123 19.14 -5.00 -9.15
N ASP A 124 18.00 -5.59 -9.48
CA ASP A 124 16.85 -5.74 -8.61
C ASP A 124 16.47 -7.22 -8.73
N HIS A 125 16.09 -7.81 -7.60
CA HIS A 125 15.71 -9.19 -7.45
C HIS A 125 14.63 -9.33 -6.37
N GLY A 126 13.96 -8.22 -6.02
CA GLY A 126 12.87 -8.18 -5.06
C GLY A 126 13.09 -7.13 -3.98
N ASP A 127 13.87 -6.07 -4.24
CA ASP A 127 14.27 -5.11 -3.20
C ASP A 127 13.07 -4.45 -2.53
N GLY A 128 12.03 -4.13 -3.31
CA GLY A 128 10.80 -3.56 -2.79
C GLY A 128 10.08 -4.55 -1.89
N ILE A 129 9.90 -5.81 -2.34
CA ILE A 129 9.21 -6.81 -1.53
C ILE A 129 10.03 -7.27 -0.32
N LEU A 130 11.36 -7.15 -0.33
CA LEU A 130 12.17 -7.37 0.86
C LEU A 130 11.87 -6.29 1.90
N LEU A 131 11.71 -5.02 1.49
CA LEU A 131 11.28 -3.96 2.40
C LEU A 131 9.87 -4.26 2.90
N ILE A 132 8.92 -4.61 2.03
CA ILE A 132 7.54 -4.90 2.43
C ILE A 132 7.54 -6.05 3.45
N ASP A 133 8.34 -7.09 3.21
CA ASP A 133 8.46 -8.23 4.12
C ASP A 133 9.03 -7.80 5.47
N SER A 134 9.99 -6.87 5.46
CA SER A 134 10.55 -6.32 6.69
C SER A 134 9.50 -5.45 7.42
N GLU A 135 8.67 -4.71 6.69
CA GLU A 135 7.67 -3.81 7.24
C GLU A 135 6.56 -4.64 7.92
N ILE A 136 6.05 -5.68 7.23
CA ILE A 136 5.03 -6.54 7.80
C ILE A 136 5.61 -7.43 8.90
N ALA A 137 6.90 -7.81 8.84
CA ALA A 137 7.57 -8.47 9.96
C ALA A 137 7.62 -7.54 11.17
N ARG A 138 7.96 -6.25 10.99
CA ARG A 138 7.91 -5.25 12.06
C ARG A 138 6.50 -5.16 12.63
N THR A 139 5.47 -5.18 11.78
CA THR A 139 4.08 -5.18 12.24
C THR A 139 3.80 -6.43 13.08
N TYR A 140 4.22 -7.61 12.63
CA TYR A 140 4.01 -8.87 13.32
C TYR A 140 4.75 -8.89 14.67
N LEU A 141 5.93 -8.28 14.75
CA LEU A 141 6.72 -8.13 15.96
C LEU A 141 6.02 -7.15 16.92
N LEU A 142 5.54 -6.01 16.43
CA LEU A 142 4.79 -5.05 17.24
C LEU A 142 3.54 -5.70 17.84
N LYS A 143 2.92 -6.63 17.12
CA LYS A 143 1.73 -7.37 17.54
C LYS A 143 2.09 -8.76 18.11
N ASN A 144 3.34 -8.94 18.56
CA ASN A 144 3.79 -10.18 19.22
C ASN A 144 2.90 -10.49 20.43
N ASP A 145 2.61 -11.78 20.63
CA ASP A 145 1.66 -12.25 21.64
C ASP A 145 2.16 -12.03 23.07
N LEU A 146 3.45 -12.27 23.32
CA LEU A 146 4.07 -12.15 24.65
C LEU A 146 5.56 -11.99 24.44
N VAL A 147 6.23 -11.12 25.19
CA VAL A 147 7.68 -10.92 25.17
C VAL A 147 8.44 -12.08 25.87
N LYS A 148 7.92 -13.32 25.75
CA LYS A 148 8.33 -14.55 26.42
C LYS A 148 8.90 -14.24 27.81
N ALA A 149 10.22 -14.34 27.99
CA ALA A 149 10.97 -13.91 29.15
C ALA A 149 12.42 -13.71 28.71
N ARG A 150 13.27 -13.17 29.60
CA ARG A 150 14.72 -13.07 29.35
C ARG A 150 15.39 -14.42 29.08
N ASP A 151 14.72 -15.52 29.41
CA ASP A 151 15.08 -16.89 29.04
C ASP A 151 15.46 -17.02 27.55
N LEU A 152 14.86 -16.23 26.67
CA LEU A 152 15.20 -16.17 25.24
C LEU A 152 15.20 -14.72 24.79
N LEU A 153 15.86 -13.84 25.56
CA LEU A 153 15.86 -12.39 25.37
C LEU A 153 16.17 -11.98 23.92
N ASP A 154 17.08 -12.70 23.26
CA ASP A 154 17.56 -12.39 21.92
C ASP A 154 16.47 -12.48 20.84
N ASP A 155 15.44 -13.28 21.07
CA ASP A 155 14.36 -13.54 20.10
C ASP A 155 13.07 -13.86 20.87
N LEU A 156 12.75 -12.98 21.82
CA LEU A 156 11.70 -13.13 22.84
C LEU A 156 10.26 -13.12 22.32
N GLU A 157 10.03 -13.33 21.03
CA GLU A 157 8.67 -13.47 20.51
C GLU A 157 8.03 -14.77 21.03
N LYS A 158 6.69 -14.81 21.07
CA LYS A 158 5.90 -15.99 21.42
C LYS A 158 4.70 -16.14 20.49
N THR A 159 4.77 -15.56 19.29
CA THR A 159 3.76 -15.68 18.25
C THR A 159 3.50 -17.15 17.89
N LEU A 160 4.53 -17.99 17.95
CA LEU A 160 4.49 -19.44 17.78
C LEU A 160 5.62 -20.05 18.61
N ASP A 161 5.67 -21.38 18.66
CA ASP A 161 6.75 -22.13 19.32
C ASP A 161 6.98 -23.48 18.62
N LYS A 162 5.90 -24.22 18.34
CA LYS A 162 5.88 -25.45 17.57
C LYS A 162 4.58 -25.50 16.77
N LYS A 163 4.52 -26.39 15.77
CA LYS A 163 3.43 -26.52 14.81
C LYS A 163 2.98 -25.14 14.34
N MET A 4 -8.51 7.51 -25.39
CA MET A 4 -8.58 7.93 -23.97
C MET A 4 -9.03 6.76 -23.09
N PHE A 5 -8.48 6.67 -21.87
CA PHE A 5 -8.64 5.49 -21.01
C PHE A 5 -9.99 5.42 -20.25
N ASN A 6 -10.82 6.49 -20.29
CA ASN A 6 -12.06 6.55 -19.52
C ASN A 6 -12.97 5.35 -19.80
N ASN A 7 -13.54 4.77 -18.74
CA ASN A 7 -14.45 3.62 -18.76
C ASN A 7 -15.31 3.69 -17.50
N HIS A 8 -16.39 2.91 -17.44
CA HIS A 8 -17.40 2.92 -16.38
C HIS A 8 -16.80 2.74 -14.98
N GLU A 9 -15.82 1.84 -14.82
CA GLU A 9 -15.20 1.59 -13.51
C GLU A 9 -14.34 2.78 -13.09
N ILE A 10 -13.71 3.44 -14.06
CA ILE A 10 -12.82 4.56 -13.80
C ILE A 10 -13.69 5.76 -13.39
N ASP A 11 -14.76 6.01 -14.15
CA ASP A 11 -15.69 7.11 -13.88
C ASP A 11 -16.42 6.94 -12.55
N THR A 12 -16.80 5.71 -12.20
CA THR A 12 -17.53 5.47 -10.95
C THR A 12 -16.59 5.66 -9.75
N ILE A 13 -15.32 5.24 -9.85
CA ILE A 13 -14.35 5.43 -8.76
C ILE A 13 -14.11 6.92 -8.57
N LEU A 14 -13.86 7.70 -9.63
CA LEU A 14 -13.61 9.13 -9.50
C LEU A 14 -14.83 9.84 -8.92
N SER A 15 -16.03 9.49 -9.36
CA SER A 15 -17.26 10.09 -8.85
C SER A 15 -17.50 9.72 -7.40
N THR A 16 -17.20 8.48 -7.01
CA THR A 16 -17.34 8.08 -5.61
C THR A 16 -16.33 8.84 -4.74
N LEU A 17 -15.08 8.98 -5.20
CA LEU A 17 -14.09 9.75 -4.48
C LEU A 17 -14.54 11.20 -4.35
N ARG A 18 -14.96 11.87 -5.43
CA ARG A 18 -15.41 13.27 -5.30
C ARG A 18 -16.64 13.38 -4.40
N MET A 19 -17.62 12.48 -4.51
CA MET A 19 -18.80 12.59 -3.65
C MET A 19 -18.46 12.38 -2.16
N GLU A 20 -17.50 11.52 -1.85
CA GLU A 20 -17.16 11.14 -0.47
C GLU A 20 -16.15 12.10 0.17
N ALA A 21 -15.25 12.66 -0.65
CA ALA A 21 -14.10 13.42 -0.20
C ALA A 21 -14.44 14.82 0.28
N ASP A 22 -13.50 15.36 1.07
CA ASP A 22 -13.50 16.76 1.45
C ASP A 22 -13.04 17.57 0.22
N PRO A 23 -13.66 18.74 -0.10
CA PRO A 23 -13.30 19.56 -1.25
C PRO A 23 -11.80 19.86 -1.43
N SER A 24 -11.01 19.89 -0.35
CA SER A 24 -9.58 20.15 -0.40
C SER A 24 -8.82 19.12 -1.27
N LEU A 25 -9.38 17.92 -1.45
CA LEU A 25 -8.78 16.84 -2.22
C LEU A 25 -9.08 16.95 -3.71
N HIS A 26 -10.07 17.78 -4.11
CA HIS A 26 -10.53 17.79 -5.49
C HIS A 26 -9.43 18.17 -6.48
N PRO A 27 -8.57 19.18 -6.27
CA PRO A 27 -7.48 19.48 -7.20
C PRO A 27 -6.55 18.30 -7.45
N LEU A 28 -6.25 17.50 -6.42
CA LEU A 28 -5.40 16.32 -6.56
C LEU A 28 -6.08 15.33 -7.50
N PHE A 29 -7.38 15.09 -7.31
CA PHE A 29 -8.10 14.12 -8.12
C PHE A 29 -8.51 14.66 -9.49
N GLU A 30 -8.53 15.98 -9.72
CA GLU A 30 -8.70 16.54 -11.06
C GLU A 30 -7.44 16.27 -11.88
N GLN A 31 -6.24 16.45 -11.28
CA GLN A 31 -4.99 16.09 -11.93
C GLN A 31 -4.94 14.58 -12.20
N PHE A 32 -5.32 13.78 -11.20
CA PHE A 32 -5.39 12.32 -11.33
C PHE A 32 -6.33 11.94 -12.48
N GLU A 33 -7.51 12.58 -12.59
CA GLU A 33 -8.45 12.34 -13.68
C GLU A 33 -7.78 12.60 -15.02
N LYS A 34 -7.24 13.80 -15.19
CA LYS A 34 -6.64 14.23 -16.45
C LYS A 34 -5.54 13.24 -16.84
N PHE A 35 -4.70 12.86 -15.87
CA PHE A 35 -3.56 11.99 -16.14
C PHE A 35 -3.98 10.53 -16.42
N TYR A 36 -5.03 9.97 -15.80
CA TYR A 36 -5.46 8.62 -16.20
C TYR A 36 -5.93 8.65 -17.66
N GLU A 37 -6.62 9.72 -18.06
CA GLU A 37 -7.32 9.82 -19.32
C GLU A 37 -6.38 9.66 -20.52
N GLU A 38 -5.11 10.04 -20.34
CA GLU A 38 -4.06 9.98 -21.35
C GLU A 38 -2.96 8.99 -20.94
N LYS A 39 -3.32 7.96 -20.15
CA LYS A 39 -2.46 6.89 -19.63
C LYS A 39 -1.13 7.40 -19.04
N LEU A 40 -1.17 8.58 -18.43
CA LEU A 40 -0.02 9.34 -17.98
C LEU A 40 0.33 8.95 -16.54
N TRP A 41 0.53 7.65 -16.38
CA TRP A 41 0.65 6.94 -15.11
C TRP A 41 1.70 7.54 -14.18
N PHE A 42 2.84 7.98 -14.70
CA PHE A 42 3.96 8.36 -13.85
C PHE A 42 3.67 9.63 -13.04
N GLN A 43 2.95 10.59 -13.64
CA GLN A 43 2.55 11.80 -12.91
C GLN A 43 1.18 11.61 -12.25
N LEU A 44 0.36 10.68 -12.76
CA LEU A 44 -0.84 10.27 -12.02
C LEU A 44 -0.37 9.70 -10.67
N SER A 45 0.73 8.94 -10.67
CA SER A 45 1.30 8.37 -9.45
C SER A 45 1.86 9.48 -8.57
N GLU A 46 2.52 10.52 -9.11
CA GLU A 46 2.93 11.63 -8.26
C GLU A 46 1.72 12.30 -7.61
N SER A 47 0.59 12.38 -8.32
CA SER A 47 -0.63 12.99 -7.79
C SER A 47 -1.22 12.12 -6.68
N LEU A 48 -1.25 10.80 -6.89
CA LEU A 48 -1.70 9.82 -5.91
C LEU A 48 -0.77 9.81 -4.68
N THR A 49 0.52 10.03 -4.88
CA THR A 49 1.51 10.13 -3.81
C THR A 49 1.36 11.46 -3.05
N LYS A 50 1.02 12.56 -3.74
CA LYS A 50 0.71 13.82 -3.08
C LYS A 50 -0.54 13.67 -2.23
N PHE A 51 -1.57 12.92 -2.66
CA PHE A 51 -2.68 12.56 -1.81
C PHE A 51 -2.22 11.70 -0.62
N PHE A 52 -1.33 10.72 -0.82
CA PHE A 52 -0.76 9.92 0.27
C PHE A 52 -0.06 10.81 1.32
N ASP A 53 0.64 11.87 0.90
CA ASP A 53 1.30 12.79 1.83
C ASP A 53 0.29 13.71 2.53
N ASP A 54 -0.71 14.20 1.79
CA ASP A 54 -1.75 15.10 2.28
C ASP A 54 -2.66 14.42 3.31
N ALA A 55 -3.04 13.16 3.05
CA ALA A 55 -3.80 12.28 3.93
C ALA A 55 -5.14 12.83 4.46
N LYS A 56 -5.77 13.83 3.83
CA LYS A 56 -7.04 14.42 4.31
C LYS A 56 -8.13 13.35 4.51
N SER A 57 -8.22 12.37 3.61
CA SER A 57 -9.23 11.32 3.65
C SER A 57 -8.62 9.98 3.20
N THR A 58 -7.45 9.64 3.74
CA THR A 58 -6.70 8.43 3.40
C THR A 58 -7.55 7.16 3.18
N PRO A 59 -8.53 6.80 4.02
CA PRO A 59 -9.41 5.65 3.80
C PRO A 59 -10.05 5.54 2.41
N LEU A 60 -10.32 6.66 1.71
CA LEU A 60 -10.85 6.64 0.34
C LEU A 60 -9.95 5.83 -0.59
N ARG A 61 -8.64 5.89 -0.36
CA ARG A 61 -7.62 5.31 -1.23
C ARG A 61 -7.67 3.79 -1.24
N LEU A 62 -8.40 3.13 -0.33
CA LEU A 62 -8.64 1.69 -0.41
C LEU A 62 -9.33 1.35 -1.72
N ARG A 63 -10.34 2.14 -2.14
CA ARG A 63 -11.02 1.92 -3.43
C ARG A 63 -10.02 2.07 -4.58
N LEU A 64 -9.20 3.13 -4.48
CA LEU A 64 -8.22 3.54 -5.48
C LEU A 64 -7.19 2.43 -5.68
N TYR A 65 -6.63 1.86 -4.60
CA TYR A 65 -5.73 0.74 -4.73
C TYR A 65 -6.48 -0.50 -5.26
N ASP A 66 -7.63 -0.83 -4.67
CA ASP A 66 -8.32 -2.10 -4.92
C ASP A 66 -8.67 -2.34 -6.38
N ASN A 67 -9.17 -1.33 -7.08
CA ASN A 67 -9.74 -1.53 -8.41
C ASN A 67 -9.36 -0.44 -9.43
N PHE A 68 -8.42 0.45 -9.12
CA PHE A 68 -7.97 1.47 -10.06
C PHE A 68 -6.48 1.29 -10.35
N VAL A 69 -5.61 1.28 -9.33
CA VAL A 69 -4.18 1.03 -9.50
C VAL A 69 -3.93 -0.35 -10.13
N SER A 70 -4.86 -1.30 -9.99
CA SER A 70 -4.82 -2.60 -10.64
C SER A 70 -4.68 -2.51 -12.17
N LYS A 71 -5.23 -1.46 -12.81
CA LYS A 71 -5.16 -1.28 -14.25
C LYS A 71 -3.72 -1.00 -14.72
N PHE A 72 -2.80 -0.66 -13.83
CA PHE A 72 -1.41 -0.33 -14.10
C PHE A 72 -0.51 -0.91 -13.01
N TYR A 73 -0.91 -2.08 -12.48
CA TYR A 73 -0.37 -2.77 -11.31
C TYR A 73 1.15 -2.85 -11.26
N ASP A 74 1.79 -3.13 -12.40
CA ASP A 74 3.25 -3.32 -12.51
C ASP A 74 3.89 -2.29 -13.45
N LYS A 75 3.08 -1.35 -13.96
CA LYS A 75 3.53 -0.25 -14.82
C LYS A 75 4.34 0.77 -14.00
N ILE A 76 4.08 0.85 -12.69
CA ILE A 76 4.63 1.87 -11.80
C ILE A 76 5.30 1.20 -10.61
N ASN A 77 6.04 2.01 -9.85
CA ASN A 77 6.86 1.56 -8.73
C ASN A 77 6.04 0.74 -7.73
N GLN A 78 6.46 -0.50 -7.49
CA GLN A 78 5.73 -1.42 -6.63
C GLN A 78 5.73 -0.95 -5.17
N LEU A 79 6.74 -0.18 -4.73
CA LEU A 79 6.71 0.44 -3.40
C LEU A 79 5.65 1.54 -3.35
N SER A 80 5.33 2.23 -4.46
CA SER A 80 4.24 3.20 -4.47
C SER A 80 2.90 2.49 -4.26
N VAL A 81 2.61 1.40 -4.99
CA VAL A 81 1.30 0.76 -4.87
C VAL A 81 1.07 0.26 -3.43
N VAL A 82 2.09 -0.35 -2.81
CA VAL A 82 1.97 -0.77 -1.44
C VAL A 82 1.86 0.44 -0.52
N LYS A 83 2.59 1.55 -0.71
CA LYS A 83 2.49 2.72 0.19
C LYS A 83 1.05 3.22 0.29
N TYR A 84 0.31 3.20 -0.82
CA TYR A 84 -1.08 3.61 -0.84
C TYR A 84 -1.91 2.67 0.04
N LEU A 85 -1.80 1.36 -0.20
CA LEU A 85 -2.52 0.35 0.58
C LEU A 85 -2.13 0.43 2.05
N LEU A 86 -0.82 0.53 2.32
CA LEU A 86 -0.20 0.59 3.64
C LEU A 86 -0.85 1.72 4.44
N ALA A 87 -0.77 2.98 3.99
CA ALA A 87 -1.30 4.09 4.78
C ALA A 87 -2.77 3.87 5.13
N SER A 88 -3.55 3.44 4.13
CA SER A 88 -4.98 3.33 4.27
C SER A 88 -5.35 2.18 5.22
N LEU A 89 -4.71 1.02 5.06
CA LEU A 89 -5.03 -0.18 5.80
C LEU A 89 -4.40 -0.19 7.19
N LYS A 90 -3.28 0.51 7.39
CA LYS A 90 -2.72 0.74 8.72
C LYS A 90 -3.66 1.65 9.52
N ASP A 91 -4.33 2.60 8.86
CA ASP A 91 -5.29 3.49 9.52
C ASP A 91 -6.58 2.74 9.91
N SER A 92 -6.94 1.67 9.17
CA SER A 92 -8.02 0.78 9.58
C SER A 92 -7.78 0.22 11.00
N LYS A 93 -8.86 -0.12 11.70
CA LYS A 93 -8.89 -0.45 13.13
C LYS A 93 -8.05 -1.66 13.61
N ASP A 94 -7.36 -2.40 12.74
CA ASP A 94 -6.60 -3.58 13.15
C ASP A 94 -5.43 -3.84 12.19
N PHE A 95 -4.20 -3.71 12.68
CA PHE A 95 -2.98 -3.92 11.90
C PHE A 95 -2.79 -5.39 11.48
N ASP A 96 -3.54 -6.34 12.04
CA ASP A 96 -3.52 -7.73 11.56
C ASP A 96 -3.98 -7.80 10.10
N GLU A 97 -4.90 -6.92 9.69
CA GLU A 97 -5.31 -6.83 8.29
C GLU A 97 -4.14 -6.32 7.44
N SER A 98 -3.33 -5.39 7.96
CA SER A 98 -2.15 -4.89 7.25
C SER A 98 -1.15 -6.02 7.03
N LEU A 99 -0.89 -6.84 8.05
CA LEU A 99 -0.04 -8.02 7.97
C LEU A 99 -0.55 -8.94 6.86
N LYS A 100 -1.82 -9.34 6.90
CA LYS A 100 -2.37 -10.29 5.94
C LYS A 100 -2.33 -9.74 4.51
N TYR A 101 -2.81 -8.51 4.31
CA TYR A 101 -2.94 -7.94 2.97
C TYR A 101 -1.57 -7.74 2.34
N LEU A 102 -0.55 -7.31 3.09
CA LEU A 102 0.73 -6.97 2.48
C LEU A 102 1.59 -8.22 2.36
N ASP A 103 1.37 -9.26 3.16
CA ASP A 103 2.01 -10.55 2.94
C ASP A 103 1.47 -11.16 1.64
N ASP A 104 0.16 -11.10 1.43
CA ASP A 104 -0.48 -11.58 0.21
C ASP A 104 -0.02 -10.75 -1.00
N LEU A 105 -0.01 -9.42 -0.88
CA LEU A 105 0.42 -8.54 -1.96
C LEU A 105 1.92 -8.74 -2.26
N LYS A 106 2.77 -8.96 -1.25
CA LYS A 106 4.14 -9.36 -1.48
C LYS A 106 4.18 -10.63 -2.33
N ALA A 107 3.42 -11.67 -1.97
CA ALA A 107 3.45 -12.92 -2.71
C ALA A 107 3.00 -12.71 -4.15
N GLN A 108 1.96 -11.89 -4.36
CA GLN A 108 1.44 -11.58 -5.69
C GLN A 108 2.47 -10.85 -6.56
N PHE A 109 3.42 -10.12 -5.98
CA PHE A 109 4.54 -9.59 -6.73
C PHE A 109 5.65 -10.63 -6.83
N GLN A 110 5.98 -11.35 -5.75
CA GLN A 110 7.03 -12.35 -5.72
C GLN A 110 6.89 -13.42 -6.81
N GLU A 111 5.65 -13.81 -7.13
CA GLU A 111 5.39 -14.82 -8.16
C GLU A 111 5.62 -14.30 -9.59
N LEU A 112 5.58 -12.98 -9.77
CA LEU A 112 5.96 -12.29 -11.01
C LEU A 112 7.43 -11.91 -10.98
N ASP A 113 8.00 -11.71 -9.80
CA ASP A 113 9.33 -11.14 -9.64
C ASP A 113 10.41 -12.04 -10.23
N SER A 114 10.19 -13.36 -10.12
CA SER A 114 11.02 -14.36 -10.77
C SER A 114 11.04 -14.20 -12.29
N LYS A 115 9.95 -13.76 -12.92
CA LYS A 115 9.92 -13.58 -14.37
C LYS A 115 10.76 -12.36 -14.74
N LYS A 116 10.63 -11.25 -14.01
CA LYS A 116 11.35 -10.02 -14.37
C LYS A 116 12.84 -10.10 -14.04
N GLN A 117 13.28 -10.83 -13.00
CA GLN A 117 14.67 -10.82 -12.55
C GLN A 117 15.24 -12.17 -12.09
N ARG A 118 14.62 -13.30 -12.46
CA ARG A 118 15.21 -14.63 -12.24
C ARG A 118 14.74 -15.62 -13.31
N ASN A 119 14.71 -15.18 -14.57
CA ASN A 119 14.17 -15.95 -15.69
C ASN A 119 14.78 -17.35 -15.78
N ASN A 120 16.07 -17.50 -15.44
CA ASN A 120 16.75 -18.79 -15.28
C ASN A 120 17.90 -18.62 -14.27
N GLY A 121 18.50 -19.71 -13.83
CA GLY A 121 19.54 -19.69 -12.80
C GLY A 121 18.90 -19.36 -11.46
N SER A 122 17.96 -20.19 -11.01
CA SER A 122 17.17 -19.99 -9.80
C SER A 122 18.07 -19.76 -8.59
N LYS A 123 17.95 -18.57 -7.99
CA LYS A 123 18.64 -18.09 -6.80
C LYS A 123 17.69 -17.09 -6.13
N ASP A 124 17.99 -16.66 -4.90
CA ASP A 124 17.27 -15.55 -4.28
C ASP A 124 17.33 -14.32 -5.20
N HIS A 125 16.20 -13.64 -5.38
CA HIS A 125 16.05 -12.60 -6.40
C HIS A 125 15.23 -11.39 -5.96
N GLY A 126 14.62 -11.41 -4.76
CA GLY A 126 13.70 -10.36 -4.34
C GLY A 126 14.40 -9.00 -4.24
N ASP A 127 13.66 -7.93 -4.55
CA ASP A 127 14.06 -6.53 -4.36
C ASP A 127 12.76 -5.72 -4.26
N GLY A 128 12.71 -4.73 -3.36
CA GLY A 128 11.50 -3.96 -3.05
C GLY A 128 10.55 -4.78 -2.18
N ILE A 129 10.17 -5.98 -2.62
CA ILE A 129 9.45 -6.92 -1.79
C ILE A 129 10.22 -7.35 -0.54
N LEU A 130 11.56 -7.19 -0.47
CA LEU A 130 12.30 -7.38 0.79
C LEU A 130 11.98 -6.28 1.82
N LEU A 131 11.74 -5.05 1.36
CA LEU A 131 11.24 -4.00 2.25
C LEU A 131 9.84 -4.38 2.73
N ILE A 132 8.96 -4.82 1.83
CA ILE A 132 7.60 -5.18 2.19
C ILE A 132 7.64 -6.33 3.22
N ASP A 133 8.54 -7.31 3.02
CA ASP A 133 8.73 -8.43 3.95
C ASP A 133 9.16 -7.94 5.33
N SER A 134 10.09 -6.99 5.38
CA SER A 134 10.58 -6.41 6.62
C SER A 134 9.48 -5.60 7.31
N GLU A 135 8.67 -4.87 6.53
CA GLU A 135 7.62 -4.02 7.03
C GLU A 135 6.54 -4.89 7.70
N ILE A 136 6.07 -5.93 7.00
CA ILE A 136 5.06 -6.82 7.56
C ILE A 136 5.64 -7.67 8.68
N ALA A 137 6.92 -8.05 8.65
CA ALA A 137 7.55 -8.74 9.78
C ALA A 137 7.48 -7.87 11.04
N ARG A 138 7.82 -6.57 10.96
CA ARG A 138 7.69 -5.69 12.11
C ARG A 138 6.21 -5.53 12.50
N THR A 139 5.30 -5.47 11.54
CA THR A 139 3.87 -5.42 11.83
C THR A 139 3.41 -6.66 12.61
N TYR A 140 3.92 -7.85 12.28
CA TYR A 140 3.64 -9.07 13.04
C TYR A 140 4.25 -8.96 14.44
N LEU A 141 5.50 -8.46 14.52
CA LEU A 141 6.24 -8.37 15.78
C LEU A 141 5.63 -7.31 16.72
N LEU A 142 4.83 -6.36 16.21
CA LEU A 142 4.16 -5.31 16.98
C LEU A 142 3.33 -5.84 18.15
N LYS A 143 3.01 -7.15 18.18
CA LYS A 143 2.43 -7.81 19.35
C LYS A 143 3.27 -7.63 20.61
N ASN A 144 4.57 -7.33 20.50
CA ASN A 144 5.46 -7.02 21.62
C ASN A 144 6.46 -5.90 21.27
N ASP A 145 6.92 -5.79 20.02
CA ASP A 145 7.76 -4.67 19.59
C ASP A 145 7.08 -3.33 19.90
N LEU A 146 7.88 -2.32 20.27
CA LEU A 146 7.49 -0.99 20.77
C LEU A 146 6.70 -1.02 22.08
N VAL A 147 5.65 -1.83 22.18
CA VAL A 147 4.83 -1.94 23.39
C VAL A 147 5.60 -2.55 24.56
N LYS A 148 6.74 -3.21 24.32
CA LYS A 148 7.63 -3.79 25.33
C LYS A 148 7.95 -2.84 26.48
N ALA A 149 7.97 -1.52 26.25
CA ALA A 149 8.15 -0.51 27.28
C ALA A 149 7.20 -0.73 28.49
N ARG A 150 5.99 -1.22 28.24
CA ARG A 150 5.04 -1.70 29.24
C ARG A 150 4.20 -2.76 28.55
N ASP A 151 4.80 -3.93 28.32
CA ASP A 151 4.10 -5.07 27.73
C ASP A 151 2.89 -5.39 28.61
N LEU A 152 1.76 -5.79 28.00
CA LEU A 152 0.50 -5.98 28.71
C LEU A 152 0.68 -7.14 29.70
N LEU A 153 0.80 -6.81 30.99
CA LEU A 153 1.21 -7.76 32.03
C LEU A 153 0.19 -8.89 32.27
N ASP A 154 -1.11 -8.58 32.18
CA ASP A 154 -2.18 -9.53 32.43
C ASP A 154 -2.21 -10.66 31.36
N ASP A 155 -2.90 -11.75 31.67
CA ASP A 155 -3.14 -12.85 30.73
C ASP A 155 -3.80 -12.31 29.46
N LEU A 156 -3.30 -12.71 28.28
CA LEU A 156 -3.70 -12.18 26.99
C LEU A 156 -3.41 -13.24 25.92
N GLU A 157 -4.07 -13.12 24.77
CA GLU A 157 -3.91 -13.98 23.60
C GLU A 157 -2.48 -14.01 23.05
N LYS A 158 -1.58 -13.12 23.52
CA LYS A 158 -0.15 -13.18 23.24
C LYS A 158 0.46 -14.55 23.62
N THR A 159 -0.14 -15.24 24.58
CA THR A 159 0.32 -16.53 25.07
C THR A 159 0.47 -17.50 23.89
N LEU A 160 1.66 -18.06 23.71
CA LEU A 160 2.12 -18.89 22.58
C LEU A 160 2.15 -18.17 21.23
N ASP A 161 1.22 -17.25 20.96
CA ASP A 161 1.15 -16.45 19.74
C ASP A 161 2.39 -15.54 19.57
N LYS A 162 3.03 -15.17 20.68
CA LYS A 162 4.34 -14.50 20.71
C LYS A 162 5.44 -15.53 20.39
N LYS A 163 5.36 -16.14 19.22
CA LYS A 163 6.34 -17.10 18.72
C LYS A 163 7.73 -16.47 18.73
N MET A 4 -7.19 9.30 -24.28
CA MET A 4 -6.90 7.92 -24.74
C MET A 4 -7.99 6.94 -24.29
N PHE A 5 -8.18 6.75 -22.98
CA PHE A 5 -9.02 5.69 -22.45
C PHE A 5 -10.04 6.24 -21.44
N ASN A 6 -11.12 5.50 -21.23
CA ASN A 6 -12.12 5.70 -20.19
C ASN A 6 -12.82 4.35 -20.01
N ASN A 7 -13.26 4.04 -18.80
CA ASN A 7 -13.88 2.77 -18.45
C ASN A 7 -14.81 2.99 -17.25
N HIS A 8 -15.85 2.18 -17.11
CA HIS A 8 -16.89 2.36 -16.10
C HIS A 8 -16.35 2.23 -14.68
N GLU A 9 -15.34 1.38 -14.43
CA GLU A 9 -14.76 1.26 -13.10
C GLU A 9 -13.95 2.51 -12.77
N ILE A 10 -13.30 3.14 -13.75
CA ILE A 10 -12.57 4.39 -13.54
C ILE A 10 -13.59 5.46 -13.17
N ASP A 11 -14.66 5.58 -13.97
CA ASP A 11 -15.66 6.62 -13.77
C ASP A 11 -16.35 6.49 -12.42
N THR A 12 -16.69 5.26 -12.00
CA THR A 12 -17.41 5.04 -10.75
C THR A 12 -16.46 5.31 -9.57
N ILE A 13 -15.22 4.81 -9.60
CA ILE A 13 -14.26 4.97 -8.50
C ILE A 13 -13.98 6.44 -8.31
N LEU A 14 -13.58 7.13 -9.38
CA LEU A 14 -13.07 8.48 -9.24
C LEU A 14 -14.18 9.45 -8.85
N SER A 15 -15.39 9.28 -9.38
CA SER A 15 -16.52 10.11 -8.98
C SER A 15 -16.97 9.80 -7.56
N THR A 16 -16.99 8.53 -7.14
CA THR A 16 -17.42 8.23 -5.78
C THR A 16 -16.39 8.75 -4.77
N LEU A 17 -15.10 8.50 -4.99
CA LEU A 17 -14.07 9.00 -4.09
C LEU A 17 -14.04 10.52 -4.11
N ARG A 18 -14.21 11.17 -5.28
CA ARG A 18 -14.27 12.63 -5.33
C ARG A 18 -15.50 13.15 -4.56
N MET A 19 -16.69 12.55 -4.71
CA MET A 19 -17.85 13.03 -3.96
C MET A 19 -17.67 12.81 -2.44
N GLU A 20 -16.91 11.78 -2.05
CA GLU A 20 -16.59 11.49 -0.66
C GLU A 20 -15.56 12.47 -0.08
N ALA A 21 -14.67 12.96 -0.94
CA ALA A 21 -13.49 13.71 -0.56
C ALA A 21 -13.82 15.15 -0.16
N ASP A 22 -12.90 15.70 0.62
CA ASP A 22 -12.87 17.13 0.95
C ASP A 22 -12.49 17.92 -0.32
N PRO A 23 -13.10 19.09 -0.60
CA PRO A 23 -12.77 19.92 -1.75
C PRO A 23 -11.28 20.18 -1.97
N SER A 24 -10.45 20.22 -0.92
CA SER A 24 -9.01 20.43 -1.02
C SER A 24 -8.31 19.35 -1.85
N LEU A 25 -8.92 18.16 -1.96
CA LEU A 25 -8.38 17.02 -2.70
C LEU A 25 -8.80 17.07 -4.18
N HIS A 26 -9.82 17.86 -4.54
CA HIS A 26 -10.38 17.85 -5.89
C HIS A 26 -9.36 18.24 -6.98
N PRO A 27 -8.49 19.26 -6.81
CA PRO A 27 -7.46 19.57 -7.81
C PRO A 27 -6.53 18.38 -8.08
N LEU A 28 -6.27 17.55 -7.07
CA LEU A 28 -5.48 16.34 -7.26
C LEU A 28 -6.28 15.35 -8.11
N PHE A 29 -7.56 15.12 -7.82
CA PHE A 29 -8.35 14.19 -8.61
C PHE A 29 -8.63 14.66 -10.04
N GLU A 30 -8.62 15.96 -10.32
CA GLU A 30 -8.67 16.47 -11.70
C GLU A 30 -7.44 15.96 -12.46
N GLN A 31 -6.26 15.98 -11.82
CA GLN A 31 -5.04 15.45 -12.40
C GLN A 31 -5.10 13.92 -12.52
N PHE A 32 -5.67 13.21 -11.54
CA PHE A 32 -5.78 11.74 -11.61
C PHE A 32 -6.63 11.36 -12.82
N GLU A 33 -7.79 12.00 -12.95
CA GLU A 33 -8.69 11.84 -14.09
C GLU A 33 -7.93 12.00 -15.38
N LYS A 34 -7.30 13.17 -15.56
CA LYS A 34 -6.61 13.49 -16.80
C LYS A 34 -5.52 12.45 -17.08
N PHE A 35 -4.56 12.32 -16.16
CA PHE A 35 -3.38 11.53 -16.40
C PHE A 35 -3.69 10.05 -16.55
N TYR A 36 -4.67 9.46 -15.85
CA TYR A 36 -5.07 8.09 -16.13
C TYR A 36 -5.61 8.00 -17.57
N GLU A 37 -6.53 8.88 -17.95
CA GLU A 37 -7.19 8.82 -19.25
C GLU A 37 -6.25 9.14 -20.41
N GLU A 38 -5.05 9.67 -20.13
CA GLU A 38 -4.00 9.96 -21.09
C GLU A 38 -2.77 9.04 -20.90
N LYS A 39 -2.91 7.95 -20.13
CA LYS A 39 -1.88 6.92 -19.93
C LYS A 39 -0.62 7.43 -19.19
N LEU A 40 -0.67 8.61 -18.56
CA LEU A 40 0.44 9.17 -17.81
C LEU A 40 0.45 8.60 -16.40
N TRP A 41 0.67 7.30 -16.32
CA TRP A 41 0.82 6.56 -15.06
C TRP A 41 1.77 7.26 -14.08
N PHE A 42 2.85 7.89 -14.58
CA PHE A 42 3.84 8.52 -13.72
C PHE A 42 3.34 9.83 -13.11
N GLN A 43 2.56 10.63 -13.85
CA GLN A 43 1.99 11.87 -13.30
C GLN A 43 0.80 11.54 -12.39
N LEU A 44 0.06 10.50 -12.76
CA LEU A 44 -0.96 9.92 -11.93
C LEU A 44 -0.39 9.45 -10.59
N SER A 45 0.74 8.73 -10.58
CA SER A 45 1.33 8.25 -9.34
C SER A 45 1.92 9.38 -8.51
N GLU A 46 2.50 10.42 -9.13
CA GLU A 46 2.98 11.56 -8.34
C GLU A 46 1.81 12.33 -7.74
N SER A 47 0.68 12.42 -8.45
CA SER A 47 -0.54 13.02 -7.92
C SER A 47 -1.03 12.18 -6.71
N LEU A 48 -1.16 10.85 -6.87
CA LEU A 48 -1.39 9.92 -5.77
C LEU A 48 -0.39 10.08 -4.62
N THR A 49 0.86 10.47 -4.88
CA THR A 49 1.85 10.67 -3.84
C THR A 49 1.59 11.99 -3.09
N LYS A 50 1.29 13.09 -3.80
CA LYS A 50 0.94 14.38 -3.16
C LYS A 50 -0.32 14.22 -2.31
N PHE A 51 -1.26 13.43 -2.82
CA PHE A 51 -2.49 13.04 -2.14
C PHE A 51 -2.17 12.19 -0.91
N PHE A 52 -1.31 11.18 -1.05
CA PHE A 52 -0.88 10.30 0.03
C PHE A 52 -0.23 11.08 1.19
N ASP A 53 0.51 12.15 0.87
CA ASP A 53 1.31 12.90 1.84
C ASP A 53 0.48 13.67 2.88
N ASP A 54 -0.86 13.67 2.76
CA ASP A 54 -1.78 14.30 3.70
C ASP A 54 -2.84 13.29 4.11
N ALA A 55 -3.25 13.28 5.39
CA ALA A 55 -4.18 12.28 5.92
C ALA A 55 -5.61 12.41 5.37
N LYS A 56 -5.96 13.53 4.71
CA LYS A 56 -7.35 13.83 4.34
C LYS A 56 -8.00 12.78 3.44
N SER A 57 -7.24 11.90 2.77
CA SER A 57 -7.76 10.91 1.86
C SER A 57 -7.36 9.47 2.23
N THR A 58 -6.91 9.21 3.45
CA THR A 58 -6.43 7.89 3.84
C THR A 58 -7.51 6.79 3.64
N PRO A 59 -8.73 6.87 4.18
CA PRO A 59 -9.84 5.96 3.83
C PRO A 59 -10.29 5.98 2.35
N LEU A 60 -9.81 6.90 1.51
CA LEU A 60 -10.16 6.94 0.08
C LEU A 60 -9.15 6.14 -0.72
N ARG A 61 -7.85 6.32 -0.46
CA ARG A 61 -6.78 5.73 -1.27
C ARG A 61 -6.79 4.20 -1.23
N LEU A 62 -7.38 3.59 -0.21
CA LEU A 62 -7.58 2.15 -0.11
C LEU A 62 -8.31 1.64 -1.36
N ARG A 63 -9.42 2.30 -1.73
CA ARG A 63 -10.26 1.88 -2.85
C ARG A 63 -9.65 2.30 -4.20
N LEU A 64 -8.91 3.41 -4.22
CA LEU A 64 -8.10 3.80 -5.38
C LEU A 64 -7.08 2.68 -5.66
N TYR A 65 -6.36 2.20 -4.64
CA TYR A 65 -5.45 1.06 -4.79
C TYR A 65 -6.20 -0.18 -5.28
N ASP A 66 -7.31 -0.52 -4.63
CA ASP A 66 -8.00 -1.80 -4.82
C ASP A 66 -8.37 -2.15 -6.25
N ASN A 67 -8.89 -1.20 -7.03
CA ASN A 67 -9.47 -1.52 -8.34
C ASN A 67 -9.22 -0.43 -9.40
N PHE A 68 -8.29 0.49 -9.15
CA PHE A 68 -7.90 1.53 -10.11
C PHE A 68 -6.38 1.46 -10.30
N VAL A 69 -5.57 1.49 -9.24
CA VAL A 69 -4.12 1.26 -9.36
C VAL A 69 -3.83 -0.16 -9.86
N SER A 70 -4.76 -1.11 -9.67
CA SER A 70 -4.66 -2.47 -10.21
C SER A 70 -4.34 -2.50 -11.71
N LYS A 71 -4.88 -1.54 -12.46
CA LYS A 71 -4.72 -1.46 -13.91
C LYS A 71 -3.31 -1.06 -14.33
N PHE A 72 -2.44 -0.65 -13.39
CA PHE A 72 -1.07 -0.22 -13.67
C PHE A 72 -0.11 -0.55 -12.51
N TYR A 73 -0.40 -1.58 -11.69
CA TYR A 73 0.33 -1.92 -10.46
C TYR A 73 1.85 -1.88 -10.66
N ASP A 74 2.36 -2.64 -11.64
CA ASP A 74 3.79 -2.79 -11.87
C ASP A 74 4.32 -1.80 -12.92
N LYS A 75 3.43 -1.05 -13.56
CA LYS A 75 3.81 0.08 -14.42
C LYS A 75 4.27 1.27 -13.57
N ILE A 76 4.03 1.26 -12.25
CA ILE A 76 4.55 2.25 -11.32
C ILE A 76 5.29 1.55 -10.17
N ASN A 77 5.86 2.36 -9.28
CA ASN A 77 6.66 1.87 -8.17
C ASN A 77 5.81 0.96 -7.27
N GLN A 78 6.25 -0.30 -7.13
CA GLN A 78 5.49 -1.34 -6.45
C GLN A 78 5.12 -0.88 -5.04
N LEU A 79 6.11 -0.59 -4.19
CA LEU A 79 5.86 -0.11 -2.84
C LEU A 79 5.11 1.22 -2.78
N SER A 80 4.97 2.01 -3.85
CA SER A 80 4.05 3.16 -3.81
C SER A 80 2.61 2.66 -3.78
N VAL A 81 2.24 1.66 -4.60
CA VAL A 81 0.89 1.11 -4.51
C VAL A 81 0.66 0.53 -3.10
N VAL A 82 1.66 -0.18 -2.58
CA VAL A 82 1.57 -0.81 -1.27
C VAL A 82 1.52 0.27 -0.19
N LYS A 83 2.27 1.38 -0.30
CA LYS A 83 2.22 2.49 0.66
C LYS A 83 0.82 3.08 0.78
N TYR A 84 0.07 3.19 -0.32
CA TYR A 84 -1.30 3.68 -0.26
C TYR A 84 -2.12 2.74 0.63
N LEU A 85 -1.98 1.43 0.39
CA LEU A 85 -2.64 0.42 1.20
C LEU A 85 -2.18 0.47 2.67
N LEU A 86 -0.87 0.66 2.92
CA LEU A 86 -0.31 0.79 4.27
C LEU A 86 -1.04 1.88 5.03
N ALA A 87 -1.07 3.12 4.51
CA ALA A 87 -1.64 4.25 5.23
C ALA A 87 -3.08 3.96 5.62
N SER A 88 -3.86 3.41 4.68
CA SER A 88 -5.27 3.13 4.90
C SER A 88 -5.45 2.15 6.07
N LEU A 89 -4.61 1.10 6.14
CA LEU A 89 -4.66 0.08 7.18
C LEU A 89 -4.09 0.61 8.50
N LYS A 90 -3.08 1.49 8.46
CA LYS A 90 -2.51 2.09 9.66
C LYS A 90 -3.52 3.00 10.32
N ASP A 91 -4.23 3.84 9.56
CA ASP A 91 -5.29 4.68 10.11
C ASP A 91 -6.44 3.84 10.68
N SER A 92 -6.72 2.69 10.05
CA SER A 92 -7.68 1.72 10.57
C SER A 92 -7.20 0.99 11.84
N LYS A 93 -5.98 1.28 12.33
CA LYS A 93 -5.28 0.59 13.42
C LYS A 93 -5.28 -0.93 13.21
N ASP A 94 -5.31 -1.42 11.97
CA ASP A 94 -5.39 -2.85 11.70
C ASP A 94 -3.98 -3.40 11.57
N PHE A 95 -3.72 -4.56 12.16
CA PHE A 95 -2.43 -5.24 12.15
C PHE A 95 -2.61 -6.75 11.95
N ASP A 96 -3.77 -7.21 11.48
CA ASP A 96 -4.06 -8.62 11.24
C ASP A 96 -4.58 -8.82 9.83
N GLU A 97 -5.59 -8.06 9.40
CA GLU A 97 -5.96 -8.04 7.99
C GLU A 97 -4.79 -7.45 7.22
N SER A 98 -4.02 -6.54 7.84
CA SER A 98 -2.81 -5.99 7.27
C SER A 98 -1.75 -7.05 7.02
N LEU A 99 -1.64 -8.07 7.88
CA LEU A 99 -0.73 -9.19 7.69
C LEU A 99 -1.11 -9.92 6.41
N LYS A 100 -2.40 -10.26 6.26
CA LYS A 100 -2.88 -10.91 5.04
C LYS A 100 -2.66 -10.01 3.82
N TYR A 101 -3.10 -8.75 3.90
CA TYR A 101 -3.09 -7.80 2.80
C TYR A 101 -1.70 -7.58 2.24
N LEU A 102 -0.70 -7.29 3.09
CA LEU A 102 0.59 -6.85 2.58
C LEU A 102 1.43 -8.06 2.19
N ASP A 103 1.24 -9.22 2.82
CA ASP A 103 1.88 -10.45 2.37
C ASP A 103 1.32 -10.89 1.02
N ASP A 104 0.00 -10.79 0.82
CA ASP A 104 -0.63 -11.14 -0.46
C ASP A 104 -0.23 -10.18 -1.56
N LEU A 105 -0.21 -8.87 -1.28
CA LEU A 105 0.18 -7.87 -2.26
C LEU A 105 1.67 -7.99 -2.60
N LYS A 106 2.53 -8.24 -1.60
CA LYS A 106 3.93 -8.61 -1.84
C LYS A 106 3.98 -9.82 -2.77
N ALA A 107 3.20 -10.86 -2.46
CA ALA A 107 3.26 -12.10 -3.21
C ALA A 107 2.86 -11.88 -4.65
N GLN A 108 1.84 -11.06 -4.94
CA GLN A 108 1.45 -10.76 -6.32
C GLN A 108 2.62 -10.14 -7.09
N PHE A 109 3.38 -9.22 -6.48
CA PHE A 109 4.57 -8.69 -7.14
C PHE A 109 5.65 -9.76 -7.28
N GLN A 110 5.85 -10.57 -6.24
CA GLN A 110 6.81 -11.68 -6.28
C GLN A 110 6.46 -12.69 -7.38
N GLU A 111 5.17 -12.85 -7.72
CA GLU A 111 4.71 -13.77 -8.76
C GLU A 111 4.97 -13.15 -10.13
N LEU A 112 4.67 -11.86 -10.32
CA LEU A 112 5.00 -11.15 -11.55
C LEU A 112 6.52 -11.20 -11.77
N ASP A 113 7.30 -11.00 -10.70
CA ASP A 113 8.75 -11.00 -10.77
C ASP A 113 9.30 -12.40 -11.04
N SER A 114 8.66 -13.45 -10.53
CA SER A 114 8.99 -14.82 -10.90
C SER A 114 8.63 -15.10 -12.37
N LYS A 115 7.56 -14.50 -12.89
CA LYS A 115 7.12 -14.67 -14.26
C LYS A 115 8.12 -14.08 -15.25
N LYS A 116 8.62 -12.86 -15.01
CA LYS A 116 9.69 -12.30 -15.85
C LYS A 116 10.98 -13.12 -15.70
N GLN A 117 11.32 -13.51 -14.47
CA GLN A 117 12.39 -14.42 -13.99
C GLN A 117 13.34 -13.65 -13.06
N ARG A 118 14.26 -14.38 -12.42
CA ARG A 118 15.39 -13.84 -11.66
C ARG A 118 16.61 -14.69 -12.02
N ASN A 119 17.80 -14.09 -12.00
CA ASN A 119 19.07 -14.81 -12.19
C ASN A 119 19.47 -15.46 -10.86
N ASN A 120 18.71 -16.49 -10.45
CA ASN A 120 18.77 -17.13 -9.13
C ASN A 120 18.57 -16.16 -7.94
N GLY A 121 18.06 -14.96 -8.21
CA GLY A 121 17.79 -13.92 -7.21
C GLY A 121 16.77 -14.35 -6.16
N SER A 122 16.03 -15.44 -6.39
CA SER A 122 15.17 -16.08 -5.39
C SER A 122 15.94 -16.43 -4.11
N LYS A 123 17.26 -16.65 -4.20
CA LYS A 123 18.15 -16.84 -3.04
C LYS A 123 18.11 -15.64 -2.09
N ASP A 124 17.81 -14.44 -2.59
CA ASP A 124 17.68 -13.19 -1.83
C ASP A 124 16.22 -12.71 -1.79
N HIS A 125 15.28 -13.61 -2.11
CA HIS A 125 13.82 -13.52 -2.00
C HIS A 125 13.15 -12.52 -2.96
N GLY A 126 13.79 -11.40 -3.31
CA GLY A 126 13.22 -10.40 -4.20
C GLY A 126 14.01 -9.09 -4.16
N ASP A 127 13.47 -8.05 -4.79
CA ASP A 127 14.00 -6.69 -4.80
C ASP A 127 12.81 -5.72 -4.76
N GLY A 128 12.92 -4.64 -3.99
CA GLY A 128 11.82 -3.73 -3.66
C GLY A 128 10.86 -4.35 -2.65
N ILE A 129 10.31 -5.53 -2.96
CA ILE A 129 9.42 -6.28 -2.08
C ILE A 129 10.06 -6.66 -0.73
N LEU A 130 11.38 -6.61 -0.57
CA LEU A 130 12.00 -6.78 0.75
C LEU A 130 11.62 -5.67 1.73
N LEU A 131 11.22 -4.49 1.26
CA LEU A 131 10.69 -3.44 2.14
C LEU A 131 9.34 -3.91 2.67
N ILE A 132 8.46 -4.38 1.79
CA ILE A 132 7.12 -4.83 2.18
C ILE A 132 7.25 -6.05 3.10
N ASP A 133 8.23 -6.94 2.84
CA ASP A 133 8.54 -8.07 3.71
C ASP A 133 8.96 -7.60 5.10
N SER A 134 9.77 -6.53 5.18
CA SER A 134 10.20 -5.94 6.44
C SER A 134 9.02 -5.28 7.17
N GLU A 135 8.07 -4.70 6.45
CA GLU A 135 6.86 -4.13 7.05
C GLU A 135 5.95 -5.26 7.57
N ILE A 136 5.87 -6.39 6.86
CA ILE A 136 5.17 -7.57 7.35
C ILE A 136 5.89 -8.13 8.58
N ALA A 137 7.22 -8.19 8.60
CA ALA A 137 7.97 -8.58 9.79
C ALA A 137 7.64 -7.66 10.95
N ARG A 138 7.62 -6.34 10.74
CA ARG A 138 7.23 -5.37 11.77
C ARG A 138 5.78 -5.61 12.23
N THR A 139 4.86 -5.92 11.31
CA THR A 139 3.48 -6.27 11.63
C THR A 139 3.41 -7.53 12.52
N TYR A 140 4.34 -8.48 12.35
CA TYR A 140 4.39 -9.68 13.19
C TYR A 140 5.05 -9.38 14.53
N LEU A 141 6.17 -8.63 14.52
CA LEU A 141 6.96 -8.30 15.71
C LEU A 141 6.13 -7.49 16.71
N LEU A 142 5.18 -6.68 16.22
CA LEU A 142 4.27 -5.91 17.07
C LEU A 142 3.52 -6.79 18.08
N LYS A 143 3.31 -8.07 17.78
CA LYS A 143 2.57 -9.00 18.63
C LYS A 143 3.43 -9.58 19.75
N ASN A 144 4.74 -9.36 19.75
CA ASN A 144 5.66 -9.88 20.77
C ASN A 144 5.27 -9.35 22.15
N ASP A 145 4.93 -10.25 23.08
CA ASP A 145 4.64 -9.90 24.47
C ASP A 145 5.93 -9.49 25.18
N LEU A 146 5.82 -8.67 26.24
CA LEU A 146 6.94 -8.22 27.07
C LEU A 146 7.40 -9.32 28.02
N VAL A 147 7.56 -10.55 27.52
CA VAL A 147 7.95 -11.73 28.30
C VAL A 147 9.29 -11.51 29.01
N LYS A 148 10.17 -10.62 28.49
CA LYS A 148 11.41 -10.24 29.16
C LYS A 148 11.13 -9.73 30.58
N ALA A 149 10.05 -8.97 30.81
CA ALA A 149 9.72 -8.48 32.15
C ALA A 149 9.34 -9.63 33.09
N ARG A 150 8.71 -10.69 32.57
CA ARG A 150 8.36 -11.89 33.37
C ARG A 150 9.60 -12.73 33.65
N ASP A 151 10.56 -12.77 32.72
CA ASP A 151 11.79 -13.54 32.87
C ASP A 151 12.77 -12.86 33.84
N LEU A 152 12.88 -11.54 33.77
CA LEU A 152 13.75 -10.74 34.65
C LEU A 152 13.26 -10.80 36.10
N LEU A 153 14.16 -10.47 37.04
CA LEU A 153 13.84 -10.32 38.46
C LEU A 153 12.74 -9.27 38.68
N ASP A 154 12.63 -8.30 37.77
CA ASP A 154 11.60 -7.24 37.78
C ASP A 154 10.17 -7.78 37.89
N ASP A 155 9.96 -9.05 37.55
CA ASP A 155 8.73 -9.80 37.78
C ASP A 155 8.23 -9.72 39.24
N LEU A 156 9.13 -9.46 40.20
CA LEU A 156 8.80 -9.29 41.62
C LEU A 156 7.81 -8.14 41.89
N GLU A 157 7.52 -7.28 40.91
CA GLU A 157 6.48 -6.26 40.99
C GLU A 157 5.08 -6.87 41.20
N LYS A 158 4.90 -8.15 40.87
CA LYS A 158 3.64 -8.89 41.09
C LYS A 158 3.23 -8.90 42.57
N THR A 159 1.97 -9.25 42.81
CA THR A 159 1.41 -9.49 44.15
C THR A 159 0.61 -10.79 44.07
N LEU A 160 0.59 -11.58 45.15
CA LEU A 160 0.06 -12.95 45.16
C LEU A 160 -0.91 -13.17 46.34
N ASP A 161 -1.39 -12.09 46.97
CA ASP A 161 -2.36 -12.12 48.06
C ASP A 161 -3.21 -10.85 48.00
N LYS A 162 -4.44 -10.88 48.52
CA LYS A 162 -5.35 -9.74 48.47
C LYS A 162 -4.91 -8.56 49.34
N LYS A 163 -4.05 -8.76 50.35
CA LYS A 163 -3.58 -7.70 51.24
C LYS A 163 -2.94 -6.59 50.42
N MET A 4 -8.54 7.71 -24.97
CA MET A 4 -8.37 7.83 -23.50
C MET A 4 -8.76 6.52 -22.82
N PHE A 5 -8.12 6.21 -21.68
CA PHE A 5 -8.32 4.99 -20.90
C PHE A 5 -9.62 5.01 -20.07
N ASN A 6 -10.46 6.04 -20.17
CA ASN A 6 -11.73 6.14 -19.46
C ASN A 6 -12.60 4.90 -19.72
N ASN A 7 -13.25 4.39 -18.66
CA ASN A 7 -14.23 3.32 -18.70
C ASN A 7 -15.18 3.55 -17.52
N HIS A 8 -16.39 3.00 -17.56
CA HIS A 8 -17.37 3.13 -16.49
C HIS A 8 -16.82 2.70 -15.12
N GLU A 9 -15.96 1.68 -15.06
CA GLU A 9 -15.39 1.23 -13.78
C GLU A 9 -14.43 2.29 -13.20
N ILE A 10 -13.69 2.96 -14.07
CA ILE A 10 -12.76 4.01 -13.69
C ILE A 10 -13.58 5.24 -13.26
N ASP A 11 -14.62 5.58 -14.03
CA ASP A 11 -15.46 6.75 -13.78
C ASP A 11 -16.25 6.63 -12.47
N THR A 12 -16.76 5.44 -12.16
CA THR A 12 -17.52 5.23 -10.93
C THR A 12 -16.58 5.28 -9.71
N ILE A 13 -15.35 4.75 -9.82
CA ILE A 13 -14.36 4.87 -8.76
C ILE A 13 -14.04 6.36 -8.57
N LEU A 14 -13.69 7.09 -9.64
CA LEU A 14 -13.28 8.48 -9.51
C LEU A 14 -14.39 9.31 -8.87
N SER A 15 -15.63 9.11 -9.30
CA SER A 15 -16.77 9.80 -8.74
C SER A 15 -16.96 9.41 -7.28
N THR A 16 -16.97 8.13 -6.92
CA THR A 16 -17.21 7.75 -5.54
C THR A 16 -16.11 8.34 -4.64
N LEU A 17 -14.85 8.24 -5.03
CA LEU A 17 -13.75 8.76 -4.24
C LEU A 17 -13.88 10.28 -4.12
N ARG A 18 -14.20 10.99 -5.21
CA ARG A 18 -14.43 12.43 -5.15
C ARG A 18 -15.61 12.76 -4.23
N MET A 19 -16.70 11.98 -4.22
CA MET A 19 -17.78 12.18 -3.26
C MET A 19 -17.34 11.95 -1.81
N GLU A 20 -16.60 10.88 -1.56
CA GLU A 20 -16.18 10.46 -0.22
C GLU A 20 -15.11 11.40 0.35
N ALA A 21 -14.32 12.00 -0.54
CA ALA A 21 -13.19 12.85 -0.27
C ALA A 21 -13.59 14.19 0.35
N ASP A 22 -12.63 14.75 1.09
CA ASP A 22 -12.68 16.13 1.59
C ASP A 22 -12.56 17.08 0.38
N PRO A 23 -13.29 18.20 0.32
CA PRO A 23 -13.23 19.15 -0.80
C PRO A 23 -11.83 19.58 -1.23
N SER A 24 -10.87 19.65 -0.31
CA SER A 24 -9.49 20.05 -0.59
C SER A 24 -8.82 19.12 -1.61
N LEU A 25 -9.30 17.89 -1.73
CA LEU A 25 -8.71 16.85 -2.58
C LEU A 25 -9.22 16.93 -4.01
N HIS A 26 -10.30 17.67 -4.29
CA HIS A 26 -10.92 17.69 -5.61
C HIS A 26 -9.94 18.09 -6.74
N PRO A 27 -9.11 19.15 -6.63
CA PRO A 27 -8.16 19.47 -7.68
C PRO A 27 -7.04 18.42 -7.81
N LEU A 28 -6.70 17.73 -6.71
CA LEU A 28 -5.75 16.62 -6.77
C LEU A 28 -6.37 15.47 -7.57
N PHE A 29 -7.66 15.19 -7.37
CA PHE A 29 -8.35 14.16 -8.12
C PHE A 29 -8.64 14.58 -9.57
N GLU A 30 -8.77 15.87 -9.89
CA GLU A 30 -8.84 16.32 -11.29
C GLU A 30 -7.59 15.86 -12.04
N GLN A 31 -6.42 16.04 -11.42
CA GLN A 31 -5.15 15.62 -12.00
C GLN A 31 -5.09 14.08 -12.09
N PHE A 32 -5.43 13.39 -11.00
CA PHE A 32 -5.40 11.93 -10.95
C PHE A 32 -6.28 11.33 -12.06
N GLU A 33 -7.52 11.84 -12.19
CA GLU A 33 -8.48 11.47 -13.21
C GLU A 33 -7.87 11.62 -14.60
N LYS A 34 -7.41 12.84 -14.90
CA LYS A 34 -6.84 13.18 -16.19
C LYS A 34 -5.67 12.26 -16.52
N PHE A 35 -4.68 12.19 -15.63
CA PHE A 35 -3.46 11.50 -15.94
C PHE A 35 -3.67 10.00 -16.11
N TYR A 36 -4.57 9.34 -15.37
CA TYR A 36 -4.89 7.94 -15.69
C TYR A 36 -5.53 7.85 -17.08
N GLU A 37 -6.48 8.74 -17.39
CA GLU A 37 -7.19 8.71 -18.67
C GLU A 37 -6.25 8.96 -19.86
N GLU A 38 -5.11 9.62 -19.63
CA GLU A 38 -4.06 9.86 -20.62
C GLU A 38 -2.85 8.93 -20.40
N LYS A 39 -3.04 7.82 -19.66
CA LYS A 39 -2.04 6.81 -19.29
C LYS A 39 -0.72 7.36 -18.76
N LEU A 40 -0.71 8.56 -18.18
CA LEU A 40 0.45 9.19 -17.59
C LEU A 40 0.65 8.70 -16.17
N TRP A 41 1.01 7.43 -16.09
CA TRP A 41 1.13 6.66 -14.85
C TRP A 41 1.97 7.36 -13.78
N PHE A 42 3.05 8.03 -14.17
CA PHE A 42 3.90 8.73 -13.21
C PHE A 42 3.18 9.95 -12.64
N GLN A 43 2.57 10.80 -13.49
CA GLN A 43 1.88 12.02 -13.05
C GLN A 43 0.65 11.68 -12.22
N LEU A 44 0.00 10.59 -12.60
CA LEU A 44 -1.06 9.94 -11.84
C LEU A 44 -0.57 9.59 -10.43
N SER A 45 0.60 8.96 -10.31
CA SER A 45 1.20 8.67 -9.01
C SER A 45 1.49 9.97 -8.25
N GLU A 46 2.03 11.02 -8.88
CA GLU A 46 2.31 12.26 -8.15
C GLU A 46 1.02 12.86 -7.61
N SER A 47 -0.05 12.77 -8.40
CA SER A 47 -1.37 13.25 -7.97
C SER A 47 -1.83 12.50 -6.70
N LEU A 48 -1.72 11.17 -6.72
CA LEU A 48 -2.04 10.32 -5.57
C LEU A 48 -1.09 10.58 -4.39
N THR A 49 0.15 10.98 -4.65
CA THR A 49 1.17 11.25 -3.64
C THR A 49 0.94 12.63 -2.97
N LYS A 50 0.55 13.65 -3.74
CA LYS A 50 0.20 14.95 -3.16
C LYS A 50 -1.00 14.81 -2.23
N PHE A 51 -1.97 13.98 -2.61
CA PHE A 51 -3.08 13.62 -1.73
C PHE A 51 -2.53 12.90 -0.49
N PHE A 52 -1.60 11.95 -0.62
CA PHE A 52 -1.04 11.24 0.53
C PHE A 52 -0.34 12.21 1.50
N ASP A 53 0.34 13.23 1.00
CA ASP A 53 0.98 14.24 1.84
C ASP A 53 -0.05 15.09 2.57
N ASP A 54 -1.16 15.45 1.90
CA ASP A 54 -2.24 16.25 2.48
C ASP A 54 -3.09 15.44 3.47
N ALA A 55 -3.14 14.11 3.31
CA ALA A 55 -3.71 13.14 4.24
C ALA A 55 -5.16 13.44 4.71
N LYS A 56 -5.95 14.18 3.92
CA LYS A 56 -7.30 14.60 4.34
C LYS A 56 -8.26 13.41 4.48
N SER A 57 -8.05 12.37 3.66
CA SER A 57 -8.98 11.26 3.48
C SER A 57 -8.19 9.97 3.18
N THR A 58 -7.03 9.76 3.82
CA THR A 58 -6.08 8.71 3.48
C THR A 58 -6.71 7.33 3.19
N PRO A 59 -7.68 6.81 3.98
CA PRO A 59 -8.37 5.54 3.74
C PRO A 59 -9.01 5.32 2.36
N LEU A 60 -9.21 6.36 1.52
CA LEU A 60 -9.64 6.14 0.13
C LEU A 60 -8.70 5.17 -0.61
N ARG A 61 -7.43 5.07 -0.17
CA ARG A 61 -6.45 4.14 -0.72
C ARG A 61 -6.83 2.67 -0.59
N LEU A 62 -7.76 2.29 0.32
CA LEU A 62 -8.29 0.94 0.34
C LEU A 62 -8.95 0.63 -1.01
N ARG A 63 -9.85 1.51 -1.45
CA ARG A 63 -10.53 1.34 -2.73
C ARG A 63 -9.54 1.50 -3.88
N LEU A 64 -8.64 2.49 -3.78
CA LEU A 64 -7.65 2.80 -4.82
C LEU A 64 -6.79 1.57 -5.11
N TYR A 65 -6.22 0.95 -4.08
CA TYR A 65 -5.41 -0.25 -4.25
C TYR A 65 -6.26 -1.38 -4.82
N ASP A 66 -7.41 -1.67 -4.20
CA ASP A 66 -8.18 -2.88 -4.50
C ASP A 66 -8.87 -2.85 -5.87
N ASN A 67 -9.12 -1.67 -6.45
CA ASN A 67 -9.97 -1.55 -7.64
C ASN A 67 -9.36 -0.70 -8.75
N PHE A 68 -8.21 -0.06 -8.54
CA PHE A 68 -7.69 0.92 -9.48
C PHE A 68 -6.22 0.66 -9.76
N VAL A 69 -5.31 0.89 -8.80
CA VAL A 69 -3.87 0.60 -8.95
C VAL A 69 -3.64 -0.90 -9.18
N SER A 70 -4.59 -1.77 -8.80
CA SER A 70 -4.59 -3.19 -9.14
C SER A 70 -4.42 -3.47 -10.64
N LYS A 71 -4.96 -2.60 -11.52
CA LYS A 71 -4.85 -2.76 -12.97
C LYS A 71 -3.45 -2.40 -13.49
N PHE A 72 -2.60 -1.74 -12.71
CA PHE A 72 -1.35 -1.17 -13.21
C PHE A 72 -0.21 -1.17 -12.18
N TYR A 73 -0.12 -2.20 -11.33
CA TYR A 73 0.96 -2.36 -10.35
C TYR A 73 2.36 -2.23 -10.97
N ASP A 74 2.54 -2.69 -12.21
CA ASP A 74 3.84 -2.68 -12.89
C ASP A 74 4.20 -1.29 -13.42
N LYS A 75 3.21 -0.44 -13.72
CA LYS A 75 3.42 0.82 -14.43
C LYS A 75 4.00 1.91 -13.52
N ILE A 76 3.97 1.71 -12.21
CA ILE A 76 4.50 2.63 -11.21
C ILE A 76 5.38 1.86 -10.24
N ASN A 77 6.32 2.58 -9.62
CA ASN A 77 7.24 2.07 -8.62
C ASN A 77 6.48 1.23 -7.59
N GLN A 78 6.91 -0.03 -7.41
CA GLN A 78 6.20 -0.98 -6.55
C GLN A 78 6.18 -0.51 -5.09
N LEU A 79 7.14 0.31 -4.65
CA LEU A 79 7.09 0.89 -3.31
C LEU A 79 6.10 2.05 -3.26
N SER A 80 5.85 2.79 -4.33
CA SER A 80 4.75 3.76 -4.38
C SER A 80 3.42 3.04 -4.25
N VAL A 81 3.24 1.98 -5.04
CA VAL A 81 2.06 1.12 -4.98
C VAL A 81 1.80 0.68 -3.53
N VAL A 82 2.76 0.02 -2.89
CA VAL A 82 2.53 -0.46 -1.54
C VAL A 82 2.43 0.71 -0.56
N LYS A 83 3.19 1.81 -0.69
CA LYS A 83 3.07 2.94 0.25
C LYS A 83 1.66 3.51 0.25
N TYR A 84 0.96 3.48 -0.87
CA TYR A 84 -0.43 3.92 -0.91
C TYR A 84 -1.28 2.99 -0.07
N LEU A 85 -1.23 1.67 -0.34
CA LEU A 85 -2.00 0.71 0.44
C LEU A 85 -1.65 0.80 1.93
N LEU A 86 -0.34 0.85 2.23
CA LEU A 86 0.19 0.97 3.57
C LEU A 86 -0.37 2.21 4.25
N ALA A 87 -0.49 3.36 3.57
CA ALA A 87 -0.99 4.58 4.19
C ALA A 87 -2.43 4.42 4.67
N SER A 88 -3.30 3.79 3.87
CA SER A 88 -4.66 3.47 4.31
C SER A 88 -4.65 2.63 5.59
N LEU A 89 -3.81 1.59 5.62
CA LEU A 89 -3.70 0.65 6.74
C LEU A 89 -3.14 1.35 7.98
N LYS A 90 -2.17 2.27 7.80
CA LYS A 90 -1.58 3.05 8.87
C LYS A 90 -2.64 3.96 9.48
N ASP A 91 -3.36 4.71 8.67
CA ASP A 91 -4.38 5.63 9.18
C ASP A 91 -5.49 4.87 9.91
N SER A 92 -5.85 3.68 9.40
CA SER A 92 -6.83 2.80 10.03
C SER A 92 -6.30 2.11 11.31
N LYS A 93 -5.01 2.27 11.66
CA LYS A 93 -4.29 1.55 12.70
C LYS A 93 -4.52 0.03 12.61
N ASP A 94 -4.73 -0.52 11.40
CA ASP A 94 -5.02 -1.94 11.26
C ASP A 94 -3.72 -2.74 11.34
N PHE A 95 -3.82 -4.05 11.58
CA PHE A 95 -2.72 -4.99 11.66
C PHE A 95 -3.12 -6.32 11.06
N ASP A 96 -4.36 -6.79 11.30
CA ASP A 96 -4.83 -8.06 10.77
C ASP A 96 -5.04 -7.97 9.26
N GLU A 97 -5.72 -6.91 8.79
CA GLU A 97 -5.86 -6.65 7.36
C GLU A 97 -4.50 -6.31 6.77
N SER A 98 -3.66 -5.58 7.51
CA SER A 98 -2.34 -5.20 7.03
C SER A 98 -1.48 -6.44 6.75
N LEU A 99 -1.50 -7.42 7.65
CA LEU A 99 -0.82 -8.68 7.51
C LEU A 99 -1.31 -9.40 6.26
N LYS A 100 -2.63 -9.62 6.17
CA LYS A 100 -3.21 -10.37 5.05
C LYS A 100 -2.91 -9.68 3.73
N TYR A 101 -3.17 -8.38 3.64
CA TYR A 101 -3.12 -7.65 2.39
C TYR A 101 -1.71 -7.55 1.87
N LEU A 102 -0.69 -7.28 2.71
CA LEU A 102 0.65 -7.05 2.17
C LEU A 102 1.38 -8.36 1.97
N ASP A 103 1.04 -9.42 2.71
CA ASP A 103 1.55 -10.76 2.39
C ASP A 103 1.00 -11.23 1.04
N ASP A 104 -0.29 -11.02 0.79
CA ASP A 104 -0.92 -11.38 -0.47
C ASP A 104 -0.37 -10.55 -1.62
N LEU A 105 -0.22 -9.23 -1.43
CA LEU A 105 0.34 -8.35 -2.44
C LEU A 105 1.79 -8.74 -2.73
N LYS A 106 2.61 -8.98 -1.71
CA LYS A 106 3.98 -9.47 -1.88
C LYS A 106 3.95 -10.77 -2.69
N ALA A 107 2.99 -11.67 -2.43
CA ALA A 107 2.90 -12.92 -3.18
C ALA A 107 2.59 -12.67 -4.66
N GLN A 108 1.77 -11.67 -5.01
CA GLN A 108 1.61 -11.28 -6.42
C GLN A 108 2.95 -10.79 -6.99
N PHE A 109 3.71 -10.01 -6.23
CA PHE A 109 5.05 -9.59 -6.63
C PHE A 109 6.06 -10.77 -6.66
N GLN A 110 5.72 -11.93 -6.09
CA GLN A 110 6.49 -13.16 -6.25
C GLN A 110 6.03 -13.95 -7.49
N GLU A 111 4.79 -13.79 -7.96
CA GLU A 111 4.40 -14.35 -9.26
C GLU A 111 5.15 -13.58 -10.37
N LEU A 112 5.44 -12.29 -10.14
CA LEU A 112 6.28 -11.46 -10.98
C LEU A 112 7.78 -11.80 -10.84
N ASP A 113 8.16 -12.91 -10.19
CA ASP A 113 9.56 -13.34 -10.10
C ASP A 113 10.24 -13.44 -11.47
N SER A 114 9.48 -13.80 -12.50
CA SER A 114 9.98 -13.89 -13.88
C SER A 114 10.42 -12.52 -14.42
N LYS A 115 9.88 -11.42 -13.88
CA LYS A 115 10.20 -10.07 -14.30
C LYS A 115 11.37 -9.54 -13.49
N LYS A 116 11.37 -9.69 -12.17
CA LYS A 116 12.45 -9.12 -11.33
C LYS A 116 13.81 -9.77 -11.61
N GLN A 117 13.84 -11.01 -12.08
CA GLN A 117 15.08 -11.69 -12.47
C GLN A 117 15.74 -11.09 -13.73
N ARG A 118 15.04 -10.28 -14.53
CA ARG A 118 15.58 -9.74 -15.78
C ARG A 118 16.81 -8.88 -15.49
N ASN A 119 17.77 -8.88 -16.43
CA ASN A 119 18.92 -7.99 -16.36
C ASN A 119 18.53 -6.52 -16.61
N ASN A 120 17.53 -6.28 -17.46
CA ASN A 120 17.04 -4.95 -17.82
C ASN A 120 15.55 -5.05 -18.14
N GLY A 121 14.80 -3.96 -17.95
CA GLY A 121 13.34 -3.94 -18.04
C GLY A 121 12.67 -4.31 -16.71
N SER A 122 13.43 -4.96 -15.82
CA SER A 122 13.08 -5.22 -14.43
C SER A 122 12.89 -3.88 -13.70
N LYS A 123 12.04 -3.87 -12.66
CA LYS A 123 11.71 -2.68 -11.87
C LYS A 123 11.96 -2.90 -10.38
N ASP A 124 12.35 -4.13 -10.01
CA ASP A 124 12.82 -4.56 -8.71
C ASP A 124 13.71 -5.78 -9.00
N HIS A 125 14.54 -6.20 -8.04
CA HIS A 125 15.31 -7.44 -8.08
C HIS A 125 15.08 -8.29 -6.83
N GLY A 126 14.37 -7.77 -5.83
CA GLY A 126 14.01 -8.48 -4.60
C GLY A 126 13.86 -7.51 -3.45
N ASP A 127 14.62 -6.41 -3.44
CA ASP A 127 14.64 -5.42 -2.37
C ASP A 127 13.26 -4.80 -2.10
N GLY A 128 12.43 -4.66 -3.13
CA GLY A 128 11.06 -4.17 -2.97
C GLY A 128 10.24 -5.10 -2.09
N ILE A 129 10.20 -6.40 -2.42
CA ILE A 129 9.52 -7.38 -1.57
C ILE A 129 10.27 -7.67 -0.28
N LEU A 130 11.58 -7.41 -0.18
CA LEU A 130 12.31 -7.47 1.09
C LEU A 130 11.78 -6.39 2.03
N LEU A 131 11.56 -5.16 1.54
CA LEU A 131 10.92 -4.11 2.33
C LEU A 131 9.53 -4.55 2.74
N ILE A 132 8.72 -5.08 1.82
CA ILE A 132 7.35 -5.48 2.14
C ILE A 132 7.38 -6.60 3.20
N ASP A 133 8.31 -7.55 3.10
CA ASP A 133 8.51 -8.60 4.10
C ASP A 133 8.88 -8.01 5.46
N SER A 134 9.71 -6.97 5.48
CA SER A 134 10.11 -6.29 6.70
C SER A 134 8.95 -5.52 7.33
N GLU A 135 8.09 -4.90 6.50
CA GLU A 135 6.88 -4.24 6.97
C GLU A 135 5.95 -5.29 7.59
N ILE A 136 5.77 -6.42 6.91
CA ILE A 136 4.97 -7.54 7.39
C ILE A 136 5.54 -8.09 8.70
N ALA A 137 6.86 -8.24 8.82
CA ALA A 137 7.48 -8.74 10.04
C ALA A 137 7.14 -7.82 11.22
N ARG A 138 7.33 -6.51 11.07
CA ARG A 138 7.00 -5.56 12.13
C ARG A 138 5.51 -5.63 12.46
N THR A 139 4.65 -5.68 11.44
CA THR A 139 3.20 -5.75 11.61
C THR A 139 2.83 -6.99 12.43
N TYR A 140 3.35 -8.16 12.06
CA TYR A 140 2.99 -9.42 12.70
C TYR A 140 3.60 -9.56 14.09
N LEU A 141 4.76 -8.93 14.34
CA LEU A 141 5.38 -8.92 15.66
C LEU A 141 4.57 -8.03 16.61
N LEU A 142 4.30 -6.79 16.20
CA LEU A 142 3.67 -5.79 17.06
C LEU A 142 2.18 -6.11 17.27
N LYS A 143 1.46 -6.36 16.17
CA LYS A 143 0.01 -6.63 16.09
C LYS A 143 -0.78 -5.86 17.16
N ASN A 144 -0.62 -4.54 17.25
CA ASN A 144 -1.15 -3.76 18.37
C ASN A 144 -2.68 -3.85 18.51
N ASP A 145 -3.39 -4.15 17.42
CA ASP A 145 -4.84 -4.40 17.42
C ASP A 145 -5.25 -5.51 18.41
N LEU A 146 -4.39 -6.53 18.59
CA LEU A 146 -4.55 -7.58 19.59
C LEU A 146 -3.15 -8.14 19.85
N VAL A 147 -2.43 -7.52 20.80
CA VAL A 147 -1.03 -7.84 21.10
C VAL A 147 -0.89 -9.34 21.43
N LYS A 148 0.24 -9.93 21.05
CA LYS A 148 0.66 -11.29 21.42
C LYS A 148 1.09 -11.31 22.89
N ALA A 149 0.17 -10.99 23.80
CA ALA A 149 0.38 -10.91 25.25
C ALA A 149 0.57 -12.30 25.88
N ARG A 150 1.67 -12.98 25.52
CA ARG A 150 2.07 -14.26 26.08
C ARG A 150 2.42 -14.14 27.57
N ASP A 151 2.71 -12.93 28.04
CA ASP A 151 2.95 -12.56 29.42
C ASP A 151 2.43 -11.12 29.60
N LEU A 152 2.19 -10.70 30.85
CA LEU A 152 1.80 -9.35 31.22
C LEU A 152 2.67 -8.78 32.34
N LEU A 153 3.57 -9.56 32.98
CA LEU A 153 4.53 -8.99 33.92
C LEU A 153 5.44 -8.00 33.21
N ASP A 154 5.85 -8.31 31.98
CA ASP A 154 6.62 -7.40 31.13
C ASP A 154 5.83 -6.13 30.78
N ASP A 155 4.50 -6.24 30.67
CA ASP A 155 3.64 -5.12 30.31
C ASP A 155 3.39 -4.20 31.51
N LEU A 156 3.07 -4.77 32.67
CA LEU A 156 2.88 -4.04 33.93
C LEU A 156 3.05 -5.02 35.10
N GLU A 157 2.18 -6.03 35.19
CA GLU A 157 2.12 -7.02 36.26
C GLU A 157 1.24 -8.18 35.78
N LYS A 158 1.40 -9.37 36.36
CA LYS A 158 0.48 -10.49 36.15
C LYS A 158 -0.93 -10.11 36.61
N THR A 159 -1.94 -10.85 36.15
CA THR A 159 -3.35 -10.62 36.44
C THR A 159 -4.02 -11.96 36.78
N LEU A 160 -5.19 -11.90 37.42
CA LEU A 160 -6.01 -13.04 37.81
C LEU A 160 -7.47 -12.59 37.85
N ASP A 161 -8.40 -13.51 37.57
CA ASP A 161 -9.83 -13.30 37.63
C ASP A 161 -10.49 -14.65 37.96
N LYS A 162 -11.73 -14.63 38.49
CA LYS A 162 -12.48 -15.86 38.81
C LYS A 162 -12.65 -16.76 37.58
N LYS A 163 -12.76 -16.16 36.37
CA LYS A 163 -13.01 -16.83 35.10
C LYS A 163 -14.07 -17.92 35.27
N MET A 4 -9.50 6.83 -25.77
CA MET A 4 -9.00 7.35 -24.48
C MET A 4 -9.16 6.27 -23.39
N PHE A 5 -8.33 6.29 -22.34
CA PHE A 5 -8.31 5.24 -21.32
C PHE A 5 -9.43 5.36 -20.28
N ASN A 6 -10.17 6.48 -20.22
CA ASN A 6 -11.30 6.62 -19.30
C ASN A 6 -12.33 5.51 -19.55
N ASN A 7 -12.93 4.99 -18.47
CA ASN A 7 -13.88 3.89 -18.48
C ASN A 7 -14.86 4.10 -17.32
N HIS A 8 -16.03 3.45 -17.36
CA HIS A 8 -17.07 3.58 -16.36
C HIS A 8 -16.58 3.23 -14.95
N GLU A 9 -15.67 2.26 -14.81
CA GLU A 9 -15.07 1.93 -13.52
C GLU A 9 -14.30 3.12 -12.96
N ILE A 10 -13.52 3.79 -13.80
CA ILE A 10 -12.73 4.93 -13.36
C ILE A 10 -13.67 6.09 -13.04
N ASP A 11 -14.68 6.35 -13.87
CA ASP A 11 -15.64 7.42 -13.61
C ASP A 11 -16.40 7.22 -12.29
N THR A 12 -16.83 5.98 -12.02
CA THR A 12 -17.57 5.66 -10.80
C THR A 12 -16.62 5.73 -9.59
N ILE A 13 -15.39 5.20 -9.71
CA ILE A 13 -14.42 5.21 -8.62
C ILE A 13 -14.06 6.65 -8.28
N LEU A 14 -13.73 7.48 -9.27
CA LEU A 14 -13.28 8.84 -9.01
C LEU A 14 -14.39 9.68 -8.38
N SER A 15 -15.64 9.46 -8.81
CA SER A 15 -16.79 10.09 -8.19
C SER A 15 -17.07 9.55 -6.80
N THR A 16 -16.86 8.27 -6.54
CA THR A 16 -17.02 7.73 -5.19
C THR A 16 -15.94 8.31 -4.27
N LEU A 17 -14.68 8.31 -4.71
CA LEU A 17 -13.58 8.92 -3.98
C LEU A 17 -13.91 10.38 -3.66
N ARG A 18 -14.39 11.12 -4.66
CA ARG A 18 -14.75 12.53 -4.48
C ARG A 18 -15.91 12.68 -3.49
N MET A 19 -17.00 11.93 -3.63
CA MET A 19 -18.14 12.08 -2.71
C MET A 19 -17.75 11.70 -1.27
N GLU A 20 -16.89 10.70 -1.10
CA GLU A 20 -16.49 10.18 0.21
C GLU A 20 -15.46 11.09 0.89
N ALA A 21 -14.55 11.69 0.11
CA ALA A 21 -13.40 12.40 0.62
C ALA A 21 -13.76 13.74 1.28
N ASP A 22 -12.79 14.29 1.99
CA ASP A 22 -12.82 15.66 2.54
C ASP A 22 -12.56 16.67 1.40
N PRO A 23 -13.27 17.82 1.34
CA PRO A 23 -13.13 18.81 0.26
C PRO A 23 -11.71 19.19 -0.15
N SER A 24 -10.76 19.32 0.80
CA SER A 24 -9.41 19.76 0.47
C SER A 24 -8.66 18.75 -0.41
N LEU A 25 -9.09 17.49 -0.43
CA LEU A 25 -8.47 16.43 -1.21
C LEU A 25 -8.91 16.47 -2.68
N HIS A 26 -10.06 17.08 -2.99
CA HIS A 26 -10.70 16.99 -4.30
C HIS A 26 -9.86 17.54 -5.48
N PRO A 27 -9.17 18.70 -5.40
CA PRO A 27 -8.49 19.29 -6.55
C PRO A 27 -7.52 18.32 -7.24
N LEU A 28 -6.79 17.53 -6.44
CA LEU A 28 -5.86 16.53 -6.94
C LEU A 28 -6.51 15.61 -7.98
N PHE A 29 -7.77 15.22 -7.77
CA PHE A 29 -8.41 14.27 -8.68
C PHE A 29 -8.68 14.84 -10.07
N GLU A 30 -8.60 16.16 -10.28
CA GLU A 30 -8.62 16.69 -11.64
C GLU A 30 -7.40 16.18 -12.41
N GLN A 31 -6.23 16.13 -11.76
CA GLN A 31 -5.02 15.58 -12.37
C GLN A 31 -5.17 14.08 -12.59
N PHE A 32 -5.78 13.36 -11.64
CA PHE A 32 -5.96 11.90 -11.79
C PHE A 32 -6.83 11.61 -13.01
N GLU A 33 -7.96 12.31 -13.12
CA GLU A 33 -8.84 12.22 -14.29
C GLU A 33 -8.02 12.44 -15.56
N LYS A 34 -7.31 13.57 -15.63
CA LYS A 34 -6.53 13.97 -16.79
C LYS A 34 -5.53 12.88 -17.17
N PHE A 35 -4.69 12.47 -16.24
CA PHE A 35 -3.59 11.57 -16.55
C PHE A 35 -4.04 10.12 -16.75
N TYR A 36 -5.00 9.59 -15.99
CA TYR A 36 -5.49 8.23 -16.26
C TYR A 36 -6.12 8.19 -17.64
N GLU A 37 -6.94 9.20 -18.02
CA GLU A 37 -7.59 9.25 -19.32
C GLU A 37 -6.59 9.21 -20.48
N GLU A 38 -5.37 9.71 -20.25
CA GLU A 38 -4.29 9.77 -21.24
C GLU A 38 -3.23 8.68 -21.01
N LYS A 39 -3.48 7.72 -20.10
CA LYS A 39 -2.57 6.62 -19.77
C LYS A 39 -1.23 7.10 -19.18
N LEU A 40 -1.16 8.29 -18.57
CA LEU A 40 0.03 8.82 -17.94
C LEU A 40 0.10 8.34 -16.49
N TRP A 41 0.28 7.03 -16.33
CA TRP A 41 0.49 6.37 -15.05
C TRP A 41 1.52 7.09 -14.19
N PHE A 42 2.58 7.63 -14.79
CA PHE A 42 3.67 8.26 -14.05
C PHE A 42 3.19 9.53 -13.35
N GLN A 43 2.58 10.47 -14.09
CA GLN A 43 2.11 11.74 -13.50
C GLN A 43 0.89 11.51 -12.62
N LEU A 44 0.07 10.52 -12.97
CA LEU A 44 -1.01 10.01 -12.13
C LEU A 44 -0.46 9.58 -10.76
N SER A 45 0.70 8.92 -10.73
CA SER A 45 1.35 8.52 -9.48
C SER A 45 1.86 9.72 -8.69
N GLU A 46 2.36 10.78 -9.34
CA GLU A 46 2.76 11.99 -8.62
C GLU A 46 1.53 12.61 -7.96
N SER A 47 0.44 12.65 -8.72
CA SER A 47 -0.84 13.18 -8.24
C SER A 47 -1.31 12.41 -7.00
N LEU A 48 -1.29 11.07 -7.06
CA LEU A 48 -1.61 10.21 -5.92
C LEU A 48 -0.56 10.33 -4.80
N THR A 49 0.71 10.60 -5.08
CA THR A 49 1.70 10.85 -4.04
C THR A 49 1.37 12.15 -3.30
N LYS A 50 1.03 13.23 -4.03
CA LYS A 50 0.61 14.49 -3.42
C LYS A 50 -0.68 14.29 -2.61
N PHE A 51 -1.61 13.49 -3.13
CA PHE A 51 -2.83 13.13 -2.42
C PHE A 51 -2.48 12.45 -1.09
N PHE A 52 -1.56 11.47 -1.07
CA PHE A 52 -1.14 10.81 0.15
C PHE A 52 -0.42 11.76 1.11
N ASP A 53 0.36 12.71 0.60
CA ASP A 53 1.06 13.69 1.45
C ASP A 53 0.07 14.62 2.16
N ASP A 54 -1.07 14.92 1.52
CA ASP A 54 -2.13 15.74 2.09
C ASP A 54 -2.92 15.03 3.20
N ALA A 55 -2.71 13.72 3.38
CA ALA A 55 -3.35 12.86 4.39
C ALA A 55 -4.88 13.06 4.43
N LYS A 56 -5.42 13.73 5.45
CA LYS A 56 -6.84 14.03 5.73
C LYS A 56 -7.71 12.81 6.02
N SER A 57 -7.59 11.78 5.19
CA SER A 57 -8.49 10.65 5.13
C SER A 57 -7.74 9.41 4.64
N THR A 58 -6.53 9.14 5.11
CA THR A 58 -5.63 8.13 4.55
C THR A 58 -6.29 6.75 4.25
N PRO A 59 -7.13 6.16 5.11
CA PRO A 59 -7.87 4.92 4.80
C PRO A 59 -8.72 4.96 3.51
N LEU A 60 -9.16 6.14 3.07
CA LEU A 60 -10.01 6.36 1.89
C LEU A 60 -9.42 5.73 0.62
N ARG A 61 -8.07 5.67 0.50
CA ARG A 61 -7.42 5.17 -0.70
C ARG A 61 -7.49 3.64 -0.83
N LEU A 62 -8.10 2.90 0.12
CA LEU A 62 -8.36 1.47 -0.10
C LEU A 62 -9.21 1.26 -1.37
N ARG A 63 -10.09 2.21 -1.72
CA ARG A 63 -10.84 2.15 -2.99
C ARG A 63 -9.91 2.25 -4.20
N LEU A 64 -8.88 3.11 -4.14
CA LEU A 64 -7.88 3.25 -5.20
C LEU A 64 -7.10 1.95 -5.33
N TYR A 65 -6.64 1.39 -4.21
CA TYR A 65 -5.89 0.14 -4.23
C TYR A 65 -6.71 -0.99 -4.86
N ASP A 66 -7.98 -1.11 -4.47
CA ASP A 66 -8.82 -2.26 -4.80
C ASP A 66 -9.00 -2.49 -6.31
N ASN A 67 -9.34 -1.45 -7.09
CA ASN A 67 -9.75 -1.64 -8.48
C ASN A 67 -9.27 -0.52 -9.44
N PHE A 68 -8.35 0.34 -9.02
CA PHE A 68 -7.85 1.44 -9.85
C PHE A 68 -6.34 1.30 -10.01
N VAL A 69 -5.58 1.32 -8.91
CA VAL A 69 -4.12 1.16 -8.92
C VAL A 69 -3.76 -0.25 -9.43
N SER A 70 -4.61 -1.24 -9.15
CA SER A 70 -4.44 -2.61 -9.64
C SER A 70 -4.36 -2.71 -11.17
N LYS A 71 -4.96 -1.77 -11.90
CA LYS A 71 -4.91 -1.76 -13.37
C LYS A 71 -3.54 -1.34 -13.90
N PHE A 72 -2.63 -0.82 -13.06
CA PHE A 72 -1.30 -0.35 -13.49
C PHE A 72 -0.21 -0.68 -12.46
N TYR A 73 -0.42 -1.66 -11.57
CA TYR A 73 0.49 -2.01 -10.45
C TYR A 73 1.96 -1.98 -10.85
N ASP A 74 2.35 -2.74 -11.88
CA ASP A 74 3.75 -2.99 -12.23
C ASP A 74 4.22 -2.06 -13.35
N LYS A 75 3.33 -1.24 -13.90
CA LYS A 75 3.68 -0.17 -14.84
C LYS A 75 4.42 0.97 -14.12
N ILE A 76 4.36 0.99 -12.79
CA ILE A 76 5.03 1.95 -11.92
C ILE A 76 5.74 1.17 -10.82
N ASN A 77 6.43 1.88 -9.93
CA ASN A 77 7.23 1.27 -8.88
C ASN A 77 6.34 0.45 -7.93
N GLN A 78 6.73 -0.81 -7.72
CA GLN A 78 6.00 -1.75 -6.87
C GLN A 78 5.83 -1.14 -5.48
N LEU A 79 6.93 -0.73 -4.84
CA LEU A 79 6.85 -0.13 -3.51
C LEU A 79 5.98 1.13 -3.46
N SER A 80 5.76 1.88 -4.54
CA SER A 80 4.81 2.99 -4.54
C SER A 80 3.39 2.47 -4.36
N VAL A 81 2.97 1.46 -5.14
CA VAL A 81 1.61 0.94 -4.99
C VAL A 81 1.44 0.23 -3.63
N VAL A 82 2.48 -0.44 -3.13
CA VAL A 82 2.44 -1.04 -1.79
C VAL A 82 2.39 0.08 -0.74
N LYS A 83 3.14 1.20 -0.89
CA LYS A 83 3.10 2.34 0.04
C LYS A 83 1.69 2.92 0.14
N TYR A 84 0.94 2.93 -0.96
CA TYR A 84 -0.44 3.40 -0.96
C TYR A 84 -1.26 2.52 -0.02
N LEU A 85 -1.19 1.19 -0.20
CA LEU A 85 -1.89 0.26 0.68
C LEU A 85 -1.43 0.48 2.12
N LEU A 86 -0.12 0.52 2.34
CA LEU A 86 0.50 0.62 3.67
C LEU A 86 -0.05 1.83 4.42
N ALA A 87 -0.07 3.01 3.80
CA ALA A 87 -0.51 4.23 4.46
C ALA A 87 -1.97 4.13 4.91
N SER A 88 -2.85 3.65 4.03
CA SER A 88 -4.26 3.48 4.37
C SER A 88 -4.44 2.45 5.48
N LEU A 89 -3.76 1.31 5.34
CA LEU A 89 -3.94 0.11 6.14
C LEU A 89 -3.34 0.27 7.53
N LYS A 90 -2.20 0.95 7.67
CA LYS A 90 -1.64 1.25 8.98
C LYS A 90 -2.54 2.25 9.70
N ASP A 91 -3.05 3.27 9.01
CA ASP A 91 -3.88 4.29 9.65
C ASP A 91 -5.28 3.77 9.98
N SER A 92 -5.67 2.63 9.40
CA SER A 92 -6.89 1.91 9.77
C SER A 92 -6.77 1.23 11.15
N LYS A 93 -5.62 1.34 11.84
CA LYS A 93 -5.40 0.88 13.21
C LYS A 93 -5.73 -0.61 13.39
N ASP A 94 -5.20 -1.46 12.51
CA ASP A 94 -5.38 -2.91 12.57
C ASP A 94 -4.03 -3.60 12.36
N PHE A 95 -3.87 -4.83 12.85
CA PHE A 95 -2.61 -5.56 12.86
C PHE A 95 -2.81 -7.02 12.40
N ASP A 96 -3.91 -7.33 11.70
CA ASP A 96 -4.25 -8.70 11.28
C ASP A 96 -4.73 -8.71 9.83
N GLU A 97 -5.70 -7.87 9.45
CA GLU A 97 -6.03 -7.70 8.03
C GLU A 97 -4.83 -7.05 7.33
N SER A 98 -4.07 -6.24 8.08
CA SER A 98 -2.79 -5.70 7.69
C SER A 98 -1.81 -6.78 7.23
N LEU A 99 -1.80 -7.94 7.91
CA LEU A 99 -0.93 -9.05 7.54
C LEU A 99 -1.48 -9.74 6.30
N LYS A 100 -2.79 -9.99 6.24
CA LYS A 100 -3.40 -10.69 5.11
C LYS A 100 -3.14 -9.94 3.81
N TYR A 101 -3.43 -8.64 3.77
CA TYR A 101 -3.33 -7.87 2.53
C TYR A 101 -1.87 -7.66 2.15
N LEU A 102 -0.96 -7.38 3.10
CA LEU A 102 0.45 -7.22 2.77
C LEU A 102 1.00 -8.55 2.26
N ASP A 103 0.72 -9.66 2.93
CA ASP A 103 1.31 -10.96 2.57
C ASP A 103 0.89 -11.37 1.16
N ASP A 104 -0.39 -11.16 0.82
CA ASP A 104 -0.90 -11.46 -0.52
C ASP A 104 -0.25 -10.56 -1.56
N LEU A 105 -0.22 -9.24 -1.32
CA LEU A 105 0.35 -8.28 -2.28
C LEU A 105 1.85 -8.52 -2.45
N LYS A 106 2.54 -8.85 -1.36
CA LYS A 106 3.96 -9.21 -1.36
C LYS A 106 4.18 -10.39 -2.31
N ALA A 107 3.35 -11.43 -2.21
CA ALA A 107 3.44 -12.60 -3.06
C ALA A 107 3.17 -12.23 -4.53
N GLN A 108 2.22 -11.35 -4.81
CA GLN A 108 1.97 -10.92 -6.19
C GLN A 108 3.22 -10.30 -6.79
N PHE A 109 3.91 -9.42 -6.05
CA PHE A 109 5.15 -8.82 -6.53
C PHE A 109 6.32 -9.80 -6.54
N GLN A 110 6.25 -10.91 -5.79
CA GLN A 110 7.24 -11.97 -5.89
C GLN A 110 7.20 -12.60 -7.28
N GLU A 111 6.00 -12.80 -7.83
CA GLU A 111 5.83 -13.39 -9.17
C GLU A 111 6.26 -12.41 -10.26
N LEU A 112 6.29 -11.11 -9.96
CA LEU A 112 6.73 -10.05 -10.86
C LEU A 112 8.22 -9.75 -10.67
N ASP A 113 8.90 -10.38 -9.71
CA ASP A 113 10.28 -10.03 -9.40
C ASP A 113 11.21 -10.34 -10.56
N SER A 114 10.96 -11.48 -11.21
CA SER A 114 11.68 -11.96 -12.39
C SER A 114 11.43 -11.08 -13.63
N LYS A 115 10.51 -10.12 -13.55
CA LYS A 115 10.18 -9.20 -14.65
C LYS A 115 10.89 -7.87 -14.41
N LYS A 116 11.08 -7.45 -13.15
CA LYS A 116 11.94 -6.29 -12.85
C LYS A 116 13.36 -6.56 -13.32
N GLN A 117 13.98 -7.65 -12.86
CA GLN A 117 15.40 -7.90 -13.04
C GLN A 117 15.76 -8.49 -14.42
N ARG A 118 15.03 -8.12 -15.48
CA ARG A 118 15.32 -8.58 -16.84
C ARG A 118 16.62 -8.01 -17.42
N ASN A 119 17.30 -7.09 -16.71
CA ASN A 119 18.65 -6.65 -17.05
C ASN A 119 19.62 -7.82 -16.86
N ASN A 120 19.71 -8.69 -17.88
CA ASN A 120 20.39 -9.98 -17.88
C ASN A 120 20.14 -10.77 -16.59
N GLY A 121 18.85 -11.06 -16.36
CA GLY A 121 18.35 -11.93 -15.30
C GLY A 121 16.95 -12.39 -15.69
N SER A 122 16.42 -13.40 -15.01
CA SER A 122 15.18 -14.05 -15.43
C SER A 122 14.51 -14.86 -14.31
N LYS A 123 14.90 -14.63 -13.04
CA LYS A 123 14.49 -15.44 -11.89
C LYS A 123 14.21 -14.49 -10.73
N ASP A 124 13.29 -14.87 -9.84
CA ASP A 124 12.96 -14.12 -8.63
C ASP A 124 14.13 -14.13 -7.64
N HIS A 125 14.43 -12.98 -7.04
CA HIS A 125 15.34 -12.83 -5.91
C HIS A 125 14.69 -11.99 -4.80
N GLY A 126 13.74 -11.11 -5.13
CA GLY A 126 12.90 -10.40 -4.18
C GLY A 126 13.40 -8.98 -3.89
N ASP A 127 14.27 -8.41 -4.73
CA ASP A 127 14.87 -7.10 -4.49
C ASP A 127 13.79 -6.03 -4.35
N GLY A 128 13.90 -5.20 -3.30
CA GLY A 128 12.90 -4.18 -2.96
C GLY A 128 11.73 -4.76 -2.17
N ILE A 129 11.31 -5.99 -2.47
CA ILE A 129 10.23 -6.68 -1.74
C ILE A 129 10.66 -6.96 -0.28
N LEU A 130 11.96 -6.84 0.02
CA LEU A 130 12.52 -6.85 1.37
C LEU A 130 11.81 -5.82 2.26
N LEU A 131 11.40 -4.67 1.72
CA LEU A 131 10.66 -3.65 2.48
C LEU A 131 9.34 -4.25 2.97
N ILE A 132 8.57 -4.89 2.08
CA ILE A 132 7.26 -5.41 2.43
C ILE A 132 7.42 -6.50 3.49
N ASP A 133 8.46 -7.33 3.41
CA ASP A 133 8.74 -8.35 4.42
C ASP A 133 8.96 -7.72 5.79
N SER A 134 9.68 -6.60 5.88
CA SER A 134 9.87 -5.87 7.12
C SER A 134 8.55 -5.26 7.63
N GLU A 135 7.68 -4.77 6.74
CA GLU A 135 6.38 -4.22 7.13
C GLU A 135 5.49 -5.32 7.72
N ILE A 136 5.44 -6.49 7.08
CA ILE A 136 4.73 -7.65 7.63
C ILE A 136 5.34 -7.97 9.00
N ALA A 137 6.68 -8.08 9.10
CA ALA A 137 7.35 -8.48 10.33
C ALA A 137 7.01 -7.55 11.49
N ARG A 138 7.17 -6.22 11.32
CA ARG A 138 6.88 -5.30 12.42
C ARG A 138 5.40 -5.33 12.78
N THR A 139 4.50 -5.49 11.80
CA THR A 139 3.07 -5.61 12.07
C THR A 139 2.80 -6.91 12.85
N TYR A 140 3.50 -7.99 12.54
CA TYR A 140 3.37 -9.28 13.22
C TYR A 140 3.82 -9.15 14.68
N LEU A 141 4.93 -8.46 14.93
CA LEU A 141 5.40 -8.17 16.28
C LEU A 141 4.35 -7.33 17.01
N LEU A 142 3.80 -6.31 16.34
CA LEU A 142 2.79 -5.41 16.89
C LEU A 142 1.43 -6.10 17.12
N LYS A 143 1.28 -7.39 16.79
CA LYS A 143 0.09 -8.14 17.21
C LYS A 143 0.08 -8.22 18.74
N ASN A 144 1.26 -8.33 19.37
CA ASN A 144 1.37 -8.21 20.83
C ASN A 144 1.15 -6.74 21.23
N ASP A 145 0.55 -6.52 22.39
CA ASP A 145 0.39 -5.21 23.03
C ASP A 145 0.11 -5.46 24.50
N LEU A 146 0.23 -4.43 25.36
CA LEU A 146 0.09 -4.54 26.82
C LEU A 146 -1.33 -4.89 27.28
N VAL A 147 -2.30 -5.00 26.35
CA VAL A 147 -3.67 -5.44 26.61
C VAL A 147 -4.01 -6.70 25.80
N LYS A 148 -3.00 -7.32 25.17
CA LYS A 148 -3.13 -8.56 24.38
C LYS A 148 -2.13 -9.61 24.85
N ALA A 149 -1.08 -9.20 25.58
CA ALA A 149 -0.14 -10.02 26.31
C ALA A 149 0.10 -9.33 27.66
N ARG A 150 0.57 -10.05 28.69
CA ARG A 150 0.64 -9.50 30.04
C ARG A 150 1.73 -8.43 30.17
N ASP A 151 2.71 -8.45 29.28
CA ASP A 151 3.81 -7.50 29.17
C ASP A 151 4.29 -7.52 27.72
N LEU A 152 5.16 -6.60 27.32
CA LEU A 152 5.74 -6.51 25.99
C LEU A 152 6.38 -7.87 25.63
N LEU A 153 5.88 -8.48 24.55
CA LEU A 153 6.26 -9.80 24.03
C LEU A 153 6.18 -10.94 25.07
N ASP A 154 5.30 -10.80 26.08
CA ASP A 154 4.98 -11.91 26.99
C ASP A 154 4.31 -13.06 26.24
N ASP A 155 3.66 -12.75 25.11
CA ASP A 155 3.08 -13.69 24.16
C ASP A 155 3.21 -13.06 22.77
N LEU A 156 3.30 -13.89 21.73
CA LEU A 156 3.36 -13.47 20.33
C LEU A 156 2.84 -14.64 19.50
N GLU A 157 2.21 -14.36 18.35
CA GLU A 157 1.64 -15.36 17.45
C GLU A 157 2.73 -16.16 16.68
N LYS A 158 3.99 -16.10 17.10
CA LYS A 158 5.12 -16.81 16.45
C LYS A 158 5.23 -18.22 17.02
N THR A 159 4.12 -18.85 17.40
CA THR A 159 4.10 -20.13 18.12
C THR A 159 4.75 -21.28 17.33
N LEU A 160 4.89 -21.14 16.01
CA LEU A 160 5.64 -22.06 15.16
C LEU A 160 7.11 -22.18 15.60
N ASP A 161 7.67 -21.13 16.21
CA ASP A 161 9.05 -21.07 16.68
C ASP A 161 9.10 -20.95 18.21
N LYS A 162 8.22 -20.14 18.79
CA LYS A 162 7.99 -20.04 20.23
C LYS A 162 7.14 -21.22 20.69
N LYS A 163 7.70 -22.43 20.63
CA LYS A 163 7.09 -23.61 21.23
C LYS A 163 6.77 -23.30 22.70
N MET A 4 -6.78 -5.32 -21.72
CA MET A 4 -7.04 -3.86 -21.74
C MET A 4 -7.93 -3.46 -20.57
N PHE A 5 -7.77 -2.23 -20.05
CA PHE A 5 -8.67 -1.65 -19.06
C PHE A 5 -10.06 -1.35 -19.65
N ASN A 6 -10.98 -0.86 -18.82
CA ASN A 6 -12.34 -0.51 -19.19
C ASN A 6 -12.67 0.87 -18.64
N ASN A 7 -13.57 1.60 -19.29
CA ASN A 7 -13.91 2.97 -18.89
C ASN A 7 -14.93 3.00 -17.74
N HIS A 8 -15.88 2.06 -17.71
CA HIS A 8 -17.02 2.12 -16.80
C HIS A 8 -16.58 2.12 -15.32
N GLU A 9 -15.69 1.19 -14.94
CA GLU A 9 -15.21 1.10 -13.57
C GLU A 9 -14.36 2.32 -13.23
N ILE A 10 -13.57 2.81 -14.17
CA ILE A 10 -12.71 3.94 -13.94
C ILE A 10 -13.56 5.18 -13.68
N ASP A 11 -14.57 5.43 -14.50
CA ASP A 11 -15.45 6.59 -14.35
C ASP A 11 -16.23 6.51 -13.04
N THR A 12 -16.77 5.34 -12.69
CA THR A 12 -17.56 5.18 -11.47
C THR A 12 -16.65 5.36 -10.25
N ILE A 13 -15.42 4.82 -10.26
CA ILE A 13 -14.47 5.00 -9.17
C ILE A 13 -14.11 6.48 -9.06
N LEU A 14 -13.85 7.18 -10.17
CA LEU A 14 -13.43 8.58 -10.11
C LEU A 14 -14.52 9.43 -9.45
N SER A 15 -15.77 9.25 -9.87
CA SER A 15 -16.89 9.95 -9.27
C SER A 15 -17.15 9.48 -7.84
N THR A 16 -16.83 8.24 -7.47
CA THR A 16 -16.90 7.82 -6.08
C THR A 16 -15.84 8.55 -5.25
N LEU A 17 -14.59 8.64 -5.73
CA LEU A 17 -13.55 9.41 -5.08
C LEU A 17 -14.02 10.83 -4.88
N ARG A 18 -14.55 11.47 -5.93
CA ARG A 18 -15.03 12.86 -5.84
C ARG A 18 -16.19 12.98 -4.85
N MET A 19 -17.22 12.13 -4.93
CA MET A 19 -18.38 12.27 -4.05
C MET A 19 -18.01 12.06 -2.58
N GLU A 20 -17.07 11.17 -2.30
CA GLU A 20 -16.70 10.79 -0.93
C GLU A 20 -15.71 11.81 -0.33
N ALA A 21 -14.87 12.43 -1.15
CA ALA A 21 -13.76 13.25 -0.70
C ALA A 21 -14.21 14.62 -0.23
N ASP A 22 -13.33 15.23 0.58
CA ASP A 22 -13.44 16.64 0.95
C ASP A 22 -13.18 17.51 -0.29
N PRO A 23 -13.91 18.62 -0.52
CA PRO A 23 -13.74 19.49 -1.68
C PRO A 23 -12.29 19.92 -1.96
N SER A 24 -11.44 20.04 -0.95
CA SER A 24 -10.04 20.43 -1.10
C SER A 24 -9.24 19.47 -2.00
N LEU A 25 -9.70 18.22 -2.12
CA LEU A 25 -9.04 17.16 -2.87
C LEU A 25 -9.47 17.16 -4.34
N HIS A 26 -10.54 17.87 -4.71
CA HIS A 26 -11.10 17.79 -6.05
C HIS A 26 -10.10 18.19 -7.14
N PRO A 27 -9.34 19.32 -7.04
CA PRO A 27 -8.35 19.67 -8.06
C PRO A 27 -7.30 18.57 -8.28
N LEU A 28 -6.86 17.91 -7.20
CA LEU A 28 -5.92 16.82 -7.27
C LEU A 28 -6.53 15.63 -8.01
N PHE A 29 -7.81 15.32 -7.77
CA PHE A 29 -8.45 14.21 -8.44
C PHE A 29 -8.84 14.51 -9.88
N GLU A 30 -9.04 15.77 -10.28
CA GLU A 30 -9.20 16.11 -11.69
C GLU A 30 -7.89 15.88 -12.44
N GLN A 31 -6.74 16.16 -11.81
CA GLN A 31 -5.43 15.84 -12.39
C GLN A 31 -5.24 14.32 -12.44
N PHE A 32 -5.61 13.59 -11.38
CA PHE A 32 -5.55 12.14 -11.33
C PHE A 32 -6.37 11.52 -12.48
N GLU A 33 -7.60 12.01 -12.72
CA GLU A 33 -8.44 11.60 -13.84
C GLU A 33 -7.68 11.76 -15.16
N LYS A 34 -7.18 12.98 -15.40
CA LYS A 34 -6.51 13.32 -16.65
C LYS A 34 -5.32 12.41 -16.87
N PHE A 35 -4.44 12.33 -15.87
CA PHE A 35 -3.25 11.50 -15.97
C PHE A 35 -3.61 10.04 -16.23
N TYR A 36 -4.61 9.45 -15.56
CA TYR A 36 -4.98 8.07 -15.86
C TYR A 36 -5.46 7.95 -17.32
N GLU A 37 -6.29 8.88 -17.79
CA GLU A 37 -6.84 8.85 -19.14
C GLU A 37 -5.71 8.94 -20.19
N GLU A 38 -4.67 9.73 -19.90
CA GLU A 38 -3.48 9.87 -20.73
C GLU A 38 -2.49 8.71 -20.56
N LYS A 39 -2.81 7.72 -19.72
CA LYS A 39 -1.93 6.62 -19.28
C LYS A 39 -0.66 7.12 -18.58
N LEU A 40 -0.68 8.35 -18.08
CA LEU A 40 0.41 9.04 -17.41
C LEU A 40 0.53 8.63 -15.95
N TRP A 41 0.76 7.33 -15.78
CA TRP A 41 0.83 6.64 -14.49
C TRP A 41 1.79 7.33 -13.52
N PHE A 42 2.91 7.87 -14.05
CA PHE A 42 3.95 8.46 -13.23
C PHE A 42 3.44 9.73 -12.54
N GLN A 43 2.86 10.68 -13.28
CA GLN A 43 2.35 11.92 -12.70
C GLN A 43 1.12 11.65 -11.85
N LEU A 44 0.33 10.65 -12.23
CA LEU A 44 -0.74 10.14 -11.38
C LEU A 44 -0.18 9.64 -10.05
N SER A 45 0.98 8.98 -10.05
CA SER A 45 1.60 8.52 -8.81
C SER A 45 2.12 9.69 -7.97
N GLU A 46 2.59 10.78 -8.59
CA GLU A 46 2.90 12.01 -7.85
C GLU A 46 1.62 12.54 -7.22
N SER A 47 0.52 12.47 -7.97
CA SER A 47 -0.78 12.96 -7.49
C SER A 47 -1.23 12.17 -6.25
N LEU A 48 -1.07 10.84 -6.25
CA LEU A 48 -1.34 10.05 -5.05
C LEU A 48 -0.25 10.24 -3.99
N THR A 49 0.98 10.59 -4.34
CA THR A 49 2.00 10.94 -3.35
C THR A 49 1.61 12.22 -2.62
N LYS A 50 1.09 13.23 -3.33
CA LYS A 50 0.57 14.45 -2.71
C LYS A 50 -0.59 14.09 -1.79
N PHE A 51 -1.53 13.25 -2.23
CA PHE A 51 -2.65 12.85 -1.39
C PHE A 51 -2.18 12.06 -0.16
N PHE A 52 -1.18 11.19 -0.33
CA PHE A 52 -0.58 10.39 0.74
C PHE A 52 0.05 11.29 1.82
N ASP A 53 0.70 12.38 1.42
CA ASP A 53 1.30 13.32 2.37
C ASP A 53 0.24 14.22 3.02
N ASP A 54 -0.73 14.67 2.22
CA ASP A 54 -1.79 15.60 2.64
C ASP A 54 -2.80 14.95 3.59
N ALA A 55 -3.04 13.64 3.43
CA ALA A 55 -3.80 12.76 4.34
C ALA A 55 -5.23 13.22 4.67
N LYS A 56 -5.83 14.12 3.89
CA LYS A 56 -7.16 14.70 4.17
C LYS A 56 -8.24 13.64 4.34
N SER A 57 -8.19 12.56 3.55
CA SER A 57 -9.24 11.56 3.43
C SER A 57 -8.62 10.17 3.22
N THR A 58 -7.53 9.87 3.91
CA THR A 58 -6.71 8.67 3.71
C THR A 58 -7.45 7.36 3.39
N PRO A 59 -8.51 6.94 4.11
CA PRO A 59 -9.27 5.72 3.79
C PRO A 59 -9.73 5.57 2.34
N LEU A 60 -9.91 6.69 1.60
CA LEU A 60 -10.28 6.65 0.19
C LEU A 60 -9.30 5.81 -0.64
N ARG A 61 -8.02 5.81 -0.29
CA ARG A 61 -7.01 5.08 -1.05
C ARG A 61 -7.24 3.57 -1.04
N LEU A 62 -8.09 3.02 -0.17
CA LEU A 62 -8.50 1.61 -0.26
C LEU A 62 -9.20 1.36 -1.61
N ARG A 63 -10.11 2.25 -2.02
CA ARG A 63 -10.87 2.08 -3.25
C ARG A 63 -9.94 2.14 -4.47
N LEU A 64 -8.99 3.08 -4.43
CA LEU A 64 -7.99 3.23 -5.48
C LEU A 64 -7.10 2.00 -5.55
N TYR A 65 -6.61 1.47 -4.43
CA TYR A 65 -5.80 0.27 -4.43
C TYR A 65 -6.59 -0.91 -5.00
N ASP A 66 -7.86 -1.08 -4.57
CA ASP A 66 -8.63 -2.29 -4.86
C ASP A 66 -8.79 -2.59 -6.34
N ASN A 67 -9.19 -1.61 -7.17
CA ASN A 67 -9.57 -1.89 -8.55
C ASN A 67 -9.11 -0.81 -9.54
N PHE A 68 -8.29 0.16 -9.12
CA PHE A 68 -7.86 1.26 -9.99
C PHE A 68 -6.34 1.17 -10.16
N VAL A 69 -5.57 1.41 -9.10
CA VAL A 69 -4.11 1.32 -9.11
C VAL A 69 -3.68 -0.10 -9.48
N SER A 70 -4.43 -1.12 -9.07
CA SER A 70 -4.17 -2.52 -9.39
C SER A 70 -4.12 -2.80 -10.90
N LYS A 71 -4.79 -2.00 -11.74
CA LYS A 71 -4.75 -2.17 -13.20
C LYS A 71 -3.38 -1.85 -13.79
N PHE A 72 -2.52 -1.11 -13.08
CA PHE A 72 -1.24 -0.63 -13.60
C PHE A 72 -0.14 -0.63 -12.54
N TYR A 73 -0.29 -1.36 -11.43
CA TYR A 73 0.73 -1.39 -10.38
C TYR A 73 2.07 -1.99 -10.82
N ASP A 74 2.11 -2.70 -11.95
CA ASP A 74 3.33 -3.16 -12.62
C ASP A 74 4.11 -2.00 -13.26
N LYS A 75 3.43 -0.89 -13.59
CA LYS A 75 3.97 0.21 -14.38
C LYS A 75 4.51 1.34 -13.52
N ILE A 76 4.38 1.26 -12.19
CA ILE A 76 4.77 2.32 -11.26
C ILE A 76 5.56 1.71 -10.09
N ASN A 77 6.12 2.60 -9.27
CA ASN A 77 6.95 2.22 -8.14
C ASN A 77 6.17 1.35 -7.15
N GLN A 78 6.68 0.15 -6.88
CA GLN A 78 6.08 -0.80 -5.95
C GLN A 78 5.88 -0.18 -4.56
N LEU A 79 6.83 0.67 -4.11
CA LEU A 79 6.72 1.29 -2.80
C LEU A 79 5.59 2.33 -2.77
N SER A 80 5.31 3.01 -3.88
CA SER A 80 4.20 3.97 -3.93
C SER A 80 2.86 3.26 -3.78
N VAL A 81 2.61 2.19 -4.53
CA VAL A 81 1.32 1.49 -4.44
C VAL A 81 1.12 0.93 -3.02
N VAL A 82 2.11 0.27 -2.43
CA VAL A 82 1.98 -0.20 -1.07
C VAL A 82 1.83 0.99 -0.13
N LYS A 83 2.53 2.12 -0.30
CA LYS A 83 2.36 3.30 0.57
C LYS A 83 0.90 3.76 0.61
N TYR A 84 0.17 3.75 -0.52
CA TYR A 84 -1.23 4.15 -0.53
C TYR A 84 -2.04 3.22 0.38
N LEU A 85 -1.84 1.90 0.22
CA LEU A 85 -2.54 0.90 1.01
C LEU A 85 -2.13 0.99 2.50
N LEU A 86 -0.83 1.12 2.77
CA LEU A 86 -0.22 1.25 4.09
C LEU A 86 -0.85 2.41 4.85
N ALA A 87 -0.94 3.61 4.24
CA ALA A 87 -1.53 4.76 4.92
C ALA A 87 -2.97 4.46 5.32
N SER A 88 -3.74 3.87 4.41
CA SER A 88 -5.12 3.51 4.67
C SER A 88 -5.23 2.51 5.83
N LEU A 89 -4.33 1.52 5.88
CA LEU A 89 -4.25 0.52 6.93
C LEU A 89 -3.78 1.11 8.26
N LYS A 90 -2.87 2.11 8.23
CA LYS A 90 -2.41 2.78 9.44
C LYS A 90 -3.58 3.50 10.08
N ASP A 91 -4.39 4.21 9.29
CA ASP A 91 -5.59 4.86 9.83
C ASP A 91 -6.64 3.84 10.30
N SER A 92 -6.71 2.69 9.64
CA SER A 92 -7.54 1.56 10.07
C SER A 92 -7.02 0.92 11.38
N LYS A 93 -5.80 1.27 11.82
CA LYS A 93 -5.12 0.87 13.06
C LYS A 93 -5.11 -0.64 13.34
N ASP A 94 -5.21 -1.47 12.32
CA ASP A 94 -5.36 -2.92 12.47
C ASP A 94 -4.16 -3.63 11.84
N PHE A 95 -3.18 -3.97 12.69
CA PHE A 95 -1.95 -4.62 12.27
C PHE A 95 -2.17 -6.05 11.76
N ASP A 96 -3.24 -6.74 12.17
CA ASP A 96 -3.49 -8.12 11.73
C ASP A 96 -4.03 -8.12 10.31
N GLU A 97 -4.99 -7.24 10.00
CA GLU A 97 -5.44 -7.04 8.64
C GLU A 97 -4.28 -6.50 7.79
N SER A 98 -3.41 -5.65 8.34
CA SER A 98 -2.24 -5.17 7.62
C SER A 98 -1.32 -6.32 7.21
N LEU A 99 -1.08 -7.28 8.12
CA LEU A 99 -0.33 -8.49 7.85
C LEU A 99 -0.96 -9.20 6.64
N LYS A 100 -2.27 -9.48 6.73
CA LYS A 100 -2.97 -10.26 5.72
C LYS A 100 -2.95 -9.58 4.36
N TYR A 101 -3.33 -8.30 4.29
CA TYR A 101 -3.42 -7.57 3.04
C TYR A 101 -2.08 -7.50 2.34
N LEU A 102 -0.98 -7.26 3.07
CA LEU A 102 0.29 -6.97 2.43
C LEU A 102 1.10 -8.23 2.20
N ASP A 103 0.92 -9.28 3.00
CA ASP A 103 1.51 -10.58 2.67
C ASP A 103 0.94 -11.08 1.33
N ASP A 104 -0.37 -10.92 1.14
CA ASP A 104 -1.02 -11.29 -0.11
C ASP A 104 -0.55 -10.41 -1.28
N LEU A 105 -0.45 -9.09 -1.07
CA LEU A 105 0.00 -8.18 -2.13
C LEU A 105 1.47 -8.42 -2.48
N LYS A 106 2.33 -8.65 -1.49
CA LYS A 106 3.73 -9.02 -1.70
C LYS A 106 3.79 -10.28 -2.55
N ALA A 107 2.93 -11.27 -2.27
CA ALA A 107 2.87 -12.50 -3.04
C ALA A 107 2.39 -12.22 -4.48
N GLN A 108 1.39 -11.37 -4.68
CA GLN A 108 0.92 -11.05 -6.04
C GLN A 108 2.07 -10.46 -6.87
N PHE A 109 2.82 -9.51 -6.30
CA PHE A 109 4.00 -8.96 -6.95
C PHE A 109 5.03 -10.05 -7.20
N GLN A 110 5.32 -10.89 -6.19
CA GLN A 110 6.25 -12.01 -6.32
C GLN A 110 5.89 -12.94 -7.49
N GLU A 111 4.62 -13.22 -7.71
CA GLU A 111 4.17 -14.21 -8.69
C GLU A 111 4.29 -13.66 -10.11
N LEU A 112 4.04 -12.37 -10.29
CA LEU A 112 4.25 -11.65 -11.53
C LEU A 112 5.77 -11.52 -11.74
N ASP A 113 6.51 -11.14 -10.70
CA ASP A 113 7.94 -10.83 -10.79
C ASP A 113 8.76 -12.06 -11.18
N SER A 114 8.48 -13.20 -10.54
CA SER A 114 9.09 -14.48 -10.90
C SER A 114 8.64 -15.02 -12.26
N LYS A 115 7.70 -14.35 -12.95
CA LYS A 115 7.28 -14.70 -14.31
C LYS A 115 7.94 -13.75 -15.30
N LYS A 116 7.96 -12.44 -15.04
CA LYS A 116 8.53 -11.47 -15.99
C LYS A 116 10.05 -11.40 -15.91
N GLN A 117 10.66 -11.60 -14.73
CA GLN A 117 12.08 -11.32 -14.50
C GLN A 117 12.67 -12.36 -13.54
N ARG A 118 12.69 -13.63 -13.93
CA ARG A 118 13.35 -14.71 -13.15
C ARG A 118 14.88 -14.64 -13.24
N ASN A 119 15.42 -13.44 -13.07
CA ASN A 119 16.83 -13.11 -12.87
C ASN A 119 16.98 -12.33 -11.56
N ASN A 120 15.86 -11.86 -10.98
CA ASN A 120 15.76 -11.27 -9.64
C ASN A 120 14.59 -11.91 -8.88
N GLY A 121 13.52 -12.32 -9.59
CA GLY A 121 12.43 -13.13 -9.05
C GLY A 121 12.81 -14.60 -8.85
N SER A 122 14.08 -14.95 -9.03
CA SER A 122 14.64 -16.29 -8.84
C SER A 122 14.51 -16.79 -7.40
N LYS A 123 14.29 -15.89 -6.43
CA LYS A 123 14.13 -16.17 -5.00
C LYS A 123 12.99 -15.31 -4.46
N ASP A 124 12.56 -15.58 -3.23
CA ASP A 124 11.50 -14.84 -2.56
C ASP A 124 11.79 -13.34 -2.51
N HIS A 125 13.05 -13.01 -2.21
CA HIS A 125 13.53 -11.67 -1.92
C HIS A 125 13.76 -10.84 -3.20
N GLY A 126 12.72 -10.73 -4.03
CA GLY A 126 12.73 -9.83 -5.17
C GLY A 126 12.82 -8.37 -4.72
N ASP A 127 13.24 -7.49 -5.63
CA ASP A 127 13.34 -6.06 -5.39
C ASP A 127 11.97 -5.46 -5.09
N GLY A 128 11.90 -4.53 -4.14
CA GLY A 128 10.68 -3.86 -3.71
C GLY A 128 9.85 -4.74 -2.78
N ILE A 129 9.53 -5.97 -3.22
CA ILE A 129 8.88 -6.96 -2.35
C ILE A 129 9.73 -7.30 -1.11
N LEU A 130 11.06 -7.11 -1.17
CA LEU A 130 11.93 -7.19 0.00
C LEU A 130 11.52 -6.22 1.12
N LEU A 131 11.11 -5.01 0.74
CA LEU A 131 10.68 -4.00 1.71
C LEU A 131 9.39 -4.47 2.36
N ILE A 132 8.42 -4.93 1.57
CA ILE A 132 7.14 -5.39 2.10
C ILE A 132 7.41 -6.58 3.04
N ASP A 133 8.31 -7.50 2.67
CA ASP A 133 8.62 -8.65 3.50
C ASP A 133 9.19 -8.24 4.85
N SER A 134 10.09 -7.25 4.84
CA SER A 134 10.69 -6.68 6.05
C SER A 134 9.65 -5.94 6.90
N GLU A 135 8.74 -5.21 6.25
CA GLU A 135 7.65 -4.51 6.91
C GLU A 135 6.74 -5.53 7.63
N ILE A 136 6.42 -6.62 6.94
CA ILE A 136 5.51 -7.63 7.46
C ILE A 136 6.20 -8.45 8.55
N ALA A 137 7.51 -8.72 8.47
CA ALA A 137 8.25 -9.31 9.57
C ALA A 137 8.14 -8.42 10.82
N ARG A 138 8.37 -7.11 10.70
CA ARG A 138 8.19 -6.18 11.83
C ARG A 138 6.73 -6.15 12.30
N THR A 139 5.76 -6.24 11.40
CA THR A 139 4.35 -6.28 11.77
C THR A 139 4.05 -7.57 12.57
N TYR A 140 4.67 -8.70 12.22
CA TYR A 140 4.52 -9.94 12.98
C TYR A 140 5.24 -9.83 14.34
N LEU A 141 6.39 -9.16 14.38
CA LEU A 141 7.13 -8.92 15.63
C LEU A 141 6.27 -8.10 16.60
N LEU A 142 5.43 -7.17 16.11
CA LEU A 142 4.50 -6.44 16.96
C LEU A 142 3.54 -7.39 17.68
N LYS A 143 3.05 -8.45 17.02
CA LYS A 143 2.18 -9.43 17.68
C LYS A 143 2.92 -10.10 18.84
N ASN A 144 4.20 -10.46 18.63
CA ASN A 144 5.01 -11.09 19.68
C ASN A 144 5.30 -10.11 20.82
N ASP A 145 5.55 -8.84 20.50
CA ASP A 145 5.86 -7.79 21.48
C ASP A 145 4.64 -7.41 22.33
N LEU A 146 3.45 -7.51 21.76
CA LEU A 146 2.17 -7.16 22.39
C LEU A 146 1.75 -8.25 23.40
N VAL A 147 2.50 -8.36 24.48
CA VAL A 147 2.27 -9.28 25.60
C VAL A 147 2.53 -8.53 26.92
N LYS A 148 2.21 -9.16 28.06
CA LYS A 148 2.41 -8.60 29.41
C LYS A 148 3.90 -8.70 29.82
N ALA A 149 4.80 -8.19 28.98
CA ALA A 149 6.22 -8.08 29.29
C ALA A 149 6.45 -7.13 30.48
N ARG A 150 7.65 -7.16 31.04
CA ARG A 150 8.11 -6.31 32.13
C ARG A 150 9.60 -6.05 31.92
N ASP A 151 10.13 -4.94 32.42
CA ASP A 151 11.57 -4.65 32.32
C ASP A 151 12.39 -5.72 33.05
N LEU A 152 11.95 -6.10 34.25
CA LEU A 152 12.50 -7.22 35.01
C LEU A 152 11.82 -8.51 34.53
N LEU A 153 12.01 -8.84 33.25
CA LEU A 153 11.41 -10.01 32.61
C LEU A 153 12.04 -11.32 33.11
N ASP A 154 13.09 -11.27 33.93
CA ASP A 154 13.79 -12.43 34.49
C ASP A 154 12.88 -13.38 35.27
N ASP A 155 11.69 -12.91 35.68
CA ASP A 155 10.65 -13.74 36.27
C ASP A 155 10.18 -14.87 35.34
N LEU A 156 10.36 -14.72 34.01
CA LEU A 156 9.88 -15.66 33.00
C LEU A 156 10.96 -15.95 31.94
N GLU A 157 11.83 -14.99 31.63
CA GLU A 157 12.81 -15.07 30.53
C GLU A 157 13.79 -16.26 30.67
N LYS A 158 13.87 -16.88 31.86
CA LYS A 158 14.64 -18.11 32.08
C LYS A 158 14.24 -19.25 31.12
N THR A 159 13.08 -19.19 30.48
CA THR A 159 12.71 -20.09 29.40
C THR A 159 13.80 -20.15 28.31
N LEU A 160 14.46 -19.03 28.02
CA LEU A 160 15.54 -18.97 27.02
C LEU A 160 16.72 -19.84 27.43
N ASP A 161 17.04 -19.90 28.73
CA ASP A 161 18.11 -20.75 29.25
C ASP A 161 17.65 -22.22 29.34
N LYS A 162 16.38 -22.44 29.69
CA LYS A 162 15.79 -23.77 29.78
C LYS A 162 15.75 -24.48 28.43
N LYS A 163 15.46 -23.73 27.35
CA LYS A 163 15.37 -24.24 25.98
C LYS A 163 16.67 -24.97 25.63
N MET A 4 -6.23 7.73 -25.18
CA MET A 4 -6.77 7.91 -23.81
C MET A 4 -7.27 6.57 -23.25
N PHE A 5 -7.26 6.40 -21.92
CA PHE A 5 -7.59 5.14 -21.25
C PHE A 5 -8.78 5.26 -20.28
N ASN A 6 -9.37 6.45 -20.15
CA ASN A 6 -10.57 6.65 -19.32
C ASN A 6 -11.72 5.80 -19.88
N ASN A 7 -12.62 5.35 -19.00
CA ASN A 7 -13.67 4.36 -19.29
C ASN A 7 -14.83 4.60 -18.32
N HIS A 8 -16.03 4.12 -18.65
CA HIS A 8 -17.24 4.26 -17.83
C HIS A 8 -17.00 3.84 -16.37
N GLU A 9 -16.30 2.73 -16.13
CA GLU A 9 -16.07 2.24 -14.78
C GLU A 9 -15.13 3.18 -14.02
N ILE A 10 -14.11 3.71 -14.69
CA ILE A 10 -13.19 4.66 -14.09
C ILE A 10 -13.92 5.97 -13.79
N ASP A 11 -14.81 6.44 -14.66
CA ASP A 11 -15.62 7.63 -14.40
C ASP A 11 -16.53 7.42 -13.18
N THR A 12 -17.00 6.18 -13.00
CA THR A 12 -17.73 5.76 -11.81
C THR A 12 -16.82 5.88 -10.57
N ILE A 13 -15.59 5.33 -10.62
CA ILE A 13 -14.66 5.36 -9.49
C ILE A 13 -14.36 6.82 -9.14
N LEU A 14 -14.01 7.63 -10.13
CA LEU A 14 -13.62 9.03 -9.91
C LEU A 14 -14.77 9.79 -9.28
N SER A 15 -15.98 9.65 -9.80
CA SER A 15 -17.16 10.29 -9.23
C SER A 15 -17.44 9.78 -7.82
N THR A 16 -17.20 8.50 -7.53
CA THR A 16 -17.42 7.99 -6.20
C THR A 16 -16.41 8.58 -5.21
N LEU A 17 -15.12 8.63 -5.55
CA LEU A 17 -14.16 9.29 -4.68
C LEU A 17 -14.47 10.79 -4.60
N ARG A 18 -14.79 11.46 -5.70
CA ARG A 18 -15.07 12.91 -5.67
C ARG A 18 -16.33 13.24 -4.89
N MET A 19 -17.34 12.35 -4.84
CA MET A 19 -18.54 12.61 -4.04
C MET A 19 -18.23 12.46 -2.54
N GLU A 20 -17.34 11.54 -2.21
CA GLU A 20 -16.97 11.16 -0.85
C GLU A 20 -15.93 12.14 -0.28
N ALA A 21 -15.01 12.60 -1.12
CA ALA A 21 -13.85 13.38 -0.75
C ALA A 21 -14.21 14.78 -0.28
N ASP A 22 -13.38 15.29 0.61
CA ASP A 22 -13.44 16.71 0.98
C ASP A 22 -12.96 17.53 -0.22
N PRO A 23 -13.64 18.61 -0.63
CA PRO A 23 -13.25 19.45 -1.76
C PRO A 23 -11.79 19.90 -1.76
N SER A 24 -11.13 20.02 -0.61
CA SER A 24 -9.74 20.42 -0.49
C SER A 24 -8.78 19.44 -1.21
N LEU A 25 -9.21 18.19 -1.42
CA LEU A 25 -8.42 17.19 -2.14
C LEU A 25 -8.51 17.40 -3.67
N HIS A 26 -9.57 18.01 -4.17
CA HIS A 26 -9.87 18.06 -5.61
C HIS A 26 -8.84 18.78 -6.48
N PRO A 27 -8.25 19.94 -6.12
CA PRO A 27 -7.35 20.68 -7.00
C PRO A 27 -6.16 19.86 -7.56
N LEU A 28 -5.68 18.87 -6.79
CA LEU A 28 -4.63 17.97 -7.27
C LEU A 28 -5.26 16.70 -7.86
N PHE A 29 -6.41 16.26 -7.33
CA PHE A 29 -7.04 15.03 -7.78
C PHE A 29 -7.57 15.12 -9.21
N GLU A 30 -7.90 16.32 -9.70
CA GLU A 30 -8.20 16.51 -11.11
C GLU A 30 -6.97 16.17 -11.97
N GLN A 31 -5.75 16.38 -11.47
CA GLN A 31 -4.54 16.03 -12.21
C GLN A 31 -4.37 14.51 -12.20
N PHE A 32 -4.62 13.83 -11.07
CA PHE A 32 -4.62 12.37 -10.98
C PHE A 32 -5.58 11.80 -12.04
N GLU A 33 -6.81 12.33 -12.11
CA GLU A 33 -7.80 11.94 -13.11
C GLU A 33 -7.23 12.09 -14.52
N LYS A 34 -6.76 13.30 -14.86
CA LYS A 34 -6.23 13.61 -16.18
C LYS A 34 -5.05 12.71 -16.54
N PHE A 35 -4.17 12.38 -15.59
CA PHE A 35 -3.00 11.56 -15.91
C PHE A 35 -3.41 10.12 -16.20
N TYR A 36 -4.40 9.56 -15.51
CA TYR A 36 -4.90 8.23 -15.89
C TYR A 36 -5.58 8.30 -17.26
N GLU A 37 -6.35 9.36 -17.54
CA GLU A 37 -7.00 9.52 -18.84
C GLU A 37 -5.96 9.54 -19.96
N GLU A 38 -4.82 10.19 -19.75
CA GLU A 38 -3.71 10.21 -20.71
C GLU A 38 -2.80 8.95 -20.62
N LYS A 39 -3.07 8.05 -19.66
CA LYS A 39 -2.31 6.82 -19.39
C LYS A 39 -0.87 7.09 -18.90
N LEU A 40 -0.60 8.24 -18.28
CA LEU A 40 0.71 8.51 -17.67
C LEU A 40 0.75 7.94 -16.26
N TRP A 41 0.86 6.61 -16.20
CA TRP A 41 0.92 5.84 -14.95
C TRP A 41 1.83 6.44 -13.88
N PHE A 42 3.01 6.95 -14.25
CA PHE A 42 3.99 7.40 -13.27
C PHE A 42 3.64 8.78 -12.71
N GLN A 43 3.13 9.70 -13.56
CA GLN A 43 2.66 11.01 -13.10
C GLN A 43 1.37 10.83 -12.28
N LEU A 44 0.52 9.90 -12.72
CA LEU A 44 -0.64 9.45 -11.97
C LEU A 44 -0.21 8.97 -10.58
N SER A 45 0.91 8.25 -10.47
CA SER A 45 1.39 7.74 -9.19
C SER A 45 1.82 8.87 -8.26
N GLU A 46 2.58 9.87 -8.73
CA GLU A 46 2.91 10.99 -7.83
C GLU A 46 1.65 11.75 -7.43
N SER A 47 0.67 11.85 -8.33
CA SER A 47 -0.59 12.51 -8.04
C SER A 47 -1.40 11.72 -7.00
N LEU A 48 -1.42 10.38 -7.06
CA LEU A 48 -2.04 9.54 -6.05
C LEU A 48 -1.27 9.65 -4.73
N THR A 49 0.06 9.73 -4.77
CA THR A 49 0.87 9.96 -3.58
C THR A 49 0.51 11.32 -2.96
N LYS A 50 0.38 12.38 -3.75
CA LYS A 50 -0.01 13.71 -3.26
C LYS A 50 -1.42 13.70 -2.69
N PHE A 51 -2.36 13.00 -3.33
CA PHE A 51 -3.71 12.80 -2.81
C PHE A 51 -3.64 12.16 -1.44
N PHE A 52 -2.80 11.14 -1.29
CA PHE A 52 -2.73 10.34 -0.07
C PHE A 52 -1.91 11.00 1.05
N ASP A 53 -1.07 11.98 0.71
CA ASP A 53 -0.32 12.74 1.71
C ASP A 53 -1.25 13.53 2.64
N ASP A 54 -2.42 13.96 2.13
CA ASP A 54 -3.46 14.55 2.95
C ASP A 54 -4.21 13.44 3.68
N ALA A 55 -4.25 13.53 5.02
CA ALA A 55 -4.84 12.49 5.88
C ALA A 55 -6.32 12.23 5.59
N LYS A 56 -7.07 13.15 4.95
CA LYS A 56 -8.46 12.92 4.59
C LYS A 56 -8.58 11.67 3.70
N SER A 57 -7.60 11.46 2.81
CA SER A 57 -7.65 10.41 1.83
C SER A 57 -7.40 9.01 2.40
N THR A 58 -6.81 8.91 3.60
CA THR A 58 -6.32 7.65 4.15
C THR A 58 -7.33 6.49 4.07
N PRO A 59 -8.55 6.58 4.64
CA PRO A 59 -9.59 5.57 4.43
C PRO A 59 -10.20 5.55 3.01
N LEU A 60 -10.64 6.69 2.47
CA LEU A 60 -11.44 6.71 1.24
C LEU A 60 -10.74 6.11 0.01
N ARG A 61 -9.40 6.09 0.01
CA ARG A 61 -8.58 5.63 -1.10
C ARG A 61 -8.52 4.10 -1.19
N LEU A 62 -9.08 3.36 -0.22
CA LEU A 62 -9.23 1.90 -0.32
C LEU A 62 -9.95 1.49 -1.61
N ARG A 63 -10.88 2.31 -2.11
CA ARG A 63 -11.53 2.07 -3.41
C ARG A 63 -10.51 2.00 -4.54
N LEU A 64 -9.47 2.83 -4.51
CA LEU A 64 -8.43 2.85 -5.54
C LEU A 64 -7.59 1.59 -5.44
N TYR A 65 -7.27 1.09 -4.24
CA TYR A 65 -6.60 -0.22 -4.17
C TYR A 65 -7.50 -1.31 -4.78
N ASP A 66 -8.78 -1.30 -4.39
CA ASP A 66 -9.71 -2.39 -4.69
C ASP A 66 -10.14 -2.44 -6.17
N ASN A 67 -10.01 -1.34 -6.94
CA ASN A 67 -10.60 -1.27 -8.30
C ASN A 67 -9.79 -0.48 -9.33
N PHE A 68 -8.69 0.18 -8.96
CA PHE A 68 -8.03 1.13 -9.85
C PHE A 68 -6.54 0.87 -9.96
N VAL A 69 -5.78 0.97 -8.87
CA VAL A 69 -4.33 0.79 -8.85
C VAL A 69 -3.99 -0.64 -9.28
N SER A 70 -4.87 -1.61 -8.98
CA SER A 70 -4.79 -2.99 -9.43
C SER A 70 -4.66 -3.15 -10.95
N LYS A 71 -5.11 -2.18 -11.75
CA LYS A 71 -5.04 -2.26 -13.21
C LYS A 71 -3.63 -1.98 -13.74
N PHE A 72 -2.74 -1.34 -12.97
CA PHE A 72 -1.45 -0.87 -13.46
C PHE A 72 -0.33 -0.95 -12.40
N TYR A 73 -0.56 -1.59 -11.25
CA TYR A 73 0.46 -1.79 -10.21
C TYR A 73 1.77 -2.43 -10.75
N ASP A 74 1.69 -3.25 -11.80
CA ASP A 74 2.84 -3.84 -12.49
C ASP A 74 3.73 -2.80 -13.19
N LYS A 75 3.19 -1.62 -13.53
CA LYS A 75 3.86 -0.59 -14.32
C LYS A 75 4.37 0.55 -13.44
N ILE A 76 4.14 0.51 -12.12
CA ILE A 76 4.51 1.59 -11.21
C ILE A 76 5.26 1.03 -10.00
N ASN A 77 5.81 1.94 -9.21
CA ASN A 77 6.72 1.61 -8.11
C ASN A 77 6.00 0.81 -7.03
N GLN A 78 6.55 -0.39 -6.73
CA GLN A 78 6.03 -1.29 -5.69
C GLN A 78 5.78 -0.51 -4.40
N LEU A 79 6.80 0.21 -3.90
CA LEU A 79 6.69 0.96 -2.64
C LEU A 79 5.58 2.00 -2.67
N SER A 80 5.24 2.59 -3.83
CA SER A 80 4.09 3.48 -3.93
C SER A 80 2.79 2.72 -3.65
N VAL A 81 2.51 1.63 -4.37
CA VAL A 81 1.21 0.99 -4.22
C VAL A 81 1.02 0.43 -2.81
N VAL A 82 2.08 -0.14 -2.22
CA VAL A 82 2.00 -0.64 -0.86
C VAL A 82 1.87 0.52 0.11
N LYS A 83 2.57 1.66 -0.06
CA LYS A 83 2.42 2.81 0.85
C LYS A 83 0.96 3.24 0.95
N TYR A 84 0.23 3.16 -0.16
CA TYR A 84 -1.18 3.49 -0.19
C TYR A 84 -1.95 2.53 0.74
N LEU A 85 -1.87 1.23 0.45
CA LEU A 85 -2.58 0.20 1.22
C LEU A 85 -2.16 0.21 2.69
N LEU A 86 -0.86 0.45 2.93
CA LEU A 86 -0.25 0.50 4.24
C LEU A 86 -0.94 1.58 5.06
N ALA A 87 -0.98 2.85 4.66
CA ALA A 87 -1.53 3.86 5.57
C ALA A 87 -3.02 3.62 5.83
N SER A 88 -3.79 3.15 4.84
CA SER A 88 -5.19 2.79 5.09
C SER A 88 -5.31 1.73 6.19
N LEU A 89 -4.49 0.67 6.15
CA LEU A 89 -4.60 -0.47 7.09
C LEU A 89 -3.88 -0.21 8.42
N LYS A 90 -2.88 0.67 8.43
CA LYS A 90 -2.18 1.09 9.65
C LYS A 90 -3.03 2.11 10.41
N ASP A 91 -3.81 2.94 9.72
CA ASP A 91 -4.74 3.88 10.37
C ASP A 91 -5.98 3.15 10.88
N SER A 92 -6.45 2.12 10.16
CA SER A 92 -7.50 1.23 10.64
C SER A 92 -7.05 0.60 11.97
N LYS A 93 -7.93 0.57 12.97
CA LYS A 93 -7.60 0.15 14.35
C LYS A 93 -7.60 -1.39 14.48
N ASP A 94 -7.08 -2.08 13.47
CA ASP A 94 -6.93 -3.53 13.42
C ASP A 94 -5.67 -3.79 12.59
N PHE A 95 -4.54 -3.31 13.13
CA PHE A 95 -3.24 -3.22 12.46
C PHE A 95 -2.76 -4.54 11.87
N ASP A 96 -3.18 -5.68 12.43
CA ASP A 96 -2.84 -7.03 11.96
C ASP A 96 -3.33 -7.29 10.53
N GLU A 97 -4.32 -6.53 10.04
CA GLU A 97 -4.73 -6.62 8.65
C GLU A 97 -3.57 -6.23 7.72
N SER A 98 -2.63 -5.39 8.16
CA SER A 98 -1.46 -5.04 7.37
C SER A 98 -0.63 -6.30 7.09
N LEU A 99 -0.44 -7.17 8.09
CA LEU A 99 0.27 -8.43 7.95
C LEU A 99 -0.42 -9.28 6.89
N LYS A 100 -1.75 -9.43 6.98
CA LYS A 100 -2.53 -10.24 6.05
C LYS A 100 -2.41 -9.71 4.62
N TYR A 101 -2.79 -8.45 4.42
CA TYR A 101 -2.93 -7.88 3.10
C TYR A 101 -1.59 -7.70 2.41
N LEU A 102 -0.54 -7.26 3.12
CA LEU A 102 0.71 -6.93 2.45
C LEU A 102 1.50 -8.20 2.17
N ASP A 103 1.32 -9.29 2.92
CA ASP A 103 1.88 -10.59 2.55
C ASP A 103 1.26 -11.08 1.23
N ASP A 104 -0.06 -10.93 1.09
CA ASP A 104 -0.76 -11.31 -0.14
C ASP A 104 -0.33 -10.43 -1.33
N LEU A 105 -0.25 -9.11 -1.12
CA LEU A 105 0.18 -8.18 -2.16
C LEU A 105 1.64 -8.41 -2.53
N LYS A 106 2.50 -8.75 -1.56
CA LYS A 106 3.87 -9.17 -1.84
C LYS A 106 3.85 -10.42 -2.72
N ALA A 107 3.01 -11.41 -2.46
CA ALA A 107 2.98 -12.61 -3.28
C ALA A 107 2.55 -12.30 -4.72
N GLN A 108 1.60 -11.38 -4.91
CA GLN A 108 1.29 -10.88 -6.26
C GLN A 108 2.55 -10.31 -6.91
N PHE A 109 3.29 -9.46 -6.18
CA PHE A 109 4.53 -8.91 -6.69
C PHE A 109 5.63 -9.96 -6.86
N GLN A 110 5.64 -11.10 -6.17
CA GLN A 110 6.59 -12.18 -6.43
C GLN A 110 6.35 -12.78 -7.81
N GLU A 111 5.10 -12.85 -8.26
CA GLU A 111 4.77 -13.37 -9.58
C GLU A 111 5.15 -12.33 -10.64
N LEU A 112 4.95 -11.04 -10.37
CA LEU A 112 5.41 -9.98 -11.26
C LEU A 112 6.95 -9.91 -11.27
N ASP A 113 7.60 -10.22 -10.15
CA ASP A 113 9.06 -10.31 -10.05
C ASP A 113 9.56 -11.46 -10.93
N SER A 114 8.83 -12.58 -10.93
CA SER A 114 9.05 -13.70 -11.85
C SER A 114 8.83 -13.30 -13.31
N LYS A 115 7.96 -12.32 -13.58
CA LYS A 115 7.64 -11.86 -14.92
C LYS A 115 8.78 -11.07 -15.55
N LYS A 116 9.50 -10.26 -14.76
CA LYS A 116 10.47 -9.29 -15.28
C LYS A 116 11.91 -9.50 -14.82
N GLN A 117 12.15 -10.35 -13.83
CA GLN A 117 13.44 -10.49 -13.15
C GLN A 117 13.67 -11.98 -12.84
N ARG A 118 13.23 -12.87 -13.74
CA ARG A 118 13.34 -14.32 -13.58
C ARG A 118 14.79 -14.77 -13.45
N ASN A 119 15.71 -14.13 -14.18
CA ASN A 119 17.14 -14.41 -14.33
C ASN A 119 17.51 -15.89 -14.20
N ASN A 120 17.68 -16.43 -12.99
CA ASN A 120 18.00 -17.84 -12.73
C ASN A 120 17.21 -18.34 -11.52
N GLY A 121 15.88 -18.20 -11.57
CA GLY A 121 15.00 -18.47 -10.45
C GLY A 121 15.09 -17.35 -9.41
N SER A 122 15.42 -16.14 -9.84
CA SER A 122 15.77 -14.99 -9.01
C SER A 122 14.54 -14.17 -8.59
N LYS A 123 13.33 -14.75 -8.68
CA LYS A 123 12.12 -14.15 -8.11
C LYS A 123 12.27 -13.97 -6.60
N ASP A 124 11.34 -13.22 -5.99
CA ASP A 124 11.32 -12.92 -4.56
C ASP A 124 12.60 -12.22 -4.10
N HIS A 125 13.18 -11.38 -4.98
CA HIS A 125 14.39 -10.58 -4.70
C HIS A 125 14.24 -9.13 -5.15
N GLY A 126 13.12 -8.73 -5.77
CA GLY A 126 12.83 -7.32 -6.04
C GLY A 126 12.97 -6.50 -4.75
N ASP A 127 13.69 -5.38 -4.82
CA ASP A 127 14.07 -4.61 -3.61
C ASP A 127 12.84 -4.12 -2.85
N GLY A 128 11.77 -3.76 -3.57
CA GLY A 128 10.52 -3.34 -2.96
C GLY A 128 9.90 -4.46 -2.13
N ILE A 129 9.83 -5.68 -2.65
CA ILE A 129 9.26 -6.80 -1.91
C ILE A 129 10.17 -7.29 -0.77
N LEU A 130 11.48 -7.05 -0.84
CA LEU A 130 12.36 -7.27 0.31
C LEU A 130 11.99 -6.30 1.43
N LEU A 131 11.74 -5.03 1.10
CA LEU A 131 11.26 -4.05 2.08
C LEU A 131 9.87 -4.45 2.59
N ILE A 132 8.94 -4.89 1.73
CA ILE A 132 7.59 -5.26 2.15
C ILE A 132 7.66 -6.45 3.12
N ASP A 133 8.54 -7.43 2.89
CA ASP A 133 8.78 -8.53 3.83
C ASP A 133 9.30 -8.00 5.17
N SER A 134 10.18 -6.99 5.13
CA SER A 134 10.71 -6.36 6.34
C SER A 134 9.61 -5.59 7.09
N GLU A 135 8.70 -4.95 6.36
CA GLU A 135 7.61 -4.15 6.92
C GLU A 135 6.62 -5.08 7.64
N ILE A 136 6.16 -6.15 6.97
CA ILE A 136 5.23 -7.08 7.59
C ILE A 136 5.93 -7.90 8.69
N ALA A 137 7.23 -8.17 8.57
CA ALA A 137 8.01 -8.75 9.65
C ALA A 137 7.99 -7.84 10.88
N ARG A 138 8.21 -6.53 10.73
CA ARG A 138 8.14 -5.60 11.86
C ARG A 138 6.72 -5.51 12.42
N THR A 139 5.70 -5.61 11.56
CA THR A 139 4.30 -5.67 12.00
C THR A 139 4.08 -6.92 12.87
N TYR A 140 4.56 -8.10 12.44
CA TYR A 140 4.42 -9.36 13.17
C TYR A 140 5.22 -9.33 14.49
N LEU A 141 6.38 -8.66 14.47
CA LEU A 141 7.22 -8.39 15.63
C LEU A 141 6.55 -7.36 16.57
N LEU A 142 5.56 -6.61 16.08
CA LEU A 142 4.94 -5.46 16.75
C LEU A 142 6.00 -4.46 17.25
N LYS A 143 7.14 -4.38 16.54
CA LYS A 143 8.35 -3.65 16.92
C LYS A 143 8.75 -3.86 18.40
N ASN A 144 8.41 -5.02 18.99
CA ASN A 144 8.60 -5.28 20.42
C ASN A 144 10.08 -5.29 20.81
N ASP A 145 10.93 -5.76 19.90
CA ASP A 145 12.38 -5.85 20.06
C ASP A 145 13.01 -5.52 18.71
N LEU A 146 12.89 -4.24 18.33
CA LEU A 146 13.21 -3.72 17.00
C LEU A 146 14.73 -3.74 16.72
N VAL A 147 15.27 -4.93 16.46
CA VAL A 147 16.62 -5.12 15.97
C VAL A 147 16.69 -4.61 14.52
N LYS A 148 17.89 -4.28 14.05
CA LYS A 148 18.19 -3.95 12.66
C LYS A 148 19.57 -4.52 12.34
N ALA A 149 19.80 -4.86 11.08
CA ALA A 149 21.06 -5.43 10.58
C ALA A 149 21.17 -5.16 9.08
N ARG A 150 22.34 -5.44 8.50
CA ARG A 150 22.58 -5.44 7.06
C ARG A 150 23.69 -6.46 6.75
N ASP A 151 23.91 -6.75 5.48
CA ASP A 151 24.80 -7.83 5.03
C ASP A 151 26.25 -7.62 5.47
N LEU A 152 26.71 -6.36 5.52
CA LEU A 152 28.06 -5.98 5.94
C LEU A 152 27.96 -4.62 6.61
N LEU A 153 28.54 -4.50 7.80
CA LEU A 153 28.69 -3.26 8.57
C LEU A 153 29.93 -3.41 9.44
N ASP A 154 30.49 -2.29 9.90
CA ASP A 154 31.75 -2.27 10.65
C ASP A 154 31.67 -3.03 11.97
N ASP A 155 30.47 -3.11 12.57
CA ASP A 155 30.21 -3.83 13.81
C ASP A 155 30.34 -5.35 13.67
N LEU A 156 30.33 -5.89 12.44
CA LEU A 156 30.46 -7.32 12.17
C LEU A 156 31.81 -7.82 12.68
N GLU A 157 31.79 -8.83 13.56
CA GLU A 157 32.95 -9.55 14.07
C GLU A 157 32.48 -10.95 14.51
N LYS A 158 33.41 -11.90 14.66
CA LYS A 158 33.11 -13.30 14.97
C LYS A 158 34.13 -13.89 15.96
N THR A 159 34.71 -13.08 16.86
CA THR A 159 35.68 -13.60 17.84
C THR A 159 34.97 -14.55 18.80
N LEU A 160 35.73 -15.46 19.43
CA LEU A 160 35.22 -16.47 20.38
C LEU A 160 35.78 -16.20 21.78
N ASP A 161 36.28 -14.98 22.02
CA ASP A 161 36.74 -14.51 23.34
C ASP A 161 35.60 -14.39 24.35
N LYS A 162 34.34 -14.48 23.88
CA LYS A 162 33.11 -14.38 24.65
C LYS A 162 32.08 -15.34 24.03
N LYS A 163 30.96 -15.55 24.72
CA LYS A 163 29.83 -16.33 24.25
C LYS A 163 28.58 -15.68 24.83
N MET A 4 -10.24 4.52 -24.55
CA MET A 4 -9.60 5.15 -23.37
C MET A 4 -9.57 4.18 -22.19
N PHE A 5 -8.55 4.28 -21.33
CA PHE A 5 -8.47 3.49 -20.09
C PHE A 5 -9.59 3.89 -19.12
N ASN A 6 -9.92 5.18 -19.05
CA ASN A 6 -11.10 5.65 -18.31
C ASN A 6 -12.33 5.01 -18.94
N ASN A 7 -13.10 4.28 -18.13
CA ASN A 7 -14.21 3.41 -18.52
C ASN A 7 -15.17 3.30 -17.33
N HIS A 8 -16.26 2.56 -17.49
CA HIS A 8 -17.33 2.46 -16.50
C HIS A 8 -16.86 2.12 -15.07
N GLU A 9 -15.83 1.28 -14.89
CA GLU A 9 -15.30 0.97 -13.56
C GLU A 9 -14.64 2.22 -12.97
N ILE A 10 -13.77 2.85 -13.74
CA ILE A 10 -12.99 3.99 -13.30
C ILE A 10 -13.91 5.19 -13.04
N ASP A 11 -14.96 5.37 -13.85
CA ASP A 11 -15.97 6.41 -13.61
C ASP A 11 -16.70 6.17 -12.29
N THR A 12 -16.99 4.91 -11.97
CA THR A 12 -17.55 4.51 -10.68
C THR A 12 -16.58 4.88 -9.56
N ILE A 13 -15.29 4.55 -9.72
CA ILE A 13 -14.28 4.78 -8.69
C ILE A 13 -14.16 6.29 -8.46
N LEU A 14 -13.95 7.08 -9.51
CA LEU A 14 -13.74 8.51 -9.38
C LEU A 14 -14.95 9.19 -8.77
N SER A 15 -16.17 8.80 -9.14
CA SER A 15 -17.37 9.34 -8.56
C SER A 15 -17.48 8.96 -7.10
N THR A 16 -17.27 7.70 -6.72
CA THR A 16 -17.37 7.31 -5.32
C THR A 16 -16.34 8.07 -4.49
N LEU A 17 -15.10 8.15 -4.97
CA LEU A 17 -14.03 8.89 -4.34
C LEU A 17 -14.43 10.36 -4.18
N ARG A 18 -14.94 11.00 -5.24
CA ARG A 18 -15.38 12.39 -5.18
C ARG A 18 -16.51 12.56 -4.16
N MET A 19 -17.46 11.62 -4.08
CA MET A 19 -18.50 11.68 -3.04
C MET A 19 -17.93 11.54 -1.62
N GLU A 20 -17.00 10.60 -1.43
CA GLU A 20 -16.40 10.30 -0.13
C GLU A 20 -15.44 11.41 0.32
N ALA A 21 -14.84 12.10 -0.65
CA ALA A 21 -13.77 13.06 -0.47
C ALA A 21 -14.20 14.30 0.31
N ASP A 22 -13.31 14.73 1.20
CA ASP A 22 -13.39 16.02 1.88
C ASP A 22 -13.21 17.10 0.80
N PRO A 23 -13.93 18.25 0.84
CA PRO A 23 -13.80 19.31 -0.15
C PRO A 23 -12.36 19.74 -0.49
N SER A 24 -11.43 19.67 0.47
CA SER A 24 -10.03 20.04 0.28
C SER A 24 -9.32 19.15 -0.76
N LEU A 25 -9.83 17.94 -0.99
CA LEU A 25 -9.17 16.90 -1.78
C LEU A 25 -9.64 16.91 -3.24
N HIS A 26 -10.77 17.56 -3.56
CA HIS A 26 -11.34 17.50 -4.91
C HIS A 26 -10.39 17.97 -6.01
N PRO A 27 -9.69 19.12 -5.92
CA PRO A 27 -8.88 19.64 -7.03
C PRO A 27 -7.82 18.65 -7.50
N LEU A 28 -7.15 17.98 -6.55
CA LEU A 28 -6.08 17.05 -6.85
C LEU A 28 -6.57 15.84 -7.65
N PHE A 29 -7.80 15.37 -7.41
CA PHE A 29 -8.33 14.24 -8.15
C PHE A 29 -8.57 14.57 -9.63
N GLU A 30 -8.66 15.85 -10.01
CA GLU A 30 -8.78 16.22 -11.42
C GLU A 30 -7.52 15.79 -12.19
N GLN A 31 -6.33 16.02 -11.63
CA GLN A 31 -5.08 15.65 -12.28
C GLN A 31 -4.93 14.12 -12.27
N PHE A 32 -5.28 13.48 -11.15
CA PHE A 32 -5.22 12.04 -11.02
C PHE A 32 -6.07 11.36 -12.11
N GLU A 33 -7.31 11.82 -12.30
CA GLU A 33 -8.21 11.33 -13.34
C GLU A 33 -7.58 11.52 -14.71
N LYS A 34 -7.18 12.76 -15.00
CA LYS A 34 -6.65 13.15 -16.30
C LYS A 34 -5.46 12.29 -16.68
N PHE A 35 -4.45 12.25 -15.81
CA PHE A 35 -3.22 11.54 -16.13
C PHE A 35 -3.44 10.03 -16.25
N TYR A 36 -4.39 9.42 -15.52
CA TYR A 36 -4.73 8.02 -15.79
C TYR A 36 -5.36 7.87 -17.17
N GLU A 37 -6.31 8.74 -17.53
CA GLU A 37 -6.99 8.70 -18.82
C GLU A 37 -5.98 8.84 -19.98
N GLU A 38 -4.95 9.68 -19.80
CA GLU A 38 -3.91 9.91 -20.80
C GLU A 38 -2.83 8.82 -20.82
N LYS A 39 -2.94 7.76 -20.02
CA LYS A 39 -1.93 6.69 -19.88
C LYS A 39 -0.60 7.25 -19.36
N LEU A 40 -0.65 8.22 -18.43
CA LEU A 40 0.50 8.94 -17.91
C LEU A 40 0.68 8.58 -16.46
N TRP A 41 0.99 7.29 -16.30
CA TRP A 41 1.04 6.59 -15.02
C TRP A 41 1.89 7.30 -13.97
N PHE A 42 3.03 7.86 -14.35
CA PHE A 42 3.95 8.47 -13.39
C PHE A 42 3.42 9.81 -12.90
N GLN A 43 2.76 10.59 -13.76
CA GLN A 43 2.14 11.86 -13.38
C GLN A 43 0.90 11.59 -12.51
N LEU A 44 0.15 10.53 -12.87
CA LEU A 44 -0.92 9.98 -12.06
C LEU A 44 -0.37 9.64 -10.67
N SER A 45 0.80 9.00 -10.61
CA SER A 45 1.42 8.62 -9.36
C SER A 45 1.83 9.83 -8.54
N GLU A 46 2.37 10.91 -9.12
CA GLU A 46 2.70 12.09 -8.32
C GLU A 46 1.42 12.72 -7.76
N SER A 47 0.33 12.70 -8.52
CA SER A 47 -0.95 13.22 -8.06
C SER A 47 -1.43 12.43 -6.83
N LEU A 48 -1.39 11.10 -6.92
CA LEU A 48 -1.71 10.20 -5.81
C LEU A 48 -0.76 10.44 -4.61
N THR A 49 0.53 10.64 -4.87
CA THR A 49 1.53 10.88 -3.84
C THR A 49 1.26 12.21 -3.12
N LYS A 50 0.93 13.28 -3.85
CA LYS A 50 0.59 14.57 -3.25
C LYS A 50 -0.64 14.42 -2.34
N PHE A 51 -1.56 13.51 -2.66
CA PHE A 51 -2.71 13.20 -1.81
C PHE A 51 -2.22 12.66 -0.46
N PHE A 52 -1.22 11.77 -0.46
CA PHE A 52 -0.61 11.27 0.77
C PHE A 52 0.28 12.30 1.47
N ASP A 53 0.81 13.31 0.78
CA ASP A 53 1.53 14.41 1.42
C ASP A 53 0.56 15.29 2.20
N ASP A 54 -0.63 15.54 1.64
CA ASP A 54 -1.68 16.35 2.28
C ASP A 54 -2.38 15.57 3.41
N ALA A 55 -2.45 14.23 3.28
CA ALA A 55 -2.89 13.29 4.32
C ALA A 55 -4.22 13.65 5.02
N LYS A 56 -5.15 14.31 4.32
CA LYS A 56 -6.43 14.76 4.90
C LYS A 56 -7.29 13.58 5.34
N SER A 57 -7.24 12.47 4.59
CA SER A 57 -8.18 11.36 4.72
C SER A 57 -7.47 10.05 4.29
N THR A 58 -6.44 9.63 5.00
CA THR A 58 -5.56 8.53 4.59
C THR A 58 -6.30 7.22 4.22
N PRO A 59 -7.19 6.66 5.05
CA PRO A 59 -7.96 5.44 4.71
C PRO A 59 -8.80 5.53 3.44
N LEU A 60 -9.16 6.74 2.97
CA LEU A 60 -9.98 6.96 1.77
C LEU A 60 -9.30 6.34 0.54
N ARG A 61 -7.98 6.12 0.56
CA ARG A 61 -7.28 5.49 -0.57
C ARG A 61 -7.42 3.98 -0.64
N LEU A 62 -8.07 3.27 0.30
CA LEU A 62 -8.07 1.80 0.26
C LEU A 62 -8.72 1.27 -1.02
N ARG A 63 -9.82 1.89 -1.47
CA ARG A 63 -10.44 1.56 -2.76
C ARG A 63 -9.54 1.88 -3.95
N LEU A 64 -8.70 2.91 -3.83
CA LEU A 64 -7.71 3.31 -4.84
C LEU A 64 -6.73 2.16 -5.05
N TYR A 65 -6.21 1.59 -3.97
CA TYR A 65 -5.36 0.42 -4.10
C TYR A 65 -6.15 -0.75 -4.70
N ASP A 66 -7.25 -1.11 -4.04
CA ASP A 66 -7.97 -2.35 -4.34
C ASP A 66 -8.57 -2.45 -5.74
N ASN A 67 -8.94 -1.33 -6.37
CA ASN A 67 -9.72 -1.35 -7.62
C ASN A 67 -9.08 -0.56 -8.76
N PHE A 68 -8.01 0.19 -8.50
CA PHE A 68 -7.47 1.13 -9.47
C PHE A 68 -5.98 0.88 -9.65
N VAL A 69 -5.13 1.07 -8.62
CA VAL A 69 -3.69 0.75 -8.70
C VAL A 69 -3.50 -0.74 -8.94
N SER A 70 -4.41 -1.61 -8.49
CA SER A 70 -4.40 -3.03 -8.79
C SER A 70 -4.35 -3.35 -10.29
N LYS A 71 -4.84 -2.45 -11.16
CA LYS A 71 -4.83 -2.65 -12.62
C LYS A 71 -3.44 -2.43 -13.22
N PHE A 72 -2.50 -1.77 -12.52
CA PHE A 72 -1.20 -1.35 -13.07
C PHE A 72 -0.12 -1.39 -11.99
N TYR A 73 -0.26 -2.26 -10.99
CA TYR A 73 0.53 -2.29 -9.76
C TYR A 73 2.06 -2.41 -9.97
N ASP A 74 2.52 -2.86 -11.13
CA ASP A 74 3.95 -3.00 -11.45
C ASP A 74 4.39 -2.06 -12.59
N LYS A 75 3.47 -1.32 -13.21
CA LYS A 75 3.80 -0.26 -14.18
C LYS A 75 4.47 0.94 -13.51
N ILE A 76 4.36 1.04 -12.18
CA ILE A 76 4.92 2.13 -11.37
C ILE A 76 5.70 1.53 -10.21
N ASN A 77 6.43 2.39 -9.51
CA ASN A 77 7.34 2.00 -8.44
C ASN A 77 6.63 1.13 -7.40
N GLN A 78 7.17 -0.05 -7.13
CA GLN A 78 6.55 -1.04 -6.27
C GLN A 78 6.49 -0.55 -4.81
N LEU A 79 7.45 0.25 -4.38
CA LEU A 79 7.39 0.88 -3.05
C LEU A 79 6.30 1.96 -3.03
N SER A 80 5.95 2.60 -4.13
CA SER A 80 4.83 3.55 -4.15
C SER A 80 3.52 2.82 -3.91
N VAL A 81 3.24 1.73 -4.63
CA VAL A 81 1.94 1.06 -4.49
C VAL A 81 1.75 0.56 -3.06
N VAL A 82 2.79 -0.01 -2.44
CA VAL A 82 2.70 -0.40 -1.05
C VAL A 82 2.63 0.82 -0.15
N LYS A 83 3.43 1.89 -0.33
CA LYS A 83 3.38 3.06 0.55
C LYS A 83 1.99 3.69 0.60
N TYR A 84 1.29 3.73 -0.54
CA TYR A 84 -0.08 4.18 -0.59
C TYR A 84 -0.96 3.31 0.32
N LEU A 85 -0.94 1.99 0.08
CA LEU A 85 -1.75 1.05 0.84
C LEU A 85 -1.40 1.10 2.34
N LEU A 86 -0.11 1.03 2.65
CA LEU A 86 0.47 1.11 3.99
C LEU A 86 -0.15 2.27 4.75
N ALA A 87 -0.06 3.49 4.22
CA ALA A 87 -0.55 4.66 4.91
C ALA A 87 -2.05 4.56 5.22
N SER A 88 -2.83 4.06 4.26
CA SER A 88 -4.27 3.94 4.42
C SER A 88 -4.64 2.93 5.51
N LEU A 89 -4.23 1.66 5.38
CA LEU A 89 -4.65 0.63 6.35
C LEU A 89 -3.88 0.69 7.67
N LYS A 90 -2.72 1.37 7.77
CA LYS A 90 -2.09 1.58 9.07
C LYS A 90 -2.84 2.66 9.86
N ASP A 91 -3.37 3.69 9.19
CA ASP A 91 -4.14 4.74 9.87
C ASP A 91 -5.56 4.26 10.19
N SER A 92 -6.10 3.33 9.38
CA SER A 92 -7.41 2.73 9.56
C SER A 92 -7.54 2.00 10.91
N LYS A 93 -8.78 1.61 11.22
CA LYS A 93 -9.26 1.09 12.51
C LYS A 93 -8.73 -0.31 12.88
N ASP A 94 -7.76 -0.88 12.16
CA ASP A 94 -7.34 -2.26 12.29
C ASP A 94 -5.83 -2.37 12.12
N PHE A 95 -5.24 -3.54 12.42
CA PHE A 95 -3.79 -3.80 12.40
C PHE A 95 -3.45 -5.23 11.97
N ASP A 96 -4.43 -5.98 11.44
CA ASP A 96 -4.31 -7.37 11.02
C ASP A 96 -4.79 -7.52 9.58
N GLU A 97 -5.71 -6.67 9.12
CA GLU A 97 -6.06 -6.58 7.70
C GLU A 97 -4.79 -6.25 6.89
N SER A 98 -3.87 -5.46 7.47
CA SER A 98 -2.56 -5.17 6.91
C SER A 98 -1.75 -6.45 6.65
N LEU A 99 -1.79 -7.43 7.56
CA LEU A 99 -1.12 -8.71 7.40
C LEU A 99 -1.65 -9.40 6.14
N LYS A 100 -2.98 -9.49 6.01
CA LYS A 100 -3.60 -10.11 4.84
C LYS A 100 -3.20 -9.36 3.58
N TYR A 101 -3.43 -8.04 3.56
CA TYR A 101 -3.28 -7.21 2.38
C TYR A 101 -1.84 -7.24 1.85
N LEU A 102 -0.82 -7.08 2.72
CA LEU A 102 0.52 -6.88 2.20
C LEU A 102 1.20 -8.21 1.94
N ASP A 103 0.79 -9.30 2.60
CA ASP A 103 1.26 -10.63 2.22
C ASP A 103 0.76 -10.96 0.82
N ASP A 104 -0.50 -10.65 0.51
CA ASP A 104 -1.08 -10.89 -0.82
C ASP A 104 -0.44 -9.99 -1.88
N LEU A 105 -0.22 -8.71 -1.58
CA LEU A 105 0.42 -7.79 -2.53
C LEU A 105 1.87 -8.18 -2.78
N LYS A 106 2.61 -8.56 -1.72
CA LYS A 106 3.94 -9.14 -1.87
C LYS A 106 3.86 -10.39 -2.77
N ALA A 107 2.88 -11.25 -2.56
CA ALA A 107 2.73 -12.47 -3.36
C ALA A 107 2.53 -12.14 -4.84
N GLN A 108 1.77 -11.09 -5.20
CA GLN A 108 1.65 -10.69 -6.60
C GLN A 108 3.02 -10.35 -7.20
N PHE A 109 3.86 -9.61 -6.47
CA PHE A 109 5.21 -9.30 -6.93
C PHE A 109 6.08 -10.57 -7.00
N GLN A 110 5.90 -11.51 -6.07
CA GLN A 110 6.56 -12.83 -6.15
C GLN A 110 6.11 -13.61 -7.39
N GLU A 111 4.87 -13.49 -7.86
CA GLU A 111 4.44 -14.18 -9.08
C GLU A 111 5.13 -13.60 -10.32
N LEU A 112 5.55 -12.33 -10.28
CA LEU A 112 6.29 -11.68 -11.36
C LEU A 112 7.80 -11.94 -11.28
N ASP A 113 8.27 -12.66 -10.25
CA ASP A 113 9.70 -12.81 -9.96
C ASP A 113 10.49 -13.27 -11.17
N SER A 114 10.16 -14.46 -11.66
CA SER A 114 10.79 -15.10 -12.80
C SER A 114 10.52 -14.37 -14.12
N LYS A 115 9.40 -13.65 -14.20
CA LYS A 115 9.02 -12.94 -15.41
C LYS A 115 9.96 -11.76 -15.62
N LYS A 116 10.26 -11.00 -14.56
CA LYS A 116 11.05 -9.78 -14.69
C LYS A 116 11.77 -9.31 -13.43
N GLN A 117 11.32 -9.63 -12.21
CA GLN A 117 11.90 -8.98 -11.04
C GLN A 117 13.35 -9.44 -10.81
N ARG A 118 13.73 -10.62 -11.32
CA ARG A 118 15.12 -11.09 -11.33
C ARG A 118 16.08 -10.14 -12.03
N ASN A 119 15.61 -9.23 -12.90
CA ASN A 119 16.44 -8.18 -13.47
C ASN A 119 17.13 -7.37 -12.37
N ASN A 120 16.44 -7.13 -11.24
CA ASN A 120 17.05 -6.58 -10.04
C ASN A 120 17.57 -7.72 -9.17
N GLY A 121 16.75 -8.73 -8.93
CA GLY A 121 16.99 -9.84 -8.00
C GLY A 121 18.36 -10.49 -8.11
N SER A 122 18.85 -10.74 -9.33
CA SER A 122 20.13 -11.40 -9.56
C SER A 122 21.35 -10.51 -9.20
N LYS A 123 21.14 -9.24 -8.86
CA LYS A 123 22.19 -8.28 -8.52
C LYS A 123 21.96 -7.66 -7.14
N ASP A 124 20.71 -7.56 -6.69
CA ASP A 124 20.31 -6.99 -5.40
C ASP A 124 18.96 -7.60 -5.02
N HIS A 125 18.81 -7.97 -3.75
CA HIS A 125 17.56 -8.46 -3.18
C HIS A 125 17.36 -7.91 -1.76
N GLY A 126 17.98 -6.77 -1.45
CA GLY A 126 17.92 -6.10 -0.16
C GLY A 126 16.89 -4.97 -0.15
N ASP A 127 15.94 -4.98 -1.09
CA ASP A 127 14.95 -3.92 -1.31
C ASP A 127 13.71 -4.53 -1.99
N GLY A 128 12.68 -3.73 -2.26
CA GLY A 128 11.48 -4.16 -2.98
C GLY A 128 10.65 -5.04 -2.06
N ILE A 129 10.31 -6.25 -2.49
CA ILE A 129 9.59 -7.20 -1.64
C ILE A 129 10.34 -7.55 -0.34
N LEU A 130 11.66 -7.28 -0.21
CA LEU A 130 12.35 -7.39 1.08
C LEU A 130 11.79 -6.36 2.08
N LEU A 131 11.57 -5.11 1.62
CA LEU A 131 10.94 -4.08 2.44
C LEU A 131 9.53 -4.53 2.82
N ILE A 132 8.76 -5.05 1.86
CA ILE A 132 7.38 -5.46 2.10
C ILE A 132 7.36 -6.65 3.08
N ASP A 133 8.30 -7.57 2.97
CA ASP A 133 8.46 -8.68 3.93
C ASP A 133 8.79 -8.15 5.32
N SER A 134 9.61 -7.10 5.42
CA SER A 134 9.96 -6.48 6.68
C SER A 134 8.77 -5.72 7.28
N GLU A 135 7.93 -5.11 6.43
CA GLU A 135 6.70 -4.45 6.84
C GLU A 135 5.76 -5.50 7.45
N ILE A 136 5.59 -6.63 6.77
CA ILE A 136 4.80 -7.75 7.27
C ILE A 136 5.41 -8.32 8.55
N ALA A 137 6.73 -8.47 8.65
CA ALA A 137 7.39 -8.96 9.85
C ALA A 137 7.07 -8.04 11.04
N ARG A 138 7.19 -6.72 10.88
CA ARG A 138 6.83 -5.78 11.93
C ARG A 138 5.33 -5.87 12.25
N THR A 139 4.47 -6.01 11.25
CA THR A 139 3.02 -6.17 11.46
C THR A 139 2.73 -7.42 12.31
N TYR A 140 3.47 -8.51 12.10
CA TYR A 140 3.31 -9.74 12.86
C TYR A 140 3.92 -9.61 14.27
N LEU A 141 5.09 -8.97 14.38
CA LEU A 141 5.76 -8.75 15.67
C LEU A 141 4.89 -7.88 16.58
N LEU A 142 4.15 -6.93 16.00
CA LEU A 142 3.22 -6.08 16.73
C LEU A 142 2.11 -6.89 17.43
N LYS A 143 1.84 -8.13 17.01
CA LYS A 143 0.89 -9.01 17.71
C LYS A 143 1.50 -9.51 19.02
N ASN A 144 2.81 -9.81 19.04
CA ASN A 144 3.54 -10.18 20.26
C ASN A 144 3.73 -8.97 21.16
N ASP A 145 3.89 -7.77 20.56
CA ASP A 145 4.04 -6.48 21.24
C ASP A 145 5.17 -6.47 22.30
N LEU A 146 6.15 -7.34 22.13
CA LEU A 146 7.33 -7.51 22.99
C LEU A 146 6.96 -7.70 24.48
N VAL A 147 5.79 -8.26 24.80
CA VAL A 147 5.33 -8.41 26.17
C VAL A 147 6.35 -9.26 26.96
N LYS A 148 6.75 -8.79 28.16
CA LYS A 148 7.79 -9.46 28.96
C LYS A 148 7.42 -10.90 29.28
N ALA A 149 6.12 -11.19 29.48
CA ALA A 149 5.61 -12.51 29.78
C ALA A 149 5.86 -13.55 28.68
N ARG A 150 6.35 -13.16 27.49
CA ARG A 150 6.74 -14.09 26.43
C ARG A 150 7.91 -15.00 26.84
N ASP A 151 8.60 -14.69 27.95
CA ASP A 151 9.65 -15.50 28.53
C ASP A 151 9.47 -15.50 30.06
N LEU A 152 9.97 -16.54 30.73
CA LEU A 152 9.85 -16.74 32.18
C LEU A 152 10.43 -15.58 33.01
N LEU A 153 11.21 -14.67 32.41
CA LEU A 153 11.68 -13.43 33.03
C LEU A 153 10.55 -12.57 33.63
N ASP A 154 9.29 -12.78 33.23
CA ASP A 154 8.13 -12.18 33.88
C ASP A 154 6.98 -13.19 33.88
N ASP A 155 6.16 -13.18 34.93
CA ASP A 155 5.02 -14.09 35.11
C ASP A 155 4.02 -13.43 36.07
N LEU A 156 2.72 -13.68 35.87
CA LEU A 156 1.63 -13.20 36.70
C LEU A 156 0.47 -14.19 36.55
N GLU A 157 -0.43 -14.24 37.55
CA GLU A 157 -1.67 -15.01 37.48
C GLU A 157 -2.57 -14.48 36.35
N LYS A 158 -3.62 -15.25 36.00
CA LYS A 158 -4.55 -14.91 34.91
C LYS A 158 -5.30 -13.59 35.13
N THR A 159 -5.37 -13.09 36.37
CA THR A 159 -5.88 -11.77 36.69
C THR A 159 -5.17 -11.30 37.97
N LEU A 160 -5.41 -10.04 38.33
CA LEU A 160 -5.03 -9.43 39.61
C LEU A 160 -6.24 -8.72 40.23
N ASP A 161 -7.44 -8.84 39.61
CA ASP A 161 -8.68 -8.27 40.14
C ASP A 161 -9.06 -8.91 41.49
N LYS A 162 -8.72 -10.19 41.68
CA LYS A 162 -8.81 -10.89 42.97
C LYS A 162 -7.61 -10.47 43.83
N LYS A 163 -7.53 -9.18 44.14
CA LYS A 163 -6.47 -8.59 44.95
C LYS A 163 -6.40 -9.31 46.29
N MET A 4 -8.40 3.56 -26.53
CA MET A 4 -9.36 3.88 -25.46
C MET A 4 -8.98 3.18 -24.14
N PHE A 5 -9.68 3.49 -23.04
CA PHE A 5 -9.49 2.92 -21.72
C PHE A 5 -10.86 2.66 -21.11
N ASN A 6 -10.93 1.88 -20.02
CA ASN A 6 -12.18 1.56 -19.33
C ASN A 6 -12.61 2.72 -18.40
N ASN A 7 -12.58 3.94 -18.93
CA ASN A 7 -12.89 5.15 -18.18
C ASN A 7 -14.36 5.21 -17.74
N HIS A 8 -15.23 4.31 -18.23
CA HIS A 8 -16.61 4.19 -17.76
C HIS A 8 -16.60 3.75 -16.28
N GLU A 9 -15.92 2.64 -15.99
CA GLU A 9 -15.81 2.14 -14.62
C GLU A 9 -14.98 3.10 -13.80
N ILE A 10 -13.91 3.64 -14.39
CA ILE A 10 -13.00 4.50 -13.67
C ILE A 10 -13.60 5.87 -13.36
N ASP A 11 -14.53 6.40 -14.15
CA ASP A 11 -15.26 7.60 -13.76
C ASP A 11 -16.24 7.28 -12.63
N THR A 12 -16.81 6.08 -12.62
CA THR A 12 -17.59 5.57 -11.49
C THR A 12 -16.70 5.56 -10.22
N ILE A 13 -15.46 5.03 -10.31
CA ILE A 13 -14.51 5.06 -9.21
C ILE A 13 -14.24 6.50 -8.83
N LEU A 14 -13.96 7.38 -9.80
CA LEU A 14 -13.60 8.77 -9.52
C LEU A 14 -14.72 9.51 -8.81
N SER A 15 -15.97 9.31 -9.20
CA SER A 15 -17.11 9.89 -8.49
C SER A 15 -17.28 9.27 -7.11
N THR A 16 -16.95 8.01 -6.91
CA THR A 16 -16.96 7.43 -5.58
C THR A 16 -15.86 8.08 -4.70
N LEU A 17 -14.66 8.26 -5.25
CA LEU A 17 -13.60 9.00 -4.56
C LEU A 17 -14.06 10.43 -4.28
N ARG A 18 -14.60 11.13 -5.28
CA ARG A 18 -15.03 12.53 -5.12
C ARG A 18 -16.14 12.64 -4.07
N MET A 19 -17.08 11.70 -3.98
CA MET A 19 -18.12 11.77 -2.95
C MET A 19 -17.55 11.54 -1.54
N GLU A 20 -16.49 10.74 -1.40
CA GLU A 20 -15.93 10.36 -0.09
C GLU A 20 -14.81 11.32 0.37
N ALA A 21 -14.10 11.91 -0.59
CA ALA A 21 -12.90 12.69 -0.39
C ALA A 21 -13.16 13.99 0.37
N ASP A 22 -12.08 14.47 0.99
CA ASP A 22 -12.04 15.82 1.57
C ASP A 22 -11.96 16.83 0.40
N PRO A 23 -12.68 17.98 0.44
CA PRO A 23 -12.67 18.97 -0.64
C PRO A 23 -11.28 19.39 -1.14
N SER A 24 -10.25 19.39 -0.28
CA SER A 24 -8.89 19.77 -0.65
C SER A 24 -8.34 18.87 -1.78
N LEU A 25 -8.84 17.64 -1.87
CA LEU A 25 -8.34 16.60 -2.77
C LEU A 25 -9.04 16.67 -4.14
N HIS A 26 -10.17 17.38 -4.25
CA HIS A 26 -11.00 17.31 -5.45
C HIS A 26 -10.30 17.82 -6.72
N PRO A 27 -9.68 19.01 -6.77
CA PRO A 27 -9.03 19.47 -8.00
C PRO A 27 -7.79 18.63 -8.34
N LEU A 28 -7.10 18.10 -7.33
CA LEU A 28 -6.02 17.15 -7.52
C LEU A 28 -6.55 15.87 -8.17
N PHE A 29 -7.74 15.39 -7.79
CA PHE A 29 -8.34 14.23 -8.40
C PHE A 29 -8.73 14.46 -9.85
N GLU A 30 -9.08 15.69 -10.26
CA GLU A 30 -9.37 15.98 -11.67
C GLU A 30 -8.10 15.83 -12.53
N GLN A 31 -6.94 16.20 -11.98
CA GLN A 31 -5.66 16.03 -12.66
C GLN A 31 -5.30 14.54 -12.71
N PHE A 32 -5.45 13.83 -11.59
CA PHE A 32 -5.24 12.38 -11.50
C PHE A 32 -6.08 11.66 -12.56
N GLU A 33 -7.37 12.02 -12.67
CA GLU A 33 -8.28 11.49 -13.68
C GLU A 33 -7.68 11.66 -15.07
N LYS A 34 -7.32 12.90 -15.43
CA LYS A 34 -6.88 13.19 -16.79
C LYS A 34 -5.60 12.43 -17.12
N PHE A 35 -4.70 12.28 -16.14
CA PHE A 35 -3.46 11.56 -16.37
C PHE A 35 -3.71 10.07 -16.63
N TYR A 36 -4.60 9.40 -15.90
CA TYR A 36 -4.95 8.03 -16.24
C TYR A 36 -5.58 7.97 -17.63
N GLU A 37 -6.49 8.91 -17.95
CA GLU A 37 -7.22 8.93 -19.20
C GLU A 37 -6.32 9.18 -20.42
N GLU A 38 -5.06 9.58 -20.21
CA GLU A 38 -4.04 9.75 -21.25
C GLU A 38 -2.83 8.81 -21.02
N LYS A 39 -2.92 7.88 -20.07
CA LYS A 39 -1.91 6.86 -19.75
C LYS A 39 -0.60 7.45 -19.19
N LEU A 40 -0.63 8.65 -18.58
CA LEU A 40 0.54 9.21 -17.89
C LEU A 40 0.63 8.63 -16.50
N TRP A 41 0.95 7.33 -16.43
CA TRP A 41 1.13 6.59 -15.19
C TRP A 41 2.01 7.34 -14.17
N PHE A 42 3.04 8.04 -14.65
CA PHE A 42 3.98 8.71 -13.77
C PHE A 42 3.34 9.96 -13.17
N GLN A 43 2.75 10.86 -13.97
CA GLN A 43 2.12 12.10 -13.45
C GLN A 43 0.89 11.76 -12.60
N LEU A 44 0.20 10.70 -13.00
CA LEU A 44 -0.86 10.08 -12.24
C LEU A 44 -0.37 9.69 -10.84
N SER A 45 0.80 9.06 -10.75
CA SER A 45 1.42 8.70 -9.48
C SER A 45 1.82 9.94 -8.67
N GLU A 46 2.29 11.03 -9.29
CA GLU A 46 2.58 12.26 -8.55
C GLU A 46 1.31 12.79 -7.92
N SER A 47 0.23 12.79 -8.71
CA SER A 47 -1.06 13.31 -8.26
C SER A 47 -1.56 12.48 -7.07
N LEU A 48 -1.45 11.15 -7.18
CA LEU A 48 -1.78 10.24 -6.10
C LEU A 48 -0.85 10.42 -4.89
N THR A 49 0.43 10.73 -5.12
CA THR A 49 1.40 10.94 -4.05
C THR A 49 1.10 12.24 -3.31
N LYS A 50 0.69 13.32 -4.00
CA LYS A 50 0.27 14.55 -3.34
C LYS A 50 -0.96 14.29 -2.47
N PHE A 51 -1.91 13.50 -2.96
CA PHE A 51 -3.10 13.09 -2.23
C PHE A 51 -2.71 12.31 -0.97
N PHE A 52 -1.73 11.41 -1.07
CA PHE A 52 -1.18 10.67 0.07
C PHE A 52 -0.45 11.59 1.05
N ASP A 53 0.33 12.55 0.56
CA ASP A 53 1.14 13.43 1.41
C ASP A 53 0.27 14.44 2.17
N ASP A 54 -0.84 14.87 1.57
CA ASP A 54 -1.80 15.77 2.21
C ASP A 54 -2.64 15.07 3.30
N ALA A 55 -2.42 13.76 3.49
CA ALA A 55 -2.89 12.90 4.57
C ALA A 55 -4.41 12.64 4.63
N LYS A 56 -5.25 13.55 4.15
CA LYS A 56 -6.71 13.53 4.30
C LYS A 56 -7.36 12.15 4.11
N SER A 57 -6.97 11.49 3.02
CA SER A 57 -7.58 10.30 2.47
C SER A 57 -7.19 8.95 3.08
N THR A 58 -6.38 8.89 4.14
CA THR A 58 -5.80 7.63 4.60
C THR A 58 -6.72 6.39 4.59
N PRO A 59 -7.91 6.35 5.21
CA PRO A 59 -8.84 5.23 5.08
C PRO A 59 -9.35 5.01 3.65
N LEU A 60 -9.72 6.08 2.92
CA LEU A 60 -10.41 5.98 1.63
C LEU A 60 -9.47 5.67 0.45
N ARG A 61 -8.14 5.64 0.66
CA ARG A 61 -7.21 5.16 -0.38
C ARG A 61 -7.43 3.69 -0.73
N LEU A 62 -8.09 2.91 0.13
CA LEU A 62 -8.28 1.47 -0.09
C LEU A 62 -8.99 1.20 -1.43
N ARG A 63 -9.97 2.03 -1.82
CA ARG A 63 -10.64 1.88 -3.12
C ARG A 63 -9.64 2.07 -4.25
N LEU A 64 -8.80 3.09 -4.13
CA LEU A 64 -7.85 3.53 -5.13
C LEU A 64 -6.79 2.45 -5.34
N TYR A 65 -6.27 1.88 -4.27
CA TYR A 65 -5.33 0.77 -4.33
C TYR A 65 -5.98 -0.46 -4.99
N ASP A 66 -7.15 -0.87 -4.49
CA ASP A 66 -7.75 -2.15 -4.87
C ASP A 66 -8.36 -2.19 -6.26
N ASN A 67 -8.88 -1.08 -6.78
CA ASN A 67 -9.69 -1.08 -8.01
C ASN A 67 -9.09 -0.27 -9.14
N PHE A 68 -8.07 0.55 -8.87
CA PHE A 68 -7.57 1.52 -9.84
C PHE A 68 -6.08 1.27 -10.06
N VAL A 69 -5.23 1.42 -9.04
CA VAL A 69 -3.79 1.17 -9.15
C VAL A 69 -3.51 -0.30 -9.52
N SER A 70 -4.40 -1.23 -9.15
CA SER A 70 -4.33 -2.62 -9.55
C SER A 70 -4.25 -2.83 -11.06
N LYS A 71 -4.80 -1.92 -11.87
CA LYS A 71 -4.78 -2.02 -13.32
C LYS A 71 -3.40 -1.68 -13.91
N PHE A 72 -2.47 -1.13 -13.12
CA PHE A 72 -1.14 -0.72 -13.57
C PHE A 72 -0.09 -0.95 -12.47
N TYR A 73 -0.23 -2.05 -11.71
CA TYR A 73 0.83 -2.50 -10.81
C TYR A 73 2.13 -2.67 -11.61
N ASP A 74 3.27 -2.43 -10.96
CA ASP A 74 4.64 -2.52 -11.49
C ASP A 74 4.97 -1.55 -12.64
N LYS A 75 3.97 -1.06 -13.38
CA LYS A 75 4.16 0.05 -14.34
C LYS A 75 4.53 1.33 -13.57
N ILE A 76 4.24 1.38 -12.27
CA ILE A 76 4.66 2.41 -11.35
C ILE A 76 5.36 1.74 -10.16
N ASN A 77 6.03 2.56 -9.35
CA ASN A 77 6.87 2.09 -8.27
C ASN A 77 6.09 1.22 -7.29
N GLN A 78 6.57 -0.02 -7.08
CA GLN A 78 5.95 -0.98 -6.18
C GLN A 78 5.81 -0.41 -4.76
N LEU A 79 6.83 0.32 -4.28
CA LEU A 79 6.79 0.90 -2.94
C LEU A 79 5.75 2.01 -2.86
N SER A 80 5.44 2.73 -3.95
CA SER A 80 4.34 3.69 -3.94
C SER A 80 3.02 2.96 -3.68
N VAL A 81 2.73 1.89 -4.42
CA VAL A 81 1.42 1.23 -4.28
C VAL A 81 1.25 0.69 -2.86
N VAL A 82 2.29 0.04 -2.30
CA VAL A 82 2.19 -0.42 -0.94
C VAL A 82 2.20 0.76 0.03
N LYS A 83 2.95 1.85 -0.15
CA LYS A 83 2.93 2.96 0.82
C LYS A 83 1.53 3.53 1.01
N TYR A 84 0.73 3.62 -0.06
CA TYR A 84 -0.66 4.04 0.05
C TYR A 84 -1.42 3.06 0.95
N LEU A 85 -1.33 1.76 0.62
CA LEU A 85 -1.98 0.69 1.36
C LEU A 85 -1.53 0.65 2.83
N LEU A 86 -0.21 0.75 3.09
CA LEU A 86 0.41 0.79 4.40
C LEU A 86 -0.32 1.83 5.25
N ALA A 87 -0.41 3.08 4.78
CA ALA A 87 -0.98 4.16 5.58
C ALA A 87 -2.41 3.84 6.00
N SER A 88 -3.24 3.37 5.05
CA SER A 88 -4.61 2.97 5.36
C SER A 88 -4.64 1.92 6.49
N LEU A 89 -3.78 0.90 6.41
CA LEU A 89 -3.73 -0.20 7.36
C LEU A 89 -3.16 0.23 8.71
N LYS A 90 -2.14 1.10 8.75
CA LYS A 90 -1.59 1.55 10.03
C LYS A 90 -2.65 2.34 10.76
N ASP A 91 -3.35 3.23 10.07
CA ASP A 91 -4.39 4.06 10.70
C ASP A 91 -5.61 3.24 11.12
N SER A 92 -5.90 2.14 10.40
CA SER A 92 -6.95 1.20 10.78
C SER A 92 -6.67 0.50 12.13
N LYS A 93 -5.41 0.45 12.57
CA LYS A 93 -4.96 -0.27 13.78
C LYS A 93 -5.51 -1.70 13.82
N ASP A 94 -5.60 -2.36 12.67
CA ASP A 94 -5.93 -3.78 12.58
C ASP A 94 -4.69 -4.60 13.02
N PHE A 95 -4.76 -5.93 12.98
CA PHE A 95 -3.71 -6.84 13.41
C PHE A 95 -3.62 -8.11 12.55
N ASP A 96 -4.51 -8.29 11.59
CA ASP A 96 -4.65 -9.54 10.84
C ASP A 96 -5.00 -9.24 9.38
N GLU A 97 -5.93 -8.32 9.13
CA GLU A 97 -6.27 -7.89 7.78
C GLU A 97 -5.05 -7.25 7.12
N SER A 98 -4.28 -6.45 7.87
CA SER A 98 -3.04 -5.85 7.39
C SER A 98 -2.04 -6.90 6.91
N LEU A 99 -2.00 -8.04 7.59
CA LEU A 99 -1.04 -9.09 7.27
C LEU A 99 -1.49 -9.86 6.04
N LYS A 100 -2.79 -10.15 5.93
CA LYS A 100 -3.37 -10.73 4.73
C LYS A 100 -3.09 -9.82 3.53
N TYR A 101 -3.34 -8.51 3.67
CA TYR A 101 -3.14 -7.55 2.62
C TYR A 101 -1.71 -7.55 2.10
N LEU A 102 -0.70 -7.40 2.98
CA LEU A 102 0.65 -7.18 2.49
C LEU A 102 1.27 -8.49 2.05
N ASP A 103 0.92 -9.62 2.69
CA ASP A 103 1.38 -10.94 2.23
C ASP A 103 0.83 -11.25 0.84
N ASP A 104 -0.46 -11.00 0.60
CA ASP A 104 -1.09 -11.29 -0.68
C ASP A 104 -0.54 -10.40 -1.79
N LEU A 105 -0.42 -9.10 -1.54
CA LEU A 105 0.11 -8.16 -2.52
C LEU A 105 1.57 -8.52 -2.84
N LYS A 106 2.38 -8.79 -1.80
CA LYS A 106 3.74 -9.26 -2.00
C LYS A 106 3.74 -10.51 -2.88
N ALA A 107 2.87 -11.49 -2.60
CA ALA A 107 2.87 -12.75 -3.31
C ALA A 107 2.59 -12.55 -4.79
N GLN A 108 1.68 -11.63 -5.17
CA GLN A 108 1.44 -11.34 -6.58
C GLN A 108 2.72 -10.85 -7.25
N PHE A 109 3.46 -9.96 -6.60
CA PHE A 109 4.72 -9.44 -7.14
C PHE A 109 5.80 -10.52 -7.15
N GLN A 110 5.85 -11.36 -6.12
CA GLN A 110 6.75 -12.50 -6.02
C GLN A 110 6.53 -13.49 -7.18
N GLU A 111 5.29 -13.64 -7.65
CA GLU A 111 4.96 -14.52 -8.77
C GLU A 111 5.27 -13.85 -10.11
N LEU A 112 5.09 -12.53 -10.20
CA LEU A 112 5.44 -11.76 -11.39
C LEU A 112 6.96 -11.63 -11.55
N ASP A 113 7.72 -11.70 -10.47
CA ASP A 113 9.16 -11.45 -10.48
C ASP A 113 9.91 -12.34 -11.48
N SER A 114 9.47 -13.59 -11.64
CA SER A 114 10.11 -14.54 -12.54
C SER A 114 9.82 -14.22 -14.02
N LYS A 115 8.77 -13.43 -14.29
CA LYS A 115 8.42 -12.97 -15.63
C LYS A 115 9.18 -11.67 -15.92
N LYS A 116 9.38 -10.83 -14.91
CA LYS A 116 10.27 -9.66 -15.00
C LYS A 116 11.72 -10.08 -15.19
N GLN A 117 12.09 -11.25 -14.65
CA GLN A 117 13.38 -11.92 -14.82
C GLN A 117 14.50 -11.15 -14.08
N ARG A 118 15.70 -11.74 -14.05
CA ARG A 118 16.81 -11.27 -13.21
C ARG A 118 18.10 -11.04 -14.01
N ASN A 119 18.04 -11.06 -15.35
CA ASN A 119 19.19 -10.69 -16.18
C ASN A 119 19.63 -9.28 -15.81
N ASN A 120 20.92 -9.13 -15.43
CA ASN A 120 21.49 -7.89 -14.86
C ASN A 120 20.59 -7.31 -13.74
N GLY A 121 20.02 -8.18 -12.90
CA GLY A 121 19.00 -7.83 -11.93
C GLY A 121 19.08 -8.65 -10.64
N SER A 122 19.71 -9.85 -10.65
CA SER A 122 19.96 -10.65 -9.44
C SER A 122 20.61 -9.83 -8.31
N LYS A 123 21.44 -8.84 -8.66
CA LYS A 123 22.07 -7.91 -7.74
C LYS A 123 21.10 -7.16 -6.81
N ASP A 124 19.82 -7.04 -7.19
CA ASP A 124 18.83 -6.23 -6.47
C ASP A 124 17.45 -6.92 -6.44
N HIS A 125 17.35 -8.15 -6.96
CA HIS A 125 16.07 -8.82 -7.17
C HIS A 125 15.25 -8.90 -5.88
N GLY A 126 13.97 -8.55 -5.98
CA GLY A 126 13.00 -8.71 -4.91
C GLY A 126 13.07 -7.62 -3.84
N ASP A 127 13.97 -6.63 -3.93
CA ASP A 127 14.11 -5.59 -2.91
C ASP A 127 12.79 -4.84 -2.66
N GLY A 128 12.00 -4.62 -3.72
CA GLY A 128 10.68 -3.98 -3.63
C GLY A 128 9.71 -4.74 -2.74
N ILE A 129 9.86 -6.07 -2.63
CA ILE A 129 9.01 -6.90 -1.77
C ILE A 129 9.73 -7.32 -0.47
N LEU A 130 11.06 -7.19 -0.41
CA LEU A 130 11.82 -7.35 0.84
C LEU A 130 11.35 -6.29 1.84
N LEU A 131 11.04 -5.08 1.37
CA LEU A 131 10.41 -4.05 2.20
C LEU A 131 9.08 -4.56 2.75
N ILE A 132 8.22 -5.17 1.93
CA ILE A 132 6.92 -5.64 2.39
C ILE A 132 7.09 -6.74 3.43
N ASP A 133 8.04 -7.66 3.23
CA ASP A 133 8.35 -8.69 4.23
C ASP A 133 8.82 -8.06 5.54
N SER A 134 9.61 -6.99 5.44
CA SER A 134 10.08 -6.24 6.60
C SER A 134 8.90 -5.52 7.30
N GLU A 135 7.92 -5.01 6.55
CA GLU A 135 6.76 -4.35 7.12
C GLU A 135 5.85 -5.36 7.83
N ILE A 136 5.65 -6.53 7.23
CA ILE A 136 4.94 -7.65 7.84
C ILE A 136 5.66 -8.05 9.13
N ALA A 137 6.99 -8.21 9.10
CA ALA A 137 7.77 -8.56 10.28
C ALA A 137 7.64 -7.48 11.36
N ARG A 138 7.72 -6.19 11.00
CA ARG A 138 7.50 -5.08 11.92
C ARG A 138 6.11 -5.16 12.55
N THR A 139 5.09 -5.46 11.76
CA THR A 139 3.72 -5.54 12.23
C THR A 139 3.59 -6.70 13.22
N TYR A 140 4.15 -7.89 12.91
CA TYR A 140 4.20 -9.01 13.84
C TYR A 140 4.94 -8.64 15.13
N LEU A 141 6.09 -7.97 15.01
CA LEU A 141 6.96 -7.64 16.14
C LEU A 141 6.26 -6.68 17.09
N LEU A 142 5.70 -5.58 16.56
CA LEU A 142 5.02 -4.56 17.36
C LEU A 142 3.84 -5.18 18.12
N LYS A 143 3.09 -6.06 17.45
CA LYS A 143 1.87 -6.65 17.99
C LYS A 143 2.14 -7.98 18.71
N ASN A 144 3.41 -8.32 18.97
CA ASN A 144 3.77 -9.54 19.68
C ASN A 144 3.19 -9.55 21.08
N ASP A 145 2.87 -10.74 21.62
CA ASP A 145 2.19 -10.88 22.91
C ASP A 145 3.04 -10.42 24.09
N LEU A 146 4.37 -10.43 23.96
CA LEU A 146 5.31 -10.20 25.06
C LEU A 146 6.49 -9.32 24.63
N VAL A 147 7.22 -8.83 25.62
CA VAL A 147 8.43 -8.03 25.48
C VAL A 147 9.23 -8.26 26.76
N LYS A 148 10.54 -7.98 26.75
CA LYS A 148 11.45 -8.30 27.86
C LYS A 148 11.03 -7.71 29.20
N ALA A 149 10.25 -6.62 29.21
CA ALA A 149 9.71 -6.02 30.43
C ALA A 149 8.86 -6.99 31.26
N ARG A 150 8.36 -8.10 30.68
CA ARG A 150 7.68 -9.15 31.43
C ARG A 150 8.57 -9.74 32.52
N ASP A 151 9.89 -9.82 32.31
CA ASP A 151 10.81 -10.44 33.25
C ASP A 151 10.89 -9.63 34.54
N LEU A 152 10.80 -10.33 35.69
CA LEU A 152 10.93 -9.80 37.05
C LEU A 152 10.19 -8.48 37.25
N LEU A 153 8.89 -8.47 36.92
CA LEU A 153 7.99 -7.34 37.10
C LEU A 153 6.60 -7.92 37.40
N ASP A 154 5.72 -7.13 38.02
CA ASP A 154 4.33 -7.54 38.28
C ASP A 154 3.56 -7.90 37.00
N ASP A 155 4.01 -7.36 35.85
CA ASP A 155 3.48 -7.64 34.52
C ASP A 155 3.75 -9.07 34.03
N LEU A 156 4.61 -9.83 34.73
CA LEU A 156 4.97 -11.21 34.41
C LEU A 156 3.72 -12.09 34.22
N GLU A 157 3.79 -12.99 33.25
CA GLU A 157 2.84 -14.06 33.02
C GLU A 157 3.66 -15.27 32.56
N LYS A 158 3.19 -16.49 32.82
CA LYS A 158 3.96 -17.71 32.53
C LYS A 158 4.27 -17.83 31.04
N THR A 159 3.38 -17.32 30.19
CA THR A 159 3.56 -17.24 28.74
C THR A 159 4.01 -18.60 28.15
N LEU A 160 3.35 -19.68 28.60
CA LEU A 160 3.58 -21.04 28.09
C LEU A 160 3.26 -21.10 26.58
N ASP A 161 2.35 -20.25 26.13
CA ASP A 161 2.04 -19.98 24.73
C ASP A 161 1.71 -18.48 24.65
N LYS A 162 1.78 -17.88 23.45
CA LYS A 162 1.34 -16.50 23.22
C LYS A 162 -0.20 -16.42 23.20
N LYS A 163 -0.88 -17.52 22.86
CA LYS A 163 -2.34 -17.60 22.82
C LYS A 163 -2.90 -17.22 24.19
N MET A 4 -12.23 1.12 -25.53
CA MET A 4 -10.77 1.18 -25.28
C MET A 4 -10.48 1.10 -23.78
N PHE A 5 -10.43 2.24 -23.08
CA PHE A 5 -10.21 2.29 -21.63
C PHE A 5 -11.43 1.70 -20.91
N ASN A 6 -11.21 1.14 -19.72
CA ASN A 6 -12.26 0.72 -18.76
C ASN A 6 -12.76 1.95 -17.97
N ASN A 7 -12.79 3.12 -18.63
CA ASN A 7 -13.00 4.43 -18.01
C ASN A 7 -14.35 4.60 -17.30
N HIS A 8 -15.33 3.76 -17.60
CA HIS A 8 -16.64 3.80 -16.95
C HIS A 8 -16.52 3.58 -15.43
N GLU A 9 -15.74 2.59 -14.99
CA GLU A 9 -15.49 2.38 -13.56
C GLU A 9 -14.69 3.54 -12.99
N ILE A 10 -13.79 4.11 -13.78
CA ILE A 10 -12.86 5.13 -13.29
C ILE A 10 -13.64 6.43 -13.04
N ASP A 11 -14.54 6.83 -13.93
CA ASP A 11 -15.43 7.97 -13.72
C ASP A 11 -16.34 7.76 -12.50
N THR A 12 -16.77 6.52 -12.29
CA THR A 12 -17.47 6.11 -11.07
C THR A 12 -16.57 6.37 -9.85
N ILE A 13 -15.31 5.93 -9.89
CA ILE A 13 -14.37 6.08 -8.79
C ILE A 13 -14.13 7.56 -8.52
N LEU A 14 -13.88 8.38 -9.54
CA LEU A 14 -13.63 9.81 -9.35
C LEU A 14 -14.81 10.45 -8.67
N SER A 15 -16.03 10.20 -9.16
CA SER A 15 -17.23 10.78 -8.60
C SER A 15 -17.45 10.32 -7.17
N THR A 16 -17.21 9.05 -6.87
CA THR A 16 -17.46 8.52 -5.54
C THR A 16 -16.44 9.08 -4.54
N LEU A 17 -15.15 9.09 -4.89
CA LEU A 17 -14.16 9.68 -4.00
C LEU A 17 -14.39 11.19 -3.89
N ARG A 18 -14.67 11.91 -4.98
CA ARG A 18 -14.92 13.35 -4.89
C ARG A 18 -16.14 13.64 -4.01
N MET A 19 -17.22 12.85 -4.10
CA MET A 19 -18.38 13.08 -3.22
C MET A 19 -18.07 12.85 -1.74
N GLU A 20 -17.13 11.95 -1.40
CA GLU A 20 -16.87 11.55 -0.02
C GLU A 20 -15.64 12.23 0.59
N ALA A 21 -14.75 12.70 -0.27
CA ALA A 21 -13.53 13.41 0.06
C ALA A 21 -13.81 14.82 0.59
N ASP A 22 -12.80 15.35 1.26
CA ASP A 22 -12.73 16.75 1.68
C ASP A 22 -12.27 17.60 0.47
N PRO A 23 -12.85 18.79 0.23
CA PRO A 23 -12.49 19.65 -0.90
C PRO A 23 -10.99 19.91 -1.09
N SER A 24 -10.20 19.95 -0.01
CA SER A 24 -8.77 20.22 -0.05
C SER A 24 -8.01 19.18 -0.89
N LEU A 25 -8.58 17.98 -1.04
CA LEU A 25 -7.97 16.86 -1.76
C LEU A 25 -8.26 16.94 -3.27
N HIS A 26 -9.28 17.70 -3.69
CA HIS A 26 -9.77 17.67 -5.07
C HIS A 26 -8.72 18.06 -6.13
N PRO A 27 -7.81 19.03 -5.92
CA PRO A 27 -6.75 19.34 -6.88
C PRO A 27 -5.87 18.14 -7.27
N LEU A 28 -5.70 17.17 -6.38
CA LEU A 28 -4.96 15.96 -6.70
C LEU A 28 -5.76 15.11 -7.68
N PHE A 29 -7.08 15.04 -7.50
CA PHE A 29 -7.94 14.24 -8.35
C PHE A 29 -8.18 14.85 -9.72
N GLU A 30 -7.97 16.16 -9.91
CA GLU A 30 -8.01 16.74 -11.25
C GLU A 30 -6.84 16.17 -12.09
N GLN A 31 -5.63 16.16 -11.50
CA GLN A 31 -4.44 15.63 -12.16
C GLN A 31 -4.58 14.13 -12.43
N PHE A 32 -5.02 13.39 -11.41
CA PHE A 32 -5.22 11.94 -11.46
C PHE A 32 -6.14 11.57 -12.63
N GLU A 33 -7.27 12.28 -12.80
CA GLU A 33 -8.21 12.02 -13.87
C GLU A 33 -7.51 12.16 -15.22
N LYS A 34 -7.00 13.36 -15.53
CA LYS A 34 -6.47 13.61 -16.86
C LYS A 34 -5.30 12.69 -17.15
N PHE A 35 -4.43 12.44 -16.18
CA PHE A 35 -3.26 11.61 -16.42
C PHE A 35 -3.67 10.17 -16.72
N TYR A 36 -4.69 9.60 -16.06
CA TYR A 36 -5.15 8.27 -16.43
C TYR A 36 -5.73 8.29 -17.84
N GLU A 37 -6.59 9.26 -18.17
CA GLU A 37 -7.26 9.31 -19.47
C GLU A 37 -6.24 9.53 -20.61
N GLU A 38 -5.12 10.20 -20.35
CA GLU A 38 -4.04 10.43 -21.30
C GLU A 38 -3.01 9.28 -21.33
N LYS A 39 -3.21 8.22 -20.54
CA LYS A 39 -2.31 7.07 -20.42
C LYS A 39 -0.93 7.49 -19.87
N LEU A 40 -0.92 8.28 -18.79
CA LEU A 40 0.26 8.92 -18.22
C LEU A 40 0.46 8.44 -16.80
N TRP A 41 0.61 7.13 -16.74
CA TRP A 41 0.65 6.32 -15.52
C TRP A 41 1.62 6.87 -14.47
N PHE A 42 2.80 7.33 -14.85
CA PHE A 42 3.80 7.79 -13.88
C PHE A 42 3.38 9.12 -13.24
N GLN A 43 2.73 10.01 -14.00
CA GLN A 43 2.28 11.30 -13.47
C GLN A 43 0.97 11.10 -12.69
N LEU A 44 0.14 10.16 -13.14
CA LEU A 44 -1.01 9.67 -12.39
C LEU A 44 -0.52 9.15 -11.03
N SER A 45 0.60 8.43 -11.01
CA SER A 45 1.19 7.93 -9.78
C SER A 45 1.71 9.07 -8.90
N GLU A 46 2.32 10.13 -9.46
CA GLU A 46 2.72 11.26 -8.61
C GLU A 46 1.49 11.94 -8.02
N SER A 47 0.39 12.02 -8.77
CA SER A 47 -0.86 12.60 -8.31
C SER A 47 -1.42 11.78 -7.13
N LEU A 48 -1.47 10.45 -7.28
CA LEU A 48 -1.93 9.56 -6.24
C LEU A 48 -0.94 9.52 -5.05
N THR A 49 0.35 9.75 -5.27
CA THR A 49 1.34 9.90 -4.20
C THR A 49 1.11 11.20 -3.44
N LYS A 50 0.85 12.31 -4.14
CA LYS A 50 0.54 13.59 -3.49
C LYS A 50 -0.78 13.49 -2.72
N PHE A 51 -1.76 12.71 -3.22
CA PHE A 51 -2.96 12.37 -2.46
C PHE A 51 -2.59 11.55 -1.22
N PHE A 52 -1.70 10.57 -1.34
CA PHE A 52 -1.21 9.76 -0.22
C PHE A 52 -0.48 10.60 0.84
N ASP A 53 0.22 11.66 0.42
CA ASP A 53 1.00 12.51 1.32
C ASP A 53 0.09 13.34 2.24
N ASP A 54 -1.16 13.59 1.81
CA ASP A 54 -2.18 14.22 2.64
C ASP A 54 -2.68 13.23 3.71
N ALA A 55 -3.47 13.70 4.68
CA ALA A 55 -4.03 12.91 5.77
C ALA A 55 -5.56 12.89 5.73
N LYS A 56 -6.21 13.82 5.00
CA LYS A 56 -7.66 13.76 4.74
C LYS A 56 -8.05 12.44 4.06
N SER A 57 -7.10 11.84 3.34
CA SER A 57 -7.30 10.71 2.44
C SER A 57 -6.83 9.38 3.01
N THR A 58 -6.41 9.33 4.29
CA THR A 58 -5.73 8.17 4.88
C THR A 58 -6.43 6.84 4.56
N PRO A 59 -7.74 6.65 4.79
CA PRO A 59 -8.49 5.48 4.35
C PRO A 59 -9.15 5.63 2.96
N LEU A 60 -9.34 6.84 2.41
CA LEU A 60 -10.00 7.01 1.10
C LEU A 60 -9.25 6.22 0.03
N ARG A 61 -7.92 6.24 0.09
CA ARG A 61 -7.02 5.54 -0.84
C ARG A 61 -7.20 4.01 -0.84
N LEU A 62 -7.84 3.41 0.17
CA LEU A 62 -8.06 1.96 0.22
C LEU A 62 -8.90 1.52 -0.98
N ARG A 63 -9.92 2.31 -1.32
CA ARG A 63 -10.79 2.04 -2.47
C ARG A 63 -10.00 1.99 -3.76
N LEU A 64 -8.94 2.81 -3.86
CA LEU A 64 -8.11 2.89 -5.05
C LEU A 64 -7.18 1.72 -5.14
N TYR A 65 -6.65 1.19 -4.03
CA TYR A 65 -5.93 -0.08 -4.10
C TYR A 65 -6.90 -1.17 -4.59
N ASP A 66 -8.14 -1.17 -4.09
CA ASP A 66 -9.08 -2.26 -4.35
C ASP A 66 -9.50 -2.36 -5.81
N ASN A 67 -9.85 -1.23 -6.47
CA ASN A 67 -10.47 -1.29 -7.79
C ASN A 67 -9.98 -0.21 -8.78
N PHE A 68 -8.84 0.44 -8.54
CA PHE A 68 -8.28 1.40 -9.49
C PHE A 68 -6.84 1.02 -9.82
N VAL A 69 -5.96 1.04 -8.82
CA VAL A 69 -4.56 0.68 -8.97
C VAL A 69 -4.47 -0.79 -9.40
N SER A 70 -5.37 -1.65 -8.90
CA SER A 70 -5.50 -3.05 -9.32
C SER A 70 -5.72 -3.23 -10.83
N LYS A 71 -6.18 -2.21 -11.56
CA LYS A 71 -6.38 -2.30 -13.00
C LYS A 71 -5.05 -2.21 -13.76
N PHE A 72 -3.98 -1.62 -13.19
CA PHE A 72 -2.75 -1.31 -13.94
C PHE A 72 -1.46 -1.37 -13.10
N TYR A 73 -1.50 -1.87 -11.86
CA TYR A 73 -0.42 -1.83 -10.88
C TYR A 73 0.97 -2.17 -11.42
N ASP A 74 1.09 -3.15 -12.31
CA ASP A 74 2.36 -3.59 -12.88
C ASP A 74 3.10 -2.48 -13.64
N LYS A 75 2.36 -1.49 -14.17
CA LYS A 75 2.94 -0.38 -14.94
C LYS A 75 3.62 0.65 -14.04
N ILE A 76 3.45 0.60 -12.71
CA ILE A 76 3.89 1.68 -11.82
C ILE A 76 4.65 1.13 -10.61
N ASN A 77 5.24 2.03 -9.83
CA ASN A 77 6.15 1.69 -8.74
C ASN A 77 5.44 0.86 -7.66
N GLN A 78 6.00 -0.31 -7.38
CA GLN A 78 5.44 -1.27 -6.43
C GLN A 78 5.45 -0.73 -4.99
N LEU A 79 6.38 0.18 -4.65
CA LEU A 79 6.36 0.83 -3.33
C LEU A 79 5.24 1.87 -3.26
N SER A 80 4.84 2.49 -4.38
CA SER A 80 3.71 3.40 -4.37
C SER A 80 2.41 2.64 -4.11
N VAL A 81 2.18 1.50 -4.78
CA VAL A 81 0.92 0.78 -4.61
C VAL A 81 0.76 0.33 -3.16
N VAL A 82 1.83 -0.22 -2.55
CA VAL A 82 1.76 -0.59 -1.16
C VAL A 82 1.62 0.64 -0.27
N LYS A 83 2.28 1.78 -0.52
CA LYS A 83 2.13 2.97 0.34
C LYS A 83 0.66 3.37 0.48
N TYR A 84 -0.13 3.24 -0.58
CA TYR A 84 -1.56 3.53 -0.54
C TYR A 84 -2.25 2.55 0.43
N LEU A 85 -2.07 1.25 0.19
CA LEU A 85 -2.71 0.21 0.99
C LEU A 85 -2.23 0.25 2.44
N LEU A 86 -0.94 0.53 2.65
CA LEU A 86 -0.29 0.55 3.95
C LEU A 86 -0.99 1.58 4.81
N ALA A 87 -1.03 2.87 4.42
CA ALA A 87 -1.62 3.87 5.30
C ALA A 87 -3.08 3.56 5.59
N SER A 88 -3.84 3.12 4.57
CA SER A 88 -5.26 2.91 4.75
C SER A 88 -5.53 1.72 5.69
N LEU A 89 -4.81 0.61 5.48
CA LEU A 89 -5.03 -0.63 6.23
C LEU A 89 -4.36 -0.59 7.61
N LYS A 90 -3.34 0.24 7.81
CA LYS A 90 -2.73 0.47 9.12
C LYS A 90 -3.57 1.44 9.94
N ASP A 91 -4.20 2.42 9.31
CA ASP A 91 -5.12 3.34 10.00
C ASP A 91 -6.42 2.64 10.39
N SER A 92 -6.86 1.68 9.57
CA SER A 92 -7.96 0.78 9.91
C SER A 92 -7.64 0.03 11.23
N LYS A 93 -8.66 -0.22 12.06
CA LYS A 93 -8.50 -0.71 13.43
C LYS A 93 -8.35 -2.25 13.41
N ASP A 94 -7.28 -2.74 12.78
CA ASP A 94 -6.89 -4.14 12.79
C ASP A 94 -5.37 -4.24 12.72
N PHE A 95 -4.80 -5.42 13.04
CA PHE A 95 -3.37 -5.64 13.21
C PHE A 95 -2.92 -7.00 12.62
N ASP A 96 -3.81 -7.70 11.91
CA ASP A 96 -3.56 -9.03 11.33
C ASP A 96 -4.02 -9.07 9.88
N GLU A 97 -5.07 -8.33 9.53
CA GLU A 97 -5.45 -8.13 8.13
C GLU A 97 -4.31 -7.40 7.40
N SER A 98 -3.63 -6.46 8.06
CA SER A 98 -2.46 -5.78 7.52
C SER A 98 -1.35 -6.75 7.15
N LEU A 99 -1.02 -7.68 8.07
CA LEU A 99 -0.05 -8.74 7.85
C LEU A 99 -0.46 -9.56 6.64
N LYS A 100 -1.70 -10.07 6.60
CA LYS A 100 -2.16 -10.97 5.55
C LYS A 100 -2.19 -10.28 4.20
N TYR A 101 -2.76 -9.07 4.12
CA TYR A 101 -2.91 -8.34 2.86
C TYR A 101 -1.56 -8.05 2.24
N LEU A 102 -0.58 -7.59 3.03
CA LEU A 102 0.67 -7.14 2.44
C LEU A 102 1.59 -8.33 2.18
N ASP A 103 1.48 -9.42 2.95
CA ASP A 103 2.17 -10.67 2.62
C ASP A 103 1.66 -11.23 1.29
N ASP A 104 0.33 -11.25 1.09
CA ASP A 104 -0.28 -11.74 -0.14
C ASP A 104 0.08 -10.84 -1.33
N LEU A 105 0.03 -9.52 -1.14
CA LEU A 105 0.42 -8.56 -2.17
C LEU A 105 1.91 -8.74 -2.51
N LYS A 106 2.78 -8.87 -1.50
CA LYS A 106 4.20 -9.16 -1.73
C LYS A 106 4.33 -10.44 -2.54
N ALA A 107 3.55 -11.49 -2.24
CA ALA A 107 3.66 -12.75 -2.97
C ALA A 107 3.38 -12.56 -4.46
N GLN A 108 2.43 -11.71 -4.84
CA GLN A 108 2.17 -11.42 -6.26
C GLN A 108 3.40 -10.79 -6.91
N PHE A 109 4.04 -9.83 -6.25
CA PHE A 109 5.27 -9.22 -6.77
C PHE A 109 6.48 -10.16 -6.64
N GLN A 110 6.45 -11.14 -5.75
CA GLN A 110 7.50 -12.15 -5.64
C GLN A 110 7.40 -13.13 -6.82
N GLU A 111 6.20 -13.43 -7.31
CA GLU A 111 6.04 -14.22 -8.52
C GLU A 111 6.51 -13.41 -9.72
N LEU A 112 6.10 -12.14 -9.81
CA LEU A 112 6.50 -11.22 -10.87
C LEU A 112 7.99 -10.86 -10.80
N ASP A 113 8.69 -11.23 -9.73
CA ASP A 113 10.14 -11.06 -9.62
C ASP A 113 10.89 -11.78 -10.74
N SER A 114 10.25 -12.81 -11.32
CA SER A 114 10.70 -13.46 -12.54
C SER A 114 10.88 -12.44 -13.66
N LYS A 115 9.83 -11.67 -13.95
CA LYS A 115 9.87 -10.63 -15.00
C LYS A 115 10.81 -9.50 -14.59
N LYS A 116 10.85 -9.15 -13.30
CA LYS A 116 11.70 -8.05 -12.82
C LYS A 116 13.18 -8.38 -13.03
N GLN A 117 13.63 -9.62 -12.81
CA GLN A 117 15.05 -9.95 -12.84
C GLN A 117 15.40 -11.39 -13.22
N ARG A 118 14.63 -12.42 -12.80
CA ARG A 118 15.12 -13.79 -13.00
C ARG A 118 15.03 -14.26 -14.45
N ASN A 119 14.20 -13.60 -15.28
CA ASN A 119 14.13 -13.84 -16.72
C ASN A 119 15.52 -13.73 -17.33
N ASN A 120 16.26 -12.68 -16.96
CA ASN A 120 17.67 -12.51 -17.25
C ASN A 120 18.21 -11.38 -16.37
N GLY A 121 19.15 -11.70 -15.50
CA GLY A 121 19.72 -10.80 -14.50
C GLY A 121 20.01 -11.62 -13.24
N SER A 122 19.02 -12.42 -12.85
CA SER A 122 19.07 -13.47 -11.81
C SER A 122 19.33 -12.99 -10.38
N LYS A 123 19.88 -11.79 -10.17
CA LYS A 123 20.12 -11.18 -8.87
C LYS A 123 20.01 -9.66 -9.05
N ASP A 124 19.65 -8.95 -7.99
CA ASP A 124 19.48 -7.50 -7.95
C ASP A 124 19.67 -7.04 -6.50
N HIS A 125 20.03 -5.77 -6.29
CA HIS A 125 20.36 -5.21 -4.99
C HIS A 125 19.57 -3.92 -4.70
N GLY A 126 18.46 -3.70 -5.41
CA GLY A 126 17.51 -2.62 -5.16
C GLY A 126 16.56 -2.97 -4.03
N ASP A 127 15.41 -2.31 -4.00
CA ASP A 127 14.41 -2.40 -2.94
C ASP A 127 13.00 -2.39 -3.56
N GLY A 128 12.02 -2.90 -2.81
CA GLY A 128 10.65 -3.12 -3.27
C GLY A 128 9.99 -4.07 -2.29
N ILE A 129 9.81 -5.35 -2.70
CA ILE A 129 9.32 -6.39 -1.80
C ILE A 129 10.22 -6.59 -0.57
N LEU A 130 11.49 -6.21 -0.63
CA LEU A 130 12.37 -6.15 0.54
C LEU A 130 11.76 -5.23 1.62
N LEU A 131 11.42 -3.99 1.27
CA LEU A 131 10.75 -3.05 2.18
C LEU A 131 9.44 -3.65 2.68
N ILE A 132 8.63 -4.23 1.79
CA ILE A 132 7.32 -4.76 2.16
C ILE A 132 7.49 -5.88 3.20
N ASP A 133 8.54 -6.70 3.09
CA ASP A 133 8.85 -7.72 4.08
C ASP A 133 9.18 -7.09 5.44
N SER A 134 9.89 -5.96 5.47
CA SER A 134 10.18 -5.24 6.69
C SER A 134 8.90 -4.62 7.29
N GLU A 135 7.99 -4.11 6.46
CA GLU A 135 6.74 -3.53 6.93
C GLU A 135 5.91 -4.61 7.64
N ILE A 136 5.73 -5.76 7.00
CA ILE A 136 4.92 -6.82 7.58
C ILE A 136 5.64 -7.51 8.74
N ALA A 137 6.97 -7.57 8.75
CA ALA A 137 7.73 -8.05 9.90
C ALA A 137 7.47 -7.14 11.11
N ARG A 138 7.55 -5.81 10.94
CA ARG A 138 7.27 -4.87 12.02
C ARG A 138 5.84 -5.07 12.51
N THR A 139 4.88 -5.22 11.59
CA THR A 139 3.48 -5.45 11.93
C THR A 139 3.32 -6.76 12.72
N TYR A 140 4.02 -7.83 12.33
CA TYR A 140 3.98 -9.13 13.02
C TYR A 140 4.60 -9.03 14.42
N LEU A 141 5.68 -8.27 14.57
CA LEU A 141 6.32 -8.01 15.86
C LEU A 141 5.41 -7.17 16.76
N LEU A 142 4.61 -6.28 16.16
CA LEU A 142 3.52 -5.49 16.74
C LEU A 142 3.94 -4.43 17.77
N LYS A 143 4.82 -4.75 18.71
CA LYS A 143 5.15 -3.89 19.85
C LYS A 143 6.66 -3.92 20.18
N ASN A 144 7.49 -4.52 19.31
CA ASN A 144 8.94 -4.43 19.45
C ASN A 144 9.38 -2.97 19.31
N ASP A 145 10.33 -2.54 20.12
CA ASP A 145 10.96 -1.22 20.08
C ASP A 145 12.31 -1.33 20.79
N LEU A 146 13.17 -0.33 20.68
CA LEU A 146 14.52 -0.35 21.24
C LEU A 146 14.52 -0.69 22.73
N VAL A 147 13.54 -0.19 23.50
CA VAL A 147 13.44 -0.51 24.93
C VAL A 147 13.22 -2.02 25.16
N LYS A 148 12.42 -2.69 24.32
CA LYS A 148 12.23 -4.14 24.39
C LYS A 148 13.53 -4.83 23.99
N ALA A 149 14.19 -4.35 22.92
CA ALA A 149 15.49 -4.83 22.46
C ALA A 149 16.63 -4.55 23.47
N ARG A 150 16.36 -3.91 24.62
CA ARG A 150 17.32 -3.64 25.69
C ARG A 150 16.72 -4.01 27.04
N ASP A 151 15.68 -4.86 27.06
CA ASP A 151 15.10 -5.39 28.30
C ASP A 151 16.08 -6.34 29.00
N LEU A 152 16.89 -7.07 28.21
CA LEU A 152 17.99 -7.88 28.71
C LEU A 152 19.01 -6.98 29.41
N LEU A 153 19.59 -7.46 30.51
CA LEU A 153 20.61 -6.76 31.30
C LEU A 153 21.60 -7.78 31.84
N ASP A 154 22.73 -7.29 32.37
CA ASP A 154 23.88 -8.08 32.81
C ASP A 154 23.49 -9.24 33.73
N ASP A 155 22.58 -8.98 34.67
CA ASP A 155 22.09 -9.94 35.66
C ASP A 155 21.43 -11.17 35.04
N LEU A 156 20.98 -11.09 33.79
CA LEU A 156 20.31 -12.16 33.04
C LEU A 156 21.09 -12.49 31.76
N GLU A 157 22.30 -11.94 31.61
CA GLU A 157 23.16 -12.14 30.44
C GLU A 157 24.41 -12.92 30.84
N LYS A 158 24.94 -12.73 32.06
CA LYS A 158 26.11 -13.48 32.53
C LYS A 158 25.89 -14.98 32.51
N THR A 159 24.65 -15.46 32.61
CA THR A 159 24.29 -16.86 32.53
C THR A 159 24.72 -17.51 31.20
N LEU A 160 24.93 -16.72 30.13
CA LEU A 160 25.43 -17.19 28.84
C LEU A 160 26.93 -17.53 28.89
N ASP A 161 27.65 -17.10 29.91
CA ASP A 161 29.11 -17.16 29.99
C ASP A 161 29.56 -17.53 31.42
N LYS A 162 30.81 -17.23 31.80
CA LYS A 162 31.38 -17.55 33.10
C LYS A 162 30.70 -16.75 34.21
N LYS A 163 30.58 -17.35 35.40
CA LYS A 163 30.15 -16.66 36.60
C LYS A 163 31.21 -15.60 36.96
N MET A 4 -8.60 -6.25 -17.20
CA MET A 4 -9.20 -5.22 -18.10
C MET A 4 -9.62 -4.00 -17.29
N PHE A 5 -9.65 -2.83 -17.92
CA PHE A 5 -10.17 -1.57 -17.37
C PHE A 5 -10.89 -0.82 -18.49
N ASN A 6 -11.76 0.13 -18.13
CA ASN A 6 -12.54 0.92 -19.08
C ASN A 6 -13.05 2.19 -18.39
N ASN A 7 -13.22 3.26 -19.17
CA ASN A 7 -13.64 4.59 -18.70
C ASN A 7 -14.84 4.56 -17.76
N HIS A 8 -15.88 3.75 -18.04
CA HIS A 8 -17.13 3.85 -17.29
C HIS A 8 -16.96 3.33 -15.86
N GLU A 9 -16.25 2.22 -15.68
CA GLU A 9 -15.94 1.65 -14.38
C GLU A 9 -15.02 2.61 -13.65
N ILE A 10 -13.97 3.06 -14.33
CA ILE A 10 -13.01 3.98 -13.77
C ILE A 10 -13.68 5.31 -13.35
N ASP A 11 -14.68 5.80 -14.09
CA ASP A 11 -15.41 7.01 -13.71
C ASP A 11 -16.34 6.76 -12.52
N THR A 12 -16.83 5.53 -12.35
CA THR A 12 -17.56 5.12 -11.17
C THR A 12 -16.63 5.25 -9.94
N ILE A 13 -15.38 4.78 -10.06
CA ILE A 13 -14.38 4.92 -9.01
C ILE A 13 -14.13 6.42 -8.80
N LEU A 14 -13.90 7.17 -9.88
CA LEU A 14 -13.54 8.58 -9.82
C LEU A 14 -14.60 9.38 -9.09
N SER A 15 -15.88 9.16 -9.39
CA SER A 15 -16.98 9.80 -8.69
C SER A 15 -17.06 9.38 -7.23
N THR A 16 -16.78 8.11 -6.89
CA THR A 16 -16.77 7.70 -5.50
C THR A 16 -15.64 8.39 -4.72
N LEU A 17 -14.46 8.48 -5.33
CA LEU A 17 -13.33 9.24 -4.80
C LEU A 17 -13.74 10.71 -4.63
N ARG A 18 -14.34 11.33 -5.65
CA ARG A 18 -14.74 12.73 -5.58
C ARG A 18 -15.75 12.97 -4.46
N MET A 19 -16.80 12.14 -4.36
CA MET A 19 -17.82 12.32 -3.33
C MET A 19 -17.29 12.17 -1.91
N GLU A 20 -16.19 11.44 -1.70
CA GLU A 20 -15.71 11.10 -0.36
C GLU A 20 -14.42 11.82 0.03
N ALA A 21 -13.71 12.33 -0.98
CA ALA A 21 -12.56 13.19 -0.80
C ALA A 21 -12.98 14.47 -0.07
N ASP A 22 -12.17 14.85 0.92
CA ASP A 22 -12.26 16.14 1.61
C ASP A 22 -11.99 17.27 0.59
N PRO A 23 -12.62 18.45 0.69
CA PRO A 23 -12.35 19.58 -0.19
C PRO A 23 -10.86 19.96 -0.33
N SER A 24 -10.03 19.70 0.68
CA SER A 24 -8.59 19.94 0.61
C SER A 24 -7.93 19.03 -0.44
N LEU A 25 -8.40 17.78 -0.55
CA LEU A 25 -7.87 16.77 -1.45
C LEU A 25 -8.49 16.88 -2.84
N HIS A 26 -9.77 17.25 -2.91
CA HIS A 26 -10.61 17.21 -4.10
C HIS A 26 -9.98 17.70 -5.42
N PRO A 27 -9.27 18.85 -5.50
CA PRO A 27 -8.66 19.32 -6.75
C PRO A 27 -7.75 18.30 -7.44
N LEU A 28 -7.08 17.46 -6.64
CA LEU A 28 -6.26 16.36 -7.13
C LEU A 28 -7.03 15.49 -8.11
N PHE A 29 -8.32 15.21 -7.85
CA PHE A 29 -9.05 14.22 -8.61
C PHE A 29 -9.48 14.69 -10.00
N GLU A 30 -9.54 16.00 -10.26
CA GLU A 30 -9.73 16.50 -11.62
C GLU A 30 -8.47 16.15 -12.45
N GLN A 31 -7.30 16.37 -11.84
CA GLN A 31 -6.02 16.06 -12.47
C GLN A 31 -5.86 14.54 -12.62
N PHE A 32 -6.21 13.79 -11.58
CA PHE A 32 -6.12 12.33 -11.53
C PHE A 32 -6.93 11.73 -12.69
N GLU A 33 -8.16 12.23 -12.93
CA GLU A 33 -8.98 11.79 -14.04
C GLU A 33 -8.23 11.99 -15.36
N LYS A 34 -7.77 13.21 -15.65
CA LYS A 34 -7.18 13.49 -16.96
C LYS A 34 -5.85 12.76 -17.14
N PHE A 35 -5.05 12.60 -16.07
CA PHE A 35 -3.80 11.86 -16.15
C PHE A 35 -4.04 10.36 -16.36
N TYR A 36 -5.11 9.78 -15.80
CA TYR A 36 -5.50 8.42 -16.15
C TYR A 36 -5.88 8.38 -17.65
N GLU A 37 -6.72 9.31 -18.11
CA GLU A 37 -7.28 9.28 -19.46
C GLU A 37 -6.17 9.36 -20.52
N GLU A 38 -5.14 10.18 -20.29
CA GLU A 38 -4.01 10.32 -21.22
C GLU A 38 -2.91 9.26 -20.98
N LYS A 39 -3.22 8.21 -20.20
CA LYS A 39 -2.36 7.05 -19.95
C LYS A 39 -1.02 7.44 -19.30
N LEU A 40 -1.05 8.39 -18.37
CA LEU A 40 0.11 8.80 -17.61
C LEU A 40 0.00 8.28 -16.19
N TRP A 41 0.10 6.96 -16.13
CA TRP A 41 0.05 6.18 -14.89
C TRP A 41 1.07 6.71 -13.88
N PHE A 42 2.31 6.99 -14.33
CA PHE A 42 3.38 7.38 -13.43
C PHE A 42 3.06 8.75 -12.85
N GLN A 43 2.74 9.74 -13.69
CA GLN A 43 2.38 11.08 -13.26
C GLN A 43 1.18 11.05 -12.29
N LEU A 44 0.15 10.28 -12.64
CA LEU A 44 -1.00 10.04 -11.80
C LEU A 44 -0.56 9.53 -10.42
N SER A 45 0.42 8.64 -10.37
CA SER A 45 0.90 8.07 -9.13
C SER A 45 1.75 9.05 -8.34
N GLU A 46 2.53 9.94 -8.98
CA GLU A 46 3.21 11.02 -8.26
C GLU A 46 2.16 11.92 -7.61
N SER A 47 1.06 12.16 -8.35
CA SER A 47 -0.01 13.03 -7.89
C SER A 47 -0.68 12.40 -6.66
N LEU A 48 -1.09 11.14 -6.80
CA LEU A 48 -1.69 10.36 -5.73
C LEU A 48 -0.76 10.32 -4.51
N THR A 49 0.54 10.18 -4.74
CA THR A 49 1.56 10.20 -3.70
C THR A 49 1.59 11.55 -2.97
N LYS A 50 1.69 12.69 -3.66
CA LYS A 50 1.85 13.96 -2.94
C LYS A 50 0.69 14.24 -2.00
N PHE A 51 -0.55 13.90 -2.40
CA PHE A 51 -1.72 14.10 -1.53
C PHE A 51 -1.90 12.96 -0.51
N PHE A 52 -1.25 11.82 -0.71
CA PHE A 52 -1.16 10.77 0.31
C PHE A 52 -0.17 11.20 1.39
N ASP A 53 0.95 11.82 0.99
CA ASP A 53 1.98 12.31 1.91
C ASP A 53 1.48 13.51 2.70
N ASP A 54 0.56 14.30 2.12
CA ASP A 54 -0.14 15.41 2.78
C ASP A 54 -1.05 14.93 3.93
N ALA A 55 -1.27 13.61 4.04
CA ALA A 55 -1.93 12.91 5.14
C ALA A 55 -3.40 13.29 5.39
N LYS A 56 -4.02 14.06 4.51
CA LYS A 56 -5.47 14.27 4.56
C LYS A 56 -6.10 12.90 4.34
N SER A 57 -7.05 12.54 5.20
CA SER A 57 -7.92 11.39 5.03
C SER A 57 -7.16 10.11 4.64
N THR A 58 -6.18 9.67 5.43
CA THR A 58 -5.26 8.57 5.10
C THR A 58 -5.89 7.44 4.25
N PRO A 59 -6.93 6.69 4.69
CA PRO A 59 -7.47 5.54 3.96
C PRO A 59 -8.30 5.88 2.72
N LEU A 60 -8.44 7.15 2.32
CA LEU A 60 -9.04 7.59 1.05
C LEU A 60 -8.43 6.82 -0.14
N ARG A 61 -7.16 6.41 -0.03
CA ARG A 61 -6.43 5.65 -1.04
C ARG A 61 -6.86 4.18 -1.16
N LEU A 62 -7.58 3.59 -0.20
CA LEU A 62 -7.80 2.14 -0.19
C LEU A 62 -8.55 1.66 -1.43
N ARG A 63 -9.61 2.36 -1.86
CA ARG A 63 -10.34 1.98 -3.08
C ARG A 63 -9.40 2.03 -4.30
N LEU A 64 -8.53 3.04 -4.34
CA LEU A 64 -7.63 3.23 -5.46
C LEU A 64 -6.65 2.09 -5.53
N TYR A 65 -6.04 1.67 -4.42
CA TYR A 65 -5.16 0.50 -4.44
C TYR A 65 -5.95 -0.73 -4.93
N ASP A 66 -7.15 -0.94 -4.39
CA ASP A 66 -7.89 -2.18 -4.59
C ASP A 66 -8.41 -2.36 -6.02
N ASN A 67 -8.93 -1.31 -6.66
CA ASN A 67 -9.67 -1.46 -7.93
C ASN A 67 -9.23 -0.51 -9.05
N PHE A 68 -8.28 0.41 -8.83
CA PHE A 68 -7.89 1.38 -9.85
C PHE A 68 -6.41 1.20 -10.16
N VAL A 69 -5.53 1.42 -9.18
CA VAL A 69 -4.09 1.29 -9.31
C VAL A 69 -3.72 -0.18 -9.58
N SER A 70 -4.54 -1.13 -9.13
CA SER A 70 -4.41 -2.54 -9.46
C SER A 70 -4.44 -2.82 -10.97
N LYS A 71 -5.09 -1.98 -11.76
CA LYS A 71 -5.16 -2.14 -13.21
C LYS A 71 -3.80 -1.83 -13.88
N PHE A 72 -2.83 -1.27 -13.16
CA PHE A 72 -1.54 -0.84 -13.71
C PHE A 72 -0.41 -1.02 -12.69
N TYR A 73 -0.49 -2.06 -11.82
CA TYR A 73 0.47 -2.35 -10.75
C TYR A 73 1.93 -2.16 -11.19
N ASP A 74 2.31 -2.79 -12.31
CA ASP A 74 3.71 -2.87 -12.73
C ASP A 74 4.15 -1.66 -13.56
N LYS A 75 3.22 -0.81 -14.00
CA LYS A 75 3.51 0.36 -14.82
C LYS A 75 4.12 1.50 -13.99
N ILE A 76 4.10 1.40 -12.65
CA ILE A 76 4.45 2.49 -11.74
C ILE A 76 5.37 1.96 -10.63
N ASN A 77 5.80 2.87 -9.75
CA ASN A 77 6.64 2.52 -8.62
C ASN A 77 5.90 1.56 -7.69
N GLN A 78 6.45 0.36 -7.53
CA GLN A 78 5.89 -0.69 -6.70
C GLN A 78 5.77 -0.24 -5.24
N LEU A 79 6.69 0.58 -4.74
CA LEU A 79 6.60 1.07 -3.35
C LEU A 79 5.54 2.16 -3.24
N SER A 80 5.18 2.90 -4.30
CA SER A 80 4.09 3.86 -4.21
C SER A 80 2.77 3.12 -4.00
N VAL A 81 2.46 2.12 -4.84
CA VAL A 81 1.19 1.40 -4.71
C VAL A 81 1.09 0.69 -3.36
N VAL A 82 2.14 0.00 -2.92
CA VAL A 82 2.06 -0.68 -1.63
C VAL A 82 2.10 0.36 -0.49
N LYS A 83 2.75 1.53 -0.61
CA LYS A 83 2.63 2.58 0.40
C LYS A 83 1.19 3.05 0.56
N TYR A 84 0.41 3.14 -0.53
CA TYR A 84 -1.01 3.47 -0.42
C TYR A 84 -1.71 2.46 0.49
N LEU A 85 -1.44 1.17 0.27
CA LEU A 85 -1.96 0.11 1.13
C LEU A 85 -1.44 0.25 2.57
N LEU A 86 -0.13 0.47 2.77
CA LEU A 86 0.51 0.58 4.09
C LEU A 86 -0.29 1.57 4.95
N ALA A 87 -0.36 2.84 4.55
CA ALA A 87 -0.91 3.85 5.44
C ALA A 87 -2.41 3.66 5.64
N SER A 88 -3.13 3.27 4.58
CA SER A 88 -4.57 3.07 4.67
C SER A 88 -4.88 1.98 5.69
N LEU A 89 -4.19 0.85 5.58
CA LEU A 89 -4.51 -0.33 6.37
C LEU A 89 -3.89 -0.27 7.77
N LYS A 90 -2.78 0.47 7.95
CA LYS A 90 -2.25 0.76 9.27
C LYS A 90 -3.24 1.64 10.03
N ASP A 91 -3.91 2.59 9.36
CA ASP A 91 -4.88 3.48 10.00
C ASP A 91 -6.15 2.75 10.43
N SER A 92 -6.57 1.72 9.68
CA SER A 92 -7.72 0.89 10.03
C SER A 92 -7.63 0.31 11.46
N LYS A 93 -8.79 0.06 12.07
CA LYS A 93 -8.94 -0.40 13.47
C LYS A 93 -8.56 -1.89 13.69
N ASP A 94 -7.70 -2.46 12.84
CA ASP A 94 -7.29 -3.86 12.90
C ASP A 94 -5.81 -3.93 12.53
N PHE A 95 -5.10 -4.95 13.03
CA PHE A 95 -3.64 -5.08 12.93
C PHE A 95 -3.22 -6.50 12.52
N ASP A 96 -4.12 -7.28 11.92
CA ASP A 96 -3.86 -8.65 11.46
C ASP A 96 -4.20 -8.76 9.97
N GLU A 97 -5.30 -8.13 9.55
CA GLU A 97 -5.63 -7.97 8.14
C GLU A 97 -4.48 -7.26 7.43
N SER A 98 -3.78 -6.36 8.14
CA SER A 98 -2.59 -5.67 7.68
C SER A 98 -1.55 -6.64 7.12
N LEU A 99 -1.24 -7.72 7.84
CA LEU A 99 -0.22 -8.66 7.40
C LEU A 99 -0.74 -9.45 6.20
N LYS A 100 -2.00 -9.89 6.27
CA LYS A 100 -2.59 -10.70 5.20
C LYS A 100 -2.57 -9.93 3.89
N TYR A 101 -3.07 -8.69 3.88
CA TYR A 101 -3.14 -7.88 2.68
C TYR A 101 -1.75 -7.49 2.19
N LEU A 102 -0.81 -7.07 3.06
CA LEU A 102 0.49 -6.62 2.58
C LEU A 102 1.26 -7.79 2.01
N ASP A 103 1.25 -8.95 2.70
CA ASP A 103 1.96 -10.13 2.22
C ASP A 103 1.34 -10.61 0.90
N ASP A 104 0.01 -10.56 0.76
CA ASP A 104 -0.67 -10.96 -0.48
C ASP A 104 -0.36 -10.00 -1.63
N LEU A 105 -0.32 -8.69 -1.38
CA LEU A 105 0.06 -7.73 -2.42
C LEU A 105 1.53 -7.92 -2.78
N LYS A 106 2.38 -8.18 -1.79
CA LYS A 106 3.76 -8.60 -2.03
C LYS A 106 3.75 -9.83 -2.91
N ALA A 107 2.88 -10.82 -2.69
CA ALA A 107 2.87 -12.05 -3.46
C ALA A 107 2.61 -11.77 -4.94
N GLN A 108 1.73 -10.80 -5.27
CA GLN A 108 1.53 -10.41 -6.66
C GLN A 108 2.85 -9.91 -7.28
N PHE A 109 3.59 -9.07 -6.57
CA PHE A 109 4.89 -8.58 -7.05
C PHE A 109 5.96 -9.68 -7.04
N GLN A 110 5.90 -10.62 -6.08
CA GLN A 110 6.76 -11.78 -6.00
C GLN A 110 6.56 -12.70 -7.22
N GLU A 111 5.37 -12.72 -7.81
CA GLU A 111 5.08 -13.48 -9.02
C GLU A 111 5.48 -12.70 -10.28
N LEU A 112 5.58 -11.38 -10.22
CA LEU A 112 6.10 -10.55 -11.32
C LEU A 112 7.64 -10.56 -11.31
N ASP A 113 8.26 -10.77 -10.15
CA ASP A 113 9.70 -10.64 -9.94
C ASP A 113 10.49 -11.50 -10.91
N SER A 114 10.04 -12.73 -11.19
CA SER A 114 10.69 -13.67 -12.08
C SER A 114 10.62 -13.27 -13.57
N LYS A 115 9.98 -12.14 -13.90
CA LYS A 115 9.84 -11.63 -15.27
C LYS A 115 10.50 -10.27 -15.39
N LYS A 116 10.26 -9.37 -14.42
CA LYS A 116 10.89 -8.05 -14.42
C LYS A 116 12.35 -8.10 -13.97
N GLN A 117 12.76 -9.17 -13.28
CA GLN A 117 14.13 -9.50 -12.90
C GLN A 117 14.30 -11.02 -13.13
N ARG A 118 15.36 -11.61 -12.56
CA ARG A 118 15.71 -13.02 -12.69
C ARG A 118 15.84 -13.46 -14.15
N ASN A 119 16.26 -12.54 -15.05
CA ASN A 119 16.60 -12.87 -16.44
C ASN A 119 17.76 -13.89 -16.50
N ASN A 120 18.56 -13.91 -15.45
CA ASN A 120 19.60 -14.88 -15.13
C ASN A 120 19.36 -15.31 -13.68
N GLY A 121 19.97 -16.41 -13.22
CA GLY A 121 19.87 -16.90 -11.85
C GLY A 121 20.49 -15.98 -10.79
N SER A 122 20.73 -14.71 -11.13
CA SER A 122 21.13 -13.63 -10.25
C SER A 122 20.17 -13.54 -9.06
N LYS A 123 20.71 -13.46 -7.84
CA LYS A 123 19.92 -13.25 -6.63
C LYS A 123 19.27 -11.87 -6.62
N ASP A 124 18.45 -11.60 -5.60
CA ASP A 124 17.92 -10.26 -5.32
C ASP A 124 19.08 -9.30 -5.03
N HIS A 125 18.97 -8.05 -5.50
CA HIS A 125 19.99 -7.02 -5.38
C HIS A 125 19.33 -5.63 -5.20
N GLY A 126 18.10 -5.59 -4.70
CA GLY A 126 17.31 -4.36 -4.58
C GLY A 126 16.38 -4.41 -3.38
N ASP A 127 15.32 -3.59 -3.44
CA ASP A 127 14.28 -3.47 -2.41
C ASP A 127 12.94 -3.24 -3.10
N GLY A 128 11.85 -3.53 -2.40
CA GLY A 128 10.49 -3.52 -2.91
C GLY A 128 9.67 -4.44 -2.02
N ILE A 129 9.47 -5.68 -2.44
CA ILE A 129 8.84 -6.70 -1.60
C ILE A 129 9.65 -7.02 -0.34
N LEU A 130 10.96 -6.76 -0.33
CA LEU A 130 11.78 -6.83 0.89
C LEU A 130 11.22 -5.89 1.97
N LEU A 131 10.98 -4.62 1.66
CA LEU A 131 10.32 -3.69 2.58
C LEU A 131 8.95 -4.20 2.99
N ILE A 132 8.14 -4.70 2.05
CA ILE A 132 6.77 -5.12 2.35
C ILE A 132 6.80 -6.28 3.35
N ASP A 133 7.70 -7.26 3.14
CA ASP A 133 7.90 -8.38 4.07
C ASP A 133 8.38 -7.88 5.43
N SER A 134 9.29 -6.90 5.43
CA SER A 134 9.77 -6.28 6.65
C SER A 134 8.64 -5.57 7.39
N GLU A 135 7.72 -4.93 6.67
CA GLU A 135 6.59 -4.24 7.26
C GLU A 135 5.65 -5.23 7.94
N ILE A 136 5.29 -6.35 7.29
CA ILE A 136 4.43 -7.31 7.96
C ILE A 136 5.17 -7.96 9.14
N ALA A 137 6.48 -8.20 9.04
CA ALA A 137 7.25 -8.73 10.16
C ALA A 137 7.23 -7.73 11.34
N ARG A 138 7.43 -6.44 11.10
CA ARG A 138 7.29 -5.41 12.14
C ARG A 138 5.89 -5.43 12.74
N THR A 139 4.86 -5.57 11.91
CA THR A 139 3.47 -5.62 12.36
C THR A 139 3.20 -6.89 13.19
N TYR A 140 3.97 -7.97 12.99
CA TYR A 140 3.93 -9.14 13.87
C TYR A 140 4.68 -8.85 15.18
N LEU A 141 5.89 -8.27 15.09
CA LEU A 141 6.74 -7.99 16.23
C LEU A 141 6.07 -7.05 17.23
N LEU A 142 5.22 -6.14 16.74
CA LEU A 142 4.39 -5.25 17.55
C LEU A 142 3.59 -5.99 18.63
N LYS A 143 3.22 -7.25 18.39
CA LYS A 143 2.40 -8.06 19.30
C LYS A 143 3.23 -8.68 20.44
N ASN A 144 4.55 -8.55 20.43
CA ASN A 144 5.43 -9.06 21.49
C ASN A 144 5.03 -8.45 22.84
N ASP A 145 5.16 -9.23 23.93
CA ASP A 145 4.85 -8.82 25.30
C ASP A 145 5.99 -7.98 25.89
N LEU A 146 6.30 -6.88 25.20
CA LEU A 146 7.45 -6.00 25.38
C LEU A 146 7.68 -5.53 26.82
N VAL A 147 6.64 -5.48 27.67
CA VAL A 147 6.79 -5.11 29.07
C VAL A 147 7.80 -6.00 29.82
N LYS A 148 8.03 -7.25 29.37
CA LYS A 148 9.06 -8.13 29.92
C LYS A 148 10.49 -7.63 29.66
N ALA A 149 10.67 -6.52 28.94
CA ALA A 149 11.95 -5.88 28.68
C ALA A 149 11.86 -4.36 28.93
N ARG A 150 10.87 -3.88 29.69
CA ARG A 150 10.73 -2.46 30.07
C ARG A 150 10.67 -2.41 31.59
N ASP A 151 11.38 -1.45 32.19
CA ASP A 151 11.62 -1.28 33.64
C ASP A 151 12.36 -2.44 34.31
N LEU A 152 12.24 -3.68 33.81
CA LEU A 152 12.95 -4.88 34.23
C LEU A 152 13.13 -5.76 33.00
N LEU A 153 14.18 -6.59 33.02
CA LEU A 153 14.48 -7.64 32.04
C LEU A 153 15.27 -8.69 32.82
N ASP A 154 15.17 -9.96 32.44
CA ASP A 154 15.96 -11.04 33.00
C ASP A 154 16.38 -12.00 31.89
N ASP A 155 17.51 -12.70 32.07
CA ASP A 155 18.07 -13.65 31.12
C ASP A 155 17.11 -14.79 30.74
N LEU A 156 16.13 -15.09 31.62
CA LEU A 156 15.05 -16.04 31.35
C LEU A 156 14.19 -15.63 30.14
N GLU A 157 14.21 -14.34 29.74
CA GLU A 157 13.40 -13.71 28.70
C GLU A 157 11.92 -13.63 29.08
N LYS A 158 11.37 -14.68 29.71
CA LYS A 158 10.04 -14.69 30.33
C LYS A 158 10.15 -13.98 31.69
N THR A 159 10.57 -12.72 31.68
CA THR A 159 10.79 -11.91 32.86
C THR A 159 9.56 -11.93 33.79
N LEU A 160 9.83 -11.85 35.10
CA LEU A 160 8.87 -11.80 36.19
C LEU A 160 9.49 -10.96 37.30
N ASP A 161 8.73 -10.65 38.35
CA ASP A 161 9.23 -9.94 39.53
C ASP A 161 10.39 -10.73 40.16
N LYS A 162 11.62 -10.23 39.98
CA LYS A 162 12.87 -10.89 40.32
C LYS A 162 13.94 -9.80 40.51
N LYS A 163 14.94 -10.07 41.35
CA LYS A 163 16.08 -9.20 41.59
C LYS A 163 17.30 -10.10 41.73
N MET A 4 -5.58 5.39 -24.90
CA MET A 4 -6.33 5.95 -23.74
C MET A 4 -7.10 4.84 -22.99
N PHE A 5 -7.59 5.12 -21.78
CA PHE A 5 -8.43 4.22 -21.01
C PHE A 5 -9.53 5.02 -20.32
N ASN A 6 -10.79 4.61 -20.49
CA ASN A 6 -11.93 5.13 -19.73
C ASN A 6 -13.00 4.05 -19.76
N ASN A 7 -13.64 3.76 -18.63
CA ASN A 7 -14.82 2.92 -18.56
C ASN A 7 -15.67 3.38 -17.37
N HIS A 8 -16.96 3.02 -17.38
CA HIS A 8 -17.95 3.43 -16.38
C HIS A 8 -17.52 3.08 -14.95
N GLU A 9 -16.75 2.01 -14.76
CA GLU A 9 -16.23 1.63 -13.43
C GLU A 9 -15.39 2.76 -12.83
N ILE A 10 -14.53 3.38 -13.64
CA ILE A 10 -13.62 4.40 -13.15
C ILE A 10 -14.29 5.77 -13.13
N ASP A 11 -15.25 6.04 -14.01
CA ASP A 11 -16.09 7.24 -13.89
C ASP A 11 -16.85 7.21 -12.56
N THR A 12 -17.30 6.01 -12.16
CA THR A 12 -17.87 5.75 -10.85
C THR A 12 -16.83 5.99 -9.75
N ILE A 13 -15.61 5.44 -9.84
CA ILE A 13 -14.62 5.60 -8.77
C ILE A 13 -14.28 7.08 -8.59
N LEU A 14 -14.03 7.81 -9.67
CA LEU A 14 -13.68 9.23 -9.57
C LEU A 14 -14.80 10.01 -8.90
N SER A 15 -16.04 9.82 -9.35
CA SER A 15 -17.18 10.55 -8.80
C SER A 15 -17.45 10.15 -7.36
N THR A 16 -17.29 8.88 -7.00
CA THR A 16 -17.54 8.45 -5.65
C THR A 16 -16.47 9.03 -4.71
N LEU A 17 -15.20 8.91 -5.04
CA LEU A 17 -14.14 9.45 -4.20
C LEU A 17 -14.24 10.98 -4.16
N ARG A 18 -14.56 11.65 -5.28
CA ARG A 18 -14.77 13.09 -5.28
C ARG A 18 -15.96 13.49 -4.40
N MET A 19 -17.08 12.75 -4.42
CA MET A 19 -18.25 13.16 -3.64
C MET A 19 -18.00 12.97 -2.15
N GLU A 20 -17.21 11.96 -1.81
CA GLU A 20 -16.92 11.51 -0.47
C GLU A 20 -15.81 12.36 0.15
N ALA A 21 -14.85 12.82 -0.66
CA ALA A 21 -13.68 13.56 -0.24
C ALA A 21 -14.01 14.94 0.33
N ASP A 22 -13.07 15.42 1.13
CA ASP A 22 -13.02 16.79 1.64
C ASP A 22 -12.70 17.72 0.45
N PRO A 23 -13.33 18.91 0.34
CA PRO A 23 -13.05 19.87 -0.73
C PRO A 23 -11.57 20.16 -1.00
N SER A 24 -10.72 20.15 0.04
CA SER A 24 -9.29 20.42 -0.11
C SER A 24 -8.58 19.40 -1.00
N LEU A 25 -9.13 18.18 -1.15
CA LEU A 25 -8.53 17.08 -1.90
C LEU A 25 -8.93 17.12 -3.39
N HIS A 26 -9.96 17.89 -3.76
CA HIS A 26 -10.53 17.88 -5.11
C HIS A 26 -9.51 18.11 -6.24
N PRO A 27 -8.60 19.11 -6.20
CA PRO A 27 -7.80 19.43 -7.38
C PRO A 27 -6.83 18.31 -7.76
N LEU A 28 -6.32 17.55 -6.80
CA LEU A 28 -5.41 16.43 -7.07
C LEU A 28 -6.07 15.42 -8.01
N PHE A 29 -7.39 15.22 -7.87
CA PHE A 29 -8.10 14.24 -8.66
C PHE A 29 -8.30 14.66 -10.11
N GLU A 30 -8.09 15.93 -10.47
CA GLU A 30 -8.14 16.34 -11.87
C GLU A 30 -6.95 15.75 -12.62
N GLN A 31 -5.75 15.83 -12.04
CA GLN A 31 -4.54 15.27 -12.66
C GLN A 31 -4.62 13.75 -12.65
N PHE A 32 -5.14 13.16 -11.58
CA PHE A 32 -5.30 11.71 -11.47
C PHE A 32 -6.22 11.18 -12.58
N GLU A 33 -7.39 11.79 -12.78
CA GLU A 33 -8.32 11.40 -13.84
C GLU A 33 -7.62 11.46 -15.19
N LYS A 34 -7.01 12.61 -15.48
CA LYS A 34 -6.38 12.88 -16.75
C LYS A 34 -5.29 11.87 -17.02
N PHE A 35 -4.31 11.74 -16.11
CA PHE A 35 -3.16 10.90 -16.36
C PHE A 35 -3.50 9.42 -16.43
N TYR A 36 -4.54 8.91 -15.74
CA TYR A 36 -4.97 7.54 -15.99
C TYR A 36 -5.51 7.42 -17.43
N GLU A 37 -6.34 8.37 -17.86
CA GLU A 37 -6.93 8.34 -19.19
C GLU A 37 -5.83 8.41 -20.27
N GLU A 38 -4.79 9.20 -20.03
CA GLU A 38 -3.63 9.38 -20.91
C GLU A 38 -2.61 8.24 -20.77
N LYS A 39 -2.89 7.21 -19.97
CA LYS A 39 -2.00 6.06 -19.72
C LYS A 39 -0.66 6.50 -19.07
N LEU A 40 -0.63 7.66 -18.43
CA LEU A 40 0.56 8.26 -17.83
C LEU A 40 0.71 7.80 -16.38
N TRP A 41 0.87 6.49 -16.20
CA TRP A 41 0.96 5.83 -14.89
C TRP A 41 1.90 6.54 -13.90
N PHE A 42 2.99 7.12 -14.39
CA PHE A 42 3.98 7.76 -13.52
C PHE A 42 3.44 9.08 -12.93
N GLN A 43 2.82 9.94 -13.74
CA GLN A 43 2.23 11.20 -13.25
C GLN A 43 0.91 10.94 -12.53
N LEU A 44 0.23 9.86 -12.91
CA LEU A 44 -0.93 9.35 -12.19
C LEU A 44 -0.51 8.99 -10.76
N SER A 45 0.65 8.34 -10.60
CA SER A 45 1.24 8.08 -9.29
C SER A 45 1.71 9.36 -8.61
N GLU A 46 2.22 10.38 -9.32
CA GLU A 46 2.55 11.65 -8.67
C GLU A 46 1.29 12.32 -8.13
N SER A 47 0.17 12.18 -8.83
CA SER A 47 -1.12 12.71 -8.38
C SER A 47 -1.54 12.00 -7.08
N LEU A 48 -1.43 10.66 -7.03
CA LEU A 48 -1.62 9.91 -5.78
C LEU A 48 -0.64 10.32 -4.69
N THR A 49 0.59 10.71 -5.04
CA THR A 49 1.58 11.13 -4.06
C THR A 49 1.19 12.49 -3.47
N LYS A 50 0.78 13.46 -4.30
CA LYS A 50 0.31 14.75 -3.82
C LYS A 50 -0.98 14.60 -3.01
N PHE A 51 -1.86 13.67 -3.40
CA PHE A 51 -3.05 13.31 -2.64
C PHE A 51 -2.64 12.76 -1.27
N PHE A 52 -1.73 11.77 -1.24
CA PHE A 52 -1.21 11.14 -0.03
C PHE A 52 -0.56 12.15 0.93
N ASP A 53 0.05 13.22 0.40
CA ASP A 53 0.73 14.23 1.21
C ASP A 53 -0.22 14.96 2.16
N ASP A 54 -1.54 14.92 1.90
CA ASP A 54 -2.56 15.37 2.83
C ASP A 54 -3.24 14.12 3.41
N ALA A 55 -3.01 13.87 4.69
CA ALA A 55 -3.54 12.69 5.40
C ALA A 55 -5.07 12.60 5.36
N LYS A 56 -5.79 13.67 5.01
CA LYS A 56 -7.24 13.60 4.77
C LYS A 56 -7.59 12.53 3.71
N SER A 57 -6.68 12.25 2.76
CA SER A 57 -6.90 11.25 1.73
C SER A 57 -6.89 9.81 2.25
N THR A 58 -6.18 9.54 3.34
CA THR A 58 -5.86 8.21 3.83
C THR A 58 -7.00 7.18 3.79
N PRO A 59 -8.12 7.33 4.51
CA PRO A 59 -9.22 6.36 4.47
C PRO A 59 -9.78 6.08 3.06
N LEU A 60 -9.73 7.06 2.14
CA LEU A 60 -10.25 6.89 0.78
C LEU A 60 -9.37 5.92 -0.03
N ARG A 61 -8.06 5.89 0.24
CA ARG A 61 -7.12 5.16 -0.62
C ARG A 61 -7.28 3.64 -0.53
N LEU A 62 -8.02 3.09 0.43
CA LEU A 62 -8.36 1.66 0.42
C LEU A 62 -9.12 1.32 -0.86
N ARG A 63 -10.08 2.16 -1.25
CA ARG A 63 -10.86 1.96 -2.49
C ARG A 63 -9.96 2.12 -3.70
N LEU A 64 -9.08 3.14 -3.66
CA LEU A 64 -8.12 3.44 -4.71
C LEU A 64 -7.23 2.22 -4.96
N TYR A 65 -6.63 1.66 -3.91
CA TYR A 65 -5.78 0.49 -4.04
C TYR A 65 -6.58 -0.70 -4.60
N ASP A 66 -7.71 -1.02 -3.97
CA ASP A 66 -8.45 -2.25 -4.26
C ASP A 66 -9.08 -2.30 -5.65
N ASN A 67 -9.46 -1.15 -6.23
CA ASN A 67 -10.28 -1.14 -7.46
C ASN A 67 -9.62 -0.41 -8.62
N PHE A 68 -8.54 0.34 -8.39
CA PHE A 68 -7.98 1.24 -9.38
C PHE A 68 -6.50 0.92 -9.60
N VAL A 69 -5.64 1.07 -8.58
CA VAL A 69 -4.20 0.74 -8.69
C VAL A 69 -4.01 -0.77 -8.92
N SER A 70 -4.96 -1.62 -8.48
CA SER A 70 -5.00 -3.03 -8.78
C SER A 70 -4.95 -3.36 -10.29
N LYS A 71 -5.23 -2.40 -11.18
CA LYS A 71 -5.17 -2.60 -12.63
C LYS A 71 -3.78 -2.39 -13.21
N PHE A 72 -2.87 -1.67 -12.53
CA PHE A 72 -1.60 -1.25 -13.11
C PHE A 72 -0.44 -1.15 -12.11
N TYR A 73 -0.58 -1.69 -10.90
CA TYR A 73 0.47 -1.74 -9.89
C TYR A 73 1.81 -2.23 -10.46
N ASP A 74 1.77 -3.18 -11.41
CA ASP A 74 2.96 -3.73 -12.06
C ASP A 74 3.68 -2.72 -12.95
N LYS A 75 3.02 -1.66 -13.45
CA LYS A 75 3.66 -0.63 -14.28
C LYS A 75 4.34 0.46 -13.44
N ILE A 76 4.17 0.48 -12.11
CA ILE A 76 4.63 1.56 -11.26
C ILE A 76 5.47 1.02 -10.10
N ASN A 77 5.95 1.92 -9.23
CA ASN A 77 6.87 1.59 -8.16
C ASN A 77 6.16 0.78 -7.08
N GLN A 78 6.74 -0.36 -6.71
CA GLN A 78 6.23 -1.27 -5.69
C GLN A 78 6.04 -0.55 -4.35
N LEU A 79 6.97 0.34 -3.99
CA LEU A 79 6.89 1.06 -2.73
C LEU A 79 5.79 2.11 -2.77
N SER A 80 5.45 2.69 -3.93
CA SER A 80 4.31 3.59 -4.03
C SER A 80 3.02 2.87 -3.67
N VAL A 81 2.75 1.72 -4.30
CA VAL A 81 1.47 1.05 -4.07
C VAL A 81 1.35 0.63 -2.60
N VAL A 82 2.41 0.05 -2.01
CA VAL A 82 2.35 -0.30 -0.62
C VAL A 82 2.27 0.96 0.25
N LYS A 83 2.98 2.06 -0.03
CA LYS A 83 3.00 3.26 0.83
C LYS A 83 1.60 3.86 0.99
N TYR A 84 0.84 3.91 -0.09
CA TYR A 84 -0.52 4.47 -0.06
C TYR A 84 -1.40 3.59 0.83
N LEU A 85 -1.43 2.30 0.48
CA LEU A 85 -2.17 1.29 1.20
C LEU A 85 -1.76 1.29 2.67
N LEU A 86 -0.47 1.37 2.95
CA LEU A 86 0.13 1.29 4.28
C LEU A 86 -0.50 2.30 5.20
N ALA A 87 -0.46 3.60 4.87
CA ALA A 87 -1.03 4.58 5.79
C ALA A 87 -2.52 4.33 5.99
N SER A 88 -3.25 3.92 4.94
CA SER A 88 -4.68 3.61 5.09
C SER A 88 -4.91 2.39 6.00
N LEU A 89 -4.09 1.36 5.84
CA LEU A 89 -4.21 0.03 6.44
C LEU A 89 -3.70 0.02 7.87
N LYS A 90 -2.66 0.81 8.18
CA LYS A 90 -2.19 1.02 9.54
C LYS A 90 -3.20 1.87 10.31
N ASP A 91 -3.94 2.77 9.63
CA ASP A 91 -4.99 3.57 10.25
C ASP A 91 -6.23 2.72 10.57
N SER A 92 -6.48 1.64 9.82
CA SER A 92 -7.51 0.66 10.17
C SER A 92 -7.30 0.12 11.59
N LYS A 93 -8.39 -0.24 12.29
CA LYS A 93 -8.37 -0.57 13.71
C LYS A 93 -8.08 -2.06 13.94
N ASP A 94 -7.27 -2.67 13.07
CA ASP A 94 -6.87 -4.07 13.09
C ASP A 94 -5.51 -4.17 12.39
N PHE A 95 -4.73 -5.22 12.65
CA PHE A 95 -3.40 -5.44 12.06
C PHE A 95 -3.23 -6.86 11.50
N ASP A 96 -4.20 -7.76 11.71
CA ASP A 96 -4.17 -9.09 11.13
C ASP A 96 -4.61 -9.03 9.68
N GLU A 97 -5.57 -8.14 9.36
CA GLU A 97 -5.93 -7.84 7.98
C GLU A 97 -4.69 -7.33 7.23
N SER A 98 -3.86 -6.52 7.89
CA SER A 98 -2.63 -5.99 7.31
C SER A 98 -1.64 -7.10 6.94
N LEU A 99 -1.55 -8.14 7.77
CA LEU A 99 -0.75 -9.33 7.50
C LEU A 99 -1.19 -9.97 6.18
N LYS A 100 -2.50 -10.16 5.98
CA LYS A 100 -3.01 -10.68 4.70
C LYS A 100 -2.66 -9.74 3.56
N TYR A 101 -2.97 -8.45 3.70
CA TYR A 101 -2.85 -7.47 2.63
C TYR A 101 -1.43 -7.46 2.05
N LEU A 102 -0.41 -7.27 2.90
CA LEU A 102 0.93 -7.03 2.37
C LEU A 102 1.63 -8.33 2.02
N ASP A 103 1.27 -9.47 2.62
CA ASP A 103 1.77 -10.77 2.17
C ASP A 103 1.28 -11.07 0.76
N ASP A 104 0.00 -10.80 0.47
CA ASP A 104 -0.57 -11.02 -0.86
C ASP A 104 0.04 -10.06 -1.88
N LEU A 105 0.18 -8.78 -1.53
CA LEU A 105 0.75 -7.78 -2.42
C LEU A 105 2.23 -8.06 -2.69
N LYS A 106 2.99 -8.46 -1.66
CA LYS A 106 4.35 -8.96 -1.84
C LYS A 106 4.33 -10.13 -2.82
N ALA A 107 3.41 -11.09 -2.66
CA ALA A 107 3.39 -12.28 -3.50
C ALA A 107 3.19 -11.90 -4.97
N GLN A 108 2.35 -10.91 -5.29
CA GLN A 108 2.21 -10.44 -6.67
C GLN A 108 3.56 -9.94 -7.21
N PHE A 109 4.27 -9.13 -6.42
CA PHE A 109 5.60 -8.65 -6.81
C PHE A 109 6.67 -9.74 -6.78
N GLN A 110 6.41 -10.88 -6.13
CA GLN A 110 7.29 -12.04 -6.14
C GLN A 110 7.04 -12.88 -7.39
N GLU A 111 5.81 -12.94 -7.90
CA GLU A 111 5.52 -13.54 -9.20
C GLU A 111 6.12 -12.66 -10.31
N LEU A 112 6.12 -11.34 -10.12
CA LEU A 112 6.75 -10.37 -11.02
C LEU A 112 8.27 -10.28 -10.81
N ASP A 113 8.87 -11.09 -9.93
CA ASP A 113 10.30 -10.99 -9.63
C ASP A 113 11.14 -11.17 -10.89
N SER A 114 10.81 -12.19 -11.69
CA SER A 114 11.47 -12.50 -12.95
C SER A 114 11.12 -11.51 -14.08
N LYS A 115 10.27 -10.51 -13.81
CA LYS A 115 9.78 -9.55 -14.79
C LYS A 115 10.37 -8.17 -14.53
N LYS A 116 10.49 -7.75 -13.25
CA LYS A 116 10.91 -6.39 -12.91
C LYS A 116 11.83 -6.28 -11.67
N GLN A 117 12.23 -7.40 -11.06
CA GLN A 117 13.13 -7.42 -9.90
C GLN A 117 14.26 -8.44 -10.16
N ARG A 118 14.69 -8.53 -11.42
CA ARG A 118 15.58 -9.57 -11.95
C ARG A 118 17.06 -9.35 -11.60
N ASN A 119 17.40 -8.21 -10.99
CA ASN A 119 18.75 -7.69 -10.76
C ASN A 119 19.42 -7.33 -12.08
N ASN A 120 19.61 -8.29 -12.98
CA ASN A 120 20.05 -8.04 -14.35
C ASN A 120 19.03 -7.13 -15.04
N GLY A 121 19.47 -5.97 -15.52
CA GLY A 121 18.62 -4.98 -16.18
C GLY A 121 17.77 -4.18 -15.19
N SER A 122 17.13 -4.83 -14.22
CA SER A 122 16.32 -4.20 -13.19
C SER A 122 17.14 -3.29 -12.26
N LYS A 123 18.45 -3.52 -12.12
CA LYS A 123 19.36 -2.74 -11.26
C LYS A 123 18.77 -2.59 -9.85
N ASP A 124 18.40 -3.73 -9.27
CA ASP A 124 17.64 -3.89 -8.03
C ASP A 124 18.10 -5.19 -7.36
N HIS A 125 17.72 -5.44 -6.11
CA HIS A 125 18.08 -6.63 -5.34
C HIS A 125 16.83 -7.26 -4.69
N GLY A 126 15.65 -7.07 -5.30
CA GLY A 126 14.37 -7.46 -4.72
C GLY A 126 13.92 -6.48 -3.64
N ASP A 127 14.43 -5.24 -3.65
CA ASP A 127 14.18 -4.28 -2.57
C ASP A 127 12.69 -3.97 -2.44
N GLY A 128 11.97 -3.98 -3.57
CA GLY A 128 10.54 -3.77 -3.64
C GLY A 128 9.70 -4.87 -2.98
N ILE A 129 10.32 -5.97 -2.53
CA ILE A 129 9.64 -6.98 -1.70
C ILE A 129 10.42 -7.29 -0.41
N LEU A 130 11.73 -7.04 -0.32
CA LEU A 130 12.46 -7.11 0.94
C LEU A 130 11.91 -6.08 1.93
N LEU A 131 11.55 -4.89 1.44
CA LEU A 131 10.88 -3.88 2.25
C LEU A 131 9.55 -4.45 2.76
N ILE A 132 8.75 -5.05 1.88
CA ILE A 132 7.42 -5.53 2.26
C ILE A 132 7.56 -6.71 3.24
N ASP A 133 8.59 -7.56 3.08
CA ASP A 133 8.88 -8.64 4.03
C ASP A 133 9.21 -8.08 5.41
N SER A 134 10.02 -7.02 5.45
CA SER A 134 10.39 -6.35 6.71
C SER A 134 9.16 -5.66 7.34
N GLU A 135 8.29 -5.09 6.51
CA GLU A 135 7.06 -4.44 6.94
C GLU A 135 6.11 -5.48 7.55
N ILE A 136 5.96 -6.62 6.89
CA ILE A 136 5.18 -7.74 7.39
C ILE A 136 5.80 -8.29 8.67
N ALA A 137 7.12 -8.42 8.78
CA ALA A 137 7.77 -8.90 10.00
C ALA A 137 7.43 -7.97 11.17
N ARG A 138 7.59 -6.66 11.00
CA ARG A 138 7.22 -5.69 12.03
C ARG A 138 5.72 -5.77 12.36
N THR A 139 4.86 -5.87 11.34
CA THR A 139 3.41 -5.99 11.55
C THR A 139 3.08 -7.24 12.38
N TYR A 140 3.69 -8.38 12.07
CA TYR A 140 3.46 -9.63 12.80
C TYR A 140 4.00 -9.55 14.23
N LEU A 141 5.13 -8.87 14.43
CA LEU A 141 5.75 -8.68 15.73
C LEU A 141 4.93 -7.74 16.63
N LEU A 142 4.19 -6.79 16.04
CA LEU A 142 3.48 -5.74 16.75
C LEU A 142 2.52 -6.31 17.79
N LYS A 143 2.53 -5.74 19.00
CA LYS A 143 1.52 -6.02 20.03
C LYS A 143 0.16 -5.52 19.53
N ASN A 144 -0.94 -6.04 20.09
CA ASN A 144 -2.31 -5.72 19.66
C ASN A 144 -2.58 -4.21 19.57
N ASP A 145 -2.03 -3.43 20.51
CA ASP A 145 -2.01 -1.98 20.45
C ASP A 145 -0.74 -1.49 21.14
N LEU A 146 0.40 -1.67 20.45
CA LEU A 146 1.71 -1.32 20.99
C LEU A 146 1.78 0.18 21.29
N VAL A 147 1.99 0.52 22.56
CA VAL A 147 2.31 1.84 23.08
C VAL A 147 3.26 1.60 24.27
N LYS A 148 4.04 2.62 24.66
CA LYS A 148 5.06 2.48 25.71
C LYS A 148 4.47 1.96 27.04
N ALA A 149 3.21 2.29 27.32
CA ALA A 149 2.52 1.87 28.54
C ALA A 149 2.27 0.35 28.62
N ARG A 150 2.29 -0.39 27.50
CA ARG A 150 1.97 -1.83 27.52
C ARG A 150 3.01 -2.59 28.35
N ASP A 151 2.57 -3.69 28.97
CA ASP A 151 3.34 -4.54 29.88
C ASP A 151 2.63 -5.91 29.92
N LEU A 152 3.27 -6.93 30.51
CA LEU A 152 2.65 -8.22 30.79
C LEU A 152 1.34 -8.05 31.58
N LEU A 153 1.33 -7.16 32.59
CA LEU A 153 0.16 -6.83 33.38
C LEU A 153 -0.33 -5.45 32.94
N ASP A 154 -1.34 -5.44 32.07
CA ASP A 154 -1.83 -4.24 31.40
C ASP A 154 -3.29 -4.46 31.00
N ASP A 155 -4.01 -3.38 30.67
CA ASP A 155 -5.38 -3.36 30.18
C ASP A 155 -5.65 -4.28 28.97
N LEU A 156 -4.61 -4.71 28.23
CA LEU A 156 -4.72 -5.74 27.20
C LEU A 156 -5.20 -7.09 27.78
N GLU A 157 -5.23 -7.28 29.10
CA GLU A 157 -5.86 -8.41 29.77
C GLU A 157 -6.90 -7.86 30.76
N LYS A 158 -7.99 -8.61 30.97
CA LYS A 158 -9.00 -8.29 31.97
C LYS A 158 -8.40 -8.35 33.38
N THR A 159 -9.13 -7.84 34.36
CA THR A 159 -8.82 -7.91 35.79
C THR A 159 -9.04 -9.32 36.37
N LEU A 160 -8.68 -10.37 35.60
CA LEU A 160 -8.80 -11.77 35.98
C LEU A 160 -7.87 -12.05 37.16
N ASP A 161 -8.45 -12.22 38.35
CA ASP A 161 -7.73 -12.66 39.56
C ASP A 161 -7.23 -14.10 39.37
N LYS A 162 -6.13 -14.46 40.04
CA LYS A 162 -5.41 -15.72 39.84
C LYS A 162 -4.93 -16.25 41.18
N LYS A 163 -4.68 -17.56 41.27
CA LYS A 163 -4.08 -18.20 42.44
C LYS A 163 -2.72 -17.55 42.70
N MET A 4 -11.01 7.04 -22.87
CA MET A 4 -9.91 6.23 -23.44
C MET A 4 -9.54 5.10 -22.48
N PHE A 5 -8.69 5.34 -21.49
CA PHE A 5 -8.42 4.40 -20.41
C PHE A 5 -9.50 4.51 -19.34
N ASN A 6 -9.99 5.74 -19.08
CA ASN A 6 -11.17 5.92 -18.24
C ASN A 6 -12.35 5.23 -18.93
N ASN A 7 -13.17 4.54 -18.16
CA ASN A 7 -14.33 3.77 -18.60
C ASN A 7 -15.34 3.77 -17.44
N HIS A 8 -16.52 3.19 -17.63
CA HIS A 8 -17.63 3.30 -16.68
C HIS A 8 -17.27 2.89 -15.25
N GLU A 9 -16.36 1.94 -15.06
CA GLU A 9 -15.93 1.51 -13.73
C GLU A 9 -15.15 2.64 -13.06
N ILE A 10 -14.14 3.18 -13.74
CA ILE A 10 -13.26 4.18 -13.16
C ILE A 10 -13.98 5.52 -13.07
N ASP A 11 -14.92 5.82 -13.96
CA ASP A 11 -15.80 6.98 -13.82
C ASP A 11 -16.66 6.86 -12.56
N THR A 12 -17.10 5.64 -12.23
CA THR A 12 -17.78 5.34 -10.98
C THR A 12 -16.83 5.56 -9.80
N ILE A 13 -15.57 5.11 -9.87
CA ILE A 13 -14.60 5.30 -8.81
C ILE A 13 -14.42 6.79 -8.56
N LEU A 14 -14.08 7.56 -9.60
CA LEU A 14 -13.80 8.99 -9.46
C LEU A 14 -15.00 9.70 -8.87
N SER A 15 -16.21 9.44 -9.36
CA SER A 15 -17.41 10.10 -8.88
C SER A 15 -17.73 9.72 -7.45
N THR A 16 -17.66 8.45 -7.08
CA THR A 16 -18.01 8.02 -5.73
C THR A 16 -16.98 8.56 -4.72
N LEU A 17 -15.69 8.43 -5.05
CA LEU A 17 -14.64 8.93 -4.18
C LEU A 17 -14.73 10.46 -4.10
N ARG A 18 -15.04 11.19 -5.18
CA ARG A 18 -15.26 12.64 -5.12
C ARG A 18 -16.44 12.97 -4.20
N MET A 19 -17.60 12.33 -4.38
CA MET A 19 -18.76 12.64 -3.53
C MET A 19 -18.51 12.39 -2.04
N GLU A 20 -17.54 11.54 -1.67
CA GLU A 20 -17.30 11.18 -0.25
C GLU A 20 -16.04 11.82 0.32
N ALA A 21 -15.11 12.20 -0.55
CA ALA A 21 -13.91 12.97 -0.23
C ALA A 21 -14.26 14.40 0.17
N ASP A 22 -13.25 15.09 0.71
CA ASP A 22 -13.30 16.53 0.98
C ASP A 22 -13.03 17.28 -0.35
N PRO A 23 -13.84 18.28 -0.73
CA PRO A 23 -13.68 19.03 -1.97
C PRO A 23 -12.27 19.59 -2.23
N SER A 24 -11.47 19.87 -1.19
CA SER A 24 -10.13 20.42 -1.33
C SER A 24 -9.20 19.50 -2.12
N LEU A 25 -9.52 18.20 -2.20
CA LEU A 25 -8.73 17.22 -2.94
C LEU A 25 -9.04 17.25 -4.45
N HIS A 26 -10.20 17.77 -4.87
CA HIS A 26 -10.66 17.64 -6.24
C HIS A 26 -9.76 18.30 -7.30
N PRO A 27 -9.16 19.50 -7.11
CA PRO A 27 -8.25 20.08 -8.10
C PRO A 27 -7.07 19.16 -8.43
N LEU A 28 -6.46 18.54 -7.43
CA LEU A 28 -5.45 17.51 -7.61
C LEU A 28 -6.06 16.31 -8.34
N PHE A 29 -7.27 15.89 -7.94
CA PHE A 29 -7.86 14.67 -8.46
C PHE A 29 -8.22 14.76 -9.94
N GLU A 30 -8.50 15.96 -10.47
CA GLU A 30 -8.64 16.17 -11.91
C GLU A 30 -7.35 15.82 -12.66
N GLN A 31 -6.18 16.14 -12.09
CA GLN A 31 -4.89 15.87 -12.73
C GLN A 31 -4.58 14.37 -12.64
N PHE A 32 -4.87 13.75 -11.50
CA PHE A 32 -4.77 12.30 -11.33
C PHE A 32 -5.65 11.58 -12.36
N GLU A 33 -6.92 11.99 -12.48
CA GLU A 33 -7.87 11.46 -13.44
C GLU A 33 -7.32 11.58 -14.86
N LYS A 34 -6.90 12.79 -15.23
CA LYS A 34 -6.37 13.08 -16.55
C LYS A 34 -5.19 12.17 -16.87
N PHE A 35 -4.19 12.10 -15.99
CA PHE A 35 -3.01 11.30 -16.28
C PHE A 35 -3.32 9.81 -16.36
N TYR A 36 -4.33 9.27 -15.67
CA TYR A 36 -4.75 7.90 -15.93
C TYR A 36 -5.41 7.79 -17.32
N GLU A 37 -6.34 8.70 -17.65
CA GLU A 37 -7.03 8.71 -18.94
C GLU A 37 -6.03 8.81 -20.11
N GLU A 38 -4.96 9.57 -19.95
CA GLU A 38 -3.94 9.80 -20.98
C GLU A 38 -2.74 8.85 -20.83
N LYS A 39 -2.84 7.82 -19.98
CA LYS A 39 -1.86 6.73 -19.84
C LYS A 39 -0.50 7.21 -19.27
N LEU A 40 -0.43 8.35 -18.60
CA LEU A 40 0.78 8.83 -17.93
C LEU A 40 0.82 8.27 -16.52
N TRP A 41 1.01 6.96 -16.44
CA TRP A 41 1.14 6.20 -15.20
C TRP A 41 2.10 6.85 -14.19
N PHE A 42 3.20 7.43 -14.67
CA PHE A 42 4.21 8.00 -13.81
C PHE A 42 3.71 9.29 -13.18
N GLN A 43 3.15 10.23 -13.96
CA GLN A 43 2.62 11.49 -13.43
C GLN A 43 1.37 11.23 -12.58
N LEU A 44 0.57 10.23 -12.97
CA LEU A 44 -0.53 9.70 -12.18
C LEU A 44 -0.03 9.28 -10.79
N SER A 45 1.11 8.58 -10.71
CA SER A 45 1.69 8.17 -9.45
C SER A 45 2.15 9.37 -8.61
N GLU A 46 2.70 10.44 -9.21
CA GLU A 46 3.04 11.65 -8.47
C GLU A 46 1.78 12.28 -7.90
N SER A 47 0.73 12.34 -8.72
CA SER A 47 -0.55 12.91 -8.34
C SER A 47 -1.15 12.12 -7.16
N LEU A 48 -1.07 10.79 -7.22
CA LEU A 48 -1.52 9.92 -6.14
C LEU A 48 -0.59 10.02 -4.93
N THR A 49 0.70 10.30 -5.11
CA THR A 49 1.62 10.56 -4.00
C THR A 49 1.22 11.87 -3.30
N LYS A 50 0.89 12.93 -4.05
CA LYS A 50 0.41 14.18 -3.44
C LYS A 50 -0.90 13.93 -2.68
N PHE A 51 -1.76 13.06 -3.22
CA PHE A 51 -3.01 12.67 -2.57
C PHE A 51 -2.73 11.91 -1.26
N PHE A 52 -1.67 11.10 -1.23
CA PHE A 52 -1.19 10.38 -0.05
C PHE A 52 -0.50 11.30 0.97
N ASP A 53 0.10 12.41 0.52
CA ASP A 53 0.97 13.26 1.34
C ASP A 53 0.23 14.09 2.42
N ASP A 54 -1.10 13.99 2.50
CA ASP A 54 -1.92 14.70 3.49
C ASP A 54 -2.96 13.75 4.08
N ALA A 55 -3.41 14.00 5.31
CA ALA A 55 -4.40 13.18 5.98
C ALA A 55 -5.79 13.24 5.35
N LYS A 56 -6.09 14.22 4.47
CA LYS A 56 -7.42 14.44 3.88
C LYS A 56 -8.15 13.15 3.52
N SER A 57 -7.51 12.24 2.81
CA SER A 57 -8.16 11.07 2.23
C SER A 57 -8.01 9.84 3.13
N THR A 58 -6.78 9.47 3.48
CA THR A 58 -6.41 8.29 4.29
C THR A 58 -7.30 7.04 4.02
N PRO A 59 -8.33 6.62 4.78
CA PRO A 59 -9.20 5.50 4.39
C PRO A 59 -9.77 5.56 2.97
N LEU A 60 -10.04 6.77 2.44
CA LEU A 60 -10.46 7.04 1.07
C LEU A 60 -9.48 6.37 0.08
N ARG A 61 -8.18 6.32 0.40
CA ARG A 61 -7.14 5.75 -0.46
C ARG A 61 -7.14 4.21 -0.47
N LEU A 62 -7.87 3.53 0.43
CA LEU A 62 -7.81 2.07 0.50
C LEU A 62 -8.45 1.46 -0.75
N ARG A 63 -9.65 1.95 -1.12
CA ARG A 63 -10.29 1.55 -2.38
C ARG A 63 -9.49 2.04 -3.58
N LEU A 64 -8.86 3.22 -3.47
CA LEU A 64 -7.98 3.74 -4.52
C LEU A 64 -6.91 2.70 -4.84
N TYR A 65 -6.23 2.14 -3.84
CA TYR A 65 -5.32 1.04 -4.12
C TYR A 65 -6.08 -0.20 -4.63
N ASP A 66 -7.00 -0.71 -3.80
CA ASP A 66 -7.63 -2.02 -3.99
C ASP A 66 -8.34 -2.23 -5.32
N ASN A 67 -8.92 -1.19 -5.92
CA ASN A 67 -9.74 -1.35 -7.14
C ASN A 67 -9.45 -0.32 -8.23
N PHE A 68 -8.37 0.47 -8.11
CA PHE A 68 -7.89 1.33 -9.18
C PHE A 68 -6.39 1.11 -9.41
N VAL A 69 -5.51 1.25 -8.42
CA VAL A 69 -4.07 1.01 -8.63
C VAL A 69 -3.84 -0.46 -8.99
N SER A 70 -4.63 -1.38 -8.43
CA SER A 70 -4.59 -2.81 -8.77
C SER A 70 -4.75 -3.08 -10.27
N LYS A 71 -5.33 -2.16 -11.04
CA LYS A 71 -5.51 -2.30 -12.49
C LYS A 71 -4.18 -2.17 -13.24
N PHE A 72 -3.14 -1.56 -12.65
CA PHE A 72 -1.88 -1.23 -13.34
C PHE A 72 -0.67 -1.26 -12.37
N TYR A 73 -0.77 -1.94 -11.22
CA TYR A 73 0.28 -1.98 -10.20
C TYR A 73 1.64 -2.44 -10.76
N ASP A 74 1.64 -3.32 -11.76
CA ASP A 74 2.81 -3.78 -12.50
C ASP A 74 3.61 -2.64 -13.15
N LYS A 75 2.94 -1.54 -13.54
CA LYS A 75 3.52 -0.49 -14.36
C LYS A 75 4.30 0.54 -13.53
N ILE A 76 4.22 0.51 -12.20
CA ILE A 76 4.74 1.57 -11.34
C ILE A 76 5.48 0.99 -10.12
N ASN A 77 6.11 1.87 -9.36
CA ASN A 77 7.02 1.51 -8.29
C ASN A 77 6.32 0.75 -7.15
N GLN A 78 6.93 -0.36 -6.72
CA GLN A 78 6.38 -1.26 -5.71
C GLN A 78 6.08 -0.50 -4.42
N LEU A 79 7.09 0.19 -3.86
CA LEU A 79 6.91 0.96 -2.62
C LEU A 79 5.79 2.00 -2.75
N SER A 80 5.58 2.62 -3.91
CA SER A 80 4.50 3.58 -4.09
C SER A 80 3.13 2.93 -3.86
N VAL A 81 2.84 1.78 -4.51
CA VAL A 81 1.51 1.19 -4.37
C VAL A 81 1.23 0.79 -2.92
N VAL A 82 2.21 0.15 -2.27
CA VAL A 82 2.05 -0.23 -0.89
C VAL A 82 1.96 1.01 0.00
N LYS A 83 2.67 2.12 -0.24
CA LYS A 83 2.59 3.31 0.61
C LYS A 83 1.17 3.86 0.69
N TYR A 84 0.43 3.85 -0.42
CA TYR A 84 -0.95 4.34 -0.43
C TYR A 84 -1.80 3.42 0.48
N LEU A 85 -1.72 2.11 0.19
CA LEU A 85 -2.46 1.11 0.94
C LEU A 85 -2.09 1.19 2.42
N LEU A 86 -0.80 1.26 2.73
CA LEU A 86 -0.22 1.31 4.07
C LEU A 86 -0.85 2.44 4.86
N ALA A 87 -0.95 3.65 4.31
CA ALA A 87 -1.50 4.75 5.07
C ALA A 87 -2.95 4.49 5.46
N SER A 88 -3.77 3.98 4.54
CA SER A 88 -5.15 3.63 4.87
C SER A 88 -5.21 2.49 5.90
N LEU A 89 -4.37 1.47 5.70
CA LEU A 89 -4.37 0.21 6.41
C LEU A 89 -3.82 0.35 7.83
N LYS A 90 -2.86 1.27 8.04
CA LYS A 90 -2.40 1.67 9.35
C LYS A 90 -3.53 2.36 10.10
N ASP A 91 -4.21 3.32 9.46
CA ASP A 91 -5.28 4.08 10.09
C ASP A 91 -6.51 3.20 10.41
N SER A 92 -6.64 2.08 9.70
CA SER A 92 -7.65 1.05 9.99
C SER A 92 -7.39 0.31 11.30
N LYS A 93 -6.19 0.41 11.89
CA LYS A 93 -5.79 -0.18 13.17
C LYS A 93 -6.20 -1.66 13.28
N ASP A 94 -5.89 -2.46 12.25
CA ASP A 94 -6.16 -3.89 12.23
C ASP A 94 -4.92 -4.61 11.70
N PHE A 95 -4.12 -5.14 12.61
CA PHE A 95 -2.82 -5.72 12.28
C PHE A 95 -2.96 -7.09 11.60
N ASP A 96 -4.06 -7.81 11.84
CA ASP A 96 -4.32 -9.09 11.17
C ASP A 96 -4.70 -8.83 9.72
N GLU A 97 -5.53 -7.82 9.47
CA GLU A 97 -5.84 -7.38 8.11
C GLU A 97 -4.58 -6.83 7.45
N SER A 98 -3.72 -6.12 8.20
CA SER A 98 -2.46 -5.61 7.68
C SER A 98 -1.55 -6.75 7.20
N LEU A 99 -1.42 -7.81 8.00
CA LEU A 99 -0.67 -9.01 7.68
C LEU A 99 -1.18 -9.60 6.37
N LYS A 100 -2.50 -9.81 6.27
CA LYS A 100 -3.11 -10.39 5.10
C LYS A 100 -2.84 -9.56 3.85
N TYR A 101 -3.07 -8.24 3.93
CA TYR A 101 -2.94 -7.36 2.77
C TYR A 101 -1.51 -7.37 2.22
N LEU A 102 -0.48 -7.22 3.06
CA LEU A 102 0.85 -7.01 2.51
C LEU A 102 1.53 -8.32 2.19
N ASP A 103 1.16 -9.43 2.83
CA ASP A 103 1.63 -10.75 2.40
C ASP A 103 1.09 -11.06 1.00
N ASP A 104 -0.20 -10.81 0.77
CA ASP A 104 -0.83 -11.07 -0.52
C ASP A 104 -0.30 -10.15 -1.61
N LEU A 105 -0.16 -8.85 -1.32
CA LEU A 105 0.35 -7.88 -2.28
C LEU A 105 1.83 -8.12 -2.56
N LYS A 106 2.64 -8.48 -1.54
CA LYS A 106 4.00 -8.92 -1.79
C LYS A 106 3.97 -10.12 -2.74
N ALA A 107 3.10 -11.11 -2.49
CA ALA A 107 3.07 -12.31 -3.31
C ALA A 107 2.73 -11.97 -4.76
N GLN A 108 1.79 -11.05 -5.01
CA GLN A 108 1.47 -10.62 -6.38
C GLN A 108 2.73 -10.13 -7.10
N PHE A 109 3.55 -9.30 -6.44
CA PHE A 109 4.80 -8.83 -7.02
C PHE A 109 5.81 -9.96 -7.12
N GLN A 110 5.94 -10.80 -6.08
CA GLN A 110 6.88 -11.90 -6.03
C GLN A 110 6.67 -12.89 -7.18
N GLU A 111 5.42 -13.09 -7.63
CA GLU A 111 5.12 -13.92 -8.79
C GLU A 111 5.65 -13.28 -10.08
N LEU A 112 5.51 -11.96 -10.23
CA LEU A 112 5.99 -11.24 -11.41
C LEU A 112 7.51 -11.06 -11.39
N ASP A 113 8.10 -11.01 -10.19
CA ASP A 113 9.48 -10.63 -9.92
C ASP A 113 10.47 -11.34 -10.84
N SER A 114 10.57 -12.67 -10.70
CA SER A 114 11.46 -13.48 -11.52
C SER A 114 10.89 -13.69 -12.93
N LYS A 115 9.56 -13.62 -13.08
CA LYS A 115 8.89 -13.88 -14.35
C LYS A 115 9.23 -12.81 -15.39
N LYS A 116 9.23 -11.53 -15.01
CA LYS A 116 9.35 -10.43 -15.95
C LYS A 116 10.08 -9.18 -15.40
N GLN A 117 10.16 -8.99 -14.09
CA GLN A 117 10.79 -7.78 -13.56
C GLN A 117 12.33 -7.93 -13.59
N ARG A 118 13.03 -6.93 -13.04
CA ARG A 118 14.48 -6.95 -12.79
C ARG A 118 15.31 -7.03 -14.07
N ASN A 119 14.74 -6.66 -15.22
CA ASN A 119 15.44 -6.58 -16.51
C ASN A 119 16.32 -5.33 -16.55
N ASN A 120 17.40 -5.33 -15.76
CA ASN A 120 18.33 -4.20 -15.56
C ASN A 120 17.60 -2.88 -15.33
N GLY A 121 16.66 -2.88 -14.38
CA GLY A 121 15.77 -1.76 -14.10
C GLY A 121 15.28 -1.76 -12.65
N SER A 122 16.13 -2.22 -11.71
CA SER A 122 15.80 -2.38 -10.30
C SER A 122 17.01 -2.08 -9.40
N LYS A 123 17.86 -1.14 -9.81
CA LYS A 123 19.05 -0.74 -9.04
C LYS A 123 18.68 -0.26 -7.63
N ASP A 124 17.47 0.26 -7.43
CA ASP A 124 16.91 0.55 -6.11
C ASP A 124 15.59 -0.20 -5.90
N HIS A 125 14.75 -0.32 -6.93
CA HIS A 125 13.45 -0.99 -6.84
C HIS A 125 13.55 -2.48 -6.47
N GLY A 126 14.74 -3.10 -6.60
CA GLY A 126 14.97 -4.49 -6.21
C GLY A 126 14.72 -4.70 -4.71
N ASP A 127 14.92 -3.66 -3.90
CA ASP A 127 14.66 -3.70 -2.45
C ASP A 127 13.16 -3.70 -2.14
N GLY A 128 12.30 -3.38 -3.11
CA GLY A 128 10.87 -3.12 -2.93
C GLY A 128 10.17 -4.20 -2.11
N ILE A 129 10.10 -5.43 -2.62
CA ILE A 129 9.43 -6.51 -1.89
C ILE A 129 10.22 -7.00 -0.68
N LEU A 130 11.54 -6.74 -0.55
CA LEU A 130 12.25 -7.07 0.68
C LEU A 130 11.82 -6.13 1.80
N LEU A 131 11.62 -4.84 1.50
CA LEU A 131 11.06 -3.89 2.45
C LEU A 131 9.65 -4.33 2.84
N ILE A 132 8.82 -4.76 1.90
CA ILE A 132 7.47 -5.21 2.19
C ILE A 132 7.52 -6.48 3.07
N ASP A 133 8.47 -7.39 2.82
CA ASP A 133 8.66 -8.56 3.68
C ASP A 133 9.03 -8.16 5.10
N SER A 134 9.87 -7.13 5.21
CA SER A 134 10.29 -6.55 6.49
C SER A 134 9.13 -5.80 7.15
N GLU A 135 8.21 -5.23 6.39
CA GLU A 135 7.00 -4.60 6.92
C GLU A 135 6.08 -5.66 7.51
N ILE A 136 5.95 -6.80 6.83
CA ILE A 136 5.25 -7.96 7.36
C ILE A 136 5.95 -8.49 8.61
N ALA A 137 7.29 -8.54 8.66
CA ALA A 137 8.01 -8.90 9.87
C ALA A 137 7.70 -7.92 11.01
N ARG A 138 7.70 -6.61 10.74
CA ARG A 138 7.29 -5.60 11.73
C ARG A 138 5.84 -5.81 12.17
N THR A 139 4.95 -6.21 11.27
CA THR A 139 3.56 -6.51 11.61
C THR A 139 3.51 -7.71 12.58
N TYR A 140 4.28 -8.79 12.33
CA TYR A 140 4.38 -9.91 13.25
C TYR A 140 4.97 -9.48 14.60
N LEU A 141 5.98 -8.59 14.59
CA LEU A 141 6.59 -8.09 15.82
C LEU A 141 5.55 -7.32 16.65
N LEU A 142 4.73 -6.49 15.99
CA LEU A 142 3.68 -5.70 16.63
C LEU A 142 2.55 -6.59 17.15
N LYS A 143 2.19 -7.67 16.43
CA LYS A 143 1.06 -8.52 16.78
C LYS A 143 1.40 -9.98 16.46
N ASN A 144 1.56 -10.79 17.50
CA ASN A 144 1.69 -12.24 17.46
C ASN A 144 1.10 -12.79 18.76
N ASP A 145 0.84 -14.10 18.81
CA ASP A 145 0.47 -14.80 20.05
C ASP A 145 1.60 -14.67 21.09
N LEU A 146 1.26 -14.79 22.37
CA LEU A 146 2.19 -14.68 23.48
C LEU A 146 3.30 -15.74 23.35
N VAL A 147 4.54 -15.29 23.15
CA VAL A 147 5.71 -16.15 23.07
C VAL A 147 6.01 -16.82 24.42
N LYS A 148 6.79 -17.91 24.40
CA LYS A 148 7.22 -18.63 25.59
C LYS A 148 8.61 -19.22 25.32
N ALA A 149 9.37 -19.55 26.37
CA ALA A 149 10.63 -20.26 26.33
C ALA A 149 10.62 -21.34 27.42
N ARG A 150 11.72 -22.09 27.54
CA ARG A 150 11.92 -23.15 28.54
C ARG A 150 13.39 -23.15 28.89
N ASP A 151 13.71 -23.34 30.18
CA ASP A 151 15.10 -23.36 30.65
C ASP A 151 15.89 -24.53 30.07
N LEU A 152 15.23 -25.69 29.93
CA LEU A 152 15.77 -26.86 29.25
C LEU A 152 15.69 -26.61 27.74
N LEU A 153 16.63 -25.81 27.22
CA LEU A 153 16.78 -25.58 25.79
C LEU A 153 17.09 -26.91 25.09
N ASP A 154 16.77 -26.99 23.79
CA ASP A 154 16.92 -28.21 22.98
C ASP A 154 18.35 -28.77 22.99
N ASP A 155 19.36 -27.92 23.21
CA ASP A 155 20.74 -28.30 23.45
C ASP A 155 21.35 -27.28 24.42
N LEU A 156 22.29 -27.70 25.27
CA LEU A 156 22.91 -26.88 26.31
C LEU A 156 24.43 -27.16 26.36
N GLU A 157 25.03 -27.48 25.22
CA GLU A 157 26.48 -27.70 25.10
C GLU A 157 27.04 -26.90 23.92
N LYS A 158 26.32 -26.82 22.79
CA LYS A 158 26.66 -25.92 21.67
C LYS A 158 26.64 -24.46 22.12
N THR A 159 25.91 -24.16 23.20
CA THR A 159 25.81 -22.85 23.83
C THR A 159 27.13 -22.38 24.46
N LEU A 160 28.12 -23.25 24.64
CA LEU A 160 29.34 -23.00 25.40
C LEU A 160 30.57 -23.65 24.75
N ASP A 161 31.74 -23.49 25.37
CA ASP A 161 33.07 -23.99 24.98
C ASP A 161 33.62 -23.45 23.66
N LYS A 162 32.77 -23.02 22.73
CA LYS A 162 33.10 -22.36 21.48
C LYS A 162 32.09 -21.23 21.23
N LYS A 163 32.44 -20.28 20.35
CA LYS A 163 31.52 -19.24 19.92
C LYS A 163 30.31 -19.88 19.26
N MET A 4 -11.11 0.38 -22.80
CA MET A 4 -11.12 1.85 -23.01
C MET A 4 -10.72 2.55 -21.71
N PHE A 5 -9.97 3.66 -21.82
CA PHE A 5 -9.68 4.51 -20.66
C PHE A 5 -10.94 5.31 -20.27
N ASN A 6 -10.96 5.80 -19.02
CA ASN A 6 -12.09 6.48 -18.38
C ASN A 6 -13.43 5.75 -18.60
N ASN A 7 -13.39 4.42 -18.58
CA ASN A 7 -14.55 3.53 -18.63
C ASN A 7 -15.35 3.60 -17.32
N HIS A 8 -16.45 2.85 -17.25
CA HIS A 8 -17.41 2.90 -16.14
C HIS A 8 -16.76 2.63 -14.77
N GLU A 9 -15.78 1.73 -14.67
CA GLU A 9 -15.13 1.47 -13.37
C GLU A 9 -14.30 2.69 -12.95
N ILE A 10 -13.62 3.30 -13.91
CA ILE A 10 -12.77 4.44 -13.64
C ILE A 10 -13.66 5.63 -13.28
N ASP A 11 -14.76 5.85 -14.01
CA ASP A 11 -15.70 6.93 -13.75
C ASP A 11 -16.39 6.78 -12.40
N THR A 12 -16.76 5.54 -12.01
CA THR A 12 -17.44 5.31 -10.76
C THR A 12 -16.45 5.48 -9.60
N ILE A 13 -15.19 5.04 -9.73
CA ILE A 13 -14.18 5.25 -8.71
C ILE A 13 -13.90 6.75 -8.58
N LEU A 14 -13.75 7.47 -9.70
CA LEU A 14 -13.48 8.91 -9.64
C LEU A 14 -14.61 9.60 -8.89
N SER A 15 -15.85 9.28 -9.23
CA SER A 15 -17.02 9.86 -8.60
C SER A 15 -17.18 9.44 -7.15
N THR A 16 -16.79 8.23 -6.77
CA THR A 16 -16.87 7.82 -5.39
C THR A 16 -15.81 8.58 -4.57
N LEU A 17 -14.57 8.67 -5.05
CA LEU A 17 -13.56 9.50 -4.40
C LEU A 17 -14.05 10.95 -4.35
N ARG A 18 -14.56 11.49 -5.45
CA ARG A 18 -15.02 12.87 -5.55
C ARG A 18 -16.16 13.19 -4.59
N MET A 19 -17.09 12.26 -4.38
CA MET A 19 -18.21 12.50 -3.46
C MET A 19 -17.74 12.47 -1.99
N GLU A 20 -16.68 11.72 -1.71
CA GLU A 20 -16.22 11.38 -0.38
C GLU A 20 -15.09 12.32 0.07
N ALA A 21 -14.28 12.81 -0.86
CA ALA A 21 -13.05 13.53 -0.59
C ALA A 21 -13.35 14.91 -0.02
N ASP A 22 -12.48 15.35 0.88
CA ASP A 22 -12.48 16.72 1.38
C ASP A 22 -12.18 17.66 0.18
N PRO A 23 -12.99 18.71 -0.09
CA PRO A 23 -12.89 19.50 -1.31
C PRO A 23 -11.49 20.01 -1.65
N SER A 24 -10.69 20.42 -0.66
CA SER A 24 -9.36 20.98 -0.87
C SER A 24 -8.38 19.97 -1.48
N LEU A 25 -8.67 18.67 -1.42
CA LEU A 25 -7.86 17.62 -2.02
C LEU A 25 -8.16 17.45 -3.52
N HIS A 26 -9.36 17.86 -3.97
CA HIS A 26 -9.81 17.53 -5.32
C HIS A 26 -8.99 18.07 -6.51
N PRO A 27 -8.22 19.17 -6.43
CA PRO A 27 -7.29 19.54 -7.50
C PRO A 27 -6.35 18.41 -7.90
N LEU A 28 -5.93 17.55 -6.96
CA LEU A 28 -5.12 16.37 -7.26
C LEU A 28 -5.93 15.40 -8.13
N PHE A 29 -7.22 15.25 -7.89
CA PHE A 29 -8.04 14.29 -8.61
C PHE A 29 -8.37 14.74 -10.03
N GLU A 30 -8.45 16.04 -10.30
CA GLU A 30 -8.61 16.53 -11.68
C GLU A 30 -7.39 16.12 -12.51
N GLN A 31 -6.19 16.28 -11.96
CA GLN A 31 -4.95 15.87 -12.61
C GLN A 31 -4.90 14.36 -12.76
N PHE A 32 -5.23 13.62 -11.68
CA PHE A 32 -5.23 12.17 -11.65
C PHE A 32 -6.13 11.59 -12.74
N GLU A 33 -7.36 12.09 -12.91
CA GLU A 33 -8.26 11.66 -13.97
C GLU A 33 -7.55 11.81 -15.32
N LYS A 34 -7.10 13.02 -15.62
CA LYS A 34 -6.53 13.32 -16.92
C LYS A 34 -5.32 12.44 -17.18
N PHE A 35 -4.45 12.23 -16.19
CA PHE A 35 -3.24 11.46 -16.43
C PHE A 35 -3.53 9.98 -16.60
N TYR A 36 -4.51 9.38 -15.92
CA TYR A 36 -4.90 8.01 -16.22
C TYR A 36 -5.50 7.95 -17.63
N GLU A 37 -6.36 8.89 -18.01
CA GLU A 37 -6.99 8.92 -19.32
C GLU A 37 -5.94 9.02 -20.44
N GLU A 38 -4.85 9.77 -20.21
CA GLU A 38 -3.74 9.95 -21.13
C GLU A 38 -2.66 8.85 -20.98
N LYS A 39 -2.88 7.86 -20.11
CA LYS A 39 -1.95 6.76 -19.81
C LYS A 39 -0.60 7.25 -19.25
N LEU A 40 -0.55 8.44 -18.64
CA LEU A 40 0.64 8.96 -17.97
C LEU A 40 0.72 8.40 -16.56
N TRP A 41 0.97 7.09 -16.47
CA TRP A 41 1.16 6.36 -15.21
C TRP A 41 2.06 7.11 -14.22
N PHE A 42 3.11 7.79 -14.71
CA PHE A 42 4.06 8.45 -13.83
C PHE A 42 3.44 9.71 -13.22
N GLN A 43 2.86 10.62 -14.02
CA GLN A 43 2.27 11.86 -13.49
C GLN A 43 1.01 11.56 -12.69
N LEU A 44 0.30 10.50 -13.09
CA LEU A 44 -0.79 9.92 -12.35
C LEU A 44 -0.33 9.54 -10.94
N SER A 45 0.83 8.89 -10.83
CA SER A 45 1.39 8.52 -9.53
C SER A 45 1.75 9.77 -8.73
N GLU A 46 2.31 10.83 -9.32
CA GLU A 46 2.61 12.05 -8.56
C GLU A 46 1.31 12.63 -8.01
N SER A 47 0.27 12.66 -8.84
CA SER A 47 -1.03 13.21 -8.46
C SER A 47 -1.60 12.43 -7.27
N LEU A 48 -1.57 11.09 -7.35
CA LEU A 48 -2.02 10.23 -6.27
C LEU A 48 -1.14 10.38 -5.02
N THR A 49 0.17 10.56 -5.19
CA THR A 49 1.13 10.66 -4.09
C THR A 49 0.96 11.99 -3.35
N LYS A 50 0.76 13.12 -4.05
CA LYS A 50 0.54 14.41 -3.39
C LYS A 50 -0.74 14.36 -2.56
N PHE A 51 -1.77 13.68 -3.07
CA PHE A 51 -2.99 13.42 -2.31
C PHE A 51 -2.69 12.52 -1.10
N PHE A 52 -1.93 11.43 -1.29
CA PHE A 52 -1.57 10.49 -0.24
C PHE A 52 -0.80 11.16 0.91
N ASP A 53 0.02 12.16 0.61
CA ASP A 53 0.85 12.84 1.60
C ASP A 53 0.00 13.63 2.60
N ASP A 54 -1.21 14.04 2.21
CA ASP A 54 -2.16 14.71 3.09
C ASP A 54 -2.83 13.68 4.00
N ALA A 55 -3.09 14.04 5.26
CA ALA A 55 -3.79 13.18 6.22
C ALA A 55 -5.30 13.11 5.96
N LYS A 56 -5.90 14.09 5.25
CA LYS A 56 -7.36 14.18 5.08
C LYS A 56 -8.01 12.88 4.62
N SER A 57 -7.34 12.13 3.74
CA SER A 57 -7.91 11.00 3.03
C SER A 57 -7.31 9.65 3.41
N THR A 58 -6.65 9.54 4.56
CA THR A 58 -5.87 8.37 4.97
C THR A 58 -6.57 7.03 4.67
N PRO A 59 -7.81 6.76 5.11
CA PRO A 59 -8.55 5.56 4.74
C PRO A 59 -9.41 5.72 3.47
N LEU A 60 -9.90 6.91 3.12
CA LEU A 60 -10.86 7.02 1.99
C LEU A 60 -10.22 6.64 0.65
N ARG A 61 -8.88 6.75 0.54
CA ARG A 61 -8.10 6.29 -0.60
C ARG A 61 -8.08 4.77 -0.77
N LEU A 62 -8.54 3.98 0.20
CA LEU A 62 -8.49 2.51 0.14
C LEU A 62 -9.25 1.99 -1.09
N ARG A 63 -10.36 2.66 -1.45
CA ARG A 63 -11.12 2.35 -2.67
C ARG A 63 -10.29 2.57 -3.94
N LEU A 64 -9.50 3.65 -3.95
CA LEU A 64 -8.62 4.03 -5.05
C LEU A 64 -7.56 2.94 -5.24
N TYR A 65 -6.97 2.47 -4.14
CA TYR A 65 -5.98 1.40 -4.22
C TYR A 65 -6.61 0.10 -4.75
N ASP A 66 -7.78 -0.28 -4.21
CA ASP A 66 -8.39 -1.59 -4.42
C ASP A 66 -8.56 -2.01 -5.88
N ASN A 67 -9.09 -1.12 -6.73
CA ASN A 67 -9.49 -1.49 -8.10
C ASN A 67 -9.04 -0.52 -9.19
N PHE A 68 -8.29 0.53 -8.84
CA PHE A 68 -7.77 1.49 -9.81
C PHE A 68 -6.25 1.33 -9.90
N VAL A 69 -5.52 1.47 -8.77
CA VAL A 69 -4.05 1.31 -8.76
C VAL A 69 -3.66 -0.10 -9.24
N SER A 70 -4.44 -1.11 -8.86
CA SER A 70 -4.23 -2.50 -9.24
C SER A 70 -4.22 -2.71 -10.76
N LYS A 71 -4.86 -1.83 -11.56
CA LYS A 71 -4.88 -1.94 -13.01
C LYS A 71 -3.49 -1.65 -13.63
N PHE A 72 -2.55 -1.07 -12.88
CA PHE A 72 -1.23 -0.69 -13.38
C PHE A 72 -0.13 -1.07 -12.38
N TYR A 73 -0.30 -2.19 -11.67
CA TYR A 73 0.78 -2.77 -10.89
C TYR A 73 1.98 -3.02 -11.82
N ASP A 74 3.20 -3.00 -11.28
CA ASP A 74 4.47 -3.14 -11.99
C ASP A 74 4.78 -1.99 -12.99
N LYS A 75 3.78 -1.28 -13.50
CA LYS A 75 3.99 -0.09 -14.34
C LYS A 75 4.55 1.07 -13.52
N ILE A 76 4.35 1.05 -12.20
CA ILE A 76 4.80 2.08 -11.27
C ILE A 76 5.44 1.42 -10.05
N ASN A 77 6.12 2.24 -9.25
CA ASN A 77 6.94 1.80 -8.13
C ASN A 77 6.14 0.99 -7.11
N GLN A 78 6.62 -0.21 -6.78
CA GLN A 78 6.00 -1.11 -5.81
C GLN A 78 5.81 -0.43 -4.45
N LEU A 79 6.74 0.42 -4.03
CA LEU A 79 6.64 1.07 -2.72
C LEU A 79 5.59 2.17 -2.75
N SER A 80 5.39 2.89 -3.86
CA SER A 80 4.32 3.87 -3.97
C SER A 80 2.97 3.20 -3.75
N VAL A 81 2.71 2.10 -4.44
CA VAL A 81 1.41 1.44 -4.33
C VAL A 81 1.19 0.90 -2.93
N VAL A 82 2.18 0.21 -2.32
CA VAL A 82 2.00 -0.28 -0.98
C VAL A 82 1.89 0.87 0.01
N LYS A 83 2.57 2.01 -0.16
CA LYS A 83 2.44 3.15 0.76
C LYS A 83 0.99 3.63 0.83
N TYR A 84 0.27 3.65 -0.29
CA TYR A 84 -1.15 4.02 -0.28
C TYR A 84 -1.93 3.03 0.59
N LEU A 85 -1.76 1.74 0.34
CA LEU A 85 -2.45 0.68 1.09
C LEU A 85 -2.10 0.74 2.57
N LEU A 86 -0.81 0.87 2.88
CA LEU A 86 -0.25 0.97 4.23
C LEU A 86 -0.97 2.09 5.00
N ALA A 87 -1.08 3.30 4.42
CA ALA A 87 -1.70 4.43 5.09
C ALA A 87 -3.12 4.07 5.52
N SER A 88 -3.93 3.55 4.61
CA SER A 88 -5.31 3.25 4.92
C SER A 88 -5.43 2.10 5.92
N LEU A 89 -4.74 1.00 5.65
CA LEU A 89 -4.94 -0.25 6.37
C LEU A 89 -4.34 -0.18 7.78
N LYS A 90 -3.27 0.60 7.99
CA LYS A 90 -2.76 0.84 9.34
C LYS A 90 -3.71 1.74 10.11
N ASP A 91 -4.32 2.75 9.47
CA ASP A 91 -5.24 3.67 10.14
C ASP A 91 -6.52 2.95 10.63
N SER A 92 -6.87 1.81 10.03
CA SER A 92 -7.93 0.94 10.54
C SER A 92 -7.61 0.33 11.92
N LYS A 93 -6.40 0.51 12.46
CA LYS A 93 -5.88 -0.20 13.65
C LYS A 93 -6.16 -1.70 13.51
N ASP A 94 -5.84 -2.25 12.34
CA ASP A 94 -6.06 -3.66 12.03
C ASP A 94 -4.78 -4.22 11.43
N PHE A 95 -3.77 -4.34 12.29
CA PHE A 95 -2.47 -4.90 11.94
C PHE A 95 -2.59 -6.35 11.46
N ASP A 96 -3.62 -7.08 11.88
CA ASP A 96 -3.82 -8.46 11.43
C ASP A 96 -4.28 -8.49 9.96
N GLU A 97 -5.23 -7.63 9.58
CA GLU A 97 -5.62 -7.48 8.18
C GLU A 97 -4.44 -6.92 7.38
N SER A 98 -3.63 -6.04 7.98
CA SER A 98 -2.42 -5.52 7.34
C SER A 98 -1.46 -6.67 7.02
N LEU A 99 -1.26 -7.61 7.96
CA LEU A 99 -0.39 -8.75 7.76
C LEU A 99 -0.89 -9.60 6.59
N LYS A 100 -2.18 -9.93 6.58
CA LYS A 100 -2.79 -10.73 5.53
C LYS A 100 -2.62 -10.03 4.18
N TYR A 101 -3.02 -8.76 4.09
CA TYR A 101 -3.02 -8.01 2.85
C TYR A 101 -1.61 -7.87 2.28
N LEU A 102 -0.60 -7.60 3.10
CA LEU A 102 0.71 -7.25 2.54
C LEU A 102 1.55 -8.49 2.31
N ASP A 103 1.30 -9.59 3.01
CA ASP A 103 1.91 -10.88 2.69
C ASP A 103 1.37 -11.36 1.34
N ASP A 104 0.04 -11.27 1.13
CA ASP A 104 -0.59 -11.65 -0.13
C ASP A 104 -0.14 -10.75 -1.27
N LEU A 105 -0.14 -9.43 -1.05
CA LEU A 105 0.28 -8.46 -2.05
C LEU A 105 1.75 -8.68 -2.41
N LYS A 106 2.63 -8.86 -1.41
CA LYS A 106 4.03 -9.19 -1.66
C LYS A 106 4.10 -10.42 -2.55
N ALA A 107 3.32 -11.46 -2.25
CA ALA A 107 3.39 -12.70 -3.01
C ALA A 107 2.97 -12.49 -4.46
N GLN A 108 1.97 -11.65 -4.75
CA GLN A 108 1.60 -11.32 -6.13
C GLN A 108 2.76 -10.65 -6.85
N PHE A 109 3.49 -9.75 -6.19
CA PHE A 109 4.65 -9.09 -6.78
C PHE A 109 5.80 -10.07 -6.94
N GLN A 110 6.02 -10.94 -5.95
CA GLN A 110 6.99 -12.02 -6.03
C GLN A 110 6.69 -12.97 -7.20
N GLU A 111 5.43 -13.16 -7.55
CA GLU A 111 5.03 -13.98 -8.69
C GLU A 111 5.28 -13.23 -10.00
N LEU A 112 4.91 -11.95 -10.08
CA LEU A 112 5.22 -11.14 -11.26
C LEU A 112 6.73 -11.13 -11.48
N ASP A 113 7.51 -10.98 -10.41
CA ASP A 113 8.96 -11.03 -10.45
C ASP A 113 9.45 -12.38 -11.00
N SER A 114 8.81 -13.48 -10.61
CA SER A 114 9.09 -14.83 -11.09
C SER A 114 8.70 -15.06 -12.56
N LYS A 115 7.97 -14.15 -13.20
CA LYS A 115 7.71 -14.20 -14.64
C LYS A 115 8.62 -13.22 -15.38
N LYS A 116 8.87 -12.03 -14.81
CA LYS A 116 9.77 -11.03 -15.39
C LYS A 116 11.19 -11.57 -15.47
N GLN A 117 11.63 -12.30 -14.45
CA GLN A 117 12.96 -12.85 -14.27
C GLN A 117 12.84 -14.01 -13.26
N ARG A 118 13.93 -14.36 -12.57
CA ARG A 118 13.99 -15.28 -11.43
C ARG A 118 13.04 -16.47 -11.57
N ASN A 119 13.23 -17.28 -12.61
CA ASN A 119 12.36 -18.42 -12.93
C ASN A 119 12.20 -19.38 -11.75
N ASN A 120 13.21 -19.48 -10.89
CA ASN A 120 13.15 -20.18 -9.61
C ASN A 120 14.04 -19.43 -8.61
N GLY A 121 13.89 -19.70 -7.32
CA GLY A 121 14.65 -19.06 -6.25
C GLY A 121 14.04 -17.74 -5.82
N SER A 122 12.75 -17.52 -6.09
CA SER A 122 12.03 -16.27 -5.85
C SER A 122 12.00 -15.83 -4.38
N LYS A 123 12.32 -16.74 -3.45
CA LYS A 123 12.53 -16.44 -2.03
C LYS A 123 13.63 -15.39 -1.82
N ASP A 124 14.45 -15.10 -2.83
CA ASP A 124 15.40 -13.97 -2.82
C ASP A 124 14.71 -12.62 -2.55
N HIS A 125 13.43 -12.49 -2.96
CA HIS A 125 12.55 -11.32 -2.79
C HIS A 125 13.29 -9.97 -2.83
N GLY A 126 13.72 -9.57 -4.04
CA GLY A 126 14.52 -8.38 -4.29
C GLY A 126 13.84 -7.05 -3.94
N ASP A 127 14.59 -5.96 -4.15
CA ASP A 127 14.20 -4.59 -3.80
C ASP A 127 12.77 -4.26 -4.22
N GLY A 128 11.99 -3.69 -3.28
CA GLY A 128 10.56 -3.50 -3.38
C GLY A 128 9.91 -4.45 -2.39
N ILE A 129 9.66 -5.68 -2.81
CA ILE A 129 9.20 -6.73 -1.90
C ILE A 129 10.17 -7.01 -0.75
N LEU A 130 11.45 -6.66 -0.86
CA LEU A 130 12.39 -6.67 0.25
C LEU A 130 11.86 -5.83 1.43
N LEU A 131 11.41 -4.60 1.15
CA LEU A 131 10.88 -3.73 2.20
C LEU A 131 9.54 -4.28 2.68
N ILE A 132 8.68 -4.75 1.77
CA ILE A 132 7.36 -5.24 2.15
C ILE A 132 7.52 -6.43 3.11
N ASP A 133 8.53 -7.29 2.91
CA ASP A 133 8.82 -8.41 3.80
C ASP A 133 9.25 -7.91 5.19
N SER A 134 10.08 -6.87 5.26
CA SER A 134 10.46 -6.25 6.53
C SER A 134 9.26 -5.61 7.22
N GLU A 135 8.33 -4.99 6.48
CA GLU A 135 7.13 -4.41 7.05
C GLU A 135 6.24 -5.52 7.63
N ILE A 136 6.10 -6.63 6.91
CA ILE A 136 5.42 -7.82 7.41
C ILE A 136 6.13 -8.36 8.67
N ALA A 137 7.47 -8.37 8.74
CA ALA A 137 8.18 -8.74 9.95
C ALA A 137 7.85 -7.80 11.12
N ARG A 138 7.82 -6.47 10.89
CA ARG A 138 7.40 -5.54 11.94
C ARG A 138 5.95 -5.81 12.36
N THR A 139 5.09 -6.20 11.43
CA THR A 139 3.70 -6.52 11.71
C THR A 139 3.61 -7.80 12.58
N TYR A 140 4.41 -8.84 12.30
CA TYR A 140 4.51 -10.01 13.17
C TYR A 140 5.03 -9.61 14.55
N LEU A 141 6.03 -8.72 14.62
CA LEU A 141 6.55 -8.24 15.90
C LEU A 141 5.45 -7.53 16.69
N LEU A 142 4.60 -6.72 16.05
CA LEU A 142 3.48 -6.08 16.72
C LEU A 142 2.48 -7.12 17.26
N LYS A 143 2.22 -8.20 16.52
CA LYS A 143 1.35 -9.28 17.00
C LYS A 143 1.98 -10.08 18.16
N ASN A 144 3.31 -10.15 18.23
CA ASN A 144 4.05 -11.02 19.16
C ASN A 144 5.27 -10.25 19.67
N ASP A 145 5.03 -9.29 20.56
CA ASP A 145 6.05 -8.34 20.99
C ASP A 145 7.22 -9.00 21.70
N LEU A 146 8.39 -8.37 21.62
CA LEU A 146 9.58 -8.70 22.39
C LEU A 146 10.24 -7.41 22.88
N VAL A 147 10.29 -6.36 22.06
CA VAL A 147 11.04 -5.14 22.32
C VAL A 147 10.60 -4.39 23.59
N LYS A 148 9.39 -4.62 24.13
CA LYS A 148 9.00 -4.11 25.44
C LYS A 148 8.50 -5.23 26.35
N ALA A 149 8.01 -6.35 25.81
CA ALA A 149 7.69 -7.53 26.61
C ALA A 149 8.91 -8.02 27.41
N ARG A 150 10.12 -7.86 26.88
CA ARG A 150 11.36 -8.19 27.59
C ARG A 150 11.50 -7.44 28.92
N ASP A 151 10.96 -6.22 29.04
CA ASP A 151 11.04 -5.46 30.29
C ASP A 151 10.09 -6.06 31.33
N LEU A 152 8.88 -6.44 30.92
CA LEU A 152 7.92 -7.12 31.80
C LEU A 152 8.48 -8.47 32.25
N LEU A 153 9.13 -9.20 31.33
CA LEU A 153 9.71 -10.51 31.57
C LEU A 153 10.81 -10.49 32.64
N ASP A 154 11.36 -9.33 33.00
CA ASP A 154 12.32 -9.20 34.09
C ASP A 154 11.71 -9.64 35.43
N ASP A 155 10.38 -9.54 35.58
CA ASP A 155 9.64 -10.11 36.71
C ASP A 155 9.09 -11.46 36.28
N LEU A 156 9.70 -12.55 36.77
CA LEU A 156 9.31 -13.93 36.48
C LEU A 156 9.68 -14.82 37.67
N GLU A 157 9.17 -16.06 37.67
CA GLU A 157 9.29 -16.99 38.79
C GLU A 157 10.73 -17.49 39.04
N LYS A 158 11.67 -17.24 38.13
CA LYS A 158 13.06 -17.69 38.20
C LYS A 158 13.88 -16.80 39.16
N THR A 159 13.32 -16.47 40.31
CA THR A 159 14.04 -15.84 41.41
C THR A 159 15.10 -16.81 41.95
N LEU A 160 15.92 -16.38 42.93
CA LEU A 160 16.93 -17.23 43.57
C LEU A 160 16.33 -18.54 44.11
N ASP A 161 15.08 -18.48 44.59
CA ASP A 161 14.35 -19.64 45.11
C ASP A 161 14.16 -20.76 44.05
N LYS A 162 14.25 -20.43 42.76
CA LYS A 162 14.12 -21.38 41.64
C LYS A 162 15.30 -21.23 40.67
N LYS A 163 16.45 -20.73 41.14
CA LYS A 163 17.69 -20.73 40.36
C LYS A 163 18.01 -22.17 39.97
N MET A 4 -15.52 -3.68 -19.33
CA MET A 4 -14.10 -3.34 -19.05
C MET A 4 -14.02 -2.24 -17.99
N PHE A 5 -12.99 -2.26 -17.14
CA PHE A 5 -12.78 -1.21 -16.14
C PHE A 5 -12.45 0.14 -16.77
N ASN A 6 -11.74 0.11 -17.92
CA ASN A 6 -11.30 1.29 -18.65
C ASN A 6 -12.47 2.25 -18.87
N ASN A 7 -12.28 3.51 -18.47
CA ASN A 7 -13.27 4.59 -18.37
C ASN A 7 -14.46 4.30 -17.46
N HIS A 8 -15.19 3.19 -17.63
CA HIS A 8 -16.47 2.97 -16.93
C HIS A 8 -16.29 2.87 -15.42
N GLU A 9 -15.48 1.91 -14.95
CA GLU A 9 -15.26 1.72 -13.52
C GLU A 9 -14.37 2.85 -13.01
N ILE A 10 -13.42 3.30 -13.82
CA ILE A 10 -12.51 4.35 -13.41
C ILE A 10 -13.25 5.65 -13.12
N ASP A 11 -14.20 6.05 -13.98
CA ASP A 11 -14.97 7.28 -13.79
C ASP A 11 -15.92 7.17 -12.60
N THR A 12 -16.57 6.02 -12.41
CA THR A 12 -17.51 5.85 -11.31
C THR A 12 -16.75 5.83 -9.97
N ILE A 13 -15.59 5.15 -9.92
CA ILE A 13 -14.74 5.10 -8.73
C ILE A 13 -14.27 6.51 -8.41
N LEU A 14 -13.72 7.22 -9.39
CA LEU A 14 -13.08 8.50 -9.12
C LEU A 14 -14.10 9.58 -8.76
N SER A 15 -15.30 9.51 -9.32
CA SER A 15 -16.40 10.37 -8.92
C SER A 15 -16.96 9.97 -7.56
N THR A 16 -16.90 8.69 -7.18
CA THR A 16 -17.20 8.30 -5.82
C THR A 16 -16.15 8.88 -4.86
N LEU A 17 -14.86 8.78 -5.19
CA LEU A 17 -13.81 9.41 -4.38
C LEU A 17 -14.13 10.90 -4.25
N ARG A 18 -14.39 11.60 -5.36
CA ARG A 18 -14.68 13.04 -5.32
C ARG A 18 -15.89 13.33 -4.44
N MET A 19 -17.00 12.59 -4.55
CA MET A 19 -18.17 12.85 -3.70
C MET A 19 -17.90 12.53 -2.22
N GLU A 20 -17.09 11.53 -1.91
CA GLU A 20 -16.76 11.13 -0.54
C GLU A 20 -15.72 12.07 0.10
N ALA A 21 -14.84 12.64 -0.73
CA ALA A 21 -13.66 13.37 -0.31
C ALA A 21 -13.99 14.74 0.27
N ASP A 22 -13.04 15.24 1.05
CA ASP A 22 -13.03 16.62 1.52
C ASP A 22 -12.80 17.53 0.30
N PRO A 23 -13.48 18.68 0.16
CA PRO A 23 -13.31 19.60 -0.97
C PRO A 23 -11.86 19.97 -1.29
N SER A 24 -10.97 20.02 -0.29
CA SER A 24 -9.55 20.34 -0.47
C SER A 24 -8.85 19.36 -1.43
N LEU A 25 -9.38 18.14 -1.58
CA LEU A 25 -8.78 17.11 -2.40
C LEU A 25 -9.21 17.21 -3.87
N HIS A 26 -10.23 18.00 -4.20
CA HIS A 26 -10.78 18.00 -5.56
C HIS A 26 -9.72 18.28 -6.65
N PRO A 27 -8.78 19.25 -6.50
CA PRO A 27 -7.72 19.48 -7.48
C PRO A 27 -6.84 18.25 -7.75
N LEU A 28 -6.66 17.36 -6.75
CA LEU A 28 -5.89 16.14 -6.92
C LEU A 28 -6.60 15.26 -7.92
N PHE A 29 -7.90 15.04 -7.74
CA PHE A 29 -8.60 14.04 -8.54
C PHE A 29 -8.83 14.44 -9.98
N GLU A 30 -8.73 15.72 -10.32
CA GLU A 30 -8.73 16.12 -11.73
C GLU A 30 -7.43 15.64 -12.40
N GLN A 31 -6.30 15.67 -11.68
CA GLN A 31 -5.03 15.12 -12.18
C GLN A 31 -5.15 13.60 -12.29
N PHE A 32 -5.78 12.92 -11.31
CA PHE A 32 -5.93 11.46 -11.37
C PHE A 32 -6.75 11.08 -12.60
N GLU A 33 -7.89 11.76 -12.79
CA GLU A 33 -8.80 11.55 -13.92
C GLU A 33 -8.03 11.60 -15.22
N LYS A 34 -7.33 12.73 -15.41
CA LYS A 34 -6.62 12.99 -16.64
C LYS A 34 -5.54 11.94 -16.83
N PHE A 35 -4.60 11.83 -15.89
CA PHE A 35 -3.43 11.00 -16.09
C PHE A 35 -3.76 9.51 -16.15
N TYR A 36 -4.84 8.99 -15.55
CA TYR A 36 -5.24 7.60 -15.82
C TYR A 36 -5.64 7.48 -17.30
N GLU A 37 -6.56 8.33 -17.77
CA GLU A 37 -7.14 8.16 -19.10
C GLU A 37 -6.11 8.47 -20.20
N GLU A 38 -5.16 9.36 -19.93
CA GLU A 38 -4.01 9.65 -20.79
C GLU A 38 -2.91 8.57 -20.70
N LYS A 39 -3.10 7.55 -19.86
CA LYS A 39 -2.17 6.43 -19.61
C LYS A 39 -0.85 6.90 -18.99
N LEU A 40 -0.82 8.04 -18.30
CA LEU A 40 0.32 8.52 -17.53
C LEU A 40 0.23 7.99 -16.12
N TRP A 41 0.35 6.66 -16.02
CA TRP A 41 0.48 5.95 -14.74
C TRP A 41 1.51 6.63 -13.81
N PHE A 42 2.60 7.13 -14.37
CA PHE A 42 3.67 7.73 -13.59
C PHE A 42 3.20 9.03 -12.93
N GLN A 43 2.63 9.98 -13.69
CA GLN A 43 2.17 11.26 -13.13
C GLN A 43 0.94 11.05 -12.25
N LEU A 44 0.11 10.07 -12.58
CA LEU A 44 -0.98 9.61 -11.73
C LEU A 44 -0.42 9.15 -10.38
N SER A 45 0.71 8.43 -10.36
CA SER A 45 1.35 8.03 -9.11
C SER A 45 1.91 9.24 -8.34
N GLU A 46 2.41 10.28 -9.01
CA GLU A 46 2.82 11.51 -8.32
C GLU A 46 1.59 12.13 -7.66
N SER A 47 0.48 12.15 -8.39
CA SER A 47 -0.79 12.66 -7.89
C SER A 47 -1.24 11.89 -6.64
N LEU A 48 -1.25 10.55 -6.70
CA LEU A 48 -1.44 9.70 -5.52
C LEU A 48 -0.46 10.07 -4.41
N THR A 49 0.80 10.37 -4.73
CA THR A 49 1.81 10.70 -3.74
C THR A 49 1.53 12.07 -3.10
N LYS A 50 1.05 13.08 -3.85
CA LYS A 50 0.62 14.35 -3.28
C LYS A 50 -0.53 14.11 -2.31
N PHE A 51 -1.50 13.28 -2.68
CA PHE A 51 -2.60 12.92 -1.79
C PHE A 51 -2.07 12.18 -0.55
N PHE A 52 -1.12 11.26 -0.71
CA PHE A 52 -0.50 10.50 0.37
C PHE A 52 0.23 11.41 1.37
N ASP A 53 0.75 12.56 0.93
CA ASP A 53 1.38 13.55 1.80
C ASP A 53 0.36 14.29 2.69
N ASP A 54 -0.93 13.97 2.58
CA ASP A 54 -2.02 14.57 3.35
C ASP A 54 -2.95 13.45 3.84
N ALA A 55 -3.90 13.79 4.71
CA ALA A 55 -4.73 12.86 5.46
C ALA A 55 -6.20 13.33 5.55
N LYS A 56 -6.64 14.18 4.61
CA LYS A 56 -8.02 14.70 4.60
C LYS A 56 -9.05 13.56 4.56
N SER A 57 -8.78 12.50 3.79
CA SER A 57 -9.73 11.45 3.47
C SER A 57 -8.99 10.11 3.24
N THR A 58 -8.03 9.78 4.09
CA THR A 58 -7.11 8.66 3.93
C THR A 58 -7.76 7.33 3.45
N PRO A 59 -8.88 6.84 3.99
CA PRO A 59 -9.58 5.64 3.51
C PRO A 59 -9.87 5.59 2.01
N LEU A 60 -10.00 6.73 1.31
CA LEU A 60 -10.20 6.74 -0.14
C LEU A 60 -9.06 6.01 -0.86
N ARG A 61 -7.84 6.06 -0.30
CA ARG A 61 -6.70 5.37 -0.88
C ARG A 61 -6.88 3.85 -0.86
N LEU A 62 -7.74 3.28 -0.01
CA LEU A 62 -8.02 1.84 -0.01
C LEU A 62 -8.81 1.49 -1.27
N ARG A 63 -9.85 2.27 -1.60
CA ARG A 63 -10.63 2.05 -2.81
C ARG A 63 -9.73 2.19 -4.03
N LEU A 64 -8.91 3.25 -4.04
CA LEU A 64 -7.99 3.53 -5.14
C LEU A 64 -7.01 2.37 -5.29
N TYR A 65 -6.41 1.88 -4.20
CA TYR A 65 -5.50 0.74 -4.25
C TYR A 65 -6.18 -0.49 -4.85
N ASP A 66 -7.33 -0.87 -4.29
CA ASP A 66 -7.96 -2.15 -4.59
C ASP A 66 -8.62 -2.23 -5.97
N ASN A 67 -9.04 -1.11 -6.56
CA ASN A 67 -9.86 -1.13 -7.78
C ASN A 67 -9.29 -0.31 -8.93
N PHE A 68 -8.20 0.43 -8.72
CA PHE A 68 -7.74 1.42 -9.68
C PHE A 68 -6.21 1.30 -9.83
N VAL A 69 -5.42 1.35 -8.76
CA VAL A 69 -3.98 1.03 -8.80
C VAL A 69 -3.79 -0.42 -9.26
N SER A 70 -4.71 -1.33 -8.91
CA SER A 70 -4.70 -2.71 -9.35
C SER A 70 -4.69 -2.88 -10.88
N LYS A 71 -4.96 -1.81 -11.66
CA LYS A 71 -4.94 -1.87 -13.12
C LYS A 71 -3.57 -1.50 -13.71
N PHE A 72 -2.63 -0.96 -12.91
CA PHE A 72 -1.31 -0.52 -13.38
C PHE A 72 -0.19 -0.71 -12.34
N TYR A 73 -0.45 -1.38 -11.20
CA TYR A 73 0.52 -1.57 -10.12
C TYR A 73 1.86 -2.15 -10.62
N ASP A 74 1.82 -3.07 -11.58
CA ASP A 74 2.99 -3.71 -12.17
C ASP A 74 3.84 -2.74 -13.01
N LYS A 75 3.29 -1.59 -13.42
CA LYS A 75 3.97 -0.58 -14.21
C LYS A 75 4.73 0.42 -13.34
N ILE A 76 4.55 0.40 -12.02
CA ILE A 76 5.05 1.43 -11.12
C ILE A 76 5.75 0.85 -9.90
N ASN A 77 6.29 1.74 -9.05
CA ASN A 77 7.11 1.40 -7.91
C ASN A 77 6.32 0.61 -6.85
N GLN A 78 6.88 -0.52 -6.42
CA GLN A 78 6.28 -1.41 -5.44
C GLN A 78 6.01 -0.70 -4.11
N LEU A 79 6.91 0.22 -3.69
CA LEU A 79 6.73 0.95 -2.42
C LEU A 79 5.62 1.98 -2.55
N SER A 80 5.45 2.61 -3.72
CA SER A 80 4.36 3.56 -3.93
C SER A 80 3.01 2.87 -3.70
N VAL A 81 2.77 1.72 -4.33
CA VAL A 81 1.46 1.08 -4.21
C VAL A 81 1.21 0.67 -2.75
N VAL A 82 2.21 0.13 -2.04
CA VAL A 82 2.00 -0.21 -0.66
C VAL A 82 1.86 1.04 0.20
N LYS A 83 2.51 2.18 -0.06
CA LYS A 83 2.32 3.39 0.75
C LYS A 83 0.85 3.80 0.79
N TYR A 84 0.16 3.71 -0.34
CA TYR A 84 -1.25 4.09 -0.41
C TYR A 84 -2.11 3.12 0.42
N LEU A 85 -1.83 1.82 0.27
CA LEU A 85 -2.47 0.76 1.05
C LEU A 85 -2.19 0.93 2.55
N LEU A 86 -0.93 1.20 2.91
CA LEU A 86 -0.44 1.31 4.27
C LEU A 86 -1.23 2.39 4.99
N ALA A 87 -1.34 3.59 4.40
CA ALA A 87 -2.05 4.69 5.04
C ALA A 87 -3.52 4.35 5.28
N SER A 88 -4.20 3.82 4.27
CA SER A 88 -5.62 3.59 4.36
C SER A 88 -5.93 2.43 5.30
N LEU A 89 -5.23 1.31 5.16
CA LEU A 89 -5.46 0.11 5.95
C LEU A 89 -4.99 0.28 7.39
N LYS A 90 -3.99 1.14 7.68
CA LYS A 90 -3.66 1.46 9.07
C LYS A 90 -4.69 2.40 9.66
N ASP A 91 -5.16 3.42 8.93
CA ASP A 91 -6.17 4.34 9.44
C ASP A 91 -7.56 3.69 9.53
N SER A 92 -7.72 2.48 9.00
CA SER A 92 -8.92 1.66 9.22
C SER A 92 -8.96 1.07 10.65
N LYS A 93 -7.94 1.35 11.49
CA LYS A 93 -7.76 0.79 12.83
C LYS A 93 -7.90 -0.74 12.82
N ASP A 94 -7.09 -1.38 11.98
CA ASP A 94 -6.91 -2.83 11.98
C ASP A 94 -5.41 -3.10 12.10
N PHE A 95 -5.04 -4.29 12.57
CA PHE A 95 -3.69 -4.64 12.95
C PHE A 95 -3.34 -6.08 12.54
N ASP A 96 -4.13 -6.71 11.67
CA ASP A 96 -3.85 -8.07 11.20
C ASP A 96 -4.20 -8.25 9.73
N GLU A 97 -5.31 -7.67 9.27
CA GLU A 97 -5.60 -7.60 7.83
C GLU A 97 -4.53 -6.75 7.16
N SER A 98 -3.97 -5.78 7.88
CA SER A 98 -2.79 -5.01 7.49
C SER A 98 -1.67 -5.91 6.97
N LEU A 99 -1.36 -7.01 7.67
CA LEU A 99 -0.30 -7.92 7.26
C LEU A 99 -0.77 -8.80 6.10
N LYS A 100 -2.01 -9.31 6.16
CA LYS A 100 -2.53 -10.20 5.13
C LYS A 100 -2.55 -9.50 3.77
N TYR A 101 -3.02 -8.25 3.73
CA TYR A 101 -3.07 -7.46 2.50
C TYR A 101 -1.65 -7.14 2.04
N LEU A 102 -0.72 -6.80 2.95
CA LEU A 102 0.65 -6.50 2.54
C LEU A 102 1.29 -7.73 1.93
N ASP A 103 1.12 -8.90 2.57
CA ASP A 103 1.75 -10.12 2.11
C ASP A 103 1.18 -10.58 0.78
N ASP A 104 -0.15 -10.46 0.61
CA ASP A 104 -0.82 -10.81 -0.64
C ASP A 104 -0.43 -9.88 -1.78
N LEU A 105 -0.31 -8.57 -1.50
CA LEU A 105 0.17 -7.60 -2.48
C LEU A 105 1.62 -7.95 -2.86
N LYS A 106 2.47 -8.21 -1.87
CA LYS A 106 3.84 -8.67 -2.10
C LYS A 106 3.82 -9.93 -2.97
N ALA A 107 2.90 -10.87 -2.73
CA ALA A 107 2.84 -12.11 -3.48
C ALA A 107 2.54 -11.85 -4.96
N GLN A 108 1.71 -10.86 -5.30
CA GLN A 108 1.51 -10.49 -6.70
C GLN A 108 2.83 -10.03 -7.33
N PHE A 109 3.64 -9.24 -6.62
CA PHE A 109 4.96 -8.87 -7.10
C PHE A 109 5.92 -10.07 -7.17
N GLN A 110 5.85 -11.02 -6.22
CA GLN A 110 6.62 -12.26 -6.30
C GLN A 110 6.27 -13.07 -7.55
N GLU A 111 5.00 -13.06 -7.97
CA GLU A 111 4.55 -13.81 -9.14
C GLU A 111 5.05 -13.10 -10.40
N LEU A 112 4.93 -11.78 -10.44
CA LEU A 112 5.46 -10.98 -11.54
C LEU A 112 6.96 -11.19 -11.67
N ASP A 113 7.69 -11.19 -10.56
CA ASP A 113 9.13 -11.46 -10.54
C ASP A 113 9.44 -12.86 -11.07
N SER A 114 8.60 -13.84 -10.72
CA SER A 114 8.73 -15.21 -11.19
C SER A 114 8.48 -15.29 -12.71
N LYS A 115 7.47 -14.61 -13.24
CA LYS A 115 7.21 -14.59 -14.68
C LYS A 115 8.35 -13.90 -15.42
N LYS A 116 8.83 -12.76 -14.91
CA LYS A 116 9.81 -11.93 -15.61
C LYS A 116 11.17 -12.60 -15.74
N GLN A 117 11.58 -13.44 -14.78
CA GLN A 117 12.86 -14.16 -14.87
C GLN A 117 12.77 -15.58 -14.29
N ARG A 118 13.13 -15.77 -13.00
CA ARG A 118 13.23 -17.06 -12.31
C ARG A 118 13.84 -18.18 -13.16
N ASN A 119 15.02 -17.95 -13.77
CA ASN A 119 15.80 -19.01 -14.43
C ASN A 119 16.55 -19.80 -13.35
N ASN A 120 15.79 -20.42 -12.43
CA ASN A 120 16.20 -21.15 -11.24
C ASN A 120 17.40 -20.51 -10.51
N GLY A 121 17.21 -19.29 -10.02
CA GLY A 121 18.17 -18.56 -9.21
C GLY A 121 17.97 -17.04 -9.32
N SER A 122 17.51 -16.60 -10.50
CA SER A 122 17.27 -15.21 -10.84
C SER A 122 16.28 -14.54 -9.91
N LYS A 123 16.49 -13.26 -9.61
CA LYS A 123 15.59 -12.33 -8.93
C LYS A 123 15.90 -10.96 -9.50
N ASP A 124 14.90 -10.09 -9.70
CA ASP A 124 15.17 -8.70 -10.07
C ASP A 124 14.03 -7.76 -9.63
N HIS A 125 12.78 -8.18 -9.79
CA HIS A 125 11.60 -7.39 -9.43
C HIS A 125 11.28 -7.62 -7.93
N GLY A 126 12.32 -7.69 -7.09
CA GLY A 126 12.24 -8.06 -5.69
C GLY A 126 12.66 -6.93 -4.74
N ASP A 127 13.24 -5.85 -5.28
CA ASP A 127 13.88 -4.80 -4.48
C ASP A 127 12.93 -4.14 -3.47
N GLY A 128 11.66 -3.95 -3.85
CA GLY A 128 10.67 -3.33 -2.98
C GLY A 128 10.01 -4.35 -2.06
N ILE A 129 9.72 -5.56 -2.53
CA ILE A 129 9.13 -6.59 -1.68
C ILE A 129 10.06 -7.03 -0.55
N LEU A 130 11.38 -6.83 -0.62
CA LEU A 130 12.26 -7.04 0.54
C LEU A 130 11.84 -6.12 1.70
N LEU A 131 11.53 -4.86 1.40
CA LEU A 131 11.01 -3.92 2.40
C LEU A 131 9.64 -4.39 2.87
N ILE A 132 8.75 -4.79 1.95
CA ILE A 132 7.38 -5.18 2.31
C ILE A 132 7.43 -6.42 3.22
N ASP A 133 8.30 -7.39 2.93
CA ASP A 133 8.53 -8.56 3.78
C ASP A 133 9.05 -8.15 5.15
N SER A 134 9.97 -7.18 5.20
CA SER A 134 10.47 -6.63 6.45
C SER A 134 9.36 -5.90 7.22
N GLU A 135 8.44 -5.23 6.54
CA GLU A 135 7.34 -4.49 7.15
C GLU A 135 6.36 -5.48 7.80
N ILE A 136 6.00 -6.56 7.08
CA ILE A 136 5.19 -7.66 7.61
C ILE A 136 5.90 -8.24 8.83
N ALA A 137 7.18 -8.63 8.71
CA ALA A 137 7.92 -9.27 9.78
C ALA A 137 8.02 -8.38 11.02
N ARG A 138 8.35 -7.09 10.84
CA ARG A 138 8.43 -6.12 11.92
C ARG A 138 7.09 -6.02 12.64
N THR A 139 5.99 -5.94 11.90
CA THR A 139 4.66 -5.85 12.52
C THR A 139 4.35 -7.14 13.29
N TYR A 140 4.64 -8.31 12.73
CA TYR A 140 4.39 -9.58 13.41
C TYR A 140 5.22 -9.69 14.69
N LEU A 141 6.50 -9.27 14.63
CA LEU A 141 7.40 -9.28 15.77
C LEU A 141 6.94 -8.27 16.83
N LEU A 142 6.44 -7.10 16.42
CA LEU A 142 5.90 -6.10 17.34
C LEU A 142 4.71 -6.67 18.11
N LYS A 143 3.85 -7.48 17.47
CA LYS A 143 2.73 -8.14 18.14
C LYS A 143 3.16 -9.37 18.96
N ASN A 144 4.38 -9.89 18.76
CA ASN A 144 4.85 -11.09 19.47
C ASN A 144 4.97 -10.81 20.97
N ASP A 145 4.99 -11.87 21.78
CA ASP A 145 5.16 -11.81 23.23
C ASP A 145 6.49 -11.16 23.64
N LEU A 146 7.51 -11.22 22.77
CA LEU A 146 8.82 -10.61 22.96
C LEU A 146 9.22 -10.01 21.61
N VAL A 147 9.52 -8.71 21.58
CA VAL A 147 9.82 -7.97 20.35
C VAL A 147 11.29 -8.13 19.90
N LYS A 148 12.05 -9.01 20.56
CA LYS A 148 13.48 -9.28 20.33
C LYS A 148 14.29 -8.00 20.12
N ALA A 149 14.23 -7.10 21.11
CA ALA A 149 15.00 -5.85 21.17
C ALA A 149 16.49 -6.15 21.42
N ARG A 150 17.16 -6.80 20.46
CA ARG A 150 18.52 -7.32 20.56
C ARG A 150 19.60 -6.23 20.72
N ASP A 151 19.24 -4.96 20.63
CA ASP A 151 20.12 -3.85 20.99
C ASP A 151 20.45 -3.89 22.49
N LEU A 152 19.59 -4.53 23.29
CA LEU A 152 19.78 -4.84 24.70
C LEU A 152 19.95 -6.36 24.83
N LEU A 153 20.22 -6.84 26.05
CA LEU A 153 20.30 -8.28 26.34
C LEU A 153 18.98 -8.95 25.90
N ASP A 154 19.10 -10.09 25.22
CA ASP A 154 17.98 -10.80 24.57
C ASP A 154 16.86 -11.17 25.56
N ASP A 155 17.21 -11.35 26.84
CA ASP A 155 16.29 -11.65 27.93
C ASP A 155 16.65 -10.79 29.15
N LEU A 156 16.80 -9.48 28.92
CA LEU A 156 17.09 -8.49 29.94
C LEU A 156 16.09 -8.60 31.10
N GLU A 157 16.59 -8.87 32.31
CA GLU A 157 15.78 -8.97 33.52
C GLU A 157 15.33 -7.57 33.98
N LYS A 158 14.26 -7.51 34.78
CA LYS A 158 13.77 -6.30 35.44
C LYS A 158 13.09 -6.74 36.74
N THR A 159 12.97 -5.83 37.69
CA THR A 159 12.32 -6.07 38.98
C THR A 159 10.87 -6.52 38.80
N LEU A 160 10.14 -5.89 37.86
CA LEU A 160 8.80 -6.25 37.44
C LEU A 160 8.64 -5.77 36.01
N ASP A 161 7.98 -6.57 35.16
CA ASP A 161 7.61 -6.21 33.79
C ASP A 161 6.37 -7.02 33.42
N LYS A 162 5.66 -6.64 32.35
CA LYS A 162 4.40 -7.24 31.92
C LYS A 162 4.59 -8.61 31.22
N LYS A 163 5.79 -9.17 31.22
CA LYS A 163 6.15 -10.44 30.60
C LYS A 163 7.25 -11.08 31.44
N MET A 4 -7.68 8.47 -24.04
CA MET A 4 -7.07 7.13 -24.17
C MET A 4 -7.90 6.07 -23.46
N PHE A 5 -7.98 6.10 -22.12
CA PHE A 5 -8.56 5.03 -21.32
C PHE A 5 -9.68 5.54 -20.44
N ASN A 6 -10.76 4.75 -20.35
CA ASN A 6 -11.91 4.98 -19.48
C ASN A 6 -12.62 3.63 -19.32
N ASN A 7 -13.25 3.40 -18.16
CA ASN A 7 -14.15 2.27 -17.92
C ASN A 7 -15.11 2.68 -16.79
N HIS A 8 -16.30 2.07 -16.73
CA HIS A 8 -17.31 2.39 -15.73
C HIS A 8 -16.80 2.17 -14.29
N GLU A 9 -15.88 1.22 -14.08
CA GLU A 9 -15.27 1.01 -12.77
C GLU A 9 -14.40 2.19 -12.37
N ILE A 10 -13.72 2.83 -13.34
CA ILE A 10 -12.94 4.01 -13.04
C ILE A 10 -13.90 5.16 -12.72
N ASP A 11 -14.96 5.33 -13.50
CA ASP A 11 -15.93 6.42 -13.30
C ASP A 11 -16.61 6.32 -11.92
N THR A 12 -16.96 5.11 -11.48
CA THR A 12 -17.60 4.91 -10.19
C THR A 12 -16.58 5.16 -9.07
N ILE A 13 -15.32 4.72 -9.23
CA ILE A 13 -14.27 4.97 -8.24
C ILE A 13 -14.02 6.47 -8.13
N LEU A 14 -13.86 7.20 -9.23
CA LEU A 14 -13.60 8.64 -9.19
C LEU A 14 -14.75 9.38 -8.51
N SER A 15 -15.98 9.00 -8.82
CA SER A 15 -17.16 9.59 -8.20
C SER A 15 -17.20 9.27 -6.70
N THR A 16 -16.86 8.04 -6.30
CA THR A 16 -16.88 7.69 -4.89
C THR A 16 -15.77 8.44 -4.14
N LEU A 17 -14.56 8.48 -4.69
CA LEU A 17 -13.45 9.20 -4.10
C LEU A 17 -13.82 10.68 -3.95
N ARG A 18 -14.34 11.31 -5.00
CA ARG A 18 -14.69 12.73 -4.95
C ARG A 18 -15.87 12.98 -4.00
N MET A 19 -16.89 12.11 -3.95
CA MET A 19 -17.96 12.31 -2.98
C MET A 19 -17.47 12.16 -1.52
N GLU A 20 -16.51 11.27 -1.27
CA GLU A 20 -16.04 10.95 0.08
C GLU A 20 -14.96 11.92 0.58
N ALA A 21 -14.15 12.44 -0.34
CA ALA A 21 -12.95 13.20 -0.05
C ALA A 21 -13.24 14.61 0.47
N ASP A 22 -12.22 15.19 1.09
CA ASP A 22 -12.20 16.60 1.47
C ASP A 22 -12.04 17.47 0.22
N PRO A 23 -12.80 18.58 0.07
CA PRO A 23 -12.74 19.45 -1.10
C PRO A 23 -11.35 19.92 -1.52
N SER A 24 -10.39 20.05 -0.60
CA SER A 24 -9.05 20.53 -0.90
C SER A 24 -8.31 19.60 -1.88
N LEU A 25 -8.70 18.32 -1.96
CA LEU A 25 -8.12 17.34 -2.86
C LEU A 25 -8.71 17.42 -4.27
N HIS A 26 -9.88 18.05 -4.44
CA HIS A 26 -10.61 17.98 -5.70
C HIS A 26 -9.85 18.61 -6.88
N PRO A 27 -9.17 19.76 -6.76
CA PRO A 27 -8.30 20.27 -7.83
C PRO A 27 -7.19 19.30 -8.20
N LEU A 28 -6.49 18.73 -7.20
CA LEU A 28 -5.41 17.78 -7.40
C LEU A 28 -5.91 16.55 -8.18
N PHE A 29 -7.10 16.07 -7.82
CA PHE A 29 -7.72 14.93 -8.47
C PHE A 29 -7.99 15.17 -9.95
N GLU A 30 -8.08 16.41 -10.44
CA GLU A 30 -8.24 16.66 -11.87
C GLU A 30 -6.99 16.20 -12.64
N GLN A 31 -5.79 16.41 -12.08
CA GLN A 31 -4.56 15.99 -12.74
C GLN A 31 -4.48 14.47 -12.71
N PHE A 32 -4.78 13.87 -11.55
CA PHE A 32 -4.84 12.41 -11.41
C PHE A 32 -5.83 11.83 -12.44
N GLU A 33 -7.02 12.42 -12.59
CA GLU A 33 -8.01 11.99 -13.55
C GLU A 33 -7.45 12.03 -14.97
N LYS A 34 -6.94 13.19 -15.40
CA LYS A 34 -6.45 13.34 -16.77
C LYS A 34 -5.29 12.38 -17.05
N PHE A 35 -4.46 12.05 -16.06
CA PHE A 35 -3.35 11.15 -16.30
C PHE A 35 -3.80 9.70 -16.44
N TYR A 36 -4.86 9.22 -15.77
CA TYR A 36 -5.40 7.90 -16.14
C TYR A 36 -6.04 7.98 -17.52
N GLU A 37 -6.71 9.08 -17.84
CA GLU A 37 -7.44 9.23 -19.09
C GLU A 37 -6.49 9.18 -20.29
N GLU A 38 -5.28 9.72 -20.12
CA GLU A 38 -4.22 9.69 -21.13
C GLU A 38 -3.39 8.40 -21.08
N LYS A 39 -3.70 7.47 -20.16
CA LYS A 39 -2.95 6.25 -19.90
C LYS A 39 -1.47 6.56 -19.60
N LEU A 40 -1.24 7.38 -18.58
CA LEU A 40 0.07 7.86 -18.17
C LEU A 40 0.27 7.49 -16.71
N TRP A 41 0.46 6.18 -16.54
CA TRP A 41 0.47 5.51 -15.24
C TRP A 41 1.46 6.13 -14.25
N PHE A 42 2.65 6.54 -14.70
CA PHE A 42 3.67 7.03 -13.80
C PHE A 42 3.30 8.42 -13.26
N GLN A 43 2.82 9.32 -14.12
CA GLN A 43 2.42 10.68 -13.71
C GLN A 43 1.11 10.62 -12.92
N LEU A 44 0.23 9.69 -13.28
CA LEU A 44 -0.96 9.35 -12.52
C LEU A 44 -0.55 8.98 -11.09
N SER A 45 0.48 8.14 -10.93
CA SER A 45 0.99 7.76 -9.62
C SER A 45 1.67 8.94 -8.93
N GLU A 46 2.36 9.83 -9.65
CA GLU A 46 2.96 11.03 -9.06
C GLU A 46 1.86 11.93 -8.48
N SER A 47 0.73 12.07 -9.19
CA SER A 47 -0.42 12.82 -8.72
C SER A 47 -1.04 12.13 -7.49
N LEU A 48 -1.24 10.81 -7.58
CA LEU A 48 -1.72 9.98 -6.48
C LEU A 48 -0.81 10.09 -5.25
N THR A 49 0.50 10.28 -5.45
CA THR A 49 1.45 10.48 -4.37
C THR A 49 1.29 11.87 -3.74
N LYS A 50 1.06 12.93 -4.53
CA LYS A 50 0.73 14.25 -3.96
C LYS A 50 -0.56 14.19 -3.16
N PHE A 51 -1.56 13.44 -3.63
CA PHE A 51 -2.79 13.18 -2.87
C PHE A 51 -2.46 12.46 -1.55
N PHE A 52 -1.58 11.46 -1.59
CA PHE A 52 -1.17 10.68 -0.42
C PHE A 52 -0.40 11.52 0.62
N ASP A 53 0.30 12.57 0.18
CA ASP A 53 1.25 13.33 1.00
C ASP A 53 0.62 14.11 2.16
N ASP A 54 -0.71 14.16 2.28
CA ASP A 54 -1.42 14.82 3.38
C ASP A 54 -2.54 13.91 3.87
N ALA A 55 -2.99 14.09 5.12
CA ALA A 55 -3.94 13.22 5.80
C ALA A 55 -5.38 13.37 5.30
N LYS A 56 -5.61 14.13 4.22
CA LYS A 56 -6.94 14.42 3.67
C LYS A 56 -7.70 13.16 3.23
N SER A 57 -7.02 12.05 2.95
CA SER A 57 -7.64 10.89 2.32
C SER A 57 -7.08 9.55 2.80
N THR A 58 -6.46 9.52 3.98
CA THR A 58 -5.81 8.35 4.56
C THR A 58 -6.58 7.02 4.35
N PRO A 59 -7.88 6.89 4.69
CA PRO A 59 -8.63 5.64 4.48
C PRO A 59 -9.15 5.45 3.05
N LEU A 60 -9.19 6.50 2.20
CA LEU A 60 -9.67 6.36 0.81
C LEU A 60 -8.76 5.43 0.02
N ARG A 61 -7.48 5.34 0.42
CA ARG A 61 -6.44 4.65 -0.34
C ARG A 61 -6.71 3.15 -0.43
N LEU A 62 -7.54 2.58 0.46
CA LEU A 62 -8.03 1.20 0.34
C LEU A 62 -8.78 1.02 -0.98
N ARG A 63 -9.70 1.92 -1.33
CA ARG A 63 -10.48 1.80 -2.57
C ARG A 63 -9.57 1.90 -3.79
N LEU A 64 -8.63 2.85 -3.74
CA LEU A 64 -7.67 3.09 -4.80
C LEU A 64 -6.82 1.84 -5.01
N TYR A 65 -6.27 1.26 -3.94
CA TYR A 65 -5.48 0.05 -4.07
C TYR A 65 -6.33 -1.10 -4.63
N ASP A 66 -7.54 -1.30 -4.09
CA ASP A 66 -8.35 -2.48 -4.38
C ASP A 66 -8.64 -2.69 -5.87
N ASN A 67 -9.12 -1.67 -6.58
CA ASN A 67 -9.63 -1.84 -7.94
C ASN A 67 -9.31 -0.66 -8.85
N PHE A 68 -8.24 0.10 -8.59
CA PHE A 68 -7.78 1.14 -9.50
C PHE A 68 -6.28 0.98 -9.71
N VAL A 69 -5.47 1.18 -8.67
CA VAL A 69 -4.02 1.03 -8.74
C VAL A 69 -3.67 -0.42 -9.12
N SER A 70 -4.44 -1.40 -8.65
CA SER A 70 -4.27 -2.81 -8.99
C SER A 70 -4.32 -3.06 -10.51
N LYS A 71 -5.00 -2.23 -11.29
CA LYS A 71 -5.10 -2.41 -12.75
C LYS A 71 -3.77 -2.10 -13.46
N PHE A 72 -2.83 -1.38 -12.81
CA PHE A 72 -1.58 -0.95 -13.43
C PHE A 72 -0.39 -1.02 -12.46
N TYR A 73 -0.50 -1.75 -11.34
CA TYR A 73 0.55 -1.86 -10.33
C TYR A 73 1.89 -2.32 -10.94
N ASP A 74 1.83 -3.23 -11.92
CA ASP A 74 2.96 -3.74 -12.69
C ASP A 74 3.75 -2.63 -13.39
N LYS A 75 3.12 -1.52 -13.75
CA LYS A 75 3.73 -0.45 -14.55
C LYS A 75 4.34 0.66 -13.67
N ILE A 76 4.17 0.61 -12.35
CA ILE A 76 4.53 1.72 -11.45
C ILE A 76 5.40 1.24 -10.30
N ASN A 77 5.83 2.17 -9.44
CA ASN A 77 6.81 1.88 -8.40
C ASN A 77 6.20 1.08 -7.25
N GLN A 78 6.88 -0.01 -6.86
CA GLN A 78 6.42 -0.94 -5.83
C GLN A 78 6.05 -0.18 -4.55
N LEU A 79 7.03 0.54 -3.99
CA LEU A 79 6.83 1.27 -2.73
C LEU A 79 5.74 2.34 -2.83
N SER A 80 5.46 2.92 -4.00
CA SER A 80 4.35 3.85 -4.12
C SER A 80 3.02 3.14 -3.85
N VAL A 81 2.79 1.96 -4.44
CA VAL A 81 1.51 1.28 -4.27
C VAL A 81 1.29 0.92 -2.78
N VAL A 82 2.31 0.36 -2.12
CA VAL A 82 2.17 0.05 -0.71
C VAL A 82 2.05 1.33 0.09
N LYS A 83 2.74 2.45 -0.21
CA LYS A 83 2.61 3.67 0.60
C LYS A 83 1.15 4.10 0.72
N TYR A 84 0.36 4.01 -0.36
CA TYR A 84 -1.05 4.35 -0.32
C TYR A 84 -1.78 3.40 0.66
N LEU A 85 -1.63 2.10 0.42
CA LEU A 85 -2.34 1.09 1.22
C LEU A 85 -1.90 1.16 2.69
N LEU A 86 -0.61 1.36 2.95
CA LEU A 86 0.00 1.54 4.26
C LEU A 86 -0.68 2.70 4.97
N ALA A 87 -0.93 3.84 4.31
CA ALA A 87 -1.60 4.96 4.96
C ALA A 87 -2.94 4.51 5.53
N SER A 88 -3.74 3.81 4.72
CA SER A 88 -4.99 3.25 5.25
C SER A 88 -4.75 2.24 6.38
N LEU A 89 -3.80 1.31 6.22
CA LEU A 89 -3.59 0.20 7.14
C LEU A 89 -2.96 0.62 8.48
N LYS A 90 -2.16 1.69 8.52
CA LYS A 90 -1.69 2.25 9.78
C LYS A 90 -2.89 2.85 10.49
N ASP A 91 -3.72 3.63 9.78
CA ASP A 91 -4.85 4.33 10.40
C ASP A 91 -5.93 3.38 10.92
N SER A 92 -6.16 2.24 10.26
CA SER A 92 -7.19 1.29 10.65
C SER A 92 -6.91 0.60 12.00
N LYS A 93 -5.64 0.63 12.45
CA LYS A 93 -5.13 -0.15 13.60
C LYS A 93 -5.36 -1.66 13.41
N ASP A 94 -5.60 -2.13 12.19
CA ASP A 94 -5.84 -3.55 11.93
C ASP A 94 -4.52 -4.32 11.90
N PHE A 95 -4.52 -5.57 12.37
CA PHE A 95 -3.33 -6.42 12.46
C PHE A 95 -3.60 -7.84 11.91
N ASP A 96 -4.56 -8.00 10.99
CA ASP A 96 -4.89 -9.31 10.40
C ASP A 96 -5.19 -9.18 8.91
N GLU A 97 -6.08 -8.27 8.53
CA GLU A 97 -6.26 -7.92 7.13
C GLU A 97 -4.97 -7.27 6.64
N SER A 98 -4.29 -6.48 7.48
CA SER A 98 -2.97 -5.94 7.19
C SER A 98 -1.98 -7.02 6.75
N LEU A 99 -2.06 -8.20 7.35
CA LEU A 99 -1.17 -9.31 7.02
C LEU A 99 -1.59 -9.92 5.69
N LYS A 100 -2.89 -10.19 5.50
CA LYS A 100 -3.41 -10.74 4.25
C LYS A 100 -3.09 -9.82 3.07
N TYR A 101 -3.36 -8.52 3.22
CA TYR A 101 -3.13 -7.51 2.21
C TYR A 101 -1.67 -7.49 1.81
N LEU A 102 -0.75 -7.27 2.75
CA LEU A 102 0.65 -7.06 2.39
C LEU A 102 1.32 -8.35 1.96
N ASP A 103 0.95 -9.51 2.51
CA ASP A 103 1.51 -10.78 2.07
C ASP A 103 1.14 -11.04 0.60
N ASP A 104 -0.13 -10.83 0.25
CA ASP A 104 -0.62 -11.05 -1.11
C ASP A 104 -0.05 -10.02 -2.08
N LEU A 105 -0.02 -8.74 -1.69
CA LEU A 105 0.53 -7.67 -2.50
C LEU A 105 2.01 -7.93 -2.77
N LYS A 106 2.78 -8.28 -1.73
CA LYS A 106 4.18 -8.60 -1.90
C LYS A 106 4.32 -9.74 -2.91
N ALA A 107 3.51 -10.80 -2.79
CA ALA A 107 3.55 -11.93 -3.70
C ALA A 107 3.26 -11.50 -5.14
N GLN A 108 2.30 -10.59 -5.36
CA GLN A 108 2.00 -10.05 -6.68
C GLN A 108 3.21 -9.31 -7.28
N PHE A 109 4.12 -8.77 -6.47
CA PHE A 109 5.39 -8.24 -6.96
C PHE A 109 6.52 -9.27 -6.95
N GLN A 110 6.43 -10.34 -6.17
CA GLN A 110 7.41 -11.42 -6.19
C GLN A 110 7.34 -12.13 -7.55
N GLU A 111 6.13 -12.30 -8.09
CA GLU A 111 5.91 -12.85 -9.43
C GLU A 111 6.49 -11.94 -10.54
N LEU A 112 6.91 -10.71 -10.21
CA LEU A 112 7.44 -9.70 -11.11
C LEU A 112 8.83 -9.27 -10.64
N ASP A 113 9.45 -9.96 -9.67
CA ASP A 113 10.67 -9.49 -9.01
C ASP A 113 11.82 -9.23 -9.98
N SER A 114 12.09 -10.19 -10.88
CA SER A 114 13.07 -10.08 -11.94
C SER A 114 12.64 -9.14 -13.08
N LYS A 115 11.38 -8.71 -13.12
CA LYS A 115 10.90 -7.69 -14.05
C LYS A 115 11.12 -6.30 -13.48
N LYS A 116 10.74 -6.10 -12.21
CA LYS A 116 10.69 -4.77 -11.60
C LYS A 116 12.08 -4.28 -11.26
N GLN A 117 12.88 -5.10 -10.56
CA GLN A 117 14.12 -4.60 -10.00
C GLN A 117 15.28 -5.61 -9.93
N ARG A 118 15.04 -6.93 -9.92
CA ARG A 118 16.12 -7.91 -9.76
C ARG A 118 16.64 -8.42 -11.10
N ASN A 119 16.32 -7.75 -12.21
CA ASN A 119 16.57 -8.26 -13.57
C ASN A 119 17.99 -8.78 -13.79
N ASN A 120 18.97 -8.15 -13.13
CA ASN A 120 20.34 -8.66 -13.04
C ASN A 120 20.91 -8.30 -11.66
N GLY A 121 20.16 -8.65 -10.61
CA GLY A 121 20.43 -8.29 -9.23
C GLY A 121 20.38 -9.49 -8.28
N SER A 122 20.43 -10.72 -8.81
CA SER A 122 20.34 -11.97 -8.05
C SER A 122 21.44 -12.16 -6.99
N LYS A 123 22.43 -11.25 -6.93
CA LYS A 123 23.39 -11.18 -5.84
C LYS A 123 22.72 -10.91 -4.49
N ASP A 124 21.46 -10.44 -4.49
CA ASP A 124 20.61 -10.31 -3.31
C ASP A 124 19.20 -10.80 -3.69
N HIS A 125 18.33 -10.97 -2.70
CA HIS A 125 17.03 -11.62 -2.80
C HIS A 125 16.04 -10.87 -3.71
N GLY A 126 16.15 -9.54 -3.78
CA GLY A 126 15.19 -8.65 -4.43
C GLY A 126 15.39 -7.24 -3.88
N ASP A 127 14.51 -6.31 -4.23
CA ASP A 127 14.50 -4.94 -3.71
C ASP A 127 13.05 -4.43 -3.64
N GLY A 128 12.78 -3.54 -2.69
CA GLY A 128 11.46 -2.96 -2.44
C GLY A 128 10.52 -3.94 -1.74
N ILE A 129 10.31 -5.14 -2.29
CA ILE A 129 9.53 -6.17 -1.59
C ILE A 129 10.18 -6.63 -0.29
N LEU A 130 11.48 -6.41 -0.08
CA LEU A 130 12.10 -6.64 1.24
C LEU A 130 11.54 -5.67 2.29
N LEU A 131 11.22 -4.42 1.89
CA LEU A 131 10.60 -3.45 2.78
C LEU A 131 9.18 -3.90 3.07
N ILE A 132 8.43 -4.34 2.04
CA ILE A 132 7.07 -4.82 2.21
C ILE A 132 7.05 -6.04 3.14
N ASP A 133 8.02 -6.95 2.98
CA ASP A 133 8.19 -8.10 3.87
C ASP A 133 8.43 -7.65 5.31
N SER A 134 9.19 -6.57 5.49
CA SER A 134 9.45 -5.99 6.80
C SER A 134 8.20 -5.32 7.37
N GLU A 135 7.31 -4.74 6.55
CA GLU A 135 6.06 -4.16 7.02
C GLU A 135 5.18 -5.26 7.61
N ILE A 136 4.94 -6.34 6.87
CA ILE A 136 4.11 -7.44 7.35
C ILE A 136 4.77 -8.11 8.56
N ALA A 137 6.11 -8.28 8.55
CA ALA A 137 6.84 -8.84 9.68
C ALA A 137 6.66 -7.99 10.94
N ARG A 138 6.85 -6.66 10.88
CA ARG A 138 6.64 -5.81 12.06
C ARG A 138 5.19 -5.85 12.52
N THR A 139 4.23 -5.87 11.59
CA THR A 139 2.82 -5.97 11.92
C THR A 139 2.55 -7.26 12.72
N TYR A 140 3.20 -8.37 12.37
CA TYR A 140 3.10 -9.63 13.11
C TYR A 140 3.81 -9.53 14.46
N LEU A 141 5.04 -9.00 14.46
CA LEU A 141 5.90 -8.92 15.65
C LEU A 141 5.28 -8.04 16.73
N LEU A 142 4.51 -7.02 16.33
CA LEU A 142 3.81 -6.11 17.23
C LEU A 142 2.89 -6.86 18.21
N LYS A 143 2.39 -8.04 17.84
CA LYS A 143 1.54 -8.86 18.72
C LYS A 143 2.35 -9.49 19.86
N ASN A 144 3.63 -9.75 19.66
CA ASN A 144 4.52 -10.33 20.66
C ASN A 144 4.97 -9.25 21.65
N ASP A 145 5.49 -9.65 22.80
CA ASP A 145 6.16 -8.74 23.73
C ASP A 145 7.45 -8.23 23.08
N LEU A 146 7.99 -7.11 23.54
CA LEU A 146 9.19 -6.47 22.99
C LEU A 146 9.98 -5.87 24.15
N VAL A 147 11.31 -5.91 24.07
CA VAL A 147 12.19 -5.30 25.06
C VAL A 147 11.91 -3.80 25.05
N LYS A 148 11.49 -3.23 26.19
CA LYS A 148 11.04 -1.84 26.27
C LYS A 148 12.15 -0.85 25.91
N ALA A 149 13.41 -1.29 25.93
CA ALA A 149 14.54 -0.51 25.41
C ALA A 149 14.27 -0.03 23.99
N ARG A 150 13.71 -0.86 23.11
CA ARG A 150 13.45 -0.48 21.71
C ARG A 150 12.32 0.56 21.66
N ASP A 151 11.30 0.42 22.51
CA ASP A 151 10.22 1.40 22.57
C ASP A 151 10.73 2.76 23.06
N LEU A 152 11.66 2.75 24.02
CA LEU A 152 12.30 3.96 24.54
C LEU A 152 13.15 4.63 23.45
N LEU A 153 14.03 3.86 22.78
CA LEU A 153 14.89 4.34 21.71
C LEU A 153 15.22 3.17 20.79
N ASP A 154 14.70 3.18 19.56
CA ASP A 154 15.03 2.19 18.55
C ASP A 154 16.48 2.38 18.11
N ASP A 155 17.24 1.29 17.98
CA ASP A 155 18.65 1.30 17.59
C ASP A 155 19.01 -0.04 16.94
N LEU A 156 20.15 -0.12 16.25
CA LEU A 156 20.54 -1.25 15.42
C LEU A 156 20.97 -2.51 16.21
N GLU A 157 20.99 -2.45 17.55
CA GLU A 157 21.25 -3.62 18.39
C GLU A 157 20.10 -4.64 18.22
N LYS A 158 20.35 -5.92 18.49
CA LYS A 158 19.31 -6.94 18.49
C LYS A 158 18.50 -6.86 19.79
N THR A 159 17.31 -7.44 19.78
CA THR A 159 16.43 -7.62 20.94
C THR A 159 15.80 -9.02 20.84
N LEU A 160 15.13 -9.47 21.92
CA LEU A 160 14.48 -10.79 22.03
C LEU A 160 15.46 -11.94 21.75
N ASP A 161 16.75 -11.75 22.07
CA ASP A 161 17.76 -12.80 22.03
C ASP A 161 17.45 -13.87 23.09
N LYS A 162 17.74 -15.14 22.79
CA LYS A 162 17.47 -16.30 23.64
C LYS A 162 18.61 -17.34 23.58
N LYS A 163 19.74 -17.05 22.91
CA LYS A 163 20.84 -18.02 22.83
C LYS A 163 21.38 -18.31 24.23
N MET A 4 -8.78 2.80 -25.52
CA MET A 4 -9.93 2.61 -24.61
C MET A 4 -9.47 2.41 -23.16
N PHE A 5 -10.39 2.50 -22.20
CA PHE A 5 -10.16 2.27 -20.77
C PHE A 5 -11.39 1.58 -20.18
N ASN A 6 -11.27 1.14 -18.93
CA ASN A 6 -12.35 0.64 -18.06
C ASN A 6 -13.22 1.82 -17.57
N ASN A 7 -13.57 2.74 -18.47
CA ASN A 7 -14.20 4.02 -18.16
C ASN A 7 -15.42 3.94 -17.25
N HIS A 8 -16.25 2.90 -17.37
CA HIS A 8 -17.43 2.76 -16.51
C HIS A 8 -17.01 2.52 -15.05
N GLU A 9 -15.95 1.73 -14.81
CA GLU A 9 -15.44 1.52 -13.47
C GLU A 9 -14.81 2.81 -12.96
N ILE A 10 -14.07 3.51 -13.83
CA ILE A 10 -13.42 4.74 -13.43
C ILE A 10 -14.46 5.79 -13.07
N ASP A 11 -15.58 5.86 -13.79
CA ASP A 11 -16.66 6.80 -13.49
C ASP A 11 -17.26 6.55 -12.12
N THR A 12 -17.51 5.27 -11.76
CA THR A 12 -18.09 4.95 -10.46
C THR A 12 -17.06 5.19 -9.34
N ILE A 13 -15.79 4.79 -9.57
CA ILE A 13 -14.70 5.00 -8.62
C ILE A 13 -14.54 6.49 -8.36
N LEU A 14 -14.37 7.29 -9.42
CA LEU A 14 -14.00 8.69 -9.26
C LEU A 14 -15.13 9.51 -8.67
N SER A 15 -16.38 9.19 -9.00
CA SER A 15 -17.54 9.79 -8.35
C SER A 15 -17.59 9.41 -6.87
N THR A 16 -17.27 8.17 -6.50
CA THR A 16 -17.26 7.78 -5.11
C THR A 16 -16.12 8.49 -4.37
N LEU A 17 -14.92 8.53 -4.94
CA LEU A 17 -13.79 9.24 -4.37
C LEU A 17 -14.19 10.70 -4.14
N ARG A 18 -14.74 11.36 -5.17
CA ARG A 18 -15.09 12.77 -5.09
C ARG A 18 -16.19 13.01 -4.05
N MET A 19 -17.25 12.19 -4.02
CA MET A 19 -18.31 12.37 -3.04
C MET A 19 -17.81 12.16 -1.59
N GLU A 20 -16.83 11.28 -1.39
CA GLU A 20 -16.31 10.93 -0.07
C GLU A 20 -15.21 11.90 0.39
N ALA A 21 -14.47 12.48 -0.54
CA ALA A 21 -13.28 13.28 -0.29
C ALA A 21 -13.63 14.65 0.27
N ASP A 22 -12.64 15.21 0.98
CA ASP A 22 -12.68 16.61 1.40
C ASP A 22 -12.51 17.49 0.14
N PRO A 23 -13.31 18.56 -0.04
CA PRO A 23 -13.24 19.44 -1.20
C PRO A 23 -11.83 19.94 -1.56
N SER A 24 -10.94 20.11 -0.57
CA SER A 24 -9.58 20.59 -0.78
C SER A 24 -8.76 19.66 -1.70
N LEU A 25 -9.18 18.40 -1.83
CA LEU A 25 -8.49 17.39 -2.64
C LEU A 25 -8.90 17.48 -4.11
N HIS A 26 -9.99 18.18 -4.44
CA HIS A 26 -10.53 18.17 -5.80
C HIS A 26 -9.55 18.71 -6.85
N PRO A 27 -8.82 19.85 -6.66
CA PRO A 27 -7.85 20.34 -7.65
C PRO A 27 -6.79 19.29 -8.01
N LEU A 28 -6.27 18.56 -7.02
CA LEU A 28 -5.33 17.49 -7.24
C LEU A 28 -5.99 16.34 -8.03
N PHE A 29 -7.24 16.01 -7.71
CA PHE A 29 -7.96 14.97 -8.45
C PHE A 29 -8.29 15.39 -9.89
N GLU A 30 -8.38 16.68 -10.24
CA GLU A 30 -8.49 17.10 -11.64
C GLU A 30 -7.27 16.61 -12.42
N GLN A 31 -6.07 16.80 -11.86
CA GLN A 31 -4.81 16.46 -12.51
C GLN A 31 -4.66 14.94 -12.60
N PHE A 32 -5.00 14.23 -11.51
CA PHE A 32 -5.03 12.78 -11.48
C PHE A 32 -5.94 12.22 -12.58
N GLU A 33 -7.16 12.77 -12.72
CA GLU A 33 -8.08 12.36 -13.78
C GLU A 33 -7.45 12.58 -15.15
N LYS A 34 -7.00 13.81 -15.40
CA LYS A 34 -6.43 14.19 -16.69
C LYS A 34 -5.26 13.28 -17.04
N PHE A 35 -4.40 12.94 -16.08
CA PHE A 35 -3.25 12.09 -16.36
C PHE A 35 -3.63 10.62 -16.55
N TYR A 36 -4.68 10.10 -15.91
CA TYR A 36 -5.17 8.77 -16.26
C TYR A 36 -5.69 8.79 -17.70
N GLU A 37 -6.45 9.84 -18.09
CA GLU A 37 -7.07 9.91 -19.40
C GLU A 37 -6.01 10.01 -20.51
N GLU A 38 -4.90 10.71 -20.26
CA GLU A 38 -3.77 10.81 -21.18
C GLU A 38 -2.89 9.55 -21.19
N LYS A 39 -3.22 8.52 -20.41
CA LYS A 39 -2.41 7.31 -20.23
C LYS A 39 -1.01 7.68 -19.71
N LEU A 40 -0.93 8.62 -18.78
CA LEU A 40 0.31 9.14 -18.22
C LEU A 40 0.46 8.65 -16.80
N TRP A 41 0.63 7.33 -16.73
CA TRP A 41 0.78 6.57 -15.50
C TRP A 41 1.77 7.20 -14.52
N PHE A 42 2.90 7.73 -15.01
CA PHE A 42 3.94 8.29 -14.16
C PHE A 42 3.51 9.63 -13.56
N GLN A 43 2.81 10.49 -14.31
CA GLN A 43 2.36 11.78 -13.80
C GLN A 43 1.17 11.59 -12.87
N LEU A 44 0.31 10.64 -13.25
CA LEU A 44 -0.78 10.12 -12.44
C LEU A 44 -0.27 9.63 -11.09
N SER A 45 0.80 8.83 -11.04
CA SER A 45 1.28 8.28 -9.78
C SER A 45 1.89 9.37 -8.90
N GLU A 46 2.59 10.38 -9.43
CA GLU A 46 3.06 11.46 -8.58
C GLU A 46 1.88 12.30 -8.06
N SER A 47 0.83 12.49 -8.86
CA SER A 47 -0.36 13.20 -8.42
C SER A 47 -1.01 12.45 -7.25
N LEU A 48 -1.14 11.12 -7.39
CA LEU A 48 -1.63 10.25 -6.34
C LEU A 48 -0.69 10.26 -5.12
N THR A 49 0.62 10.35 -5.32
CA THR A 49 1.59 10.43 -4.24
C THR A 49 1.44 11.74 -3.47
N LYS A 50 1.14 12.86 -4.14
CA LYS A 50 0.88 14.14 -3.46
C LYS A 50 -0.36 14.02 -2.59
N PHE A 51 -1.36 13.23 -2.97
CA PHE A 51 -2.50 12.94 -2.11
C PHE A 51 -2.05 12.06 -0.94
N PHE A 52 -1.31 10.97 -1.20
CA PHE A 52 -0.80 10.06 -0.19
C PHE A 52 0.01 10.78 0.91
N ASP A 53 0.74 11.85 0.54
CA ASP A 53 1.53 12.66 1.46
C ASP A 53 0.66 13.42 2.50
N ASP A 54 -0.67 13.42 2.34
CA ASP A 54 -1.61 14.15 3.18
C ASP A 54 -2.60 13.15 3.80
N ALA A 55 -2.82 13.25 5.11
CA ALA A 55 -3.74 12.39 5.87
C ALA A 55 -5.22 12.76 5.66
N LYS A 56 -5.51 13.76 4.83
CA LYS A 56 -6.84 14.35 4.59
C LYS A 56 -7.98 13.35 4.55
N SER A 57 -7.81 12.27 3.77
CA SER A 57 -8.86 11.32 3.44
C SER A 57 -8.23 9.94 3.19
N THR A 58 -7.30 9.52 4.05
CA THR A 58 -6.46 8.33 3.87
C THR A 58 -7.19 7.08 3.33
N PRO A 59 -8.29 6.59 3.91
CA PRO A 59 -9.04 5.43 3.40
C PRO A 59 -9.40 5.45 1.91
N LEU A 60 -9.47 6.62 1.24
CA LEU A 60 -9.72 6.65 -0.19
C LEU A 60 -8.64 5.90 -0.97
N ARG A 61 -7.39 5.90 -0.48
CA ARG A 61 -6.31 5.15 -1.11
C ARG A 61 -6.60 3.64 -1.14
N LEU A 62 -7.48 3.12 -0.29
CA LEU A 62 -7.82 1.69 -0.30
C LEU A 62 -8.61 1.37 -1.56
N ARG A 63 -9.65 2.16 -1.88
CA ARG A 63 -10.41 2.01 -3.13
C ARG A 63 -9.49 2.23 -4.32
N LEU A 64 -8.60 3.22 -4.22
CA LEU A 64 -7.68 3.59 -5.29
C LEU A 64 -6.76 2.42 -5.62
N TYR A 65 -6.21 1.75 -4.59
CA TYR A 65 -5.41 0.55 -4.75
C TYR A 65 -6.25 -0.61 -5.31
N ASP A 66 -7.47 -0.80 -4.80
CA ASP A 66 -8.29 -2.00 -5.06
C ASP A 66 -8.48 -2.37 -6.52
N ASN A 67 -8.70 -1.38 -7.40
CA ASN A 67 -9.01 -1.66 -8.81
C ASN A 67 -8.48 -0.59 -9.77
N PHE A 68 -8.42 0.68 -9.37
CA PHE A 68 -7.96 1.75 -10.26
C PHE A 68 -6.47 1.52 -10.58
N VAL A 69 -5.61 1.48 -9.55
CA VAL A 69 -4.18 1.27 -9.74
C VAL A 69 -3.88 -0.13 -10.28
N SER A 70 -4.74 -1.12 -10.02
CA SER A 70 -4.58 -2.48 -10.54
C SER A 70 -4.48 -2.53 -12.07
N LYS A 71 -5.12 -1.60 -12.79
CA LYS A 71 -5.06 -1.57 -14.26
C LYS A 71 -3.65 -1.24 -14.79
N PHE A 72 -2.78 -0.70 -13.94
CA PHE A 72 -1.40 -0.33 -14.26
C PHE A 72 -0.48 -0.79 -13.12
N TYR A 73 -0.82 -1.96 -12.54
CA TYR A 73 -0.26 -2.54 -11.31
C TYR A 73 1.26 -2.43 -11.18
N ASP A 74 1.97 -2.68 -12.27
CA ASP A 74 3.44 -2.79 -12.30
C ASP A 74 4.04 -1.85 -13.35
N LYS A 75 3.21 -0.96 -13.94
CA LYS A 75 3.68 0.13 -14.81
C LYS A 75 4.38 1.22 -13.98
N ILE A 76 4.18 1.22 -12.66
CA ILE A 76 4.70 2.20 -11.73
C ILE A 76 5.33 1.47 -10.54
N ASN A 77 6.00 2.25 -9.69
CA ASN A 77 6.74 1.75 -8.54
C ASN A 77 5.87 0.86 -7.65
N GLN A 78 6.33 -0.39 -7.44
CA GLN A 78 5.62 -1.37 -6.63
C GLN A 78 5.43 -0.84 -5.21
N LEU A 79 6.45 -0.19 -4.63
CA LEU A 79 6.33 0.35 -3.27
C LEU A 79 5.32 1.50 -3.22
N SER A 80 5.06 2.23 -4.30
CA SER A 80 4.00 3.24 -4.32
C SER A 80 2.65 2.57 -4.17
N VAL A 81 2.33 1.54 -4.97
CA VAL A 81 1.02 0.90 -4.86
C VAL A 81 0.84 0.28 -3.47
N VAL A 82 1.90 -0.33 -2.94
CA VAL A 82 1.88 -0.94 -1.63
C VAL A 82 1.70 0.16 -0.56
N LYS A 83 2.38 1.32 -0.66
CA LYS A 83 2.25 2.44 0.29
C LYS A 83 0.82 2.95 0.37
N TYR A 84 0.11 2.99 -0.76
CA TYR A 84 -1.28 3.45 -0.77
C TYR A 84 -2.14 2.50 0.07
N LEU A 85 -1.98 1.18 -0.14
CA LEU A 85 -2.68 0.19 0.67
C LEU A 85 -2.24 0.28 2.13
N LEU A 86 -0.93 0.36 2.39
CA LEU A 86 -0.35 0.41 3.72
C LEU A 86 -1.02 1.50 4.54
N ALA A 87 -0.99 2.75 4.07
CA ALA A 87 -1.54 3.86 4.85
C ALA A 87 -3.03 3.65 5.11
N SER A 88 -3.77 3.17 4.12
CA SER A 88 -5.20 2.96 4.26
C SER A 88 -5.50 1.91 5.34
N LEU A 89 -4.83 0.77 5.26
CA LEU A 89 -5.15 -0.39 6.08
C LEU A 89 -4.57 -0.21 7.50
N LYS A 90 -3.46 0.53 7.62
CA LYS A 90 -2.93 0.94 8.92
C LYS A 90 -3.91 1.93 9.57
N ASP A 91 -4.36 2.96 8.85
CA ASP A 91 -5.24 3.98 9.41
C ASP A 91 -6.61 3.40 9.80
N SER A 92 -7.03 2.32 9.12
CA SER A 92 -8.23 1.55 9.47
C SER A 92 -8.13 0.84 10.85
N LYS A 93 -7.03 1.02 11.59
CA LYS A 93 -6.73 0.41 12.90
C LYS A 93 -6.73 -1.12 12.87
N ASP A 94 -6.66 -1.76 11.70
CA ASP A 94 -6.60 -3.21 11.64
C ASP A 94 -5.19 -3.69 12.06
N PHE A 95 -5.06 -4.97 12.36
CA PHE A 95 -3.85 -5.59 12.91
C PHE A 95 -3.68 -7.04 12.42
N ASP A 96 -4.59 -7.57 11.60
CA ASP A 96 -4.57 -8.96 11.14
C ASP A 96 -4.88 -9.03 9.65
N GLU A 97 -5.90 -8.29 9.18
CA GLU A 97 -6.11 -8.12 7.74
C GLU A 97 -4.93 -7.34 7.17
N SER A 98 -4.32 -6.44 7.94
CA SER A 98 -3.06 -5.79 7.59
C SER A 98 -2.00 -6.81 7.18
N LEU A 99 -1.91 -7.93 7.89
CA LEU A 99 -0.89 -8.93 7.63
C LEU A 99 -1.28 -9.79 6.44
N LYS A 100 -2.55 -10.20 6.36
CA LYS A 100 -3.06 -10.99 5.25
C LYS A 100 -2.90 -10.23 3.93
N TYR A 101 -3.38 -8.99 3.87
CA TYR A 101 -3.40 -8.17 2.67
C TYR A 101 -2.00 -7.88 2.18
N LEU A 102 -1.05 -7.54 3.07
CA LEU A 102 0.23 -7.03 2.61
C LEU A 102 1.22 -8.16 2.35
N ASP A 103 1.11 -9.28 3.07
CA ASP A 103 1.89 -10.45 2.71
C ASP A 103 1.39 -11.01 1.37
N ASP A 104 0.08 -10.98 1.11
CA ASP A 104 -0.47 -11.36 -0.20
C ASP A 104 0.00 -10.39 -1.27
N LEU A 105 -0.03 -9.08 -1.02
CA LEU A 105 0.39 -8.09 -2.02
C LEU A 105 1.89 -8.23 -2.32
N LYS A 106 2.75 -8.39 -1.31
CA LYS A 106 4.18 -8.59 -1.55
C LYS A 106 4.37 -9.89 -2.36
N ALA A 107 3.56 -10.92 -2.11
CA ALA A 107 3.63 -12.21 -2.80
C ALA A 107 3.18 -12.09 -4.26
N GLN A 108 2.18 -11.26 -4.57
CA GLN A 108 1.80 -11.01 -5.97
C GLN A 108 3.00 -10.46 -6.74
N PHE A 109 3.73 -9.50 -6.16
CA PHE A 109 4.95 -8.98 -6.78
C PHE A 109 6.06 -10.04 -6.79
N GLN A 110 6.16 -10.87 -5.75
CA GLN A 110 7.10 -12.01 -5.74
C GLN A 110 6.86 -12.97 -6.91
N GLU A 111 5.63 -13.07 -7.42
CA GLU A 111 5.31 -13.91 -8.58
C GLU A 111 5.59 -13.12 -9.87
N LEU A 112 5.14 -11.87 -9.96
CA LEU A 112 5.35 -11.02 -11.13
C LEU A 112 6.84 -10.85 -11.44
N ASP A 113 7.66 -10.81 -10.40
CA ASP A 113 9.12 -10.73 -10.50
C ASP A 113 9.65 -11.80 -11.46
N SER A 114 9.34 -13.07 -11.18
CA SER A 114 9.72 -14.18 -12.04
C SER A 114 8.91 -14.21 -13.33
N LYS A 115 7.60 -13.92 -13.26
CA LYS A 115 6.68 -14.07 -14.40
C LYS A 115 7.06 -13.17 -15.57
N LYS A 116 7.47 -11.92 -15.30
CA LYS A 116 7.70 -10.93 -16.35
C LYS A 116 8.96 -10.09 -16.16
N GLN A 117 9.45 -9.88 -14.95
CA GLN A 117 10.51 -8.90 -14.75
C GLN A 117 11.85 -9.35 -15.33
N ARG A 118 12.08 -10.66 -15.51
CA ARG A 118 13.24 -11.18 -16.25
C ARG A 118 13.34 -10.68 -17.69
N ASN A 119 12.30 -10.03 -18.24
CA ASN A 119 12.37 -9.37 -19.54
C ASN A 119 13.58 -8.44 -19.65
N ASN A 120 13.98 -7.79 -18.56
CA ASN A 120 15.25 -7.05 -18.50
C ASN A 120 15.82 -6.92 -17.08
N GLY A 121 14.96 -6.99 -16.05
CA GLY A 121 15.36 -7.09 -14.65
C GLY A 121 15.74 -8.53 -14.37
N SER A 122 16.83 -9.01 -14.97
CA SER A 122 17.30 -10.40 -14.94
C SER A 122 17.76 -10.90 -13.55
N LYS A 123 17.46 -10.17 -12.47
CA LYS A 123 17.74 -10.51 -11.09
C LYS A 123 16.53 -10.08 -10.27
N ASP A 124 16.21 -10.85 -9.23
CA ASP A 124 15.04 -10.61 -8.36
C ASP A 124 15.03 -9.17 -7.86
N HIS A 125 13.88 -8.49 -7.94
CA HIS A 125 13.69 -7.11 -7.51
C HIS A 125 14.09 -6.88 -6.04
N GLY A 126 14.08 -7.94 -5.20
CA GLY A 126 14.62 -7.95 -3.85
C GLY A 126 13.99 -6.89 -2.97
N ASP A 127 14.72 -5.80 -2.71
CA ASP A 127 14.35 -4.71 -1.80
C ASP A 127 12.93 -4.22 -2.00
N GLY A 128 12.45 -4.18 -3.25
CA GLY A 128 11.10 -3.75 -3.60
C GLY A 128 10.00 -4.49 -2.84
N ILE A 129 10.21 -5.77 -2.49
CA ILE A 129 9.27 -6.54 -1.68
C ILE A 129 9.88 -7.02 -0.36
N LEU A 130 11.20 -7.10 -0.23
CA LEU A 130 11.85 -7.40 1.04
C LEU A 130 11.57 -6.29 2.07
N LEU A 131 11.43 -5.02 1.63
CA LEU A 131 11.00 -3.96 2.52
C LEU A 131 9.59 -4.25 3.04
N ILE A 132 8.64 -4.62 2.18
CA ILE A 132 7.27 -4.94 2.58
C ILE A 132 7.31 -6.07 3.61
N ASP A 133 8.11 -7.10 3.33
CA ASP A 133 8.27 -8.26 4.21
C ASP A 133 8.84 -7.85 5.58
N SER A 134 9.77 -6.89 5.60
CA SER A 134 10.39 -6.38 6.82
C SER A 134 9.44 -5.47 7.60
N GLU A 135 8.61 -4.67 6.92
CA GLU A 135 7.57 -3.87 7.56
C GLU A 135 6.57 -4.82 8.23
N ILE A 136 6.24 -5.91 7.54
CA ILE A 136 5.35 -6.95 8.06
C ILE A 136 6.01 -7.68 9.23
N ALA A 137 7.31 -8.00 9.18
CA ALA A 137 8.00 -8.59 10.31
C ALA A 137 7.91 -7.69 11.54
N ARG A 138 8.15 -6.38 11.40
CA ARG A 138 7.98 -5.45 12.51
C ARG A 138 6.53 -5.44 13.00
N THR A 139 5.55 -5.49 12.09
CA THR A 139 4.14 -5.53 12.46
C THR A 139 3.82 -6.80 13.26
N TYR A 140 4.36 -7.97 12.89
CA TYR A 140 4.24 -9.20 13.68
C TYR A 140 4.91 -9.05 15.04
N LEU A 141 6.11 -8.45 15.08
CA LEU A 141 6.90 -8.30 16.30
C LEU A 141 6.18 -7.38 17.31
N LEU A 142 5.44 -6.38 16.83
CA LEU A 142 4.62 -5.47 17.62
C LEU A 142 5.37 -4.92 18.85
N LYS A 143 6.66 -4.55 18.64
CA LYS A 143 7.57 -4.04 19.68
C LYS A 143 7.64 -4.92 20.94
N ASN A 144 7.44 -6.24 20.80
CA ASN A 144 7.60 -7.19 21.91
C ASN A 144 9.06 -7.28 22.38
N ASP A 145 10.01 -7.00 21.48
CA ASP A 145 11.46 -6.98 21.76
C ASP A 145 11.81 -5.90 22.81
N LEU A 146 13.08 -5.85 23.23
CA LEU A 146 13.67 -4.98 24.26
C LEU A 146 13.43 -5.53 25.68
N VAL A 147 13.01 -6.79 25.80
CA VAL A 147 12.95 -7.51 27.08
C VAL A 147 14.29 -7.45 27.82
N LYS A 148 15.41 -7.38 27.07
CA LYS A 148 16.77 -7.24 27.61
C LYS A 148 16.94 -6.02 28.52
N ALA A 149 16.06 -5.01 28.42
CA ALA A 149 16.09 -3.80 29.23
C ALA A 149 14.70 -3.52 29.85
N ARG A 150 13.84 -4.54 29.96
CA ARG A 150 12.47 -4.41 30.48
C ARG A 150 12.13 -5.54 31.46
N ASP A 151 12.93 -6.61 31.52
CA ASP A 151 12.78 -7.73 32.44
C ASP A 151 14.19 -8.20 32.83
N LEU A 152 14.32 -9.00 33.89
CA LEU A 152 15.58 -9.62 34.29
C LEU A 152 15.89 -10.71 33.27
N LEU A 153 16.72 -10.37 32.27
CA LEU A 153 17.04 -11.24 31.15
C LEU A 153 17.61 -12.57 31.64
N ASP A 154 16.99 -13.68 31.21
CA ASP A 154 17.39 -15.05 31.51
C ASP A 154 17.66 -15.29 33.00
N ASP A 155 16.77 -14.79 33.86
CA ASP A 155 16.79 -15.06 35.29
C ASP A 155 16.81 -16.56 35.58
N LEU A 156 17.55 -16.98 36.62
CA LEU A 156 17.64 -18.37 37.04
C LEU A 156 17.93 -18.43 38.54
N GLU A 157 18.96 -17.71 38.99
CA GLU A 157 19.42 -17.65 40.36
C GLU A 157 20.23 -16.34 40.51
N LYS A 158 20.47 -15.87 41.74
CA LYS A 158 21.19 -14.63 42.00
C LYS A 158 22.59 -14.59 41.40
N THR A 159 23.21 -15.74 41.12
CA THR A 159 24.48 -15.86 40.42
C THR A 159 24.42 -15.33 38.97
N LEU A 160 23.21 -15.14 38.42
CA LEU A 160 22.94 -14.68 37.06
C LEU A 160 22.05 -13.42 37.10
N ASP A 161 21.97 -12.75 38.27
CA ASP A 161 21.35 -11.43 38.40
C ASP A 161 22.09 -10.40 37.52
N LYS A 162 21.41 -9.32 37.13
CA LYS A 162 21.96 -8.26 36.27
C LYS A 162 23.17 -7.51 36.86
N LYS A 163 23.45 -7.65 38.16
CA LYS A 163 24.61 -7.04 38.82
C LYS A 163 25.90 -7.27 38.02
N MET A 4 -8.22 2.76 -22.76
CA MET A 4 -7.31 2.52 -21.62
C MET A 4 -7.78 1.29 -20.84
N PHE A 5 -8.74 1.46 -19.93
CA PHE A 5 -9.46 0.39 -19.24
C PHE A 5 -10.94 0.80 -19.16
N ASN A 6 -11.79 -0.09 -18.67
CA ASN A 6 -13.25 0.09 -18.61
C ASN A 6 -13.62 1.42 -17.94
N ASN A 7 -14.19 2.34 -18.72
CA ASN A 7 -14.60 3.66 -18.25
C ASN A 7 -15.64 3.58 -17.14
N HIS A 8 -16.55 2.60 -17.15
CA HIS A 8 -17.69 2.60 -16.24
C HIS A 8 -17.24 2.41 -14.78
N GLU A 9 -16.26 1.55 -14.52
CA GLU A 9 -15.70 1.38 -13.16
C GLU A 9 -14.98 2.67 -12.78
N ILE A 10 -14.17 3.20 -13.69
CA ILE A 10 -13.30 4.32 -13.41
C ILE A 10 -14.11 5.58 -13.10
N ASP A 11 -15.21 5.82 -13.83
CA ASP A 11 -16.13 6.92 -13.54
C ASP A 11 -16.82 6.72 -12.19
N THR A 12 -17.14 5.47 -11.84
CA THR A 12 -17.64 5.13 -10.53
C THR A 12 -16.61 5.48 -9.45
N ILE A 13 -15.33 5.14 -9.66
CA ILE A 13 -14.28 5.36 -8.68
C ILE A 13 -14.10 6.86 -8.48
N LEU A 14 -13.95 7.64 -9.57
CA LEU A 14 -13.75 9.07 -9.44
C LEU A 14 -14.93 9.75 -8.77
N SER A 15 -16.16 9.34 -9.08
CA SER A 15 -17.35 9.91 -8.46
C SER A 15 -17.45 9.52 -6.99
N THR A 16 -17.10 8.29 -6.62
CA THR A 16 -17.18 7.87 -5.23
C THR A 16 -16.11 8.59 -4.40
N LEU A 17 -14.89 8.70 -4.94
CA LEU A 17 -13.84 9.51 -4.36
C LEU A 17 -14.34 10.94 -4.20
N ARG A 18 -14.78 11.60 -5.27
CA ARG A 18 -15.20 13.00 -5.20
C ARG A 18 -16.35 13.20 -4.21
N MET A 19 -17.34 12.29 -4.17
CA MET A 19 -18.46 12.45 -3.25
C MET A 19 -18.05 12.33 -1.77
N GLU A 20 -16.96 11.63 -1.45
CA GLU A 20 -16.61 11.28 -0.07
C GLU A 20 -15.31 11.92 0.42
N ALA A 21 -14.52 12.42 -0.52
CA ALA A 21 -13.31 13.18 -0.30
C ALA A 21 -13.61 14.54 0.32
N ASP A 22 -12.66 15.03 1.10
CA ASP A 22 -12.65 16.39 1.59
C ASP A 22 -12.42 17.33 0.39
N PRO A 23 -13.13 18.45 0.23
CA PRO A 23 -12.99 19.35 -0.92
C PRO A 23 -11.56 19.78 -1.25
N SER A 24 -10.66 19.85 -0.25
CA SER A 24 -9.27 20.26 -0.46
C SER A 24 -8.52 19.31 -1.40
N LEU A 25 -9.00 18.07 -1.57
CA LEU A 25 -8.39 17.05 -2.41
C LEU A 25 -8.74 17.25 -3.89
N HIS A 26 -9.77 18.01 -4.24
CA HIS A 26 -10.27 18.06 -5.60
C HIS A 26 -9.19 18.43 -6.64
N PRO A 27 -8.34 19.47 -6.46
CA PRO A 27 -7.28 19.78 -7.40
C PRO A 27 -6.32 18.59 -7.66
N LEU A 28 -6.06 17.77 -6.64
CA LEU A 28 -5.23 16.58 -6.80
C LEU A 28 -5.94 15.59 -7.71
N PHE A 29 -7.24 15.40 -7.51
CA PHE A 29 -7.99 14.45 -8.32
C PHE A 29 -8.26 14.95 -9.74
N GLU A 30 -8.25 16.25 -10.01
CA GLU A 30 -8.29 16.75 -11.38
C GLU A 30 -7.06 16.25 -12.16
N GLN A 31 -5.87 16.40 -11.56
CA GLN A 31 -4.61 15.95 -12.18
C GLN A 31 -4.65 14.43 -12.35
N PHE A 32 -5.08 13.71 -11.30
CA PHE A 32 -5.13 12.26 -11.27
C PHE A 32 -5.99 11.72 -12.43
N GLU A 33 -7.21 12.24 -12.58
CA GLU A 33 -8.14 11.83 -13.63
C GLU A 33 -7.52 12.10 -14.99
N LYS A 34 -7.06 13.34 -15.19
CA LYS A 34 -6.54 13.79 -16.47
C LYS A 34 -5.39 12.90 -16.91
N PHE A 35 -4.37 12.76 -16.06
CA PHE A 35 -3.20 11.98 -16.42
C PHE A 35 -3.50 10.49 -16.57
N TYR A 36 -4.53 9.94 -15.92
CA TYR A 36 -4.95 8.57 -16.24
C TYR A 36 -5.52 8.53 -17.66
N GLU A 37 -6.41 9.47 -18.02
CA GLU A 37 -7.03 9.49 -19.34
C GLU A 37 -5.99 9.71 -20.44
N GLU A 38 -4.97 10.53 -20.18
CA GLU A 38 -3.88 10.80 -21.10
C GLU A 38 -2.77 9.73 -21.04
N LYS A 39 -2.96 8.65 -20.27
CA LYS A 39 -2.01 7.54 -20.12
C LYS A 39 -0.65 7.98 -19.55
N LEU A 40 -0.59 9.11 -18.83
CA LEU A 40 0.61 9.56 -18.14
C LEU A 40 0.63 8.95 -16.75
N TRP A 41 0.81 7.64 -16.71
CA TRP A 41 0.87 6.84 -15.48
C TRP A 41 1.77 7.48 -14.41
N PHE A 42 2.90 8.07 -14.80
CA PHE A 42 3.85 8.63 -13.85
C PHE A 42 3.31 9.90 -13.20
N GLN A 43 2.63 10.78 -13.94
CA GLN A 43 2.03 12.00 -13.36
C GLN A 43 0.73 11.66 -12.65
N LEU A 44 0.01 10.64 -13.11
CA LEU A 44 -1.11 10.05 -12.39
C LEU A 44 -0.62 9.62 -11.00
N SER A 45 0.54 8.95 -10.95
CA SER A 45 1.16 8.54 -9.70
C SER A 45 1.62 9.76 -8.89
N GLU A 46 2.17 10.82 -9.50
CA GLU A 46 2.55 12.00 -8.73
C GLU A 46 1.32 12.62 -8.07
N SER A 47 0.18 12.64 -8.77
CA SER A 47 -1.07 13.19 -8.26
C SER A 47 -1.54 12.36 -7.04
N LEU A 48 -1.48 11.03 -7.18
CA LEU A 48 -1.81 10.10 -6.11
C LEU A 48 -0.84 10.21 -4.94
N THR A 49 0.43 10.55 -5.19
CA THR A 49 1.46 10.69 -4.17
C THR A 49 1.34 12.05 -3.46
N LYS A 50 0.92 13.12 -4.14
CA LYS A 50 0.58 14.38 -3.47
C LYS A 50 -0.52 14.10 -2.44
N PHE A 51 -1.52 13.28 -2.80
CA PHE A 51 -2.57 12.89 -1.88
C PHE A 51 -2.01 12.01 -0.75
N PHE A 52 -1.08 11.08 -1.04
CA PHE A 52 -0.42 10.28 -0.01
C PHE A 52 0.27 11.16 1.04
N ASP A 53 0.93 12.24 0.64
CA ASP A 53 1.59 13.17 1.56
C ASP A 53 0.56 14.03 2.30
N ASP A 54 -0.46 14.51 1.58
CA ASP A 54 -1.48 15.44 2.09
C ASP A 54 -2.41 14.81 3.13
N ALA A 55 -2.78 13.53 2.93
CA ALA A 55 -3.53 12.69 3.86
C ALA A 55 -4.89 13.25 4.35
N LYS A 56 -5.57 14.14 3.60
CA LYS A 56 -6.91 14.63 4.00
C LYS A 56 -7.91 13.50 4.27
N SER A 57 -7.86 12.44 3.47
CA SER A 57 -8.87 11.39 3.43
C SER A 57 -8.23 10.03 3.13
N THR A 58 -7.08 9.70 3.74
CA THR A 58 -6.28 8.50 3.48
C THR A 58 -7.08 7.23 3.06
N PRO A 59 -8.14 6.78 3.75
CA PRO A 59 -8.97 5.64 3.34
C PRO A 59 -9.41 5.57 1.87
N LEU A 60 -9.53 6.69 1.14
CA LEU A 60 -9.88 6.64 -0.28
C LEU A 60 -8.88 5.76 -1.06
N ARG A 61 -7.61 5.78 -0.64
CA ARG A 61 -6.55 5.02 -1.30
C ARG A 61 -6.76 3.51 -1.19
N LEU A 62 -7.61 3.02 -0.28
CA LEU A 62 -7.94 1.60 -0.21
C LEU A 62 -8.75 1.19 -1.45
N ARG A 63 -9.77 1.98 -1.82
CA ARG A 63 -10.51 1.76 -3.08
C ARG A 63 -9.57 1.88 -4.26
N LEU A 64 -8.70 2.90 -4.21
CA LEU A 64 -7.79 3.26 -5.28
C LEU A 64 -6.82 2.10 -5.57
N TYR A 65 -6.26 1.49 -4.53
CA TYR A 65 -5.48 0.27 -4.66
C TYR A 65 -6.33 -0.86 -5.24
N ASP A 66 -7.52 -1.09 -4.67
CA ASP A 66 -8.33 -2.27 -4.97
C ASP A 66 -8.84 -2.35 -6.40
N ASN A 67 -9.28 -1.24 -6.98
CA ASN A 67 -10.02 -1.25 -8.23
C ASN A 67 -9.53 -0.24 -9.28
N PHE A 68 -8.42 0.46 -9.05
CA PHE A 68 -7.90 1.42 -10.02
C PHE A 68 -6.43 1.08 -10.31
N VAL A 69 -5.54 1.24 -9.35
CA VAL A 69 -4.11 0.93 -9.50
C VAL A 69 -3.90 -0.56 -9.77
N SER A 70 -4.79 -1.44 -9.29
CA SER A 70 -4.78 -2.85 -9.59
C SER A 70 -4.77 -3.17 -11.09
N LYS A 71 -5.35 -2.29 -11.93
CA LYS A 71 -5.41 -2.51 -13.36
C LYS A 71 -4.04 -2.30 -14.03
N PHE A 72 -3.07 -1.66 -13.38
CA PHE A 72 -1.81 -1.27 -14.01
C PHE A 72 -0.60 -1.34 -13.06
N TYR A 73 -0.67 -2.16 -11.99
CA TYR A 73 0.33 -2.24 -10.92
C TYR A 73 1.78 -2.06 -11.39
N ASP A 74 2.24 -2.91 -12.31
CA ASP A 74 3.66 -2.99 -12.70
C ASP A 74 4.10 -1.89 -13.67
N LYS A 75 3.18 -1.04 -14.17
CA LYS A 75 3.57 0.14 -14.94
C LYS A 75 4.15 1.24 -14.03
N ILE A 76 3.97 1.14 -12.71
CA ILE A 76 4.42 2.16 -11.76
C ILE A 76 5.17 1.51 -10.60
N ASN A 77 5.79 2.36 -9.77
CA ASN A 77 6.68 1.91 -8.71
C ASN A 77 5.94 1.01 -7.72
N GLN A 78 6.49 -0.18 -7.46
CA GLN A 78 5.87 -1.18 -6.60
C GLN A 78 5.65 -0.65 -5.18
N LEU A 79 6.66 0.02 -4.61
CA LEU A 79 6.51 0.55 -3.26
C LEU A 79 5.49 1.70 -3.22
N SER A 80 5.19 2.38 -4.33
CA SER A 80 4.10 3.35 -4.36
C SER A 80 2.76 2.64 -4.20
N VAL A 81 2.46 1.61 -4.99
CA VAL A 81 1.17 0.92 -4.89
C VAL A 81 1.00 0.32 -3.50
N VAL A 82 2.07 -0.25 -2.97
CA VAL A 82 2.08 -0.86 -1.65
C VAL A 82 1.93 0.24 -0.59
N LYS A 83 2.57 1.41 -0.72
CA LYS A 83 2.42 2.52 0.22
C LYS A 83 0.98 3.02 0.27
N TYR A 84 0.29 3.11 -0.86
CA TYR A 84 -1.10 3.57 -0.87
C TYR A 84 -1.97 2.63 -0.03
N LEU A 85 -1.81 1.31 -0.21
CA LEU A 85 -2.50 0.33 0.62
C LEU A 85 -2.06 0.42 2.07
N LEU A 86 -0.74 0.50 2.31
CA LEU A 86 -0.15 0.56 3.65
C LEU A 86 -0.81 1.67 4.43
N ALA A 87 -0.79 2.92 3.94
CA ALA A 87 -1.33 4.04 4.71
C ALA A 87 -2.82 3.84 5.00
N SER A 88 -3.59 3.34 4.02
CA SER A 88 -5.02 3.13 4.20
C SER A 88 -5.27 2.10 5.31
N LEU A 89 -4.59 0.95 5.24
CA LEU A 89 -4.86 -0.19 6.10
C LEU A 89 -4.17 -0.05 7.47
N LYS A 90 -3.09 0.71 7.56
CA LYS A 90 -2.46 1.08 8.82
C LYS A 90 -3.35 2.07 9.58
N ASP A 91 -4.05 2.97 8.88
CA ASP A 91 -4.99 3.90 9.52
C ASP A 91 -6.21 3.16 10.08
N SER A 92 -6.65 2.07 9.43
CA SER A 92 -7.66 1.18 9.99
C SER A 92 -7.20 0.58 11.34
N LYS A 93 -8.15 0.33 12.25
CA LYS A 93 -7.88 -0.07 13.64
C LYS A 93 -7.75 -1.59 13.72
N ASP A 94 -6.83 -2.16 12.92
CA ASP A 94 -6.52 -3.58 12.89
C ASP A 94 -5.03 -3.76 12.52
N PHE A 95 -4.52 -4.99 12.61
CA PHE A 95 -3.14 -5.37 12.29
C PHE A 95 -3.08 -6.77 11.68
N ASP A 96 -4.07 -7.65 11.93
CA ASP A 96 -4.13 -8.97 11.33
C ASP A 96 -4.58 -8.84 9.87
N GLU A 97 -5.51 -7.93 9.60
CA GLU A 97 -5.88 -7.58 8.23
C GLU A 97 -4.65 -7.02 7.49
N SER A 98 -3.89 -6.15 8.14
CA SER A 98 -2.66 -5.58 7.59
C SER A 98 -1.66 -6.70 7.25
N LEU A 99 -1.45 -7.65 8.18
CA LEU A 99 -0.58 -8.79 7.99
C LEU A 99 -1.00 -9.58 6.75
N LYS A 100 -2.28 -9.95 6.65
CA LYS A 100 -2.79 -10.74 5.54
C LYS A 100 -2.62 -9.97 4.23
N TYR A 101 -3.13 -8.74 4.15
CA TYR A 101 -3.16 -7.99 2.90
C TYR A 101 -1.77 -7.67 2.38
N LEU A 102 -0.80 -7.31 3.25
CA LEU A 102 0.46 -6.81 2.74
C LEU A 102 1.42 -7.96 2.47
N ASP A 103 1.26 -9.09 3.16
CA ASP A 103 2.00 -10.30 2.79
C ASP A 103 1.45 -10.86 1.48
N ASP A 104 0.12 -10.82 1.28
CA ASP A 104 -0.47 -11.20 0.00
C ASP A 104 0.01 -10.28 -1.12
N LEU A 105 0.04 -8.96 -0.89
CA LEU A 105 0.49 -8.01 -1.91
C LEU A 105 1.98 -8.21 -2.20
N LYS A 106 2.83 -8.39 -1.18
CA LYS A 106 4.25 -8.67 -1.44
C LYS A 106 4.38 -9.98 -2.23
N ALA A 107 3.51 -10.97 -1.97
CA ALA A 107 3.55 -12.26 -2.63
C ALA A 107 3.14 -12.16 -4.10
N GLN A 108 2.18 -11.29 -4.45
CA GLN A 108 1.85 -11.05 -5.86
C GLN A 108 3.09 -10.55 -6.61
N PHE A 109 3.83 -9.61 -6.00
CA PHE A 109 5.09 -9.14 -6.56
C PHE A 109 6.17 -10.23 -6.52
N GLN A 110 6.17 -11.10 -5.51
CA GLN A 110 7.07 -12.26 -5.46
C GLN A 110 6.85 -13.23 -6.64
N GLU A 111 5.64 -13.30 -7.19
CA GLU A 111 5.38 -14.10 -8.39
C GLU A 111 5.87 -13.32 -9.62
N LEU A 112 5.54 -12.02 -9.71
CA LEU A 112 5.98 -11.17 -10.81
C LEU A 112 7.50 -11.07 -10.88
N ASP A 113 8.19 -11.25 -9.75
CA ASP A 113 9.64 -11.31 -9.70
C ASP A 113 10.15 -12.39 -10.64
N SER A 114 9.66 -13.62 -10.48
CA SER A 114 10.01 -14.75 -11.31
C SER A 114 9.59 -14.54 -12.78
N LYS A 115 8.44 -13.87 -13.02
CA LYS A 115 7.99 -13.61 -14.39
C LYS A 115 8.97 -12.67 -15.12
N LYS A 116 9.48 -11.62 -14.46
CA LYS A 116 10.23 -10.58 -15.17
C LYS A 116 11.33 -9.90 -14.35
N GLN A 117 11.14 -9.63 -13.05
CA GLN A 117 12.10 -8.78 -12.33
C GLN A 117 13.43 -9.50 -12.12
N ARG A 118 13.43 -10.83 -12.03
CA ARG A 118 14.61 -11.64 -11.73
C ARG A 118 15.71 -11.51 -12.80
N ASN A 119 15.42 -10.93 -13.97
CA ASN A 119 16.45 -10.56 -14.94
C ASN A 119 17.48 -9.58 -14.36
N ASN A 120 17.11 -8.80 -13.32
CA ASN A 120 17.98 -7.80 -12.69
C ASN A 120 17.94 -7.87 -11.15
N GLY A 121 16.89 -8.43 -10.55
CA GLY A 121 16.69 -8.45 -9.10
C GLY A 121 17.89 -8.97 -8.30
N SER A 122 18.63 -9.95 -8.83
CA SER A 122 19.80 -10.55 -8.20
C SER A 122 21.01 -9.60 -8.11
N LYS A 123 20.93 -8.36 -8.60
CA LYS A 123 21.96 -7.34 -8.44
C LYS A 123 22.31 -7.09 -6.97
N ASP A 124 21.37 -7.33 -6.04
CA ASP A 124 21.60 -7.28 -4.59
C ASP A 124 20.82 -8.41 -3.93
N HIS A 125 21.07 -8.62 -2.64
CA HIS A 125 20.53 -9.70 -1.81
C HIS A 125 19.00 -9.70 -1.78
N GLY A 126 18.39 -8.52 -1.86
CA GLY A 126 16.95 -8.33 -1.96
C GLY A 126 16.66 -6.84 -2.13
N ASP A 127 15.47 -6.51 -2.61
CA ASP A 127 15.00 -5.15 -2.88
C ASP A 127 13.46 -5.21 -2.97
N GLY A 128 12.79 -4.05 -3.03
CA GLY A 128 11.36 -3.91 -3.26
C GLY A 128 10.56 -4.70 -2.23
N ILE A 129 10.07 -5.88 -2.62
CA ILE A 129 9.33 -6.77 -1.71
C ILE A 129 10.11 -7.12 -0.44
N LEU A 130 11.45 -7.03 -0.44
CA LEU A 130 12.25 -7.14 0.79
C LEU A 130 11.81 -6.13 1.85
N LEU A 131 11.55 -4.88 1.44
CA LEU A 131 11.08 -3.84 2.37
C LEU A 131 9.68 -4.21 2.86
N ILE A 132 8.78 -4.63 1.96
CA ILE A 132 7.41 -4.98 2.34
C ILE A 132 7.45 -6.15 3.33
N ASP A 133 8.30 -7.15 3.11
CA ASP A 133 8.44 -8.31 3.97
C ASP A 133 8.97 -7.91 5.34
N SER A 134 9.88 -6.94 5.39
CA SER A 134 10.39 -6.38 6.63
C SER A 134 9.30 -5.58 7.36
N GLU A 135 8.46 -4.85 6.64
CA GLU A 135 7.33 -4.13 7.24
C GLU A 135 6.30 -5.14 7.76
N ILE A 136 6.09 -6.24 7.04
CA ILE A 136 5.25 -7.34 7.49
C ILE A 136 5.83 -7.97 8.76
N ALA A 137 7.15 -8.13 8.88
CA ALA A 137 7.75 -8.60 10.12
C ALA A 137 7.42 -7.66 11.28
N ARG A 138 7.52 -6.33 11.08
CA ARG A 138 7.12 -5.36 12.11
C ARG A 138 5.63 -5.52 12.44
N THR A 139 4.79 -5.70 11.42
CA THR A 139 3.35 -5.84 11.59
C THR A 139 3.03 -7.10 12.42
N TYR A 140 3.73 -8.21 12.18
CA TYR A 140 3.56 -9.45 12.92
C TYR A 140 4.11 -9.33 14.35
N LEU A 141 5.23 -8.63 14.52
CA LEU A 141 5.89 -8.40 15.81
C LEU A 141 4.98 -7.58 16.73
N LEU A 142 4.32 -6.55 16.20
CA LEU A 142 3.43 -5.67 16.96
C LEU A 142 2.36 -6.52 17.65
N LYS A 143 2.29 -6.40 18.99
CA LYS A 143 1.30 -7.03 19.85
C LYS A 143 1.10 -6.09 21.05
N ASN A 144 -0.06 -6.14 21.69
CA ASN A 144 -0.43 -5.19 22.75
C ASN A 144 -0.89 -5.91 24.03
N ASP A 145 -1.40 -7.14 23.93
CA ASP A 145 -1.71 -7.96 25.10
C ASP A 145 -0.43 -8.35 25.85
N LEU A 146 0.62 -8.69 25.10
CA LEU A 146 1.97 -8.88 25.63
C LEU A 146 2.60 -7.48 25.76
N VAL A 147 3.49 -7.30 26.74
CA VAL A 147 4.24 -6.06 26.90
C VAL A 147 5.04 -5.73 25.62
N LYS A 148 5.23 -4.43 25.35
CA LYS A 148 5.87 -3.91 24.13
C LYS A 148 6.94 -2.86 24.45
N ALA A 149 7.21 -2.62 25.74
CA ALA A 149 8.23 -1.74 26.29
C ALA A 149 8.53 -2.28 27.70
N ARG A 150 9.45 -1.65 28.44
CA ARG A 150 9.69 -2.02 29.84
C ARG A 150 10.03 -0.80 30.67
N ASP A 151 9.39 -0.73 31.85
CA ASP A 151 9.48 0.36 32.82
C ASP A 151 8.94 -0.19 34.15
N LEU A 152 9.40 0.34 35.29
CA LEU A 152 9.07 -0.18 36.61
C LEU A 152 7.63 0.18 37.03
N LEU A 153 7.15 1.39 36.73
CA LEU A 153 5.79 1.80 37.10
C LEU A 153 4.77 1.06 36.22
N ASP A 154 5.14 0.79 34.97
CA ASP A 154 4.35 0.01 34.02
C ASP A 154 4.23 -1.48 34.41
N ASP A 155 4.95 -1.95 35.44
CA ASP A 155 4.96 -3.37 35.84
C ASP A 155 3.56 -3.93 36.04
N LEU A 156 3.26 -5.05 35.36
CA LEU A 156 2.02 -5.81 35.46
C LEU A 156 2.33 -7.26 35.06
N GLU A 157 1.40 -8.19 35.35
CA GLU A 157 1.62 -9.62 35.17
C GLU A 157 1.97 -10.02 33.74
N LYS A 158 1.54 -9.25 32.73
CA LYS A 158 1.84 -9.50 31.32
C LYS A 158 3.34 -9.43 31.00
N THR A 159 4.18 -9.01 31.94
CA THR A 159 5.63 -9.12 31.81
C THR A 159 6.08 -10.59 31.74
N LEU A 160 5.26 -11.54 32.22
CA LEU A 160 5.61 -12.96 32.36
C LEU A 160 4.44 -13.84 31.94
N ASP A 161 3.21 -13.48 32.30
CA ASP A 161 2.00 -14.21 31.93
C ASP A 161 1.85 -14.27 30.41
N LYS A 162 1.63 -15.48 29.88
CA LYS A 162 1.49 -15.80 28.47
C LYS A 162 0.45 -16.91 28.34
N LYS A 163 -0.15 -17.05 27.15
CA LYS A 163 -1.11 -18.09 26.82
C LYS A 163 -0.93 -18.41 25.34
N MET A 4 -10.41 0.57 -25.00
CA MET A 4 -9.61 1.72 -24.51
C MET A 4 -9.23 1.55 -23.05
N PHE A 5 -10.18 1.73 -22.12
CA PHE A 5 -10.01 1.53 -20.69
C PHE A 5 -11.28 0.87 -20.12
N ASN A 6 -11.20 0.37 -18.90
CA ASN A 6 -12.30 -0.10 -18.05
C ASN A 6 -13.09 1.10 -17.50
N ASN A 7 -13.48 2.02 -18.39
CA ASN A 7 -14.05 3.32 -18.07
C ASN A 7 -15.20 3.27 -17.07
N HIS A 8 -16.05 2.23 -17.11
CA HIS A 8 -17.16 2.09 -16.19
C HIS A 8 -16.68 2.05 -14.73
N GLU A 9 -15.63 1.27 -14.44
CA GLU A 9 -15.07 1.21 -13.09
C GLU A 9 -14.39 2.54 -12.78
N ILE A 10 -13.63 3.09 -13.72
CA ILE A 10 -12.81 4.26 -13.44
C ILE A 10 -13.70 5.46 -13.14
N ASP A 11 -14.79 5.65 -13.89
CA ASP A 11 -15.75 6.74 -13.65
C ASP A 11 -16.47 6.57 -12.32
N THR A 12 -16.89 5.35 -11.96
CA THR A 12 -17.59 5.13 -10.71
C THR A 12 -16.64 5.36 -9.53
N ILE A 13 -15.37 4.95 -9.65
CA ILE A 13 -14.35 5.20 -8.66
C ILE A 13 -14.16 6.71 -8.52
N LEU A 14 -13.97 7.44 -9.63
CA LEU A 14 -13.66 8.86 -9.54
C LEU A 14 -14.78 9.64 -8.86
N SER A 15 -16.03 9.37 -9.23
CA SER A 15 -17.17 10.03 -8.61
C SER A 15 -17.38 9.56 -7.17
N THR A 16 -17.03 8.33 -6.80
CA THR A 16 -17.06 7.93 -5.39
C THR A 16 -15.99 8.71 -4.61
N LEU A 17 -14.77 8.79 -5.13
CA LEU A 17 -13.71 9.55 -4.50
C LEU A 17 -14.15 11.00 -4.34
N ARG A 18 -14.68 11.63 -5.39
CA ARG A 18 -15.17 13.00 -5.31
C ARG A 18 -16.28 13.15 -4.28
N MET A 19 -17.29 12.27 -4.26
CA MET A 19 -18.38 12.40 -3.29
C MET A 19 -17.91 12.24 -1.84
N GLU A 20 -16.91 11.38 -1.60
CA GLU A 20 -16.42 11.09 -0.26
C GLU A 20 -15.41 12.13 0.22
N ALA A 21 -14.68 12.76 -0.71
CA ALA A 21 -13.55 13.62 -0.42
C ALA A 21 -13.99 15.03 -0.04
N ASP A 22 -13.08 15.73 0.64
CA ASP A 22 -13.19 17.15 0.90
C ASP A 22 -13.02 17.92 -0.43
N PRO A 23 -13.84 18.94 -0.74
CA PRO A 23 -13.74 19.70 -1.99
C PRO A 23 -12.33 20.21 -2.35
N SER A 24 -11.48 20.50 -1.36
CA SER A 24 -10.13 21.00 -1.57
C SER A 24 -9.25 20.02 -2.37
N LEU A 25 -9.62 18.74 -2.39
CA LEU A 25 -8.87 17.67 -3.05
C LEU A 25 -9.29 17.53 -4.52
N HIS A 26 -10.41 18.15 -4.93
CA HIS A 26 -10.96 17.94 -6.28
C HIS A 26 -10.00 18.37 -7.39
N PRO A 27 -9.29 19.51 -7.35
CA PRO A 27 -8.34 19.89 -8.39
C PRO A 27 -7.26 18.82 -8.61
N LEU A 28 -6.75 18.21 -7.53
CA LEU A 28 -5.77 17.14 -7.62
C LEU A 28 -6.40 15.91 -8.29
N PHE A 29 -7.65 15.58 -7.95
CA PHE A 29 -8.31 14.43 -8.58
C PHE A 29 -8.68 14.68 -10.04
N GLU A 30 -8.95 15.91 -10.45
CA GLU A 30 -9.17 16.23 -11.86
C GLU A 30 -7.89 15.98 -12.67
N GLN A 31 -6.73 16.34 -12.11
CA GLN A 31 -5.44 16.07 -12.75
C GLN A 31 -5.20 14.55 -12.80
N PHE A 32 -5.43 13.85 -11.69
CA PHE A 32 -5.29 12.40 -11.62
C PHE A 32 -6.16 11.70 -12.67
N GLU A 33 -7.42 12.12 -12.82
CA GLU A 33 -8.34 11.60 -13.83
C GLU A 33 -7.74 11.76 -15.23
N LYS A 34 -7.36 12.99 -15.58
CA LYS A 34 -6.80 13.27 -16.90
C LYS A 34 -5.51 12.48 -17.12
N PHE A 35 -4.68 12.31 -16.10
CA PHE A 35 -3.42 11.60 -16.26
C PHE A 35 -3.64 10.10 -16.46
N TYR A 36 -4.63 9.47 -15.81
CA TYR A 36 -4.96 8.08 -16.13
C TYR A 36 -5.41 7.97 -17.59
N GLU A 37 -6.28 8.89 -18.05
CA GLU A 37 -6.80 8.88 -19.41
C GLU A 37 -5.68 9.07 -20.45
N GLU A 38 -4.65 9.87 -20.12
CA GLU A 38 -3.48 10.07 -20.96
C GLU A 38 -2.50 8.88 -20.89
N LYS A 39 -2.80 7.83 -20.11
CA LYS A 39 -1.91 6.71 -19.82
C LYS A 39 -0.59 7.20 -19.21
N LEU A 40 -0.68 8.16 -18.28
CA LEU A 40 0.44 8.79 -17.59
C LEU A 40 0.43 8.36 -16.14
N TRP A 41 0.69 7.07 -15.99
CA TRP A 41 0.77 6.38 -14.70
C TRP A 41 1.75 7.10 -13.74
N PHE A 42 2.86 7.60 -14.27
CA PHE A 42 3.93 8.17 -13.46
C PHE A 42 3.47 9.52 -12.88
N GLN A 43 2.90 10.38 -13.72
CA GLN A 43 2.28 11.64 -13.29
C GLN A 43 1.14 11.39 -12.31
N LEU A 44 0.32 10.39 -12.59
CA LEU A 44 -0.75 9.98 -11.70
C LEU A 44 -0.19 9.51 -10.35
N SER A 45 0.95 8.83 -10.32
CA SER A 45 1.61 8.43 -9.08
C SER A 45 2.15 9.66 -8.35
N GLU A 46 2.64 10.67 -9.07
CA GLU A 46 2.99 11.97 -8.52
C GLU A 46 1.75 12.61 -7.87
N SER A 47 0.57 12.49 -8.50
CA SER A 47 -0.67 13.04 -7.97
C SER A 47 -1.08 12.30 -6.69
N LEU A 48 -1.02 10.97 -6.71
CA LEU A 48 -1.24 10.13 -5.53
C LEU A 48 -0.22 10.41 -4.43
N THR A 49 1.03 10.78 -4.76
CA THR A 49 2.03 11.13 -3.78
C THR A 49 1.62 12.43 -3.07
N LYS A 50 1.17 13.46 -3.80
CA LYS A 50 0.68 14.69 -3.18
C LYS A 50 -0.58 14.40 -2.34
N PHE A 51 -1.48 13.56 -2.85
CA PHE A 51 -2.69 13.15 -2.14
C PHE A 51 -2.31 12.48 -0.81
N PHE A 52 -1.37 11.54 -0.85
CA PHE A 52 -0.86 10.82 0.31
C PHE A 52 -0.17 11.76 1.29
N ASP A 53 0.63 12.72 0.81
CA ASP A 53 1.38 13.63 1.67
C ASP A 53 0.46 14.62 2.39
N ASP A 54 -0.62 15.05 1.73
CA ASP A 54 -1.64 15.92 2.30
C ASP A 54 -2.48 15.21 3.37
N ALA A 55 -2.41 13.88 3.43
CA ALA A 55 -3.02 12.96 4.40
C ALA A 55 -4.55 12.98 4.50
N LYS A 56 -5.25 13.96 3.90
CA LYS A 56 -6.71 13.98 3.73
C LYS A 56 -7.08 12.98 2.62
N SER A 57 -6.66 11.73 2.77
CA SER A 57 -6.73 10.74 1.71
C SER A 57 -6.71 9.29 2.21
N THR A 58 -6.38 9.05 3.48
CA THR A 58 -6.11 7.71 4.00
C THR A 58 -7.20 6.68 3.70
N PRO A 59 -8.44 6.73 4.23
CA PRO A 59 -9.49 5.79 3.84
C PRO A 59 -9.81 5.78 2.33
N LEU A 60 -9.74 6.94 1.65
CA LEU A 60 -10.02 6.99 0.20
C LEU A 60 -8.99 6.17 -0.58
N ARG A 61 -7.72 6.18 -0.16
CA ARG A 61 -6.67 5.39 -0.78
C ARG A 61 -6.90 3.89 -0.67
N LEU A 62 -7.78 3.41 0.23
CA LEU A 62 -8.13 2.00 0.30
C LEU A 62 -8.85 1.58 -0.99
N ARG A 63 -9.83 2.37 -1.44
CA ARG A 63 -10.49 2.12 -2.74
C ARG A 63 -9.51 2.27 -3.88
N LEU A 64 -8.65 3.30 -3.80
CA LEU A 64 -7.67 3.63 -4.82
C LEU A 64 -6.74 2.43 -5.06
N TYR A 65 -6.26 1.79 -4.00
CA TYR A 65 -5.54 0.53 -4.14
C TYR A 65 -6.46 -0.56 -4.71
N ASP A 66 -7.58 -0.82 -4.03
CA ASP A 66 -8.43 -1.98 -4.29
C ASP A 66 -8.90 -2.16 -5.73
N ASN A 67 -9.31 -1.07 -6.38
CA ASN A 67 -10.02 -1.17 -7.65
C ASN A 67 -9.43 -0.27 -8.75
N PHE A 68 -8.34 0.46 -8.51
CA PHE A 68 -7.78 1.38 -9.49
C PHE A 68 -6.31 1.03 -9.72
N VAL A 69 -5.43 1.23 -8.72
CA VAL A 69 -4.01 0.91 -8.85
C VAL A 69 -3.80 -0.60 -8.97
N SER A 70 -4.71 -1.43 -8.43
CA SER A 70 -4.71 -2.88 -8.64
C SER A 70 -4.66 -3.27 -10.12
N LYS A 71 -5.22 -2.43 -11.01
CA LYS A 71 -5.29 -2.71 -12.44
C LYS A 71 -3.92 -2.57 -13.12
N PHE A 72 -2.93 -1.89 -12.51
CA PHE A 72 -1.68 -1.54 -13.18
C PHE A 72 -0.46 -1.45 -12.25
N TYR A 73 -0.48 -2.06 -11.06
CA TYR A 73 0.66 -1.98 -10.13
C TYR A 73 1.98 -2.55 -10.66
N ASP A 74 1.97 -3.26 -11.80
CA ASP A 74 3.18 -3.69 -12.51
C ASP A 74 3.89 -2.52 -13.20
N LYS A 75 3.17 -1.42 -13.50
CA LYS A 75 3.63 -0.33 -14.35
C LYS A 75 4.20 0.85 -13.54
N ILE A 76 4.11 0.82 -12.21
CA ILE A 76 4.60 1.88 -11.34
C ILE A 76 5.32 1.27 -10.15
N ASN A 77 6.05 2.11 -9.40
CA ASN A 77 6.85 1.68 -8.26
C ASN A 77 5.98 0.97 -7.22
N GLN A 78 6.30 -0.29 -6.90
CA GLN A 78 5.52 -1.08 -5.95
C GLN A 78 5.58 -0.48 -4.54
N LEU A 79 6.64 0.23 -4.16
CA LEU A 79 6.68 0.89 -2.86
C LEU A 79 5.67 2.05 -2.82
N SER A 80 5.39 2.71 -3.95
CA SER A 80 4.29 3.68 -4.01
C SER A 80 2.97 2.97 -3.72
N VAL A 81 2.67 1.88 -4.44
CA VAL A 81 1.36 1.23 -4.29
C VAL A 81 1.19 0.70 -2.86
N VAL A 82 2.23 0.08 -2.27
CA VAL A 82 2.11 -0.39 -0.91
C VAL A 82 2.02 0.78 0.05
N LYS A 83 2.76 1.90 -0.10
CA LYS A 83 2.67 3.01 0.86
C LYS A 83 1.24 3.54 0.96
N TYR A 84 0.54 3.60 -0.18
CA TYR A 84 -0.84 4.07 -0.21
C TYR A 84 -1.71 3.13 0.63
N LEU A 85 -1.67 1.82 0.31
CA LEU A 85 -2.45 0.80 1.00
C LEU A 85 -2.07 0.73 2.48
N LEU A 86 -0.78 0.75 2.80
CA LEU A 86 -0.22 0.69 4.14
C LEU A 86 -0.91 1.72 5.01
N ALA A 87 -0.87 3.01 4.66
CA ALA A 87 -1.50 4.03 5.49
C ALA A 87 -2.98 3.76 5.67
N SER A 88 -3.69 3.43 4.59
CA SER A 88 -5.13 3.18 4.65
C SER A 88 -5.47 2.04 5.62
N LEU A 89 -4.74 0.92 5.52
CA LEU A 89 -5.09 -0.32 6.20
C LEU A 89 -4.54 -0.35 7.63
N LYS A 90 -3.39 0.30 7.88
CA LYS A 90 -2.90 0.52 9.24
C LYS A 90 -3.88 1.43 9.99
N ASP A 91 -4.31 2.53 9.34
CA ASP A 91 -5.23 3.49 9.96
C ASP A 91 -6.60 2.88 10.23
N SER A 92 -6.98 1.83 9.49
CA SER A 92 -8.19 1.04 9.77
C SER A 92 -8.10 0.23 11.09
N LYS A 93 -7.07 0.44 11.92
CA LYS A 93 -6.81 -0.20 13.21
C LYS A 93 -6.85 -1.74 13.11
N ASP A 94 -6.34 -2.32 12.03
CA ASP A 94 -6.39 -3.76 11.82
C ASP A 94 -5.06 -4.25 11.27
N PHE A 95 -4.10 -4.42 12.18
CA PHE A 95 -2.76 -4.90 11.85
C PHE A 95 -2.77 -6.35 11.36
N ASP A 96 -3.79 -7.14 11.71
CA ASP A 96 -3.90 -8.53 11.24
C ASP A 96 -4.37 -8.57 9.79
N GLU A 97 -5.33 -7.71 9.43
CA GLU A 97 -5.73 -7.53 8.04
C GLU A 97 -4.57 -6.90 7.25
N SER A 98 -3.79 -5.99 7.87
CA SER A 98 -2.60 -5.42 7.25
C SER A 98 -1.58 -6.52 6.92
N LEU A 99 -1.33 -7.43 7.88
CA LEU A 99 -0.45 -8.57 7.70
C LEU A 99 -0.91 -9.41 6.51
N LYS A 100 -2.20 -9.76 6.46
CA LYS A 100 -2.73 -10.57 5.37
C LYS A 100 -2.58 -9.86 4.03
N TYR A 101 -3.06 -8.61 3.94
CA TYR A 101 -3.09 -7.87 2.69
C TYR A 101 -1.70 -7.65 2.12
N LEU A 102 -0.73 -7.22 2.93
CA LEU A 102 0.54 -6.78 2.36
C LEU A 102 1.41 -7.99 2.06
N ASP A 103 1.26 -9.11 2.80
CA ASP A 103 1.99 -10.33 2.46
C ASP A 103 1.39 -10.99 1.21
N ASP A 104 0.07 -10.94 1.03
CA ASP A 104 -0.58 -11.43 -0.19
C ASP A 104 -0.21 -10.57 -1.39
N LEU A 105 -0.19 -9.24 -1.23
CA LEU A 105 0.21 -8.32 -2.27
C LEU A 105 1.69 -8.51 -2.62
N LYS A 106 2.55 -8.69 -1.62
CA LYS A 106 3.95 -9.05 -1.82
C LYS A 106 4.06 -10.35 -2.62
N ALA A 107 3.26 -11.35 -2.28
CA ALA A 107 3.26 -12.62 -2.99
C ALA A 107 2.86 -12.42 -4.45
N GLN A 108 1.91 -11.52 -4.75
CA GLN A 108 1.54 -11.21 -6.13
C GLN A 108 2.74 -10.65 -6.90
N PHE A 109 3.52 -9.74 -6.29
CA PHE A 109 4.76 -9.25 -6.91
C PHE A 109 5.76 -10.40 -7.07
N GLN A 110 5.88 -11.28 -6.07
CA GLN A 110 6.74 -12.46 -6.16
C GLN A 110 6.34 -13.38 -7.33
N GLU A 111 5.07 -13.43 -7.73
CA GLU A 111 4.61 -14.21 -8.88
C GLU A 111 5.00 -13.51 -10.16
N LEU A 112 4.74 -12.19 -10.25
CA LEU A 112 5.09 -11.40 -11.44
C LEU A 112 6.61 -11.43 -11.64
N ASP A 113 7.39 -11.36 -10.56
CA ASP A 113 8.83 -11.48 -10.61
C ASP A 113 9.26 -12.87 -11.07
N SER A 114 8.53 -13.92 -10.66
CA SER A 114 8.77 -15.27 -11.16
C SER A 114 8.51 -15.35 -12.67
N LYS A 115 7.44 -14.73 -13.17
CA LYS A 115 7.19 -14.68 -14.61
C LYS A 115 8.30 -13.93 -15.35
N LYS A 116 8.72 -12.77 -14.82
CA LYS A 116 9.61 -11.86 -15.54
C LYS A 116 11.09 -12.24 -15.43
N GLN A 117 11.54 -12.82 -14.30
CA GLN A 117 12.96 -13.02 -14.02
C GLN A 117 13.26 -14.35 -13.33
N ARG A 118 12.44 -14.78 -12.37
CA ARG A 118 12.73 -15.90 -11.47
C ARG A 118 11.87 -17.10 -11.86
N ASN A 119 12.09 -17.61 -13.08
CA ASN A 119 11.30 -18.69 -13.68
C ASN A 119 11.11 -19.88 -12.74
N ASN A 120 12.11 -20.16 -11.90
CA ASN A 120 12.03 -21.11 -10.79
C ASN A 120 12.92 -20.57 -9.66
N GLY A 121 12.77 -21.11 -8.45
CA GLY A 121 13.47 -20.63 -7.26
C GLY A 121 12.75 -19.44 -6.64
N SER A 122 11.42 -19.35 -6.79
CA SER A 122 10.56 -18.24 -6.36
C SER A 122 10.56 -17.98 -4.84
N LYS A 123 11.16 -18.84 -4.02
CA LYS A 123 11.26 -18.69 -2.57
C LYS A 123 12.34 -17.66 -2.19
N ASP A 124 12.27 -16.47 -2.78
CA ASP A 124 13.20 -15.37 -2.60
C ASP A 124 12.44 -14.05 -2.82
N HIS A 125 12.95 -12.94 -2.28
CA HIS A 125 12.39 -11.61 -2.47
C HIS A 125 13.55 -10.64 -2.71
N GLY A 126 13.57 -10.01 -3.89
CA GLY A 126 14.56 -9.01 -4.25
C GLY A 126 14.19 -7.65 -3.68
N ASP A 127 15.03 -6.64 -3.93
CA ASP A 127 14.80 -5.26 -3.51
C ASP A 127 13.41 -4.79 -3.98
N GLY A 128 12.64 -4.22 -3.05
CA GLY A 128 11.23 -3.90 -3.22
C GLY A 128 10.45 -4.83 -2.31
N ILE A 129 10.18 -6.07 -2.74
CA ILE A 129 9.51 -7.03 -1.88
C ILE A 129 10.32 -7.41 -0.64
N LEU A 130 11.65 -7.26 -0.64
CA LEU A 130 12.46 -7.38 0.58
C LEU A 130 12.05 -6.36 1.64
N LEU A 131 11.75 -5.12 1.21
CA LEU A 131 11.26 -4.09 2.13
C LEU A 131 9.87 -4.47 2.60
N ILE A 132 8.98 -4.87 1.69
CA ILE A 132 7.61 -5.21 2.04
C ILE A 132 7.62 -6.40 3.02
N ASP A 133 8.51 -7.38 2.83
CA ASP A 133 8.64 -8.52 3.74
C ASP A 133 9.10 -8.07 5.13
N SER A 134 10.04 -7.13 5.18
CA SER A 134 10.53 -6.56 6.43
C SER A 134 9.43 -5.74 7.13
N GLU A 135 8.61 -5.01 6.37
CA GLU A 135 7.48 -4.26 6.90
C GLU A 135 6.40 -5.23 7.41
N ILE A 136 6.20 -6.34 6.71
CA ILE A 136 5.30 -7.41 7.14
C ILE A 136 5.81 -8.04 8.44
N ALA A 137 7.12 -8.31 8.58
CA ALA A 137 7.68 -8.79 9.83
C ALA A 137 7.43 -7.78 10.95
N ARG A 138 7.62 -6.48 10.69
CA ARG A 138 7.32 -5.42 11.66
C ARG A 138 5.85 -5.43 12.05
N THR A 139 4.95 -5.63 11.09
CA THR A 139 3.51 -5.69 11.34
C THR A 139 3.16 -6.91 12.19
N TYR A 140 3.75 -8.08 11.90
CA TYR A 140 3.51 -9.30 12.67
C TYR A 140 4.03 -9.13 14.10
N LEU A 141 5.21 -8.52 14.26
CA LEU A 141 5.77 -8.23 15.58
C LEU A 141 4.85 -7.30 16.34
N LEU A 142 4.38 -6.22 15.70
CA LEU A 142 3.50 -5.24 16.32
C LEU A 142 2.21 -5.91 16.80
N LYS A 143 1.50 -6.65 15.92
CA LYS A 143 0.22 -7.24 16.33
C LYS A 143 0.43 -8.27 17.44
N ASN A 144 1.50 -9.06 17.37
CA ASN A 144 1.82 -10.05 18.40
C ASN A 144 2.11 -9.40 19.74
N ASP A 145 2.81 -8.26 19.75
CA ASP A 145 3.14 -7.55 20.98
C ASP A 145 1.93 -6.80 21.54
N LEU A 146 1.12 -6.19 20.66
CA LEU A 146 0.00 -5.33 21.04
C LEU A 146 -1.03 -6.06 21.90
N VAL A 147 -1.35 -7.31 21.56
CA VAL A 147 -2.37 -8.08 22.28
C VAL A 147 -1.98 -8.38 23.74
N LYS A 148 -0.73 -8.17 24.15
CA LYS A 148 -0.34 -8.29 25.56
C LYS A 148 -1.06 -7.26 26.43
N ALA A 149 -1.47 -6.11 25.88
CA ALA A 149 -2.19 -5.07 26.60
C ALA A 149 -3.50 -5.64 27.15
N ARG A 150 -3.83 -5.32 28.40
CA ARG A 150 -5.08 -5.70 29.05
C ARG A 150 -5.30 -4.80 30.27
N ASP A 151 -6.55 -4.74 30.75
CA ASP A 151 -6.96 -4.09 31.99
C ASP A 151 -6.31 -2.71 32.21
N LEU A 152 -6.37 -1.86 31.17
CA LEU A 152 -5.89 -0.48 31.23
C LEU A 152 -6.69 0.27 32.30
N LEU A 153 -6.01 0.80 33.32
CA LEU A 153 -6.65 1.51 34.44
C LEU A 153 -7.21 2.84 33.95
N ASP A 154 -6.35 3.70 33.38
CA ASP A 154 -6.63 5.05 32.89
C ASP A 154 -7.60 5.84 33.79
N ASP A 155 -7.34 5.82 35.12
CA ASP A 155 -8.15 6.53 36.10
C ASP A 155 -7.98 8.05 35.94
N LEU A 156 -8.98 8.83 36.34
CA LEU A 156 -8.95 10.30 36.29
C LEU A 156 -7.81 10.86 37.14
N GLU A 157 -7.59 10.32 38.35
CA GLU A 157 -6.56 10.82 39.26
C GLU A 157 -5.17 10.42 38.74
N LYS A 158 -4.22 11.36 38.78
CA LYS A 158 -2.82 11.11 38.44
C LYS A 158 -2.26 10.10 39.45
N THR A 159 -1.86 8.93 38.97
CA THR A 159 -1.41 7.82 39.81
C THR A 159 -0.10 8.15 40.54
N LEU A 160 0.83 8.78 39.84
CA LEU A 160 2.14 9.21 40.34
C LEU A 160 2.61 10.33 39.42
N ASP A 161 3.25 11.37 39.97
CA ASP A 161 3.73 12.51 39.17
C ASP A 161 5.01 12.15 38.39
N LYS A 162 5.88 11.33 38.97
CA LYS A 162 7.10 10.85 38.32
C LYS A 162 6.73 9.97 37.12
N LYS A 163 7.61 9.91 36.13
CA LYS A 163 7.49 9.09 34.92
C LYS A 163 8.89 8.64 34.57
N MET A 4 -5.00 -2.39 -17.72
CA MET A 4 -6.45 -2.70 -17.88
C MET A 4 -7.27 -1.42 -17.68
N PHE A 5 -8.44 -1.35 -18.33
CA PHE A 5 -9.30 -0.17 -18.38
C PHE A 5 -10.73 -0.61 -18.68
N ASN A 6 -11.70 0.08 -18.07
CA ASN A 6 -13.11 -0.02 -18.38
C ASN A 6 -13.78 1.25 -17.90
N ASN A 7 -14.27 2.07 -18.82
CA ASN A 7 -14.74 3.44 -18.55
C ASN A 7 -15.70 3.53 -17.37
N HIS A 8 -16.70 2.65 -17.30
CA HIS A 8 -17.74 2.74 -16.27
C HIS A 8 -17.17 2.59 -14.87
N GLU A 9 -16.24 1.65 -14.67
CA GLU A 9 -15.72 1.39 -13.33
C GLU A 9 -14.72 2.47 -12.94
N ILE A 10 -13.94 2.95 -13.90
CA ILE A 10 -13.01 4.04 -13.65
C ILE A 10 -13.80 5.31 -13.30
N ASP A 11 -14.86 5.63 -14.03
CA ASP A 11 -15.65 6.84 -13.83
C ASP A 11 -16.44 6.80 -12.52
N THR A 12 -17.00 5.64 -12.16
CA THR A 12 -17.76 5.49 -10.93
C THR A 12 -16.81 5.61 -9.73
N ILE A 13 -15.58 5.07 -9.83
CA ILE A 13 -14.56 5.25 -8.80
C ILE A 13 -14.23 6.73 -8.67
N LEU A 14 -13.90 7.42 -9.78
CA LEU A 14 -13.46 8.81 -9.69
C LEU A 14 -14.53 9.69 -9.06
N SER A 15 -15.79 9.46 -9.43
CA SER A 15 -16.92 10.16 -8.86
C SER A 15 -17.07 9.81 -7.40
N THR A 16 -17.07 8.55 -7.01
CA THR A 16 -17.26 8.20 -5.61
C THR A 16 -16.14 8.78 -4.75
N LEU A 17 -14.89 8.71 -5.21
CA LEU A 17 -13.75 9.33 -4.56
C LEU A 17 -14.03 10.81 -4.36
N ARG A 18 -14.38 11.55 -5.42
CA ARG A 18 -14.71 12.97 -5.32
C ARG A 18 -15.84 13.21 -4.31
N MET A 19 -16.92 12.43 -4.35
CA MET A 19 -18.04 12.62 -3.42
C MET A 19 -17.64 12.41 -1.96
N GLU A 20 -16.84 11.37 -1.69
CA GLU A 20 -16.46 10.97 -0.34
C GLU A 20 -15.35 11.89 0.19
N ALA A 21 -14.54 12.45 -0.71
CA ALA A 21 -13.37 13.24 -0.42
C ALA A 21 -13.73 14.60 0.18
N ASP A 22 -12.84 15.06 1.06
CA ASP A 22 -12.85 16.43 1.56
C ASP A 22 -12.55 17.36 0.36
N PRO A 23 -13.21 18.52 0.21
CA PRO A 23 -13.05 19.35 -0.98
C PRO A 23 -11.62 19.87 -1.19
N SER A 24 -10.79 19.92 -0.14
CA SER A 24 -9.38 20.30 -0.26
C SER A 24 -8.60 19.35 -1.17
N LEU A 25 -9.08 18.11 -1.32
CA LEU A 25 -8.40 17.07 -2.08
C LEU A 25 -8.67 17.16 -3.58
N HIS A 26 -9.71 17.90 -4.00
CA HIS A 26 -10.17 17.88 -5.38
C HIS A 26 -9.06 18.16 -6.42
N PRO A 27 -8.18 19.17 -6.28
CA PRO A 27 -7.13 19.42 -7.27
C PRO A 27 -6.24 18.20 -7.56
N LEU A 28 -5.95 17.38 -6.53
CA LEU A 28 -5.16 16.17 -6.71
C LEU A 28 -5.92 15.20 -7.60
N PHE A 29 -7.23 15.03 -7.37
CA PHE A 29 -8.01 14.08 -8.14
C PHE A 29 -8.38 14.57 -9.54
N GLU A 30 -8.46 15.89 -9.76
CA GLU A 30 -8.63 16.41 -11.13
C GLU A 30 -7.39 16.06 -11.97
N GLN A 31 -6.19 16.26 -11.41
CA GLN A 31 -4.95 15.87 -12.07
C GLN A 31 -4.92 14.35 -12.28
N PHE A 32 -5.23 13.59 -11.23
CA PHE A 32 -5.19 12.13 -11.25
C PHE A 32 -6.07 11.58 -12.36
N GLU A 33 -7.30 12.08 -12.50
CA GLU A 33 -8.23 11.62 -13.54
C GLU A 33 -7.60 11.83 -14.91
N LYS A 34 -7.18 13.07 -15.22
CA LYS A 34 -6.71 13.37 -16.56
C LYS A 34 -5.41 12.63 -16.86
N PHE A 35 -4.53 12.43 -15.87
CA PHE A 35 -3.32 11.68 -16.09
C PHE A 35 -3.62 10.19 -16.30
N TYR A 36 -4.63 9.60 -15.65
CA TYR A 36 -5.05 8.24 -16.00
C TYR A 36 -5.55 8.21 -17.45
N GLU A 37 -6.39 9.18 -17.83
CA GLU A 37 -6.98 9.23 -19.17
C GLU A 37 -5.89 9.37 -20.25
N GLU A 38 -4.84 10.15 -19.98
CA GLU A 38 -3.69 10.33 -20.87
C GLU A 38 -2.74 9.12 -20.87
N LYS A 39 -3.04 8.06 -20.10
CA LYS A 39 -2.17 6.89 -19.89
C LYS A 39 -0.81 7.33 -19.32
N LEU A 40 -0.83 8.22 -18.34
CA LEU A 40 0.34 8.81 -17.70
C LEU A 40 0.35 8.38 -16.24
N TRP A 41 0.53 7.08 -16.10
CA TRP A 41 0.58 6.39 -14.81
C TRP A 41 1.61 7.03 -13.87
N PHE A 42 2.77 7.43 -14.39
CA PHE A 42 3.85 7.96 -13.58
C PHE A 42 3.46 9.30 -12.98
N GLN A 43 2.91 10.21 -13.80
CA GLN A 43 2.39 11.50 -13.38
C GLN A 43 1.26 11.33 -12.36
N LEU A 44 0.34 10.41 -12.66
CA LEU A 44 -0.73 10.04 -11.76
C LEU A 44 -0.17 9.54 -10.42
N SER A 45 0.95 8.83 -10.42
CA SER A 45 1.55 8.34 -9.18
C SER A 45 2.10 9.51 -8.36
N GLU A 46 2.61 10.57 -8.98
CA GLU A 46 2.96 11.78 -8.24
C GLU A 46 1.70 12.41 -7.67
N SER A 47 0.62 12.45 -8.46
CA SER A 47 -0.62 13.09 -8.05
C SER A 47 -1.21 12.37 -6.82
N LEU A 48 -1.20 11.04 -6.86
CA LEU A 48 -1.65 10.20 -5.75
C LEU A 48 -0.67 10.26 -4.58
N THR A 49 0.63 10.43 -4.81
CA THR A 49 1.60 10.65 -3.75
C THR A 49 1.36 12.01 -3.06
N LYS A 50 0.99 13.06 -3.80
CA LYS A 50 0.62 14.35 -3.20
C LYS A 50 -0.63 14.20 -2.33
N PHE A 51 -1.60 13.36 -2.71
CA PHE A 51 -2.70 13.03 -1.82
C PHE A 51 -2.18 12.25 -0.59
N PHE A 52 -1.30 11.25 -0.77
CA PHE A 52 -0.71 10.49 0.34
C PHE A 52 0.04 11.38 1.35
N ASP A 53 0.60 12.50 0.91
CA ASP A 53 1.26 13.49 1.77
C ASP A 53 0.26 14.24 2.68
N ASP A 54 -1.05 13.96 2.57
CA ASP A 54 -2.12 14.54 3.37
C ASP A 54 -3.02 13.41 3.89
N ALA A 55 -3.86 13.70 4.88
CA ALA A 55 -4.63 12.73 5.64
C ALA A 55 -6.11 13.13 5.80
N LYS A 56 -6.62 14.03 4.94
CA LYS A 56 -8.03 14.45 4.98
C LYS A 56 -8.99 13.25 4.88
N SER A 57 -8.64 12.26 4.06
CA SER A 57 -9.52 11.17 3.67
C SER A 57 -8.73 9.87 3.41
N THR A 58 -7.72 9.57 4.23
CA THR A 58 -6.79 8.46 4.02
C THR A 58 -7.44 7.13 3.56
N PRO A 59 -8.55 6.63 4.14
CA PRO A 59 -9.26 5.44 3.66
C PRO A 59 -9.61 5.40 2.16
N LEU A 60 -9.71 6.53 1.46
CA LEU A 60 -9.95 6.52 0.01
C LEU A 60 -8.83 5.78 -0.71
N ARG A 61 -7.58 5.86 -0.20
CA ARG A 61 -6.43 5.22 -0.83
C ARG A 61 -6.53 3.69 -0.80
N LEU A 62 -7.33 3.12 0.10
CA LEU A 62 -7.61 1.68 0.14
C LEU A 62 -8.40 1.30 -1.11
N ARG A 63 -9.46 2.07 -1.40
CA ARG A 63 -10.31 1.87 -2.58
C ARG A 63 -9.47 2.03 -3.83
N LEU A 64 -8.61 3.05 -3.82
CA LEU A 64 -7.72 3.39 -4.92
C LEU A 64 -6.84 2.20 -5.25
N TYR A 65 -6.16 1.60 -4.25
CA TYR A 65 -5.36 0.43 -4.52
C TYR A 65 -6.24 -0.73 -5.02
N ASP A 66 -7.25 -1.10 -4.24
CA ASP A 66 -8.02 -2.32 -4.46
C ASP A 66 -8.79 -2.38 -5.78
N ASN A 67 -9.18 -1.23 -6.35
CA ASN A 67 -10.11 -1.21 -7.49
C ASN A 67 -9.59 -0.44 -8.70
N PHE A 68 -8.48 0.30 -8.58
CA PHE A 68 -8.04 1.23 -9.61
C PHE A 68 -6.57 1.00 -9.93
N VAL A 69 -5.64 1.16 -8.98
CA VAL A 69 -4.23 0.80 -9.19
C VAL A 69 -4.09 -0.71 -9.42
N SER A 70 -5.00 -1.55 -8.92
CA SER A 70 -5.03 -2.97 -9.23
C SER A 70 -5.11 -3.25 -10.74
N LYS A 71 -5.59 -2.30 -11.56
CA LYS A 71 -5.67 -2.44 -13.02
C LYS A 71 -4.36 -2.10 -13.72
N PHE A 72 -3.33 -1.59 -13.01
CA PHE A 72 -2.05 -1.21 -13.61
C PHE A 72 -0.89 -1.33 -12.59
N TYR A 73 -0.99 -2.23 -11.61
CA TYR A 73 0.13 -2.46 -10.70
C TYR A 73 1.34 -3.00 -11.47
N ASP A 74 2.54 -2.80 -10.92
CA ASP A 74 3.86 -3.04 -11.53
C ASP A 74 4.18 -2.11 -12.72
N LYS A 75 3.19 -1.45 -13.35
CA LYS A 75 3.46 -0.39 -14.34
C LYS A 75 4.07 0.84 -13.66
N ILE A 76 3.93 0.95 -12.34
CA ILE A 76 4.41 2.06 -11.52
C ILE A 76 5.16 1.48 -10.32
N ASN A 77 5.79 2.37 -9.55
CA ASN A 77 6.62 2.02 -8.41
C ASN A 77 5.87 1.09 -7.46
N GLN A 78 6.42 -0.10 -7.23
CA GLN A 78 5.82 -1.15 -6.42
C GLN A 78 5.69 -0.68 -4.96
N LEU A 79 6.65 0.12 -4.48
CA LEU A 79 6.58 0.71 -3.15
C LEU A 79 5.48 1.77 -3.10
N SER A 80 5.12 2.43 -4.21
CA SER A 80 3.99 3.35 -4.24
C SER A 80 2.66 2.60 -4.11
N VAL A 81 2.46 1.48 -4.80
CA VAL A 81 1.16 0.80 -4.71
C VAL A 81 0.91 0.34 -3.27
N VAL A 82 1.93 -0.24 -2.61
CA VAL A 82 1.81 -0.61 -1.22
C VAL A 82 1.69 0.64 -0.36
N LYS A 83 2.43 1.75 -0.59
CA LYS A 83 2.36 2.97 0.22
C LYS A 83 0.92 3.47 0.37
N TYR A 84 0.13 3.44 -0.70
CA TYR A 84 -1.26 3.86 -0.67
C TYR A 84 -2.09 2.90 0.20
N LEU A 85 -2.01 1.60 -0.12
CA LEU A 85 -2.76 0.57 0.62
C LEU A 85 -2.38 0.60 2.11
N LEU A 86 -1.08 0.66 2.39
CA LEU A 86 -0.49 0.76 3.71
C LEU A 86 -1.13 1.91 4.45
N ALA A 87 -1.13 3.14 3.92
CA ALA A 87 -1.62 4.26 4.72
C ALA A 87 -3.04 4.04 5.19
N SER A 88 -3.92 3.58 4.31
CA SER A 88 -5.31 3.32 4.70
C SER A 88 -5.42 2.14 5.67
N LEU A 89 -4.73 1.03 5.39
CA LEU A 89 -4.94 -0.21 6.12
C LEU A 89 -4.24 -0.19 7.48
N LYS A 90 -3.09 0.48 7.59
CA LYS A 90 -2.39 0.73 8.86
C LYS A 90 -3.24 1.67 9.73
N ASP A 91 -3.87 2.68 9.13
CA ASP A 91 -4.73 3.62 9.86
C ASP A 91 -6.03 2.99 10.34
N SER A 92 -6.52 1.99 9.61
CA SER A 92 -7.70 1.22 9.99
C SER A 92 -7.52 0.55 11.37
N LYS A 93 -8.63 0.23 12.04
CA LYS A 93 -8.70 -0.20 13.44
C LYS A 93 -8.07 -1.57 13.76
N ASP A 94 -7.38 -2.21 12.83
CA ASP A 94 -6.75 -3.52 13.01
C ASP A 94 -5.54 -3.61 12.07
N PHE A 95 -4.51 -4.40 12.44
CA PHE A 95 -3.29 -4.56 11.65
C PHE A 95 -2.96 -6.03 11.33
N ASP A 96 -3.75 -6.99 11.82
CA ASP A 96 -3.66 -8.39 11.37
C ASP A 96 -4.16 -8.47 9.92
N GLU A 97 -5.16 -7.66 9.59
CA GLU A 97 -5.61 -7.48 8.22
C GLU A 97 -4.49 -6.89 7.36
N SER A 98 -3.67 -5.98 7.89
CA SER A 98 -2.53 -5.41 7.17
C SER A 98 -1.51 -6.50 6.84
N LEU A 99 -1.16 -7.35 7.82
CA LEU A 99 -0.28 -8.48 7.63
C LEU A 99 -0.79 -9.34 6.48
N LYS A 100 -2.08 -9.69 6.49
CA LYS A 100 -2.67 -10.53 5.44
C LYS A 100 -2.62 -9.85 4.08
N TYR A 101 -3.12 -8.62 3.97
CA TYR A 101 -3.24 -7.92 2.69
C TYR A 101 -1.86 -7.68 2.07
N LEU A 102 -0.87 -7.27 2.87
CA LEU A 102 0.41 -6.89 2.31
C LEU A 102 1.28 -8.13 2.08
N ASP A 103 1.06 -9.23 2.81
CA ASP A 103 1.70 -10.50 2.49
C ASP A 103 1.18 -11.01 1.14
N ASP A 104 -0.14 -10.88 0.89
CA ASP A 104 -0.74 -11.27 -0.38
C ASP A 104 -0.28 -10.37 -1.52
N LEU A 105 -0.18 -9.05 -1.29
CA LEU A 105 0.33 -8.11 -2.29
C LEU A 105 1.81 -8.38 -2.56
N LYS A 106 2.61 -8.66 -1.53
CA LYS A 106 3.98 -9.14 -1.72
C LYS A 106 3.96 -10.39 -2.58
N ALA A 107 3.06 -11.34 -2.34
CA ALA A 107 3.01 -12.58 -3.10
C ALA A 107 2.75 -12.32 -4.58
N GLN A 108 1.90 -11.35 -4.94
CA GLN A 108 1.69 -10.99 -6.35
C GLN A 108 3.00 -10.55 -6.99
N PHE A 109 3.78 -9.69 -6.32
CA PHE A 109 5.07 -9.25 -6.82
C PHE A 109 6.08 -10.41 -6.82
N GLN A 110 6.02 -11.29 -5.83
CA GLN A 110 6.87 -12.48 -5.74
C GLN A 110 6.58 -13.46 -6.88
N GLU A 111 5.36 -13.50 -7.42
CA GLU A 111 5.04 -14.28 -8.62
C GLU A 111 5.61 -13.59 -9.86
N LEU A 112 5.47 -12.25 -9.96
CA LEU A 112 6.07 -11.48 -11.05
C LEU A 112 7.60 -11.57 -11.01
N ASP A 113 8.21 -11.81 -9.86
CA ASP A 113 9.65 -11.94 -9.71
C ASP A 113 10.22 -13.02 -10.64
N SER A 114 9.47 -14.10 -10.86
CA SER A 114 9.88 -15.19 -11.75
C SER A 114 9.96 -14.75 -13.22
N LYS A 115 9.40 -13.57 -13.55
CA LYS A 115 9.29 -13.04 -14.90
C LYS A 115 10.21 -11.84 -15.09
N LYS A 116 10.25 -10.93 -14.12
CA LYS A 116 11.14 -9.75 -14.15
C LYS A 116 12.55 -10.06 -13.67
N GLN A 117 12.79 -11.21 -13.05
CA GLN A 117 14.08 -11.63 -12.51
C GLN A 117 14.23 -13.14 -12.75
N ARG A 118 14.19 -13.54 -14.02
CA ARG A 118 14.53 -14.91 -14.43
C ARG A 118 15.94 -15.25 -13.94
N ASN A 119 16.21 -16.55 -13.74
CA ASN A 119 17.56 -17.04 -13.44
C ASN A 119 18.55 -16.65 -14.53
N ASN A 120 18.09 -16.64 -15.79
CA ASN A 120 18.80 -16.11 -16.95
C ASN A 120 17.74 -15.51 -17.87
N GLY A 121 17.92 -14.27 -18.30
CA GLY A 121 17.00 -13.58 -19.21
C GLY A 121 16.53 -12.22 -18.68
N SER A 122 16.95 -11.80 -17.48
CA SER A 122 16.51 -10.58 -16.84
C SER A 122 17.65 -9.96 -16.02
N LYS A 123 17.49 -8.69 -15.60
CA LYS A 123 18.48 -7.95 -14.80
C LYS A 123 17.83 -7.14 -13.67
N ASP A 124 16.51 -7.00 -13.60
CA ASP A 124 15.86 -6.23 -12.54
C ASP A 124 16.03 -6.94 -11.19
N HIS A 125 16.26 -6.18 -10.11
CA HIS A 125 16.61 -6.74 -8.80
C HIS A 125 15.39 -7.21 -8.00
N GLY A 126 14.16 -6.90 -8.40
CA GLY A 126 12.97 -7.13 -7.59
C GLY A 126 13.03 -6.37 -6.27
N ASP A 127 13.74 -5.23 -6.24
CA ASP A 127 14.04 -4.44 -5.05
C ASP A 127 12.82 -3.66 -4.58
N GLY A 128 11.87 -4.36 -3.96
CA GLY A 128 10.68 -3.78 -3.36
C GLY A 128 10.06 -4.74 -2.35
N ILE A 129 9.90 -6.02 -2.71
CA ILE A 129 9.35 -7.01 -1.78
C ILE A 129 10.23 -7.24 -0.55
N LEU A 130 11.53 -6.94 -0.58
CA LEU A 130 12.37 -6.95 0.62
C LEU A 130 11.88 -5.91 1.64
N LEU A 131 11.45 -4.74 1.16
CA LEU A 131 10.91 -3.70 2.04
C LEU A 131 9.52 -4.14 2.51
N ILE A 132 8.67 -4.66 1.62
CA ILE A 132 7.32 -5.09 1.99
C ILE A 132 7.42 -6.21 3.04
N ASP A 133 8.37 -7.14 2.90
CA ASP A 133 8.62 -8.19 3.87
C ASP A 133 9.06 -7.63 5.22
N SER A 134 9.91 -6.60 5.21
CA SER A 134 10.34 -5.93 6.44
C SER A 134 9.16 -5.19 7.10
N GLU A 135 8.30 -4.55 6.30
CA GLU A 135 7.15 -3.80 6.76
C GLU A 135 6.14 -4.75 7.42
N ILE A 136 5.80 -5.86 6.76
CA ILE A 136 4.87 -6.83 7.33
C ILE A 136 5.50 -7.57 8.51
N ALA A 137 6.83 -7.81 8.53
CA ALA A 137 7.48 -8.36 9.71
C ALA A 137 7.35 -7.41 10.91
N ARG A 138 7.58 -6.10 10.73
CA ARG A 138 7.35 -5.12 11.78
C ARG A 138 5.89 -5.14 12.22
N THR A 139 4.96 -5.21 11.28
CA THR A 139 3.53 -5.26 11.58
C THR A 139 3.18 -6.52 12.39
N TYR A 140 3.78 -7.68 12.06
CA TYR A 140 3.60 -8.91 12.81
C TYR A 140 4.20 -8.79 14.21
N LEU A 141 5.39 -8.21 14.32
CA LEU A 141 6.09 -7.99 15.59
C LEU A 141 5.27 -7.09 16.51
N LEU A 142 4.51 -6.14 15.96
CA LEU A 142 3.62 -5.27 16.73
C LEU A 142 2.53 -6.02 17.50
N LYS A 143 2.27 -7.31 17.19
CA LYS A 143 1.37 -8.15 17.98
C LYS A 143 1.95 -8.47 19.37
N ASN A 144 3.28 -8.37 19.55
CA ASN A 144 3.94 -8.59 20.83
C ASN A 144 3.47 -7.54 21.86
N ASP A 145 3.74 -7.81 23.14
CA ASP A 145 3.35 -6.95 24.28
C ASP A 145 4.53 -6.86 25.24
N LEU A 146 4.57 -5.80 26.06
CA LEU A 146 5.69 -5.43 26.93
C LEU A 146 5.13 -4.77 28.20
N VAL A 147 5.95 -4.69 29.26
CA VAL A 147 5.52 -4.20 30.58
C VAL A 147 4.32 -5.03 31.08
N LYS A 148 4.42 -6.36 30.93
CA LYS A 148 3.41 -7.31 31.42
C LYS A 148 3.22 -7.26 32.94
N ALA A 149 4.17 -6.69 33.68
CA ALA A 149 4.12 -6.46 35.10
C ALA A 149 4.77 -5.10 35.39
N ARG A 150 4.41 -4.49 36.52
CA ARG A 150 4.96 -3.19 36.91
C ARG A 150 6.45 -3.28 37.24
N ASP A 151 6.88 -4.41 37.80
CA ASP A 151 8.24 -4.70 38.24
C ASP A 151 8.34 -6.22 38.42
N LEU A 152 9.55 -6.78 38.57
CA LEU A 152 9.73 -8.18 38.95
C LEU A 152 8.92 -8.52 40.20
N LEU A 153 8.86 -7.61 41.19
CA LEU A 153 8.08 -7.79 42.42
C LEU A 153 6.58 -7.94 42.14
N ASP A 154 6.08 -7.35 41.06
CA ASP A 154 4.68 -7.49 40.63
C ASP A 154 4.51 -8.74 39.76
N ASP A 155 5.57 -9.13 39.03
CA ASP A 155 5.54 -10.28 38.13
C ASP A 155 5.44 -11.59 38.90
N LEU A 156 6.30 -11.83 39.90
CA LEU A 156 6.32 -13.12 40.59
C LEU A 156 5.06 -13.36 41.43
N GLU A 157 4.33 -12.28 41.76
CA GLU A 157 3.05 -12.35 42.44
C GLU A 157 1.90 -12.74 41.48
N LYS A 158 2.17 -12.85 40.17
CA LYS A 158 1.15 -13.02 39.13
C LYS A 158 1.45 -14.18 38.18
N THR A 159 2.70 -14.68 38.12
CA THR A 159 3.04 -15.87 37.37
C THR A 159 2.24 -17.10 37.84
N LEU A 160 2.10 -18.09 36.95
CA LEU A 160 1.55 -19.41 37.27
C LEU A 160 2.44 -20.17 38.27
N ASP A 161 1.96 -21.30 38.76
CA ASP A 161 2.68 -22.23 39.62
C ASP A 161 2.21 -23.65 39.26
N LYS A 162 3.02 -24.67 39.57
CA LYS A 162 2.67 -26.08 39.34
C LYS A 162 1.41 -26.52 40.12
N LYS A 163 1.06 -25.84 41.22
CA LYS A 163 -0.11 -26.15 42.04
C LYS A 163 -1.36 -26.16 41.16
#